data_6W6H
#
_entry.id   6W6H
#
loop_
_entity.id
_entity.type
_entity.pdbx_description
1 polymer 'Chaperone protein ClpB'
2 polymer Substrate
3 non-polymer 'PHOSPHOTHIOPHOSPHORIC ACID-ADENYLATE ESTER'
4 non-polymer "ADENOSINE-5'-DIPHOSPHATE"
#
loop_
_entity_poly.entity_id
_entity_poly.type
_entity_poly.pdbx_seq_one_letter_code
_entity_poly.pdbx_strand_id
1 'polypeptide(L)'
;MDSFNPTTKTQAALTAALQAASTAGNPEIRPAHLLMALLTQNDGIAAPLLEAVGVEPATVRAETQRLLDRLPQATGASTQ
PQLSRESLAAITTAQQLATELDDEYVSTEHVMVGLATGDSDVAKLLTGHGASPQALREAFVKVRGSARVTSPEPEATYQA
LQKYSTDLTARAREGKLDPVIGRDNEIRRVVQVLSRRTKNNPVLIGEPGVGKTAIVEGLAQRIVAGDVPESLRDKTIVAL
DLGSMVAGSKYRGEFEERLKAVLDDIKNSAGQIITFIDELHTIVGAGATGEGAMDAGNMIKPMLARGELRLVGATTLDEY
RKHIEKDAALERRFQQVYVGEPSVEDTIGILRGLKDRYEVHHGVRITDSALVAAATLSDRYITARFLPDKAIDLVDEAAS
RLRMEIDSRPVEIDEVERLVRRLEIEEMALSKEEDEASAERLAKLRSELADQKEKLAELTTRWQNEKNAIEIVRDLKEQL
EALRGESERAERDGDLAKAAELRYGRIPEVEKKLDAALPQAQAREQVMLKEEVGPDDIADVVSAWTGIPAGRLLEGETAK
LLRMEDELGKRVIGQKAAVTAVSDAVRRSRAGVSDPNRPTGAFMFLGPTGVGKTELAKALADFLFDDERAMVRIDMSEYG
EKHTVARLIGAPPGYVGYEAGGQLTEAVRRRPYTVVLFDEIEKAHPDVFDVLLQVLDEGRLTDGHGRTVDFRNTILILTS
NLGSGGSAEQVLAAVRATFKPEFINRLDDVLIFEGLNPEELVRIVDIQLAQLGKRLAQRRLQLQVSLPAKRWLAQRGFDP
VYGARPLRRLVQQAIGDQLAKMLLAGQVHDGDTVPVNVSPDADSLILG
;
A,B,C,D,E,F
2 'polypeptide(L)'
;(UNK)(UNK)(UNK)(UNK)(UNK)(UNK)(UNK)(UNK)(UNK)(UNK)(UNK)(UNK)(UNK)(UNK)(UNK)(UNK)
(UNK)(UNK)(UNK)(UNK)(UNK)(UNK)(UNK)(UNK)(UNK)(UNK)(UNK)(UNK)(UNK)(UNK)(UNK)
;
N
#
# COMPACT_ATOMS: atom_id res chain seq x y z
N GLN A 159 6.47 -5.64 -58.75
CA GLN A 159 7.19 -4.37 -58.84
C GLN A 159 7.04 -3.57 -57.55
N ALA A 160 6.24 -4.08 -56.61
CA ALA A 160 6.08 -3.46 -55.30
C ALA A 160 7.04 -4.02 -54.27
N LEU A 161 7.55 -5.24 -54.47
CA LEU A 161 8.54 -5.78 -53.56
C LEU A 161 9.80 -4.91 -53.52
N GLN A 162 10.35 -4.60 -54.70
CA GLN A 162 11.51 -3.72 -54.77
C GLN A 162 11.18 -2.31 -54.32
N LYS A 163 9.90 -1.93 -54.32
CA LYS A 163 9.48 -0.62 -53.84
C LYS A 163 9.48 -0.54 -52.31
N TYR A 164 8.96 -1.57 -51.65
CA TYR A 164 8.77 -1.54 -50.20
C TYR A 164 9.66 -2.53 -49.46
N SER A 165 10.76 -2.99 -50.04
CA SER A 165 11.63 -3.96 -49.38
C SER A 165 13.05 -3.81 -49.90
N THR A 166 13.90 -4.77 -49.56
CA THR A 166 15.26 -4.86 -50.04
C THR A 166 15.57 -6.30 -50.41
N ASP A 167 16.84 -6.65 -50.60
CA ASP A 167 17.21 -8.01 -51.01
C ASP A 167 18.42 -8.46 -50.21
N LEU A 168 18.20 -9.40 -49.29
CA LEU A 168 19.30 -9.90 -48.47
C LEU A 168 20.27 -10.76 -49.28
N THR A 169 19.74 -11.59 -50.18
CA THR A 169 20.62 -12.42 -51.01
C THR A 169 21.49 -11.56 -51.91
N ALA A 170 20.90 -10.54 -52.55
CA ALA A 170 21.71 -9.62 -53.35
C ALA A 170 22.71 -8.87 -52.49
N ARG A 171 22.29 -8.43 -51.30
CA ARG A 171 23.19 -7.75 -50.37
C ARG A 171 24.34 -8.62 -49.91
N ALA A 172 24.16 -9.94 -49.88
CA ALA A 172 25.20 -10.87 -49.47
C ALA A 172 26.05 -11.36 -50.62
N ARG A 173 25.54 -11.30 -51.86
CA ARG A 173 26.36 -11.72 -53.00
C ARG A 173 27.52 -10.76 -53.23
N GLU A 174 27.32 -9.48 -52.89
CA GLU A 174 28.39 -8.49 -52.98
C GLU A 174 29.32 -8.50 -51.78
N GLY A 175 29.04 -9.33 -50.77
CA GLY A 175 29.90 -9.42 -49.60
C GLY A 175 29.80 -8.24 -48.67
N LYS A 176 28.58 -7.72 -48.49
CA LYS A 176 28.34 -6.62 -47.58
C LYS A 176 28.08 -7.07 -46.14
N LEU A 177 28.29 -8.35 -45.84
CA LEU A 177 27.97 -8.91 -44.54
C LEU A 177 29.23 -9.36 -43.82
N ASP A 178 29.06 -9.91 -42.63
CA ASP A 178 30.18 -10.38 -41.83
C ASP A 178 30.15 -11.91 -41.73
N PRO A 179 31.27 -12.52 -41.34
CA PRO A 179 31.26 -13.97 -41.13
C PRO A 179 30.31 -14.36 -40.01
N VAL A 180 29.71 -15.54 -40.15
CA VAL A 180 28.73 -16.05 -39.19
C VAL A 180 29.24 -17.40 -38.67
N ILE A 181 30.56 -17.50 -38.52
CA ILE A 181 31.18 -18.74 -38.04
C ILE A 181 30.50 -19.22 -36.77
N GLY A 182 30.21 -20.51 -36.73
CA GLY A 182 29.46 -21.10 -35.63
C GLY A 182 27.99 -21.24 -35.95
N ARG A 183 27.24 -21.67 -34.94
CA ARG A 183 25.77 -21.77 -35.00
C ARG A 183 25.33 -22.70 -36.13
N ASP A 184 25.67 -23.98 -36.00
CA ASP A 184 25.27 -24.96 -37.01
C ASP A 184 23.86 -25.47 -36.75
N ASN A 185 23.56 -25.79 -35.49
CA ASN A 185 22.27 -26.38 -35.15
C ASN A 185 21.12 -25.42 -35.41
N GLU A 186 21.32 -24.13 -35.13
CA GLU A 186 20.25 -23.16 -35.33
C GLU A 186 19.92 -23.01 -36.81
N ILE A 187 20.95 -22.89 -37.66
CA ILE A 187 20.69 -22.79 -39.10
C ILE A 187 20.08 -24.07 -39.63
N ARG A 188 20.53 -25.24 -39.14
CA ARG A 188 19.94 -26.50 -39.59
C ARG A 188 18.46 -26.56 -39.24
N ARG A 189 18.10 -26.18 -38.01
CA ARG A 189 16.70 -26.18 -37.62
C ARG A 189 15.90 -25.17 -38.42
N VAL A 190 16.46 -23.99 -38.67
CA VAL A 190 15.74 -23.00 -39.46
C VAL A 190 15.46 -23.53 -40.86
N VAL A 191 16.44 -24.19 -41.48
CA VAL A 191 16.24 -24.75 -42.80
C VAL A 191 15.17 -25.84 -42.77
N GLN A 192 15.29 -26.78 -41.84
CA GLN A 192 14.36 -27.90 -41.80
C GLN A 192 12.95 -27.48 -41.40
N VAL A 193 12.78 -26.33 -40.75
CA VAL A 193 11.44 -25.81 -40.51
C VAL A 193 10.93 -25.02 -41.71
N LEU A 194 11.82 -24.31 -42.41
CA LEU A 194 11.43 -23.59 -43.62
C LEU A 194 11.05 -24.51 -44.76
N SER A 195 11.51 -25.76 -44.74
CA SER A 195 11.25 -26.70 -45.82
C SER A 195 10.09 -27.64 -45.47
N ARG A 196 9.12 -27.12 -44.71
CA ARG A 196 7.94 -27.89 -44.35
C ARG A 196 6.88 -27.76 -45.43
N ARG A 197 5.73 -28.42 -45.22
CA ARG A 197 4.65 -28.36 -46.19
C ARG A 197 3.63 -27.29 -45.82
N THR A 198 3.21 -27.25 -44.56
CA THR A 198 2.24 -26.26 -44.10
C THR A 198 2.77 -25.63 -42.81
N LYS A 199 2.39 -24.37 -42.60
CA LYS A 199 2.84 -23.60 -41.43
C LYS A 199 4.36 -23.58 -41.35
N ASN A 200 4.99 -23.41 -42.50
CA ASN A 200 6.45 -23.38 -42.62
C ASN A 200 6.98 -21.97 -42.43
N ASN A 201 7.04 -21.53 -41.18
CA ASN A 201 7.52 -20.19 -40.84
C ASN A 201 8.13 -20.17 -39.44
N PRO A 202 9.46 -20.11 -39.34
CA PRO A 202 10.11 -20.11 -38.01
C PRO A 202 10.12 -18.72 -37.40
N VAL A 203 10.50 -18.68 -36.12
CA VAL A 203 10.66 -17.43 -35.39
C VAL A 203 11.86 -17.60 -34.47
N LEU A 204 12.91 -16.83 -34.71
CA LEU A 204 14.06 -16.82 -33.82
C LEU A 204 13.74 -15.98 -32.60
N ILE A 205 14.09 -16.48 -31.42
CA ILE A 205 13.74 -15.84 -30.16
C ILE A 205 14.91 -16.02 -29.19
N GLY A 206 15.08 -15.05 -28.30
CA GLY A 206 16.17 -15.09 -27.34
C GLY A 206 16.39 -13.74 -26.70
N GLU A 207 17.50 -13.60 -25.96
CA GLU A 207 17.79 -12.34 -25.29
C GLU A 207 18.41 -11.37 -26.29
N PRO A 208 18.30 -10.06 -26.06
CA PRO A 208 18.83 -9.11 -27.04
C PRO A 208 20.34 -9.05 -27.03
N GLY A 209 20.94 -9.44 -28.15
CA GLY A 209 22.37 -9.33 -28.30
C GLY A 209 23.07 -10.67 -28.54
N VAL A 210 22.36 -11.77 -28.34
CA VAL A 210 22.96 -13.09 -28.48
C VAL A 210 23.23 -13.47 -29.92
N GLY A 211 22.53 -12.85 -30.86
CA GLY A 211 22.69 -13.16 -32.27
C GLY A 211 21.46 -13.83 -32.82
N LYS A 212 20.60 -13.04 -33.46
CA LYS A 212 19.40 -13.56 -34.10
C LYS A 212 19.20 -13.07 -35.52
N THR A 213 19.73 -11.89 -35.88
CA THR A 213 19.82 -11.49 -37.27
C THR A 213 21.05 -12.05 -37.96
N ALA A 214 22.14 -12.24 -37.22
CA ALA A 214 23.33 -12.84 -37.78
C ALA A 214 23.06 -14.26 -38.27
N ILE A 215 22.13 -14.97 -37.64
CA ILE A 215 21.79 -16.31 -38.10
C ILE A 215 21.13 -16.26 -39.47
N VAL A 216 20.22 -15.30 -39.68
CA VAL A 216 19.59 -15.15 -40.99
C VAL A 216 20.62 -14.70 -42.02
N GLU A 217 21.55 -13.83 -41.62
CA GLU A 217 22.60 -13.41 -42.54
C GLU A 217 23.47 -14.59 -42.94
N GLY A 218 23.78 -15.47 -41.99
CA GLY A 218 24.52 -16.68 -42.32
C GLY A 218 23.74 -17.61 -43.22
N LEU A 219 22.43 -17.72 -42.99
CA LEU A 219 21.60 -18.52 -43.89
C LEU A 219 21.62 -17.96 -45.30
N ALA A 220 21.61 -16.64 -45.44
CA ALA A 220 21.68 -16.03 -46.77
C ALA A 220 23.03 -16.31 -47.43
N GLN A 221 24.13 -16.14 -46.68
CA GLN A 221 25.45 -16.46 -47.23
C GLN A 221 25.54 -17.93 -47.61
N ARG A 222 24.90 -18.81 -46.83
CA ARG A 222 24.96 -20.24 -47.11
C ARG A 222 24.13 -20.59 -48.34
N ILE A 223 23.01 -19.91 -48.55
CA ILE A 223 22.25 -20.08 -49.78
C ILE A 223 23.08 -19.64 -50.98
N VAL A 224 23.71 -18.46 -50.86
CA VAL A 224 24.53 -17.95 -51.95
C VAL A 224 25.67 -18.91 -52.27
N ALA A 225 26.25 -19.53 -51.23
CA ALA A 225 27.34 -20.48 -51.45
C ALA A 225 26.83 -21.78 -52.07
N GLY A 226 25.64 -22.22 -51.67
CA GLY A 226 25.06 -23.41 -52.24
C GLY A 226 25.16 -24.64 -51.35
N ASP A 227 25.14 -24.44 -50.03
CA ASP A 227 25.23 -25.52 -49.07
C ASP A 227 23.88 -25.98 -48.56
N VAL A 228 22.78 -25.44 -49.11
CA VAL A 228 21.44 -25.75 -48.64
C VAL A 228 20.93 -27.00 -49.32
N PRO A 229 19.86 -27.65 -48.81
CA PRO A 229 19.29 -28.80 -49.52
C PRO A 229 18.63 -28.42 -50.84
N GLU A 230 18.02 -29.41 -51.50
CA GLU A 230 17.50 -29.19 -52.84
C GLU A 230 16.46 -28.07 -52.86
N SER A 231 15.43 -28.17 -52.01
CA SER A 231 14.34 -27.21 -52.08
C SER A 231 14.65 -25.93 -51.30
N LEU A 232 15.84 -25.38 -51.51
CA LEU A 232 16.15 -24.02 -51.07
C LEU A 232 17.06 -23.30 -52.06
N ARG A 233 17.38 -23.93 -53.20
CA ARG A 233 18.29 -23.36 -54.17
C ARG A 233 17.64 -22.15 -54.84
N ASP A 234 18.35 -21.03 -54.85
CA ASP A 234 17.93 -19.82 -55.58
C ASP A 234 16.54 -19.36 -55.12
N LYS A 235 16.51 -18.90 -53.87
CA LYS A 235 15.25 -18.48 -53.26
C LYS A 235 15.14 -16.98 -53.04
N THR A 236 16.27 -16.26 -52.95
CA THR A 236 16.28 -14.80 -52.93
C THR A 236 15.45 -14.25 -51.75
N ILE A 237 15.96 -14.51 -50.54
CA ILE A 237 15.36 -13.99 -49.33
C ILE A 237 15.15 -12.48 -49.44
N VAL A 238 14.00 -12.02 -48.97
CA VAL A 238 13.63 -10.61 -49.03
C VAL A 238 13.40 -10.11 -47.61
N ALA A 239 13.68 -8.82 -47.40
CA ALA A 239 13.55 -8.20 -46.08
C ALA A 239 12.49 -7.10 -46.15
N LEU A 240 11.31 -7.38 -45.63
CA LEU A 240 10.20 -6.43 -45.66
C LEU A 240 10.46 -5.28 -44.70
N ASP A 241 9.86 -4.13 -45.01
CA ASP A 241 10.00 -2.92 -44.19
C ASP A 241 8.60 -2.31 -44.04
N LEU A 242 7.93 -2.63 -42.92
CA LEU A 242 6.60 -2.11 -42.69
C LEU A 242 6.60 -0.63 -42.36
N GLY A 243 7.76 -0.06 -42.01
CA GLY A 243 7.82 1.36 -41.72
C GLY A 243 7.60 2.23 -42.94
N SER A 244 7.86 1.70 -44.13
CA SER A 244 7.68 2.46 -45.35
C SER A 244 6.29 2.27 -45.95
N MET A 245 5.67 1.12 -45.71
CA MET A 245 4.32 0.89 -46.20
C MET A 245 3.34 1.91 -45.62
N VAL A 246 3.41 2.11 -44.31
CA VAL A 246 2.63 3.16 -43.64
C VAL A 246 3.53 4.39 -43.57
N ALA A 247 3.54 5.16 -44.66
CA ALA A 247 4.34 6.39 -44.73
C ALA A 247 3.75 7.23 -45.85
N GLY A 248 3.12 8.34 -45.51
CA GLY A 248 2.40 9.10 -46.51
C GLY A 248 1.15 8.42 -47.02
N SER A 249 0.69 7.36 -46.34
CA SER A 249 -0.54 6.67 -46.70
C SER A 249 -1.72 7.28 -45.97
N LYS A 250 -1.88 8.59 -46.16
CA LYS A 250 -2.82 9.40 -45.39
C LYS A 250 -4.28 9.21 -45.82
N TYR A 251 -4.54 8.29 -46.74
CA TYR A 251 -5.87 8.15 -47.32
C TYR A 251 -6.57 6.91 -46.76
N ARG A 252 -7.75 6.62 -47.32
CA ARG A 252 -8.70 5.74 -46.65
C ARG A 252 -8.29 4.28 -46.77
N GLY A 253 -7.59 3.91 -47.84
CA GLY A 253 -7.25 2.52 -48.06
C GLY A 253 -5.86 2.27 -48.60
N GLU A 254 -5.02 3.31 -48.61
CA GLU A 254 -3.72 3.20 -49.27
C GLU A 254 -2.86 2.12 -48.63
N PHE A 255 -2.81 2.07 -47.29
CA PHE A 255 -1.96 1.09 -46.63
C PHE A 255 -2.48 -0.33 -46.87
N GLU A 256 -3.80 -0.52 -46.75
CA GLU A 256 -4.37 -1.85 -46.97
C GLU A 256 -4.10 -2.34 -48.39
N GLU A 257 -4.24 -1.46 -49.38
CA GLU A 257 -4.02 -1.89 -50.75
C GLU A 257 -2.54 -2.10 -51.04
N ARG A 258 -1.65 -1.33 -50.41
CA ARG A 258 -0.23 -1.59 -50.53
C ARG A 258 0.11 -2.98 -49.99
N LEU A 259 -0.38 -3.29 -48.79
CA LEU A 259 -0.10 -4.59 -48.20
C LEU A 259 -0.68 -5.72 -49.04
N LYS A 260 -1.90 -5.53 -49.56
CA LYS A 260 -2.51 -6.56 -50.40
C LYS A 260 -1.72 -6.78 -51.68
N ALA A 261 -1.27 -5.68 -52.32
CA ALA A 261 -0.47 -5.82 -53.53
C ALA A 261 0.84 -6.53 -53.26
N VAL A 262 1.48 -6.21 -52.14
CA VAL A 262 2.75 -6.87 -51.81
C VAL A 262 2.53 -8.35 -51.55
N LEU A 263 1.47 -8.70 -50.81
CA LEU A 263 1.18 -10.10 -50.56
C LEU A 263 0.86 -10.84 -51.85
N ASP A 264 0.12 -10.21 -52.76
CA ASP A 264 -0.20 -10.84 -54.03
C ASP A 264 1.06 -11.05 -54.87
N ASP A 265 1.95 -10.05 -54.88
CA ASP A 265 3.21 -10.20 -55.62
C ASP A 265 4.05 -11.32 -55.04
N ILE A 266 4.03 -11.49 -53.72
CA ILE A 266 4.79 -12.58 -53.11
C ILE A 266 4.16 -13.93 -53.43
N LYS A 267 2.83 -14.00 -53.41
CA LYS A 267 2.15 -15.27 -53.65
C LYS A 267 2.22 -15.68 -55.11
N ASN A 268 2.34 -14.71 -56.03
CA ASN A 268 2.36 -15.04 -57.45
C ASN A 268 3.59 -15.85 -57.82
N SER A 269 4.73 -15.56 -57.20
CA SER A 269 5.88 -16.43 -57.32
C SER A 269 5.56 -17.78 -56.71
N ALA A 270 6.05 -18.86 -57.32
CA ALA A 270 5.65 -20.20 -56.91
C ALA A 270 6.08 -20.49 -55.48
N GLY A 271 7.39 -20.57 -55.24
CA GLY A 271 7.90 -20.81 -53.90
C GLY A 271 9.22 -20.12 -53.64
N GLN A 272 9.56 -19.13 -54.47
CA GLN A 272 10.89 -18.53 -54.40
C GLN A 272 11.02 -17.62 -53.18
N ILE A 273 10.20 -16.57 -53.13
CA ILE A 273 10.38 -15.49 -52.17
C ILE A 273 10.29 -16.03 -50.75
N ILE A 274 11.29 -15.71 -49.92
CA ILE A 274 11.27 -16.04 -48.51
C ILE A 274 11.20 -14.75 -47.71
N THR A 275 9.99 -14.33 -47.36
CA THR A 275 9.82 -13.08 -46.64
C THR A 275 10.48 -13.16 -45.27
N PHE A 276 11.19 -12.10 -44.90
CA PHE A 276 11.89 -12.02 -43.62
C PHE A 276 11.55 -10.68 -42.99
N ILE A 277 10.67 -10.69 -42.00
CA ILE A 277 10.26 -9.50 -41.29
C ILE A 277 11.00 -9.48 -39.96
N ASP A 278 11.92 -8.53 -39.81
CA ASP A 278 12.67 -8.41 -38.57
C ASP A 278 11.88 -7.59 -37.57
N GLU A 279 12.05 -7.92 -36.28
CA GLU A 279 11.28 -7.30 -35.20
C GLU A 279 9.78 -7.38 -35.51
N LEU A 280 9.30 -8.60 -35.77
CA LEU A 280 7.95 -8.79 -36.27
C LEU A 280 6.88 -8.43 -35.24
N HIS A 281 7.24 -8.17 -33.98
CA HIS A 281 6.25 -7.76 -33.01
C HIS A 281 5.56 -6.45 -33.40
N THR A 282 6.20 -5.64 -34.24
CA THR A 282 5.58 -4.41 -34.72
C THR A 282 4.52 -4.66 -35.78
N ILE A 283 4.19 -5.92 -36.08
CA ILE A 283 3.19 -6.21 -37.11
C ILE A 283 1.77 -6.25 -36.55
N VAL A 284 1.62 -6.21 -35.23
CA VAL A 284 0.29 -6.33 -34.65
C VAL A 284 -0.58 -5.11 -34.99
N GLY A 285 -0.03 -3.91 -34.92
CA GLY A 285 -0.79 -2.72 -35.23
C GLY A 285 -0.64 -2.25 -36.66
N ALA A 286 -0.18 -1.01 -36.83
CA ALA A 286 0.11 -0.36 -38.09
C ALA A 286 -1.13 -0.02 -38.91
N GLY A 287 -2.32 -0.43 -38.45
CA GLY A 287 -3.53 -0.15 -39.21
C GLY A 287 -4.00 1.28 -39.12
N ALA A 288 -4.42 1.71 -37.94
CA ALA A 288 -4.97 3.05 -37.76
C ALA A 288 -5.07 3.40 -36.27
N ALA A 296 -5.38 -3.08 -39.44
CA ALA A 296 -4.61 -3.80 -40.45
C ALA A 296 -3.43 -4.53 -39.82
N GLY A 297 -2.56 -5.07 -40.68
CA GLY A 297 -1.52 -5.98 -40.21
C GLY A 297 -2.12 -7.31 -39.81
N ASN A 298 -3.42 -7.44 -40.06
CA ASN A 298 -4.20 -8.63 -39.73
C ASN A 298 -4.61 -9.43 -40.96
N MET A 299 -4.45 -8.89 -42.16
CA MET A 299 -4.78 -9.62 -43.37
C MET A 299 -3.63 -10.55 -43.74
N ILE A 300 -3.14 -11.31 -42.76
CA ILE A 300 -2.03 -12.23 -42.97
C ILE A 300 -2.30 -13.63 -42.43
N LYS A 301 -3.22 -13.80 -41.47
CA LYS A 301 -3.50 -15.12 -40.92
C LYS A 301 -3.94 -16.14 -41.98
N PRO A 302 -4.89 -15.84 -42.86
CA PRO A 302 -5.24 -16.84 -43.89
C PRO A 302 -4.10 -17.14 -44.83
N MET A 303 -3.34 -16.12 -45.26
CA MET A 303 -2.16 -16.35 -46.07
C MET A 303 -1.14 -17.22 -45.34
N LEU A 304 -1.14 -17.18 -44.01
CA LEU A 304 -0.15 -17.91 -43.23
C LEU A 304 -0.53 -19.36 -43.01
N ALA A 305 -1.78 -19.63 -42.64
CA ALA A 305 -2.18 -21.02 -42.39
C ALA A 305 -2.52 -21.75 -43.67
N ARG A 306 -1.67 -21.63 -44.68
CA ARG A 306 -1.74 -22.44 -45.89
C ARG A 306 -0.35 -22.79 -46.41
N GLY A 307 0.71 -22.40 -45.71
CA GLY A 307 2.07 -22.61 -46.18
C GLY A 307 2.50 -21.73 -47.33
N GLU A 308 1.76 -20.65 -47.63
CA GLU A 308 2.06 -19.80 -48.76
C GLU A 308 3.02 -18.65 -48.44
N LEU A 309 3.30 -18.40 -47.16
CA LEU A 309 4.18 -17.31 -46.77
C LEU A 309 5.19 -17.85 -45.76
N ARG A 310 6.47 -17.65 -46.05
CA ARG A 310 7.54 -18.26 -45.26
C ARG A 310 7.95 -17.46 -44.03
N LEU A 311 7.79 -16.13 -44.07
CA LEU A 311 7.80 -15.27 -42.89
C LEU A 311 8.84 -15.61 -41.82
N VAL A 312 10.13 -15.54 -42.16
CA VAL A 312 11.16 -15.68 -41.14
C VAL A 312 11.21 -14.41 -40.30
N GLY A 313 11.24 -14.58 -38.98
CA GLY A 313 11.22 -13.43 -38.09
C GLY A 313 12.07 -13.65 -36.86
N ALA A 314 12.32 -12.56 -36.13
CA ALA A 314 13.16 -12.61 -34.94
C ALA A 314 12.83 -11.43 -34.03
N THR A 315 12.27 -11.73 -32.85
CA THR A 315 11.98 -10.73 -31.84
C THR A 315 12.64 -11.15 -30.53
N THR A 316 12.79 -10.18 -29.63
CA THR A 316 13.42 -10.43 -28.34
C THR A 316 12.55 -11.35 -27.51
N LEU A 317 13.06 -11.79 -26.36
CA LEU A 317 12.38 -12.81 -25.57
C LEU A 317 11.18 -12.22 -24.83
N ASP A 318 11.16 -10.91 -24.62
CA ASP A 318 10.08 -10.28 -23.87
C ASP A 318 9.01 -9.66 -24.74
N GLU A 319 9.39 -8.91 -25.77
CA GLU A 319 8.41 -8.31 -26.67
C GLU A 319 7.60 -9.36 -27.41
N TYR A 320 8.09 -10.61 -27.46
CA TYR A 320 7.29 -11.70 -28.00
C TYR A 320 6.04 -11.91 -27.14
N ARG A 321 6.23 -12.19 -25.85
CA ARG A 321 5.09 -12.45 -24.98
C ARG A 321 4.30 -11.20 -24.64
N LYS A 322 4.90 -10.02 -24.78
CA LYS A 322 4.16 -8.79 -24.49
C LYS A 322 3.23 -8.38 -25.61
N HIS A 323 3.48 -8.81 -26.84
CA HIS A 323 2.70 -8.36 -27.99
C HIS A 323 2.02 -9.46 -28.78
N ILE A 324 2.66 -10.60 -28.99
CA ILE A 324 2.16 -11.63 -29.90
C ILE A 324 1.38 -12.70 -29.16
N GLU A 325 1.81 -13.07 -27.95
CA GLU A 325 1.07 -14.06 -27.17
C GLU A 325 -0.33 -13.59 -26.83
N LYS A 326 -0.57 -12.27 -26.89
CA LYS A 326 -1.90 -11.72 -26.72
C LYS A 326 -2.80 -11.96 -27.93
N ASP A 327 -2.31 -12.66 -28.95
CA ASP A 327 -3.01 -12.85 -30.22
C ASP A 327 -2.96 -14.34 -30.59
N ALA A 328 -3.37 -15.18 -29.64
CA ALA A 328 -3.17 -16.62 -29.69
C ALA A 328 -3.56 -17.26 -31.02
N ALA A 329 -4.34 -16.55 -31.84
CA ALA A 329 -4.57 -17.02 -33.21
C ALA A 329 -3.29 -16.95 -34.03
N LEU A 330 -2.50 -15.89 -33.83
CA LEU A 330 -1.27 -15.72 -34.59
C LEU A 330 -0.21 -16.75 -34.19
N GLU A 331 0.14 -16.79 -32.90
CA GLU A 331 1.26 -17.62 -32.45
C GLU A 331 1.06 -19.09 -32.77
N ARG A 332 -0.16 -19.51 -33.07
CA ARG A 332 -0.37 -20.89 -33.51
C ARG A 332 0.32 -21.15 -34.84
N ARG A 333 0.37 -20.15 -35.72
CA ARG A 333 1.04 -20.27 -37.01
C ARG A 333 2.48 -19.79 -36.95
N PHE A 334 3.27 -20.32 -36.01
CA PHE A 334 4.65 -19.89 -35.83
C PHE A 334 5.43 -20.98 -35.11
N GLN A 335 6.65 -21.24 -35.58
CA GLN A 335 7.58 -22.14 -34.91
C GLN A 335 8.63 -21.31 -34.20
N GLN A 336 8.93 -21.66 -32.95
CA GLN A 336 9.84 -20.90 -32.10
C GLN A 336 11.19 -21.60 -32.05
N VAL A 337 12.25 -20.87 -32.40
CA VAL A 337 13.61 -21.38 -32.37
C VAL A 337 14.37 -20.60 -31.30
N TYR A 338 14.65 -21.25 -30.17
CA TYR A 338 15.31 -20.62 -29.04
C TYR A 338 16.80 -20.53 -29.35
N VAL A 339 17.35 -19.32 -29.24
CA VAL A 339 18.77 -19.09 -29.48
C VAL A 339 19.41 -18.75 -28.14
N GLY A 340 20.14 -19.71 -27.59
CA GLY A 340 20.88 -19.44 -26.36
C GLY A 340 22.16 -18.68 -26.63
N GLU A 341 22.77 -18.17 -25.56
CA GLU A 341 23.97 -17.38 -25.72
C GLU A 341 25.20 -18.29 -25.74
N PRO A 342 26.25 -17.90 -26.45
CA PRO A 342 27.47 -18.71 -26.47
C PRO A 342 28.27 -18.55 -25.19
N SER A 343 29.26 -19.43 -25.04
CA SER A 343 30.13 -19.42 -23.88
C SER A 343 31.40 -18.62 -24.21
N VAL A 344 32.37 -18.64 -23.30
CA VAL A 344 33.60 -17.88 -23.50
C VAL A 344 34.43 -18.47 -24.64
N GLU A 345 34.50 -19.81 -24.73
CA GLU A 345 35.27 -20.44 -25.80
C GLU A 345 34.64 -20.17 -27.16
N ASP A 346 33.31 -20.30 -27.26
CA ASP A 346 32.62 -19.95 -28.49
C ASP A 346 32.82 -18.49 -28.84
N THR A 347 32.81 -17.61 -27.84
CA THR A 347 33.05 -16.19 -28.10
C THR A 347 34.44 -15.95 -28.65
N ILE A 348 35.44 -16.67 -28.11
CA ILE A 348 36.80 -16.54 -28.63
C ILE A 348 36.86 -17.02 -30.08
N GLY A 349 36.24 -18.17 -30.34
CA GLY A 349 36.19 -18.67 -31.70
C GLY A 349 35.56 -17.69 -32.67
N ILE A 350 34.48 -17.05 -32.23
CA ILE A 350 33.83 -16.02 -33.06
C ILE A 350 34.77 -14.84 -33.28
N LEU A 351 35.44 -14.37 -32.22
CA LEU A 351 36.32 -13.23 -32.32
C LEU A 351 37.48 -13.48 -33.28
N ARG A 352 38.02 -14.70 -33.28
CA ARG A 352 39.13 -15.01 -34.18
C ARG A 352 38.76 -14.94 -35.65
N GLY A 353 37.48 -14.74 -35.99
CA GLY A 353 37.09 -14.62 -37.38
C GLY A 353 36.79 -13.20 -37.80
N LEU A 354 36.36 -12.37 -36.85
CA LEU A 354 35.98 -11.00 -37.14
C LEU A 354 37.11 -10.00 -36.94
N LYS A 355 38.26 -10.43 -36.43
CA LYS A 355 39.35 -9.50 -36.18
C LYS A 355 39.88 -8.85 -37.46
N ASP A 356 39.79 -9.55 -38.59
CA ASP A 356 40.33 -9.00 -39.84
C ASP A 356 39.53 -7.78 -40.28
N ARG A 357 38.21 -7.80 -40.08
CA ARG A 357 37.39 -6.67 -40.50
C ARG A 357 37.79 -5.40 -39.76
N TYR A 358 38.06 -5.50 -38.46
CA TYR A 358 38.48 -4.33 -37.69
C TYR A 358 39.93 -3.96 -38.00
N GLU A 359 40.80 -4.96 -38.21
CA GLU A 359 42.17 -4.69 -38.62
C GLU A 359 42.22 -3.98 -39.97
N VAL A 360 41.17 -4.13 -40.78
CA VAL A 360 41.10 -3.41 -42.05
C VAL A 360 40.49 -2.03 -41.84
N HIS A 361 39.42 -1.94 -41.06
CA HIS A 361 38.75 -0.66 -40.86
C HIS A 361 39.68 0.36 -40.20
N HIS A 362 40.39 -0.07 -39.15
CA HIS A 362 41.43 0.76 -38.54
C HIS A 362 42.79 0.22 -38.96
N GLY A 363 43.71 1.11 -39.30
CA GLY A 363 45.04 0.67 -39.69
C GLY A 363 45.82 0.16 -38.49
N VAL A 364 45.35 -0.93 -37.89
CA VAL A 364 45.85 -1.43 -36.63
C VAL A 364 45.90 -2.96 -36.72
N ARG A 365 46.81 -3.55 -35.96
CA ARG A 365 46.88 -4.99 -35.79
C ARG A 365 46.31 -5.37 -34.43
N ILE A 366 45.72 -6.56 -34.36
CA ILE A 366 45.06 -7.04 -33.14
C ILE A 366 45.65 -8.39 -32.79
N THR A 367 46.01 -8.56 -31.52
CA THR A 367 46.71 -9.76 -31.06
C THR A 367 45.72 -10.79 -30.51
N ASP A 368 46.07 -12.06 -30.65
CA ASP A 368 45.22 -13.14 -30.16
C ASP A 368 45.14 -13.14 -28.63
N SER A 369 46.22 -12.72 -27.96
CA SER A 369 46.14 -12.58 -26.50
C SER A 369 45.12 -11.51 -26.11
N ALA A 370 45.08 -10.41 -26.86
CA ALA A 370 44.06 -9.41 -26.63
C ALA A 370 42.67 -9.97 -26.93
N LEU A 371 42.55 -10.77 -27.99
CA LEU A 371 41.26 -11.36 -28.32
C LEU A 371 40.75 -12.29 -27.22
N VAL A 372 41.65 -13.03 -26.58
CA VAL A 372 41.20 -13.92 -25.53
C VAL A 372 40.97 -13.16 -24.22
N ALA A 373 41.74 -12.10 -23.97
CA ALA A 373 41.50 -11.30 -22.78
C ALA A 373 40.17 -10.57 -22.85
N ALA A 374 39.84 -10.01 -24.02
CA ALA A 374 38.59 -9.29 -24.20
C ALA A 374 37.37 -10.21 -24.10
N ALA A 375 37.56 -11.51 -24.02
CA ALA A 375 36.48 -12.46 -23.83
C ALA A 375 36.44 -13.04 -22.43
N THR A 376 37.60 -13.30 -21.82
CA THR A 376 37.61 -13.76 -20.44
C THR A 376 37.40 -12.65 -19.43
N LEU A 377 37.54 -11.39 -19.83
CA LEU A 377 37.40 -10.27 -18.90
C LEU A 377 36.01 -9.65 -18.88
N SER A 378 35.41 -9.45 -20.05
CA SER A 378 34.08 -8.86 -20.16
C SER A 378 33.02 -9.82 -19.65
N ASP A 379 33.38 -11.09 -19.50
CA ASP A 379 32.48 -12.04 -18.85
C ASP A 379 32.49 -11.89 -17.34
N ARG A 380 33.63 -11.46 -16.78
CA ARG A 380 33.72 -11.27 -15.34
C ARG A 380 33.16 -9.91 -14.93
N TYR A 381 33.71 -8.83 -15.50
CA TYR A 381 33.41 -7.50 -14.98
C TYR A 381 32.07 -6.98 -15.48
N ILE A 382 31.93 -6.80 -16.80
CA ILE A 382 30.72 -6.21 -17.36
C ILE A 382 29.63 -7.27 -17.36
N THR A 383 28.77 -7.24 -16.34
CA THR A 383 27.64 -8.15 -16.30
C THR A 383 26.34 -7.34 -16.25
N ALA A 384 25.94 -6.85 -17.42
CA ALA A 384 24.58 -6.38 -17.69
C ALA A 384 24.08 -6.78 -19.07
N ARG A 385 24.96 -7.21 -19.97
CA ARG A 385 24.62 -7.58 -21.33
C ARG A 385 25.16 -8.97 -21.60
N PHE A 386 24.87 -9.47 -22.79
CA PHE A 386 25.17 -10.86 -23.13
C PHE A 386 26.43 -10.94 -23.98
N LEU A 387 26.92 -12.16 -24.21
CA LEU A 387 28.34 -12.30 -24.51
C LEU A 387 28.67 -12.96 -25.86
N PRO A 388 28.02 -12.59 -26.96
CA PRO A 388 28.72 -12.69 -28.25
C PRO A 388 29.20 -11.33 -28.71
N ASP A 389 28.77 -10.26 -28.03
CA ASP A 389 29.01 -8.91 -28.51
C ASP A 389 29.54 -7.94 -27.47
N LYS A 390 29.32 -8.19 -26.17
CA LYS A 390 29.91 -7.32 -25.16
C LYS A 390 31.42 -7.50 -25.08
N ALA A 391 31.99 -8.41 -25.87
CA ALA A 391 33.41 -8.55 -26.03
C ALA A 391 33.92 -7.88 -27.30
N ILE A 392 33.06 -7.72 -28.30
CA ILE A 392 33.42 -7.01 -29.52
C ILE A 392 33.70 -5.54 -29.25
N ASP A 393 32.96 -4.92 -28.32
CA ASP A 393 33.09 -3.49 -28.08
C ASP A 393 34.45 -3.15 -27.49
N LEU A 394 35.00 -4.02 -26.65
CA LEU A 394 36.33 -3.78 -26.09
C LEU A 394 37.38 -3.71 -27.19
N VAL A 395 37.33 -4.67 -28.13
CA VAL A 395 38.25 -4.67 -29.26
C VAL A 395 38.04 -3.42 -30.12
N ASP A 396 36.78 -3.11 -30.43
CA ASP A 396 36.46 -2.00 -31.30
C ASP A 396 36.81 -0.65 -30.70
N GLU A 397 36.88 -0.54 -29.37
CA GLU A 397 37.32 0.70 -28.74
C GLU A 397 38.82 0.74 -28.51
N ALA A 398 39.45 -0.40 -28.23
CA ALA A 398 40.90 -0.43 -28.16
C ALA A 398 41.51 -0.05 -29.50
N ALA A 399 40.90 -0.50 -30.60
CA ALA A 399 41.39 -0.15 -31.92
C ALA A 399 41.27 1.36 -32.16
N SER A 400 40.12 1.95 -31.80
CA SER A 400 39.93 3.38 -31.98
C SER A 400 40.92 4.18 -31.14
N ARG A 401 41.15 3.76 -29.91
CA ARG A 401 42.09 4.47 -29.05
C ARG A 401 43.52 4.37 -29.58
N LEU A 402 43.90 3.18 -30.06
CA LEU A 402 45.23 3.03 -30.63
C LEU A 402 45.38 3.83 -31.92
N ARG A 403 44.31 3.97 -32.69
CA ARG A 403 44.38 4.82 -33.88
C ARG A 403 44.57 6.28 -33.50
N MET A 404 43.78 6.76 -32.53
CA MET A 404 43.97 8.13 -32.05
C MET A 404 45.37 8.35 -31.50
N GLU A 405 45.98 7.32 -30.90
CA GLU A 405 47.33 7.46 -30.38
C GLU A 405 48.37 7.47 -31.51
N ILE A 406 48.24 6.55 -32.47
CA ILE A 406 49.10 6.53 -33.63
C ILE A 406 48.89 7.77 -34.50
N ASP A 407 47.86 8.56 -34.21
CA ASP A 407 47.68 9.87 -34.81
C ASP A 407 48.64 10.84 -34.13
N SER A 408 48.44 12.14 -34.30
CA SER A 408 49.40 13.18 -33.96
C SER A 408 50.15 12.95 -32.65
N ARG A 409 49.43 12.84 -31.54
CA ARG A 409 50.08 12.74 -30.23
C ARG A 409 49.50 11.60 -29.42
N PRO A 410 50.33 10.98 -28.57
CA PRO A 410 49.83 9.94 -27.67
C PRO A 410 49.08 10.52 -26.48
N VAL A 411 48.79 9.68 -25.49
CA VAL A 411 48.09 10.12 -24.28
C VAL A 411 49.11 10.23 -23.14
N GLU A 412 48.65 10.74 -22.01
CA GLU A 412 49.43 11.04 -20.79
C GLU A 412 50.53 12.06 -21.07
N ILE A 413 50.55 12.62 -22.28
CA ILE A 413 51.31 13.82 -22.57
C ILE A 413 50.30 14.87 -23.07
N ASP A 414 49.25 14.38 -23.73
CA ASP A 414 48.14 15.22 -24.17
C ASP A 414 47.22 15.61 -23.01
N GLU A 415 47.49 15.10 -21.81
CA GLU A 415 46.85 15.57 -20.59
C GLU A 415 47.66 16.64 -19.89
N VAL A 416 48.97 16.40 -19.74
CA VAL A 416 49.84 17.39 -19.10
C VAL A 416 49.91 18.66 -19.93
N GLU A 417 49.93 18.55 -21.27
CA GLU A 417 49.94 19.76 -22.09
C GLU A 417 48.67 20.58 -21.90
N ARG A 418 47.50 19.96 -22.02
CA ARG A 418 46.22 20.63 -21.81
C ARG A 418 46.10 21.24 -20.42
N LEU A 419 46.66 20.58 -19.40
CA LEU A 419 46.61 21.11 -18.04
C LEU A 419 47.53 22.31 -17.86
N VAL A 420 48.75 22.22 -18.42
CA VAL A 420 49.71 23.32 -18.29
C VAL A 420 49.21 24.56 -19.02
N ARG A 421 48.60 24.38 -20.19
CA ARG A 421 48.08 25.53 -20.92
C ARG A 421 47.04 26.28 -20.09
N ARG A 422 46.11 25.54 -19.48
CA ARG A 422 45.05 26.17 -18.69
C ARG A 422 45.62 26.80 -17.42
N LEU A 423 46.60 26.15 -16.80
CA LEU A 423 47.22 26.74 -15.62
C LEU A 423 47.91 28.06 -15.96
N GLU A 424 48.57 28.12 -17.13
CA GLU A 424 49.17 29.37 -17.57
C GLU A 424 48.11 30.44 -17.82
N ILE A 425 47.01 30.06 -18.48
CA ILE A 425 45.93 31.03 -18.72
C ILE A 425 45.37 31.56 -17.41
N GLU A 426 45.27 30.72 -16.37
CA GLU A 426 44.76 31.17 -15.09
C GLU A 426 45.76 32.06 -14.36
N GLU A 427 47.05 31.71 -14.41
CA GLU A 427 48.06 32.51 -13.73
C GLU A 427 48.20 33.88 -14.38
N MET A 428 48.08 33.95 -15.70
CA MET A 428 48.24 35.21 -16.43
C MET A 428 47.16 36.22 -16.09
N ALA A 429 46.04 35.76 -15.54
CA ALA A 429 44.92 36.64 -15.23
C ALA A 429 44.71 36.78 -13.74
N LEU A 430 45.30 35.88 -12.95
CA LEU A 430 45.28 36.02 -11.50
C LEU A 430 46.40 36.89 -10.96
N SER A 431 47.43 37.16 -11.76
CA SER A 431 48.54 38.00 -11.31
C SER A 431 48.10 39.43 -11.06
N LYS A 432 47.38 40.03 -12.00
CA LYS A 432 46.91 41.41 -11.86
C LYS A 432 45.63 41.50 -11.02
N GLU A 433 45.66 40.89 -9.85
CA GLU A 433 44.54 40.89 -8.92
C GLU A 433 44.85 41.84 -7.78
N GLU A 434 44.15 42.97 -7.76
CA GLU A 434 44.39 44.00 -6.76
C GLU A 434 43.82 43.59 -5.40
N ASP A 435 44.46 42.64 -4.74
CA ASP A 435 44.00 42.12 -3.47
C ASP A 435 45.19 41.70 -2.61
N GLU A 436 44.91 41.36 -1.36
CA GLU A 436 45.92 40.87 -0.44
C GLU A 436 45.58 39.45 0.00
N ALA A 437 44.27 39.15 0.06
CA ALA A 437 43.85 37.80 0.43
C ALA A 437 44.22 36.79 -0.64
N SER A 438 44.20 37.19 -1.91
CA SER A 438 44.55 36.31 -3.02
C SER A 438 46.05 36.28 -3.29
N ALA A 439 46.87 36.72 -2.33
CA ALA A 439 48.32 36.70 -2.52
C ALA A 439 48.90 35.30 -2.37
N GLU A 440 48.39 34.53 -1.40
CA GLU A 440 48.84 33.16 -1.21
C GLU A 440 48.12 32.17 -2.12
N ARG A 441 47.08 32.61 -2.83
CA ARG A 441 46.42 31.76 -3.80
C ARG A 441 47.17 31.71 -5.13
N LEU A 442 47.98 32.73 -5.42
CA LEU A 442 48.88 32.72 -6.55
C LEU A 442 50.24 32.12 -6.21
N ALA A 443 50.58 32.03 -4.93
CA ALA A 443 51.87 31.51 -4.50
C ALA A 443 51.97 29.99 -4.60
N LYS A 444 50.89 29.32 -4.98
CA LYS A 444 50.88 27.87 -5.17
C LYS A 444 50.50 27.47 -6.58
N LEU A 445 49.76 28.32 -7.29
CA LEU A 445 49.47 28.07 -8.70
C LEU A 445 50.76 27.93 -9.50
N ARG A 446 51.70 28.86 -9.30
CA ARG A 446 52.96 28.82 -10.02
C ARG A 446 53.80 27.61 -9.61
N SER A 447 53.72 27.24 -8.33
CA SER A 447 54.43 26.06 -7.86
C SER A 447 53.93 24.79 -8.55
N GLU A 448 52.60 24.64 -8.61
CA GLU A 448 52.03 23.48 -9.28
C GLU A 448 52.35 23.51 -10.78
N LEU A 449 52.35 24.70 -11.37
CA LEU A 449 52.65 24.83 -12.80
C LEU A 449 54.08 24.39 -13.09
N ALA A 450 55.03 24.79 -12.24
CA ALA A 450 56.41 24.36 -12.41
C ALA A 450 56.55 22.85 -12.19
N ASP A 451 55.89 22.32 -11.16
CA ASP A 451 55.95 20.89 -10.89
C ASP A 451 55.32 20.09 -12.04
N GLN A 452 54.42 20.72 -12.80
CA GLN A 452 53.83 20.05 -13.94
C GLN A 452 54.73 20.14 -15.16
N LYS A 453 55.36 21.32 -15.37
CA LYS A 453 56.28 21.48 -16.49
C LYS A 453 57.47 20.54 -16.36
N GLU A 454 57.87 20.25 -15.13
CA GLU A 454 58.95 19.29 -14.91
C GLU A 454 58.60 17.92 -15.50
N LYS A 455 57.44 17.40 -15.12
CA LYS A 455 56.99 16.10 -15.63
C LYS A 455 56.78 16.16 -17.14
N LEU A 456 56.26 17.28 -17.65
CA LEU A 456 56.07 17.43 -19.08
C LEU A 456 57.39 17.31 -19.82
N ALA A 457 58.42 18.02 -19.35
CA ALA A 457 59.72 17.96 -19.98
C ALA A 457 60.31 16.55 -19.90
N GLU A 458 60.17 15.89 -18.75
CA GLU A 458 60.74 14.55 -18.60
C GLU A 458 60.07 13.56 -19.55
N LEU A 459 58.74 13.59 -19.64
CA LEU A 459 58.04 12.68 -20.53
C LEU A 459 58.34 12.99 -21.99
N THR A 460 58.40 14.28 -22.36
CA THR A 460 58.71 14.63 -23.74
C THR A 460 60.13 14.22 -24.11
N THR A 461 61.05 14.21 -23.14
CA THR A 461 62.40 13.74 -23.42
C THR A 461 62.44 12.23 -23.57
N ARG A 462 61.74 11.51 -22.69
CA ARG A 462 61.73 10.05 -22.78
C ARG A 462 61.04 9.57 -24.05
N TRP A 463 60.09 10.36 -24.56
CA TRP A 463 59.42 9.98 -25.81
C TRP A 463 60.40 9.93 -26.97
N GLN A 464 61.31 10.91 -27.05
CA GLN A 464 62.30 10.91 -28.11
C GLN A 464 63.26 9.73 -27.97
N ASN A 465 63.62 9.39 -26.73
CA ASN A 465 64.44 8.21 -26.48
C ASN A 465 63.77 6.96 -27.04
N GLU A 466 62.51 6.73 -26.67
CA GLU A 466 61.80 5.55 -27.16
C GLU A 466 61.58 5.58 -28.67
N LYS A 467 61.38 6.76 -29.26
CA LYS A 467 61.16 6.86 -30.70
C LYS A 467 62.45 6.68 -31.51
N ASN A 468 63.61 6.96 -30.91
CA ASN A 468 64.87 6.74 -31.61
C ASN A 468 65.33 5.30 -31.42
N ALA A 469 65.20 4.77 -30.21
CA ALA A 469 65.60 3.40 -29.93
C ALA A 469 64.68 2.42 -30.65
N LYS A 530 53.35 2.12 -29.29
CA LYS A 530 53.05 0.75 -29.70
C LYS A 530 52.45 0.73 -31.09
N GLU A 531 52.26 -0.47 -31.63
CA GLU A 531 51.74 -0.65 -32.98
C GLU A 531 50.49 -1.52 -33.06
N GLU A 532 50.24 -2.39 -32.09
CA GLU A 532 49.08 -3.27 -32.10
C GLU A 532 48.48 -3.32 -30.71
N VAL A 533 47.17 -3.54 -30.64
CA VAL A 533 46.50 -3.59 -29.34
C VAL A 533 46.98 -4.82 -28.57
N GLY A 534 47.19 -4.64 -27.28
CA GLY A 534 47.70 -5.71 -26.45
C GLY A 534 46.67 -6.22 -25.46
N PRO A 535 47.13 -6.99 -24.47
CA PRO A 535 46.19 -7.53 -23.48
C PRO A 535 45.81 -6.51 -22.42
N ASP A 536 46.65 -5.52 -22.14
CA ASP A 536 46.34 -4.50 -21.15
C ASP A 536 45.59 -3.31 -21.71
N ASP A 537 45.58 -3.12 -23.03
CA ASP A 537 44.71 -2.09 -23.61
C ASP A 537 43.25 -2.43 -23.37
N ILE A 538 42.89 -3.70 -23.47
CA ILE A 538 41.53 -4.13 -23.15
C ILE A 538 41.24 -3.88 -21.68
N ALA A 539 42.22 -4.13 -20.81
CA ALA A 539 42.05 -3.83 -19.40
C ALA A 539 41.80 -2.34 -19.17
N ASP A 540 42.54 -1.49 -19.90
CA ASP A 540 42.33 -0.04 -19.78
C ASP A 540 40.94 0.35 -20.26
N VAL A 541 40.43 -0.31 -21.30
CA VAL A 541 39.09 -0.02 -21.75
C VAL A 541 38.07 -0.43 -20.70
N VAL A 542 38.24 -1.61 -20.10
CA VAL A 542 37.29 -2.09 -19.09
C VAL A 542 37.43 -1.28 -17.81
N SER A 543 38.55 -0.56 -17.66
CA SER A 543 38.71 0.29 -16.49
C SER A 543 38.09 1.66 -16.72
N ALA A 544 38.19 2.17 -17.95
CA ALA A 544 37.46 3.39 -18.31
C ALA A 544 35.95 3.16 -18.25
N TRP A 545 35.50 1.99 -18.67
CA TRP A 545 34.14 1.54 -18.42
C TRP A 545 34.00 1.08 -16.97
N THR A 546 32.79 1.20 -16.44
CA THR A 546 32.40 0.58 -15.17
C THR A 546 33.22 1.05 -13.97
N GLY A 547 34.16 1.97 -14.17
CA GLY A 547 34.89 2.52 -13.03
C GLY A 547 35.97 1.63 -12.46
N ILE A 548 35.68 0.32 -12.39
CA ILE A 548 36.54 -0.65 -11.69
C ILE A 548 37.96 -0.56 -12.23
N PRO A 549 38.99 -0.61 -11.38
CA PRO A 549 40.37 -0.68 -11.89
C PRO A 549 40.72 -2.13 -12.23
N ALA A 550 40.93 -2.39 -13.52
CA ALA A 550 41.19 -3.74 -14.01
C ALA A 550 42.53 -3.87 -14.71
N GLY A 551 43.32 -2.80 -14.76
CA GLY A 551 44.62 -2.84 -15.39
C GLY A 551 45.60 -3.70 -14.64
N ARG A 552 46.88 -3.51 -14.96
CA ARG A 552 47.95 -4.29 -14.33
C ARG A 552 49.03 -3.32 -13.81
N LEU A 553 48.80 -2.81 -12.61
CA LEU A 553 49.80 -2.13 -11.79
C LEU A 553 50.65 -1.15 -12.60
N LEU A 554 49.98 -0.13 -13.13
CA LEU A 554 50.71 1.01 -13.69
C LEU A 554 51.56 1.65 -12.59
N GLU A 555 52.72 2.16 -12.98
CA GLU A 555 53.67 2.67 -11.99
C GLU A 555 53.09 3.87 -11.26
N GLY A 556 53.65 4.16 -10.08
CA GLY A 556 53.05 5.10 -9.17
C GLY A 556 51.96 4.51 -8.30
N GLU A 557 51.33 3.42 -8.74
CA GLU A 557 50.38 2.70 -7.90
C GLU A 557 51.09 1.75 -6.94
N THR A 558 52.06 0.98 -7.45
CA THR A 558 52.76 0.00 -6.64
C THR A 558 53.54 0.61 -5.48
N ALA A 559 53.77 1.93 -5.50
CA ALA A 559 54.35 2.60 -4.34
C ALA A 559 53.27 3.09 -3.39
N LYS A 560 52.16 3.56 -3.94
CA LYS A 560 51.03 3.95 -3.11
C LYS A 560 50.53 2.78 -2.27
N LEU A 561 50.45 1.59 -2.86
CA LEU A 561 49.90 0.44 -2.16
C LEU A 561 50.86 -0.05 -1.07
N LEU A 562 52.16 0.13 -1.28
CA LEU A 562 53.13 -0.23 -0.24
C LEU A 562 53.21 0.80 0.86
N ARG A 563 52.92 2.08 0.55
CA ARG A 563 52.87 3.10 1.58
C ARG A 563 51.53 3.17 2.30
N MET A 564 50.49 2.52 1.75
CA MET A 564 49.14 2.47 2.33
C MET A 564 49.10 2.37 3.85
N GLU A 565 49.90 1.46 4.44
CA GLU A 565 49.79 1.20 5.86
C GLU A 565 50.22 2.39 6.70
N ASP A 566 51.24 3.12 6.26
CA ASP A 566 51.68 4.32 6.96
C ASP A 566 50.97 5.58 6.47
N GLU A 567 50.30 5.52 5.32
CA GLU A 567 49.53 6.64 4.82
C GLU A 567 48.14 6.72 5.42
N LEU A 568 47.59 5.58 5.84
CA LEU A 568 46.36 5.58 6.62
C LEU A 568 46.58 6.02 8.06
N GLY A 569 47.78 5.81 8.60
CA GLY A 569 48.11 6.26 9.93
C GLY A 569 48.24 7.76 10.07
N LYS A 570 48.06 8.51 8.99
CA LYS A 570 48.01 9.97 9.04
C LYS A 570 46.71 10.48 9.64
N ARG A 571 45.70 9.62 9.78
CA ARG A 571 44.40 10.05 10.25
C ARG A 571 43.91 9.15 11.38
N VAL A 572 44.38 7.90 11.42
CA VAL A 572 43.97 6.92 12.41
C VAL A 572 45.22 6.47 13.16
N ILE A 573 45.24 6.71 14.47
CA ILE A 573 46.38 6.39 15.31
C ILE A 573 46.08 5.13 16.09
N GLY A 574 47.06 4.22 16.14
CA GLY A 574 46.80 2.95 16.74
C GLY A 574 45.98 2.08 15.79
N GLN A 575 45.42 1.02 16.37
CA GLN A 575 44.62 0.04 15.62
C GLN A 575 45.38 -0.46 14.40
N LYS A 576 46.69 -0.70 14.58
CA LYS A 576 47.52 -1.13 13.46
C LYS A 576 47.12 -2.53 12.99
N ALA A 577 46.55 -3.33 13.89
CA ALA A 577 46.01 -4.63 13.47
C ALA A 577 44.89 -4.45 12.44
N ALA A 578 43.94 -3.56 12.73
CA ALA A 578 42.86 -3.30 11.78
C ALA A 578 43.39 -2.65 10.51
N VAL A 579 44.37 -1.76 10.63
CA VAL A 579 44.93 -1.13 9.45
C VAL A 579 45.58 -2.17 8.54
N THR A 580 46.35 -3.10 9.11
CA THR A 580 46.97 -4.15 8.33
C THR A 580 45.93 -5.06 7.71
N ALA A 581 44.91 -5.44 8.49
CA ALA A 581 43.86 -6.31 7.96
C ALA A 581 43.07 -5.66 6.85
N VAL A 582 42.94 -4.34 6.84
CA VAL A 582 42.27 -3.66 5.74
C VAL A 582 43.17 -3.57 4.53
N SER A 583 44.43 -3.18 4.73
CA SER A 583 45.34 -2.99 3.59
C SER A 583 45.67 -4.32 2.92
N ASP A 584 45.63 -5.42 3.67
CA ASP A 584 45.96 -6.73 3.13
C ASP A 584 44.86 -7.29 2.25
N ALA A 585 43.67 -6.72 2.29
CA ALA A 585 42.59 -7.12 1.39
C ALA A 585 42.55 -6.27 0.13
N VAL A 586 43.24 -5.13 0.12
CA VAL A 586 43.39 -4.32 -1.07
C VAL A 586 44.63 -4.71 -1.85
N ARG A 587 45.77 -4.87 -1.18
CA ARG A 587 46.99 -5.28 -1.85
C ARG A 587 46.89 -6.67 -2.47
N ARG A 588 45.93 -7.48 -2.02
CA ARG A 588 45.69 -8.81 -2.59
C ARG A 588 44.72 -8.76 -3.76
N SER A 589 43.56 -8.14 -3.58
CA SER A 589 42.59 -7.99 -4.66
C SER A 589 43.13 -7.19 -5.83
N ARG A 590 44.11 -6.30 -5.61
CA ARG A 590 44.71 -5.58 -6.72
C ARG A 590 45.74 -6.43 -7.44
N ALA A 591 46.61 -7.12 -6.70
CA ALA A 591 47.57 -8.02 -7.30
C ALA A 591 46.91 -9.17 -8.05
N GLY A 592 45.68 -9.54 -7.69
CA GLY A 592 44.95 -10.54 -8.44
C GLY A 592 45.10 -11.94 -7.92
N VAL A 593 45.00 -12.11 -6.59
CA VAL A 593 45.12 -13.42 -5.96
C VAL A 593 43.83 -13.69 -5.20
N SER A 594 42.94 -12.71 -5.17
CA SER A 594 41.69 -12.83 -4.44
C SER A 594 40.68 -13.67 -5.20
N ASP A 595 39.60 -14.02 -4.52
CA ASP A 595 38.56 -14.84 -5.12
C ASP A 595 37.65 -13.96 -5.98
N PRO A 596 37.46 -14.30 -7.26
CA PRO A 596 36.64 -13.44 -8.13
C PRO A 596 35.17 -13.38 -7.76
N ASN A 597 34.56 -14.52 -7.44
CA ASN A 597 33.12 -14.55 -7.16
C ASN A 597 32.88 -14.47 -5.64
N ARG A 598 33.33 -13.35 -5.08
CA ARG A 598 33.18 -13.01 -3.67
C ARG A 598 33.65 -11.57 -3.49
N PRO A 599 33.03 -10.79 -2.62
CA PRO A 599 33.49 -9.41 -2.39
C PRO A 599 34.98 -9.36 -2.06
N THR A 600 35.57 -8.19 -2.29
CA THR A 600 37.01 -7.99 -2.13
C THR A 600 37.41 -7.77 -0.70
N GLY A 601 36.55 -8.17 0.23
CA GLY A 601 36.79 -7.99 1.64
C GLY A 601 35.55 -7.51 2.35
N ALA A 602 35.12 -8.25 3.37
CA ALA A 602 33.92 -7.94 4.13
C ALA A 602 34.15 -8.38 5.57
N PHE A 603 34.47 -7.42 6.43
CA PHE A 603 34.85 -7.73 7.80
C PHE A 603 34.18 -6.75 8.74
N MET A 604 33.74 -7.26 9.89
CA MET A 604 33.09 -6.46 10.92
C MET A 604 34.05 -6.26 12.07
N PHE A 605 34.38 -5.01 12.36
CA PHE A 605 35.22 -4.67 13.50
C PHE A 605 34.41 -3.88 14.53
N LEU A 606 34.61 -4.22 15.80
CA LEU A 606 33.84 -3.67 16.90
C LEU A 606 34.75 -3.46 18.10
N GLY A 607 34.28 -2.66 19.05
CA GLY A 607 35.01 -2.38 20.25
C GLY A 607 34.31 -1.36 21.12
N PRO A 608 35.03 -0.75 22.05
CA PRO A 608 34.44 0.32 22.87
C PRO A 608 34.13 1.55 22.02
N THR A 609 33.59 2.57 22.67
CA THR A 609 33.13 3.76 21.97
C THR A 609 34.25 4.79 21.86
N GLY A 610 34.14 5.65 20.86
CA GLY A 610 35.10 6.72 20.63
C GLY A 610 36.51 6.24 20.40
N VAL A 611 36.66 5.20 19.57
CA VAL A 611 37.98 4.59 19.35
C VAL A 611 38.48 4.75 17.93
N GLY A 612 37.61 4.83 16.92
CA GLY A 612 38.09 5.06 15.57
C GLY A 612 37.45 4.20 14.49
N LYS A 613 36.45 3.39 14.87
CA LYS A 613 35.93 2.40 13.93
C LYS A 613 35.21 3.04 12.76
N THR A 614 34.51 4.15 12.98
CA THR A 614 33.90 4.88 11.88
C THR A 614 34.92 5.80 11.20
N GLU A 615 35.82 6.39 11.98
CA GLU A 615 36.91 7.18 11.40
C GLU A 615 37.71 6.37 10.41
N LEU A 616 37.95 5.08 10.71
CA LEU A 616 38.69 4.23 9.79
C LEU A 616 37.90 3.95 8.52
N ALA A 617 36.60 3.69 8.66
CA ALA A 617 35.76 3.45 7.49
C ALA A 617 35.64 4.68 6.61
N LYS A 618 35.78 5.88 7.18
CA LYS A 618 35.78 7.09 6.36
C LYS A 618 37.15 7.43 5.81
N ALA A 619 38.23 7.04 6.49
CA ALA A 619 39.57 7.34 6.00
C ALA A 619 40.03 6.34 4.96
N LEU A 620 39.43 5.14 4.93
CA LEU A 620 39.79 4.17 3.90
C LEU A 620 39.27 4.63 2.54
N ALA A 621 38.00 5.00 2.46
CA ALA A 621 37.39 5.52 1.24
C ALA A 621 37.80 6.95 0.93
N ASP A 622 38.76 7.51 1.66
CA ASP A 622 39.17 8.89 1.44
C ASP A 622 40.39 8.99 0.53
N PHE A 623 41.13 7.89 0.34
CA PHE A 623 42.25 7.88 -0.58
C PHE A 623 42.12 6.83 -1.67
N LEU A 624 41.13 5.93 -1.60
CA LEU A 624 40.82 5.10 -2.75
C LEU A 624 40.15 5.93 -3.84
N PHE A 625 39.36 6.93 -3.46
CA PHE A 625 38.65 7.79 -4.39
C PHE A 625 39.02 9.26 -4.28
N ASP A 626 39.79 9.66 -3.26
CA ASP A 626 40.18 11.04 -3.05
C ASP A 626 38.96 11.94 -2.87
N ASP A 627 37.88 11.38 -2.34
CA ASP A 627 36.65 12.12 -2.11
C ASP A 627 35.90 11.49 -0.96
N GLU A 628 35.70 12.26 0.11
CA GLU A 628 35.05 11.75 1.31
C GLU A 628 33.62 11.28 1.05
N ARG A 629 32.88 12.01 0.20
CA ARG A 629 31.47 11.70 0.02
C ARG A 629 31.22 10.52 -0.93
N ALA A 630 32.29 9.95 -1.51
CA ALA A 630 32.11 8.86 -2.45
C ALA A 630 31.71 7.56 -1.77
N MET A 631 31.65 7.53 -0.45
CA MET A 631 31.26 6.32 0.26
C MET A 631 29.74 6.17 0.23
N VAL A 632 29.28 4.92 0.17
CA VAL A 632 27.85 4.60 0.24
C VAL A 632 27.55 4.29 1.70
N ARG A 633 26.89 5.21 2.38
CA ARG A 633 26.68 5.13 3.82
C ARG A 633 25.21 4.98 4.15
N ILE A 634 24.85 3.84 4.72
CA ILE A 634 23.56 3.64 5.37
C ILE A 634 23.82 3.30 6.83
N ASP A 635 22.91 3.75 7.69
CA ASP A 635 23.05 3.56 9.13
C ASP A 635 21.84 2.80 9.64
N MET A 636 22.10 1.65 10.26
CA MET A 636 21.06 0.67 10.57
C MET A 636 20.29 1.01 11.84
N SER A 637 20.41 2.24 12.32
CA SER A 637 19.57 2.69 13.42
C SER A 637 18.12 2.86 13.02
N GLU A 638 17.83 3.04 11.73
CA GLU A 638 16.48 3.26 11.27
C GLU A 638 15.80 1.98 10.80
N TYR A 639 16.57 0.94 10.49
CA TYR A 639 16.01 -0.36 10.10
C TYR A 639 15.71 -1.20 11.33
N GLY A 640 14.96 -0.62 12.27
CA GLY A 640 14.65 -1.30 13.51
C GLY A 640 13.50 -2.28 13.43
N GLU A 641 12.69 -2.22 12.39
CA GLU A 641 11.52 -3.07 12.25
C GLU A 641 11.62 -3.89 10.98
N LYS A 642 10.81 -4.95 10.91
CA LYS A 642 10.97 -5.96 9.88
C LYS A 642 10.66 -5.42 8.48
N HIS A 643 9.64 -4.59 8.36
CA HIS A 643 9.21 -4.18 7.02
C HIS A 643 10.09 -3.11 6.41
N THR A 644 11.14 -2.65 7.12
CA THR A 644 12.05 -1.67 6.55
C THR A 644 13.05 -2.28 5.57
N VAL A 645 12.87 -3.55 5.19
CA VAL A 645 13.77 -4.18 4.23
C VAL A 645 13.45 -3.69 2.82
N ALA A 646 12.18 -3.44 2.54
CA ALA A 646 11.75 -2.94 1.23
C ALA A 646 12.29 -1.54 0.97
N ARG A 647 12.95 -0.97 1.96
CA ARG A 647 13.51 0.38 1.87
C ARG A 647 14.87 0.40 1.19
N LEU A 648 15.63 -0.69 1.25
CA LEU A 648 16.90 -0.81 0.53
C LEU A 648 16.84 -1.85 -0.58
N ILE A 649 15.66 -2.40 -0.86
CA ILE A 649 15.48 -3.31 -1.99
C ILE A 649 14.38 -2.85 -2.94
N GLY A 650 13.37 -2.12 -2.48
CA GLY A 650 12.28 -1.71 -3.34
C GLY A 650 11.01 -2.48 -3.03
N ALA A 651 9.93 -2.05 -3.68
CA ALA A 651 8.63 -2.67 -3.47
C ALA A 651 8.34 -3.65 -4.61
N PRO A 652 7.59 -4.72 -4.34
CA PRO A 652 7.29 -5.70 -5.38
C PRO A 652 6.45 -5.08 -6.47
N PRO A 653 6.38 -5.73 -7.64
CA PRO A 653 5.57 -5.18 -8.74
C PRO A 653 4.10 -5.03 -8.37
N GLY A 654 3.64 -3.79 -8.36
CA GLY A 654 2.23 -3.51 -8.14
C GLY A 654 1.90 -2.63 -6.95
N TYR A 655 2.86 -1.85 -6.45
CA TYR A 655 2.63 -1.05 -5.24
C TYR A 655 3.08 0.39 -5.49
N VAL A 656 2.97 1.22 -4.44
CA VAL A 656 3.06 2.67 -4.64
C VAL A 656 4.47 3.08 -5.07
N GLY A 657 5.48 2.81 -4.25
CA GLY A 657 6.82 3.16 -4.64
C GLY A 657 7.51 2.02 -5.36
N TYR A 658 7.46 2.04 -6.69
CA TYR A 658 7.96 0.95 -7.50
C TYR A 658 8.94 1.38 -8.57
N GLU A 659 8.87 2.64 -9.01
CA GLU A 659 9.81 3.13 -10.02
C GLU A 659 11.17 3.47 -9.42
N ALA A 660 11.19 4.02 -8.21
CA ALA A 660 12.43 4.44 -7.57
C ALA A 660 13.37 3.29 -7.26
N GLY A 661 12.88 2.05 -7.25
CA GLY A 661 13.75 0.93 -6.96
C GLY A 661 14.30 0.98 -5.54
N GLY A 662 15.34 0.19 -5.32
CA GLY A 662 15.99 0.14 -4.04
C GLY A 662 16.75 1.42 -3.73
N GLN A 663 17.43 1.40 -2.59
CA GLN A 663 18.22 2.54 -2.16
C GLN A 663 19.68 2.15 -2.04
N LEU A 664 19.95 0.96 -1.50
CA LEU A 664 21.29 0.38 -1.54
C LEU A 664 21.55 -0.30 -2.88
N THR A 665 20.54 -0.95 -3.44
CA THR A 665 20.69 -1.61 -4.73
C THR A 665 21.04 -0.61 -5.83
N GLU A 666 20.17 0.37 -6.07
CA GLU A 666 20.35 1.34 -7.14
C GLU A 666 21.55 2.24 -6.96
N ALA A 667 22.27 2.20 -5.84
CA ALA A 667 23.48 2.98 -5.68
C ALA A 667 24.74 2.20 -6.01
N VAL A 668 24.65 0.87 -6.11
CA VAL A 668 25.76 0.02 -6.51
C VAL A 668 25.66 -0.42 -7.96
N ARG A 669 24.44 -0.69 -8.43
CA ARG A 669 24.23 -1.04 -9.83
C ARG A 669 24.88 -0.02 -10.77
N ARG A 670 24.85 1.25 -10.40
CA ARG A 670 25.64 2.28 -11.05
C ARG A 670 26.95 2.47 -10.28
N ARG A 671 28.06 2.57 -11.01
CA ARG A 671 29.38 2.73 -10.42
C ARG A 671 29.65 1.67 -9.36
N PRO A 672 29.88 0.41 -9.75
CA PRO A 672 30.02 -0.69 -8.80
C PRO A 672 31.43 -0.87 -8.24
N TYR A 673 31.97 0.19 -7.65
CA TYR A 673 33.27 0.12 -7.00
C TYR A 673 33.31 0.87 -5.67
N THR A 674 32.16 1.22 -5.11
CA THR A 674 32.16 2.04 -3.91
C THR A 674 32.46 1.21 -2.67
N VAL A 675 32.61 1.90 -1.55
CA VAL A 675 32.75 1.27 -0.24
C VAL A 675 31.43 1.42 0.49
N VAL A 676 30.97 0.33 1.10
CA VAL A 676 29.65 0.28 1.73
C VAL A 676 29.85 0.19 3.24
N LEU A 677 29.14 1.03 3.98
CA LEU A 677 29.27 1.12 5.42
C LEU A 677 27.91 0.88 6.07
N PHE A 678 27.84 -0.13 6.94
CA PHE A 678 26.67 -0.41 7.76
C PHE A 678 27.03 0.01 9.18
N ASP A 679 26.43 1.11 9.64
CA ASP A 679 26.80 1.67 10.93
C ASP A 679 25.81 1.22 11.99
N GLU A 680 26.32 0.71 13.11
CA GLU A 680 25.52 0.12 14.18
C GLU A 680 24.62 -1.00 13.63
N ILE A 681 25.30 -2.05 13.16
CA ILE A 681 24.59 -3.21 12.61
C ILE A 681 23.73 -3.89 13.66
N GLU A 682 24.09 -3.75 14.95
CA GLU A 682 23.39 -4.48 16.00
C GLU A 682 21.99 -3.90 16.24
N LYS A 683 21.78 -2.64 15.87
CA LYS A 683 20.52 -1.98 16.18
C LYS A 683 19.38 -2.41 15.26
N ALA A 684 19.66 -3.22 14.24
CA ALA A 684 18.63 -3.58 13.29
C ALA A 684 17.86 -4.80 13.76
N HIS A 685 16.62 -4.93 13.28
CA HIS A 685 15.83 -6.12 13.54
C HIS A 685 16.54 -7.33 12.96
N PRO A 686 16.55 -8.48 13.65
CA PRO A 686 17.33 -9.62 13.17
C PRO A 686 16.66 -10.34 12.02
N ASP A 687 16.14 -9.57 11.06
CA ASP A 687 15.70 -10.09 9.77
C ASP A 687 16.39 -9.35 8.64
N VAL A 688 17.12 -8.29 8.92
CA VAL A 688 17.91 -7.60 7.91
C VAL A 688 19.25 -8.29 7.71
N PHE A 689 19.80 -8.96 8.74
CA PHE A 689 20.97 -9.79 8.55
C PHE A 689 20.74 -10.88 7.51
N ASP A 690 19.55 -11.47 7.48
CA ASP A 690 19.19 -12.48 6.51
C ASP A 690 19.22 -11.98 5.07
N VAL A 691 19.15 -10.67 4.86
CA VAL A 691 19.31 -10.12 3.52
C VAL A 691 20.79 -10.00 3.15
N LEU A 692 21.64 -9.63 4.11
CA LEU A 692 23.08 -9.60 3.92
C LEU A 692 23.70 -11.00 3.92
N LEU A 693 22.88 -12.03 4.09
CA LEU A 693 23.39 -13.40 4.14
C LEU A 693 23.85 -13.91 2.78
N GLN A 694 23.40 -13.30 1.69
CA GLN A 694 23.89 -13.61 0.36
C GLN A 694 24.76 -12.52 -0.22
N VAL A 695 24.67 -11.29 0.29
CA VAL A 695 25.63 -10.25 -0.09
C VAL A 695 27.04 -10.71 0.27
N LEU A 696 27.19 -11.27 1.47
CA LEU A 696 28.43 -11.94 1.83
C LEU A 696 28.47 -13.34 1.23
N ASP A 697 29.66 -13.76 0.82
CA ASP A 697 29.94 -15.11 0.36
C ASP A 697 29.35 -15.38 -1.03
N GLU A 698 28.52 -14.49 -1.53
CA GLU A 698 28.08 -14.64 -2.92
C GLU A 698 28.07 -13.32 -3.68
N GLY A 699 27.92 -12.19 -2.98
CA GLY A 699 27.93 -10.90 -3.63
C GLY A 699 26.86 -10.67 -4.66
N ARG A 700 25.58 -10.83 -4.30
CA ARG A 700 24.49 -10.59 -5.23
C ARG A 700 23.17 -10.52 -4.48
N LEU A 701 22.39 -9.49 -4.79
CA LEU A 701 21.00 -9.41 -4.33
C LEU A 701 20.17 -8.83 -5.45
N THR A 702 18.90 -9.24 -5.50
CA THR A 702 17.98 -8.78 -6.52
C THR A 702 16.94 -7.86 -5.91
N ASP A 703 16.70 -6.73 -6.58
CA ASP A 703 15.72 -5.75 -6.16
C ASP A 703 14.34 -6.19 -6.60
N GLY A 704 13.37 -5.28 -6.50
CA GLY A 704 12.00 -5.57 -6.88
C GLY A 704 11.76 -5.47 -8.37
N HIS A 705 12.78 -5.79 -9.16
CA HIS A 705 12.69 -5.74 -10.62
C HIS A 705 13.31 -6.95 -11.30
N GLY A 706 13.89 -7.88 -10.56
CA GLY A 706 14.62 -8.97 -11.17
C GLY A 706 15.97 -8.57 -11.73
N ARG A 707 16.65 -7.63 -11.07
CA ARG A 707 17.93 -7.11 -11.52
C ARG A 707 19.01 -7.50 -10.51
N THR A 708 19.64 -8.65 -10.73
CA THR A 708 20.72 -9.10 -9.85
C THR A 708 21.92 -8.18 -10.03
N VAL A 709 22.22 -7.40 -8.99
CA VAL A 709 23.34 -6.49 -9.02
C VAL A 709 24.60 -7.24 -8.60
N ASP A 710 25.75 -6.61 -8.84
CA ASP A 710 27.05 -7.25 -8.70
C ASP A 710 27.81 -6.61 -7.55
N PHE A 711 27.98 -7.37 -6.46
CA PHE A 711 28.66 -6.92 -5.26
C PHE A 711 30.07 -7.49 -5.14
N ARG A 712 30.52 -8.21 -6.17
CA ARG A 712 31.74 -9.02 -6.08
C ARG A 712 33.01 -8.19 -5.91
N ASN A 713 32.97 -6.87 -6.11
CA ASN A 713 34.19 -6.10 -6.02
C ASN A 713 34.00 -4.80 -5.24
N THR A 714 33.27 -4.86 -4.13
CA THR A 714 33.18 -3.76 -3.18
C THR A 714 33.79 -4.19 -1.85
N ILE A 715 33.86 -3.25 -0.92
CA ILE A 715 34.39 -3.49 0.41
C ILE A 715 33.29 -3.20 1.42
N LEU A 716 32.84 -4.24 2.11
CA LEU A 716 31.79 -4.09 3.10
C LEU A 716 32.41 -3.90 4.48
N ILE A 717 31.80 -3.04 5.28
CA ILE A 717 32.26 -2.75 6.63
C ILE A 717 31.06 -2.71 7.56
N LEU A 718 31.19 -3.35 8.72
CA LEU A 718 30.12 -3.45 9.70
C LEU A 718 30.65 -3.01 11.06
N THR A 719 30.09 -1.93 11.59
CA THR A 719 30.48 -1.41 12.90
C THR A 719 29.41 -1.74 13.93
N SER A 720 29.84 -1.84 15.18
CA SER A 720 28.94 -2.20 16.27
C SER A 720 29.62 -1.86 17.59
N ASN A 721 28.89 -2.09 18.69
CA ASN A 721 29.38 -1.73 20.02
C ASN A 721 29.04 -2.81 21.04
N LEU A 722 29.02 -4.08 20.63
CA LEU A 722 28.65 -5.14 21.54
C LEU A 722 29.65 -5.28 22.66
N GLY A 723 29.15 -5.48 23.88
CA GLY A 723 29.98 -5.71 25.05
C GLY A 723 30.53 -4.45 25.65
N SER A 724 31.58 -3.90 25.03
CA SER A 724 32.18 -2.62 25.43
C SER A 724 32.81 -2.68 26.82
N GLY A 725 32.75 -3.85 27.46
CA GLY A 725 33.26 -3.99 28.81
C GLY A 725 33.99 -5.29 29.06
N GLY A 726 34.51 -5.90 27.98
CA GLY A 726 35.29 -7.11 28.10
C GLY A 726 36.48 -7.08 27.18
N SER A 727 37.46 -7.95 27.47
CA SER A 727 38.68 -7.95 26.68
C SER A 727 38.46 -8.65 25.34
N ALA A 728 38.21 -9.95 25.36
CA ALA A 728 37.75 -10.66 24.17
C ALA A 728 36.62 -11.64 24.41
N GLU A 729 36.51 -12.24 25.60
CA GLU A 729 35.56 -13.32 25.81
C GLU A 729 34.14 -12.78 25.93
N GLN A 730 33.98 -11.65 26.62
CA GLN A 730 32.65 -11.06 26.77
C GLN A 730 32.11 -10.60 25.43
N VAL A 731 32.95 -9.97 24.61
CA VAL A 731 32.48 -9.50 23.31
C VAL A 731 32.24 -10.66 22.35
N LEU A 732 33.07 -11.71 22.43
CA LEU A 732 32.84 -12.86 21.56
C LEU A 732 31.67 -13.70 22.02
N ALA A 733 31.25 -13.56 23.28
CA ALA A 733 30.01 -14.20 23.71
C ALA A 733 28.80 -13.38 23.27
N ALA A 734 28.88 -12.05 23.40
CA ALA A 734 27.79 -11.21 22.92
C ALA A 734 27.59 -11.36 21.42
N VAL A 735 28.67 -11.49 20.67
CA VAL A 735 28.56 -11.67 19.21
C VAL A 735 27.85 -12.99 18.90
N ARG A 736 28.28 -14.08 19.52
CA ARG A 736 27.67 -15.37 19.24
C ARG A 736 26.25 -15.46 19.78
N ALA A 737 25.90 -14.59 20.73
CA ALA A 737 24.54 -14.61 21.26
C ALA A 737 23.61 -13.71 20.45
N THR A 738 24.14 -12.70 19.77
CA THR A 738 23.29 -11.80 19.00
C THR A 738 23.27 -12.09 17.51
N PHE A 739 24.25 -12.82 16.99
CA PHE A 739 24.29 -13.21 15.59
C PHE A 739 24.14 -14.72 15.45
N LYS A 740 23.91 -15.17 14.23
CA LYS A 740 23.83 -16.60 13.99
C LYS A 740 25.16 -17.13 13.48
N PRO A 741 25.45 -18.42 13.69
CA PRO A 741 26.73 -18.96 13.22
C PRO A 741 26.90 -18.89 11.72
N GLU A 742 25.85 -19.17 10.95
CA GLU A 742 25.91 -19.07 9.50
C GLU A 742 26.11 -17.64 9.02
N PHE A 743 25.95 -16.64 9.90
CA PHE A 743 26.30 -15.27 9.60
C PHE A 743 27.71 -14.91 10.04
N ILE A 744 28.14 -15.33 11.24
CA ILE A 744 29.51 -15.10 11.65
C ILE A 744 30.49 -15.87 10.77
N ASN A 745 30.02 -16.87 10.03
CA ASN A 745 30.91 -17.70 9.24
C ASN A 745 31.31 -17.04 7.93
N ARG A 746 30.41 -16.29 7.30
CA ARG A 746 30.71 -15.66 6.03
C ARG A 746 31.70 -14.50 6.14
N LEU A 747 31.94 -14.02 7.35
CA LEU A 747 32.76 -12.83 7.54
C LEU A 747 34.25 -13.15 7.48
N ASP A 748 35.03 -12.14 7.14
CA ASP A 748 36.47 -12.17 7.32
C ASP A 748 36.79 -11.87 8.78
N ASP A 749 38.05 -11.55 9.06
CA ASP A 749 38.50 -11.28 10.42
C ASP A 749 37.53 -10.36 11.16
N VAL A 750 37.13 -10.77 12.35
CA VAL A 750 36.32 -9.95 13.24
C VAL A 750 37.26 -9.20 14.17
N LEU A 751 37.58 -7.96 13.80
CA LEU A 751 38.61 -7.18 14.47
C LEU A 751 38.03 -6.56 15.74
N ILE A 752 38.84 -6.47 16.78
CA ILE A 752 38.44 -5.87 18.04
C ILE A 752 39.41 -4.74 18.35
N PHE A 753 38.89 -3.53 18.52
CA PHE A 753 39.75 -2.41 18.87
C PHE A 753 40.07 -2.45 20.36
N GLU A 754 41.13 -1.73 20.73
CA GLU A 754 41.77 -1.92 22.02
C GLU A 754 41.73 -0.71 22.94
N GLY A 755 40.96 0.32 22.62
CA GLY A 755 40.94 1.52 23.43
C GLY A 755 42.23 2.30 23.31
N LEU A 756 42.17 3.55 23.75
CA LEU A 756 43.28 4.48 23.61
C LEU A 756 44.15 4.47 24.86
N ASN A 757 45.40 4.84 24.68
CA ASN A 757 46.39 4.91 25.74
C ASN A 757 46.78 6.36 25.96
N PRO A 758 47.11 6.74 27.20
CA PRO A 758 47.43 8.15 27.47
C PRO A 758 48.64 8.65 26.69
N GLU A 759 49.53 7.74 26.27
CA GLU A 759 50.72 8.17 25.54
C GLU A 759 50.38 8.73 24.17
N GLU A 760 49.65 7.95 23.37
CA GLU A 760 49.38 8.31 21.98
C GLU A 760 48.20 9.26 21.82
N LEU A 761 47.76 9.90 22.89
CA LEU A 761 46.74 10.94 22.78
C LEU A 761 47.32 12.27 22.34
N VAL A 762 48.62 12.47 22.47
CA VAL A 762 49.23 13.71 21.97
C VAL A 762 49.17 13.74 20.45
N ARG A 763 49.33 12.57 19.80
CA ARG A 763 49.20 12.49 18.36
C ARG A 763 47.78 12.72 17.88
N ILE A 764 46.80 12.65 18.79
CA ILE A 764 45.44 13.07 18.45
C ILE A 764 45.24 14.55 18.74
N VAL A 765 45.88 15.04 19.81
CA VAL A 765 45.79 16.46 20.14
C VAL A 765 46.32 17.31 18.99
N ASP A 766 47.49 16.93 18.44
CA ASP A 766 48.06 17.73 17.37
C ASP A 766 47.25 17.63 16.08
N ILE A 767 46.61 16.48 15.82
CA ILE A 767 45.74 16.37 14.66
C ILE A 767 44.51 17.26 14.82
N GLN A 768 43.92 17.28 16.02
CA GLN A 768 42.79 18.17 16.27
C GLN A 768 43.18 19.62 16.13
N LEU A 769 44.38 19.98 16.62
CA LEU A 769 44.85 21.36 16.50
C LEU A 769 45.08 21.73 15.04
N ALA A 770 45.64 20.82 14.24
CA ALA A 770 45.82 21.09 12.82
C ALA A 770 44.48 21.24 12.12
N GLN A 771 43.50 20.42 12.49
CA GLN A 771 42.16 20.55 11.91
C GLN A 771 41.56 21.90 12.23
N LEU A 772 41.66 22.33 13.49
CA LEU A 772 41.14 23.64 13.88
C LEU A 772 41.87 24.76 13.14
N GLY A 773 43.18 24.63 12.98
CA GLY A 773 43.94 25.63 12.25
C GLY A 773 43.47 25.75 10.82
N LYS A 774 43.37 24.62 10.12
CA LYS A 774 42.83 24.64 8.76
C LYS A 774 41.41 25.19 8.71
N ARG A 775 40.61 24.96 9.76
CA ARG A 775 39.24 25.46 9.78
C ARG A 775 39.21 26.99 9.87
N LEU A 776 39.92 27.58 10.82
CA LEU A 776 39.92 29.02 10.96
C LEU A 776 41.01 29.71 10.15
N ALA A 777 41.67 28.98 9.24
CA ALA A 777 42.66 29.61 8.35
C ALA A 777 42.01 30.42 7.25
N GLN A 778 40.68 30.47 7.18
CA GLN A 778 40.00 31.25 6.16
C GLN A 778 40.20 32.75 6.31
N ARG A 779 40.85 33.19 7.39
CA ARG A 779 41.14 34.60 7.60
C ARG A 779 42.56 34.84 8.08
N ARG A 780 43.46 33.87 7.91
CA ARG A 780 44.87 33.97 8.31
C ARG A 780 45.00 34.22 9.82
N LEU A 781 44.57 33.24 10.58
CA LEU A 781 44.66 33.30 12.04
C LEU A 781 45.37 32.10 12.63
N GLN A 782 46.52 31.71 12.07
CA GLN A 782 47.26 30.57 12.60
C GLN A 782 47.69 30.84 14.03
N LEU A 783 47.61 29.81 14.88
CA LEU A 783 47.91 29.93 16.29
C LEU A 783 49.27 29.31 16.57
N GLN A 784 50.02 29.92 17.50
CA GLN A 784 51.31 29.39 17.94
C GLN A 784 51.10 28.67 19.27
N VAL A 785 50.55 27.46 19.18
CA VAL A 785 50.26 26.68 20.38
C VAL A 785 51.58 26.22 21.01
N SER A 786 51.75 26.56 22.28
CA SER A 786 52.98 26.23 22.98
C SER A 786 52.99 24.77 23.41
N LEU A 787 54.20 24.26 23.70
CA LEU A 787 54.33 22.88 24.12
C LEU A 787 53.68 22.58 25.47
N PRO A 788 53.81 23.41 26.52
CA PRO A 788 53.08 23.09 27.76
C PRO A 788 51.58 23.09 27.59
N ALA A 789 51.05 23.94 26.70
CA ALA A 789 49.61 23.90 26.43
C ALA A 789 49.23 22.64 25.67
N LYS A 790 50.05 22.26 24.67
CA LYS A 790 49.81 21.02 23.94
C LYS A 790 49.90 19.79 24.85
N ARG A 791 50.64 19.90 25.95
CA ARG A 791 50.72 18.81 26.92
C ARG A 791 49.56 18.84 27.90
N TRP A 792 49.14 20.03 28.33
CA TRP A 792 48.00 20.15 29.23
C TRP A 792 46.72 19.68 28.56
N LEU A 793 46.55 19.99 27.27
CA LEU A 793 45.36 19.55 26.55
C LEU A 793 45.21 18.04 26.51
N ALA A 794 46.30 17.29 26.67
CA ALA A 794 46.24 15.84 26.70
C ALA A 794 46.36 15.25 28.09
N GLN A 795 46.91 15.99 29.05
CA GLN A 795 46.96 15.51 30.43
C GLN A 795 45.55 15.23 30.95
N ARG A 796 44.71 16.26 31.01
CA ARG A 796 43.29 16.08 31.25
C ARG A 796 42.60 15.78 29.94
N GLY A 797 41.28 15.62 30.00
CA GLY A 797 40.49 15.28 28.83
C GLY A 797 40.71 13.86 28.33
N PHE A 798 41.31 13.00 29.13
CA PHE A 798 41.53 11.60 28.78
C PHE A 798 40.66 10.76 29.70
N ASP A 799 39.65 10.12 29.12
CA ASP A 799 38.77 9.22 29.86
C ASP A 799 38.98 7.80 29.37
N PRO A 800 39.20 6.83 30.25
CA PRO A 800 39.35 5.44 29.80
C PRO A 800 38.02 4.81 29.46
N VAL A 801 36.96 5.61 29.44
CA VAL A 801 35.61 5.11 29.16
C VAL A 801 34.95 5.79 27.96
N TYR A 802 35.31 7.04 27.61
CA TYR A 802 34.59 7.78 26.60
C TYR A 802 35.41 8.00 25.33
N GLY A 803 36.60 7.42 25.25
CA GLY A 803 37.37 7.51 24.02
C GLY A 803 38.10 8.82 23.89
N ALA A 804 37.84 9.54 22.79
CA ALA A 804 38.57 10.77 22.48
C ALA A 804 37.63 11.93 22.15
N ARG A 805 36.35 11.80 22.44
CA ARG A 805 35.37 12.87 22.25
C ARG A 805 35.46 13.92 23.36
N PRO A 806 35.69 13.53 24.63
CA PRO A 806 36.01 14.54 25.65
C PRO A 806 37.13 15.48 25.24
N LEU A 807 38.08 14.99 24.44
CA LEU A 807 39.15 15.86 23.96
C LEU A 807 38.62 16.91 22.98
N ARG A 808 37.78 16.47 22.03
CA ARG A 808 37.14 17.41 21.11
C ARG A 808 36.32 18.44 21.85
N ARG A 809 35.63 18.05 22.92
CA ARG A 809 34.89 19.00 23.74
C ARG A 809 35.79 19.95 24.51
N LEU A 810 36.89 19.44 25.08
CA LEU A 810 37.80 20.28 25.85
C LEU A 810 38.49 21.32 24.96
N VAL A 811 38.79 20.97 23.71
CA VAL A 811 39.44 21.93 22.83
C VAL A 811 38.58 23.17 22.66
N GLN A 812 37.28 22.99 22.49
CA GLN A 812 36.37 24.11 22.30
C GLN A 812 35.91 24.73 23.61
N GLN A 813 36.05 24.03 24.73
CA GLN A 813 35.86 24.66 26.03
C GLN A 813 37.03 25.54 26.41
N ALA A 814 38.23 25.25 25.89
CA ALA A 814 39.42 26.02 26.23
C ALA A 814 39.68 27.15 25.25
N ILE A 815 39.84 26.83 23.97
CA ILE A 815 40.24 27.81 22.98
C ILE A 815 39.01 28.39 22.28
N GLY A 816 38.00 27.55 22.07
CA GLY A 816 36.88 27.94 21.23
C GLY A 816 36.16 29.17 21.74
N ASP A 817 35.56 29.09 22.92
CA ASP A 817 34.75 30.19 23.43
C ASP A 817 35.60 31.42 23.77
N GLN A 818 36.83 31.20 24.25
CA GLN A 818 37.72 32.33 24.50
C GLN A 818 37.99 33.11 23.22
N LEU A 819 38.42 32.43 22.16
CA LEU A 819 38.68 33.11 20.90
C LEU A 819 37.41 33.69 20.31
N ALA A 820 36.26 33.07 20.59
CA ALA A 820 35.00 33.61 20.10
C ALA A 820 34.63 34.92 20.77
N LYS A 821 34.87 35.03 22.09
CA LYS A 821 34.68 36.31 22.76
C LYS A 821 35.69 37.34 22.27
N MET A 822 36.94 36.92 22.08
CA MET A 822 37.98 37.84 21.62
C MET A 822 37.65 38.40 20.24
N LEU A 823 37.21 37.55 19.32
CA LEU A 823 37.13 37.90 17.91
C LEU A 823 36.11 38.97 17.59
N LEU A 824 34.88 38.86 18.08
CA LEU A 824 33.82 39.79 17.71
C LEU A 824 33.78 41.03 18.61
N ALA A 825 34.65 41.12 19.61
CA ALA A 825 34.84 42.33 20.39
C ALA A 825 36.07 43.11 19.96
N GLY A 826 36.39 43.08 18.67
CA GLY A 826 37.59 43.71 18.16
C GLY A 826 38.86 43.06 18.69
N GLN A 827 39.97 43.77 18.48
CA GLN A 827 41.27 43.50 19.09
C GLN A 827 41.91 42.20 18.60
N VAL A 828 41.18 41.42 17.80
CA VAL A 828 41.73 40.19 17.22
C VAL A 828 41.46 40.17 15.72
N HIS A 829 41.44 41.36 15.11
CA HIS A 829 41.14 41.48 13.68
C HIS A 829 42.00 40.51 12.86
N ASP A 830 41.46 40.09 11.72
CA ASP A 830 42.04 39.01 10.96
C ASP A 830 43.43 39.37 10.44
N GLY A 831 44.12 38.36 9.88
CA GLY A 831 45.52 38.49 9.53
C GLY A 831 46.47 38.39 10.68
N ASP A 832 45.98 38.34 11.92
CA ASP A 832 46.83 38.30 13.09
C ASP A 832 47.08 36.86 13.51
N THR A 833 48.19 36.63 14.20
CA THR A 833 48.48 35.35 14.80
C THR A 833 48.42 35.47 16.33
N VAL A 834 47.78 34.49 16.95
CA VAL A 834 47.55 34.53 18.39
C VAL A 834 48.24 33.34 19.06
N PRO A 835 49.04 33.58 20.08
CA PRO A 835 49.65 32.48 20.83
C PRO A 835 48.78 32.08 22.02
N VAL A 836 48.88 30.81 22.40
CA VAL A 836 48.23 30.31 23.60
C VAL A 836 49.32 29.97 24.61
N ASN A 837 48.97 30.10 25.89
CA ASN A 837 49.91 29.84 26.95
C ASN A 837 49.16 29.33 28.17
N VAL A 838 49.78 28.41 28.88
CA VAL A 838 49.13 27.69 29.98
C VAL A 838 49.20 28.56 31.24
N SER A 839 48.05 29.04 31.67
CA SER A 839 47.92 29.71 32.96
C SER A 839 47.99 28.65 34.06
N PRO A 840 48.04 29.07 35.35
CA PRO A 840 48.05 28.09 36.45
C PRO A 840 47.10 26.90 36.27
N ASP A 841 45.83 27.16 35.97
CA ASP A 841 44.87 26.09 35.72
C ASP A 841 44.38 26.08 34.28
N ALA A 842 43.81 27.19 33.80
CA ALA A 842 43.34 27.30 32.43
C ALA A 842 44.50 27.67 31.52
N ASP A 843 44.20 28.10 30.30
CA ASP A 843 45.20 28.60 29.37
C ASP A 843 44.68 29.87 28.73
N SER A 844 45.52 30.91 28.70
CA SER A 844 45.14 32.23 28.25
C SER A 844 45.60 32.46 26.82
N LEU A 845 44.87 33.31 26.10
CA LEU A 845 45.20 33.65 24.72
C LEU A 845 46.12 34.85 24.66
N GLN B 159 17.12 18.54 -47.14
CA GLN B 159 16.47 19.82 -46.93
C GLN B 159 15.44 19.74 -45.81
N ALA B 160 15.10 18.52 -45.40
CA ALA B 160 14.25 18.31 -44.24
C ALA B 160 15.00 18.50 -42.93
N LEU B 161 16.32 18.27 -42.93
CA LEU B 161 17.14 18.59 -41.78
C LEU B 161 17.06 20.06 -41.42
N GLN B 162 16.89 20.94 -42.40
CA GLN B 162 16.73 22.36 -42.11
C GLN B 162 15.44 22.61 -41.36
N LYS B 163 14.36 21.93 -41.75
CA LYS B 163 13.06 22.14 -41.10
C LYS B 163 13.00 21.52 -39.71
N TYR B 164 13.65 20.37 -39.50
CA TYR B 164 13.50 19.63 -38.25
C TYR B 164 14.80 19.53 -37.46
N SER B 165 15.70 20.49 -37.61
CA SER B 165 16.96 20.45 -36.87
C SER B 165 17.68 21.79 -37.02
N THR B 166 18.22 22.26 -35.91
CA THR B 166 19.11 23.42 -35.91
C THR B 166 20.56 22.94 -35.95
N ASP B 167 21.50 23.86 -36.12
CA ASP B 167 22.90 23.52 -36.26
C ASP B 167 23.65 23.97 -35.01
N LEU B 168 24.62 23.15 -34.61
CA LEU B 168 25.42 23.40 -33.41
C LEU B 168 26.80 23.95 -33.71
N THR B 169 27.49 23.40 -34.71
CA THR B 169 28.79 23.97 -35.09
C THR B 169 28.63 25.34 -35.71
N ALA B 170 27.57 25.54 -36.50
CA ALA B 170 27.26 26.85 -37.06
C ALA B 170 26.88 27.87 -36.00
N ARG B 171 26.62 27.44 -34.76
CA ARG B 171 26.46 28.34 -33.63
C ARG B 171 27.75 28.50 -32.83
N ALA B 172 28.56 27.45 -32.75
CA ALA B 172 29.84 27.53 -32.06
C ALA B 172 30.86 28.35 -32.84
N ARG B 173 30.70 28.49 -34.14
CA ARG B 173 31.67 29.24 -34.93
C ARG B 173 31.52 30.75 -34.71
N GLU B 174 30.30 31.21 -34.42
CA GLU B 174 30.04 32.61 -34.17
C GLU B 174 30.16 32.99 -32.70
N GLY B 175 30.76 32.13 -31.87
CA GLY B 175 30.95 32.42 -30.48
C GLY B 175 29.69 32.53 -29.65
N LYS B 176 28.57 31.99 -30.13
CA LYS B 176 27.33 32.03 -29.37
C LYS B 176 27.22 30.92 -28.33
N LEU B 177 28.33 30.26 -28.01
CA LEU B 177 28.37 29.22 -26.99
C LEU B 177 29.36 29.60 -25.89
N ASP B 178 29.06 29.13 -24.68
CA ASP B 178 29.96 29.48 -23.59
C ASP B 178 31.18 28.57 -23.58
N PRO B 179 32.33 29.07 -23.15
CA PRO B 179 33.55 28.24 -23.12
C PRO B 179 33.36 27.01 -22.26
N VAL B 180 34.19 26.00 -22.51
CA VAL B 180 34.16 24.74 -21.79
C VAL B 180 35.56 24.48 -21.27
N ILE B 181 35.66 24.16 -19.98
CA ILE B 181 36.91 24.14 -19.25
C ILE B 181 37.06 22.78 -18.58
N GLY B 182 38.24 22.18 -18.72
CA GLY B 182 38.50 20.89 -18.13
C GLY B 182 37.68 19.79 -18.80
N ARG B 183 37.48 18.71 -18.04
CA ARG B 183 36.72 17.55 -18.49
C ARG B 183 37.29 17.01 -19.80
N ASP B 184 38.55 16.59 -19.75
CA ASP B 184 39.23 16.06 -20.92
C ASP B 184 39.01 14.57 -21.11
N ASN B 185 38.93 13.80 -20.02
CA ASN B 185 38.74 12.36 -20.14
C ASN B 185 37.39 12.03 -20.78
N GLU B 186 36.34 12.76 -20.38
CA GLU B 186 35.02 12.52 -20.96
C GLU B 186 34.99 12.90 -22.43
N ILE B 187 35.60 14.03 -22.80
CA ILE B 187 35.66 14.41 -24.21
C ILE B 187 36.40 13.36 -25.02
N ARG B 188 37.53 12.86 -24.48
CA ARG B 188 38.30 11.87 -25.23
C ARG B 188 37.53 10.57 -25.37
N ARG B 189 36.82 10.15 -24.33
CA ARG B 189 36.04 8.93 -24.42
C ARG B 189 34.89 9.09 -25.42
N VAL B 190 34.25 10.25 -25.43
CA VAL B 190 33.19 10.50 -26.40
C VAL B 190 33.75 10.46 -27.82
N VAL B 191 34.92 11.08 -28.02
CA VAL B 191 35.51 11.11 -29.36
C VAL B 191 35.89 9.70 -29.81
N GLN B 192 36.47 8.90 -28.91
CA GLN B 192 36.89 7.56 -29.29
C GLN B 192 35.74 6.57 -29.40
N VAL B 193 34.60 6.85 -28.77
CA VAL B 193 33.42 6.03 -28.99
C VAL B 193 32.71 6.44 -30.28
N LEU B 194 32.71 7.72 -30.61
CA LEU B 194 32.03 8.23 -31.79
C LEU B 194 32.73 7.85 -33.09
N SER B 195 33.86 7.15 -33.02
CA SER B 195 34.62 6.83 -34.21
C SER B 195 34.91 5.35 -34.39
N ARG B 196 34.22 4.47 -33.68
CA ARG B 196 34.42 3.04 -33.89
C ARG B 196 33.60 2.58 -35.10
N ARG B 197 33.75 1.29 -35.44
CA ARG B 197 33.20 0.80 -36.70
C ARG B 197 31.68 0.69 -36.66
N THR B 198 31.15 -0.01 -35.67
CA THR B 198 29.71 -0.26 -35.56
C THR B 198 29.23 0.09 -34.16
N LYS B 199 27.94 0.43 -34.06
CA LYS B 199 27.32 0.82 -32.80
C LYS B 199 28.08 1.98 -32.17
N ASN B 200 28.38 2.98 -33.00
CA ASN B 200 29.20 4.12 -32.61
C ASN B 200 28.30 5.30 -32.24
N ASN B 201 27.74 5.23 -31.03
CA ASN B 201 26.93 6.32 -30.53
C ASN B 201 26.92 6.31 -29.00
N PRO B 202 27.52 7.29 -28.36
CA PRO B 202 27.55 7.33 -26.89
C PRO B 202 26.31 7.98 -26.31
N VAL B 203 26.21 7.92 -24.99
CA VAL B 203 25.16 8.59 -24.24
C VAL B 203 25.74 9.07 -22.92
N LEU B 204 25.69 10.38 -22.69
CA LEU B 204 26.24 11.00 -21.49
C LEU B 204 25.18 10.90 -20.39
N ILE B 205 25.50 10.18 -19.32
CA ILE B 205 24.56 9.88 -18.27
C ILE B 205 25.11 10.42 -16.95
N GLY B 206 24.23 10.93 -16.11
CA GLY B 206 24.64 11.52 -14.84
C GLY B 206 23.55 12.38 -14.22
N GLU B 207 23.69 12.67 -12.93
CA GLU B 207 22.71 13.48 -12.23
C GLU B 207 22.67 14.89 -12.81
N PRO B 208 21.55 15.60 -12.64
CA PRO B 208 21.39 16.87 -13.36
C PRO B 208 22.22 17.99 -12.74
N GLY B 209 22.85 18.77 -13.61
CA GLY B 209 23.65 19.91 -13.22
C GLY B 209 25.14 19.72 -13.38
N VAL B 210 25.60 18.47 -13.48
CA VAL B 210 27.03 18.19 -13.51
C VAL B 210 27.70 18.57 -14.82
N GLY B 211 26.93 18.87 -15.85
CA GLY B 211 27.48 19.25 -17.13
C GLY B 211 27.43 18.11 -18.13
N LYS B 212 26.42 18.12 -18.99
CA LYS B 212 26.25 17.07 -20.00
C LYS B 212 26.01 17.62 -21.39
N THR B 213 25.37 18.78 -21.52
CA THR B 213 25.34 19.48 -22.79
C THR B 213 26.55 20.38 -22.97
N ALA B 214 27.14 20.84 -21.86
CA ALA B 214 28.40 21.59 -21.95
C ALA B 214 29.49 20.74 -22.57
N ILE B 215 29.48 19.43 -22.33
CA ILE B 215 30.50 18.56 -22.93
C ILE B 215 30.31 18.48 -24.44
N VAL B 216 29.07 18.35 -24.90
CA VAL B 216 28.82 18.29 -26.33
C VAL B 216 29.17 19.61 -26.99
N GLU B 217 28.88 20.73 -26.32
CA GLU B 217 29.24 22.03 -26.88
C GLU B 217 30.76 22.23 -26.89
N GLY B 218 31.46 21.71 -25.89
CA GLY B 218 32.91 21.76 -25.92
C GLY B 218 33.47 20.92 -27.04
N LEU B 219 32.85 19.78 -27.32
CA LEU B 219 33.27 18.97 -28.45
C LEU B 219 33.02 19.69 -29.77
N ALA B 220 31.91 20.42 -29.86
CA ALA B 220 31.64 21.22 -31.06
C ALA B 220 32.69 22.31 -31.24
N GLN B 221 33.03 23.01 -30.16
CA GLN B 221 34.06 24.04 -30.24
C GLN B 221 35.41 23.44 -30.61
N ARG B 222 35.69 22.24 -30.09
CA ARG B 222 36.94 21.55 -30.41
C ARG B 222 36.98 21.15 -31.88
N ILE B 223 35.84 20.73 -32.43
CA ILE B 223 35.75 20.42 -33.85
C ILE B 223 36.01 21.67 -34.68
N VAL B 224 35.35 22.78 -34.32
CA VAL B 224 35.53 24.03 -35.05
C VAL B 224 36.99 24.49 -35.00
N ALA B 225 37.65 24.31 -33.86
CA ALA B 225 39.05 24.70 -33.73
C ALA B 225 39.96 23.79 -34.54
N GLY B 226 39.71 22.48 -34.49
CA GLY B 226 40.49 21.53 -35.25
C GLY B 226 41.42 20.68 -34.40
N ASP B 227 41.03 20.41 -33.15
CA ASP B 227 41.82 19.59 -32.24
C ASP B 227 41.38 18.14 -32.21
N VAL B 228 40.42 17.76 -33.05
CA VAL B 228 39.91 16.39 -33.08
C VAL B 228 40.83 15.54 -33.95
N PRO B 229 40.77 14.20 -33.86
CA PRO B 229 41.61 13.38 -34.73
C PRO B 229 41.19 13.44 -36.19
N GLU B 230 41.87 12.66 -37.03
CA GLU B 230 41.68 12.77 -38.47
C GLU B 230 40.27 12.33 -38.88
N SER B 231 39.67 11.41 -38.12
CA SER B 231 38.39 10.82 -38.49
C SER B 231 37.21 11.70 -38.10
N LEU B 232 37.47 12.93 -37.72
CA LEU B 232 36.40 13.86 -37.34
C LEU B 232 36.60 15.27 -37.86
N ARG B 233 37.64 15.53 -38.65
CA ARG B 233 37.85 16.87 -39.18
C ARG B 233 36.73 17.26 -40.13
N ASP B 234 36.19 18.47 -39.95
CA ASP B 234 35.15 19.02 -40.82
C ASP B 234 33.93 18.11 -40.86
N LYS B 235 33.30 17.94 -39.70
CA LYS B 235 32.01 17.28 -39.59
C LYS B 235 31.04 18.21 -38.88
N THR B 236 29.78 18.20 -39.31
CA THR B 236 28.77 19.10 -38.77
C THR B 236 27.95 18.35 -37.72
N ILE B 237 27.73 18.99 -36.58
CA ILE B 237 26.90 18.42 -35.53
C ILE B 237 25.49 18.98 -35.65
N VAL B 238 24.50 18.09 -35.68
CA VAL B 238 23.10 18.45 -35.90
C VAL B 238 22.31 18.15 -34.65
N ALA B 239 21.59 19.14 -34.15
CA ALA B 239 20.75 19.00 -32.97
C ALA B 239 19.31 18.79 -33.39
N LEU B 240 18.86 17.53 -33.38
CA LEU B 240 17.51 17.19 -33.79
C LEU B 240 16.48 17.74 -32.80
N ASP B 241 15.28 17.98 -33.31
CA ASP B 241 14.16 18.43 -32.50
C ASP B 241 12.95 17.56 -32.84
N LEU B 242 12.43 16.87 -31.82
CA LEU B 242 11.34 15.91 -32.02
C LEU B 242 9.96 16.54 -31.94
N GLY B 243 9.77 17.56 -31.10
CA GLY B 243 8.49 18.23 -31.04
C GLY B 243 8.09 18.86 -32.37
N SER B 244 9.06 19.43 -33.07
CA SER B 244 8.80 20.03 -34.38
C SER B 244 8.54 18.99 -35.46
N MET B 245 8.81 17.72 -35.19
CA MET B 245 8.46 16.66 -36.12
C MET B 245 7.09 16.06 -35.83
N VAL B 246 6.65 16.13 -34.57
CA VAL B 246 5.31 15.65 -34.20
C VAL B 246 4.29 16.78 -34.19
N ALA B 247 4.70 18.01 -34.50
CA ALA B 247 3.79 19.15 -34.43
C ALA B 247 2.55 18.96 -35.27
N GLY B 248 2.68 18.88 -36.59
CA GLY B 248 1.53 18.57 -37.42
C GLY B 248 1.60 17.18 -38.02
N SER B 249 0.90 16.22 -37.41
CA SER B 249 0.95 14.84 -37.88
C SER B 249 -0.39 14.13 -37.74
N LYS B 250 -1.50 14.86 -37.86
CA LYS B 250 -2.82 14.29 -37.56
C LYS B 250 -3.10 13.04 -38.38
N TYR B 251 -2.71 13.04 -39.65
CA TYR B 251 -3.06 11.94 -40.55
C TYR B 251 -2.19 10.72 -40.26
N ARG B 252 -2.69 9.56 -40.66
CA ARG B 252 -2.15 8.27 -40.22
C ARG B 252 -0.76 7.97 -40.73
N GLY B 253 -0.19 8.78 -41.62
CA GLY B 253 1.11 8.45 -42.16
C GLY B 253 2.04 9.63 -42.33
N GLU B 254 1.87 10.69 -41.55
CA GLU B 254 2.65 11.90 -41.71
C GLU B 254 3.98 11.84 -40.95
N PHE B 255 3.92 11.62 -39.65
CA PHE B 255 5.14 11.68 -38.84
C PHE B 255 6.10 10.56 -39.21
N GLU B 256 5.58 9.39 -39.57
CA GLU B 256 6.44 8.28 -39.97
C GLU B 256 7.27 8.65 -41.20
N GLU B 257 6.63 9.20 -42.24
CA GLU B 257 7.39 9.56 -43.42
C GLU B 257 8.27 10.78 -43.17
N ARG B 258 7.88 11.67 -42.26
CA ARG B 258 8.76 12.76 -41.86
C ARG B 258 10.07 12.20 -41.31
N LEU B 259 9.97 11.35 -40.29
CA LEU B 259 11.16 10.79 -39.66
C LEU B 259 11.96 9.94 -40.65
N LYS B 260 11.26 9.25 -41.56
CA LYS B 260 11.97 8.44 -42.55
C LYS B 260 12.74 9.31 -43.53
N ALA B 261 12.16 10.44 -43.93
CA ALA B 261 12.88 11.38 -44.79
C ALA B 261 14.08 11.97 -44.07
N VAL B 262 13.94 12.26 -42.78
CA VAL B 262 15.08 12.77 -42.02
C VAL B 262 16.19 11.73 -41.96
N LEU B 263 15.84 10.48 -41.66
CA LEU B 263 16.85 9.41 -41.61
C LEU B 263 17.50 9.21 -42.96
N ASP B 264 16.72 9.30 -44.04
CA ASP B 264 17.28 9.14 -45.38
C ASP B 264 18.24 10.28 -45.70
N ASP B 265 17.89 11.50 -45.32
CA ASP B 265 18.79 12.64 -45.55
C ASP B 265 20.07 12.49 -44.74
N ILE B 266 19.99 11.91 -43.53
CA ILE B 266 21.19 11.69 -42.75
C ILE B 266 22.06 10.63 -43.41
N LYS B 267 21.46 9.51 -43.81
CA LYS B 267 22.23 8.41 -44.38
C LYS B 267 22.81 8.76 -45.75
N ASN B 268 22.12 9.62 -46.50
CA ASN B 268 22.56 9.95 -47.85
C ASN B 268 23.95 10.57 -47.86
N SER B 269 24.23 11.41 -46.86
CA SER B 269 25.57 11.97 -46.73
C SER B 269 26.59 10.87 -46.48
N ALA B 270 27.86 11.21 -46.70
CA ALA B 270 28.96 10.25 -46.58
C ALA B 270 29.34 9.99 -45.12
N GLY B 271 28.50 10.38 -44.17
CA GLY B 271 28.84 10.25 -42.77
C GLY B 271 29.42 11.54 -42.22
N GLN B 272 29.15 12.64 -42.93
CA GLN B 272 29.63 13.95 -42.53
C GLN B 272 28.70 14.67 -41.57
N ILE B 273 27.84 13.94 -40.85
CA ILE B 273 26.85 14.53 -39.96
C ILE B 273 26.84 13.72 -38.67
N ILE B 274 26.97 14.41 -37.54
CA ILE B 274 26.90 13.79 -36.23
C ILE B 274 25.60 14.23 -35.57
N THR B 275 24.71 13.28 -35.33
CA THR B 275 23.43 13.59 -34.72
C THR B 275 23.62 13.88 -33.23
N PHE B 276 22.65 14.61 -32.66
CA PHE B 276 22.70 14.97 -31.24
C PHE B 276 21.28 15.20 -30.75
N ILE B 277 20.72 14.22 -30.05
CA ILE B 277 19.43 14.37 -29.37
C ILE B 277 19.71 14.47 -27.89
N ASP B 278 19.40 15.61 -27.30
CA ASP B 278 19.48 15.77 -25.85
C ASP B 278 18.17 15.35 -25.23
N GLU B 279 18.25 14.74 -24.04
CA GLU B 279 17.11 14.11 -23.40
C GLU B 279 16.47 13.09 -24.34
N LEU B 280 17.26 12.09 -24.73
CA LEU B 280 16.81 11.08 -25.66
C LEU B 280 15.83 10.10 -25.04
N HIS B 281 15.53 10.24 -23.75
CA HIS B 281 14.50 9.42 -23.14
C HIS B 281 13.11 9.73 -23.69
N THR B 282 12.95 10.87 -24.37
CA THR B 282 11.71 11.26 -25.01
C THR B 282 11.54 10.66 -26.38
N ILE B 283 12.39 9.69 -26.76
CA ILE B 283 12.28 9.06 -28.07
C ILE B 283 11.63 7.69 -28.00
N VAL B 284 11.34 7.17 -26.81
CA VAL B 284 10.75 5.85 -26.70
C VAL B 284 9.32 5.84 -27.21
N GLY B 285 8.62 6.96 -27.09
CA GLY B 285 7.28 7.07 -27.63
C GLY B 285 7.25 7.83 -28.94
N ALA B 286 6.54 8.96 -28.96
CA ALA B 286 6.53 9.91 -30.06
C ALA B 286 5.78 9.37 -31.28
N GLY B 287 5.36 8.11 -31.22
CA GLY B 287 4.69 7.50 -32.36
C GLY B 287 3.18 7.64 -32.31
N ALA B 288 2.58 7.22 -31.20
CA ALA B 288 1.12 7.26 -31.06
C ALA B 288 0.72 7.19 -29.60
N ASP B 295 4.75 4.27 -31.65
CA ASP B 295 5.42 3.15 -32.26
C ASP B 295 6.75 3.58 -32.87
N ALA B 296 6.90 4.89 -33.07
CA ALA B 296 8.11 5.44 -33.66
C ALA B 296 9.22 5.47 -32.61
N GLY B 297 10.33 6.12 -32.93
CA GLY B 297 11.52 5.95 -32.10
C GLY B 297 11.98 4.52 -32.03
N ASN B 298 11.49 3.68 -32.94
CA ASN B 298 11.81 2.26 -32.98
C ASN B 298 12.28 1.80 -34.35
N MET B 299 11.97 2.55 -35.41
CA MET B 299 12.50 2.27 -36.73
C MET B 299 13.94 2.74 -36.88
N ILE B 300 14.50 3.40 -35.87
CA ILE B 300 15.89 3.77 -35.91
C ILE B 300 16.80 2.59 -35.57
N LYS B 301 16.23 1.53 -34.98
CA LYS B 301 17.03 0.37 -34.59
C LYS B 301 17.89 -0.21 -35.70
N PRO B 302 17.44 -0.38 -36.95
CA PRO B 302 18.34 -0.92 -37.97
C PRO B 302 19.57 -0.06 -38.21
N MET B 303 19.41 1.26 -38.24
CA MET B 303 20.55 2.13 -38.53
C MET B 303 21.45 2.29 -37.31
N LEU B 304 20.88 2.31 -36.10
CA LEU B 304 21.68 2.42 -34.89
C LEU B 304 22.71 1.30 -34.80
N ALA B 305 22.25 0.06 -34.85
CA ALA B 305 23.14 -1.10 -34.75
C ALA B 305 24.18 -1.13 -35.86
N ARG B 306 23.80 -0.82 -37.09
CA ARG B 306 24.77 -0.79 -38.19
C ARG B 306 25.76 0.35 -38.06
N GLY B 307 25.40 1.42 -37.34
CA GLY B 307 26.31 2.50 -37.09
C GLY B 307 26.38 3.57 -38.16
N GLU B 308 25.26 3.90 -38.79
CA GLU B 308 25.26 4.89 -39.86
C GLU B 308 24.82 6.27 -39.41
N LEU B 309 24.23 6.39 -38.23
CA LEU B 309 23.92 7.70 -37.65
C LEU B 309 24.57 7.76 -36.27
N ARG B 310 25.59 8.59 -36.14
CA ARG B 310 26.29 8.75 -34.87
C ARG B 310 25.47 9.64 -33.94
N LEU B 311 24.87 9.02 -32.93
CA LEU B 311 23.81 9.64 -32.13
C LEU B 311 24.33 9.93 -30.72
N VAL B 312 24.92 11.10 -30.54
CA VAL B 312 25.31 11.56 -29.20
C VAL B 312 24.06 11.99 -28.45
N GLY B 313 23.94 11.54 -27.20
CA GLY B 313 22.79 11.86 -26.38
C GLY B 313 23.20 12.19 -24.96
N ALA B 314 22.20 12.58 -24.16
CA ALA B 314 22.44 12.94 -22.77
C ALA B 314 21.11 12.91 -22.03
N THR B 315 21.04 12.14 -20.95
CA THR B 315 19.84 12.04 -20.12
C THR B 315 20.24 11.98 -18.66
N THR B 316 19.27 12.27 -17.79
CA THR B 316 19.50 12.19 -16.36
C THR B 316 19.76 10.73 -15.96
N LEU B 317 20.41 10.55 -14.81
CA LEU B 317 20.78 9.24 -14.31
C LEU B 317 19.59 8.38 -13.90
N ASP B 318 18.39 8.95 -13.83
CA ASP B 318 17.22 8.18 -13.43
C ASP B 318 16.06 8.33 -14.42
N GLU B 319 16.22 9.10 -15.49
CA GLU B 319 15.36 8.97 -16.65
C GLU B 319 15.77 7.80 -17.52
N TYR B 320 17.07 7.49 -17.57
CA TYR B 320 17.54 6.29 -18.24
C TYR B 320 16.86 5.06 -17.69
N ARG B 321 17.07 4.78 -16.41
CA ARG B 321 16.48 3.64 -15.72
C ARG B 321 14.97 3.57 -15.85
N LYS B 322 14.28 4.71 -15.96
CA LYS B 322 12.83 4.74 -15.98
C LYS B 322 12.23 4.63 -17.37
N HIS B 323 12.95 5.02 -18.43
CA HIS B 323 12.37 5.02 -19.77
C HIS B 323 13.11 4.16 -20.78
N ILE B 324 14.44 4.12 -20.77
CA ILE B 324 15.22 3.46 -21.81
C ILE B 324 15.52 2.02 -21.46
N GLU B 325 15.91 1.77 -20.20
CA GLU B 325 16.21 0.40 -19.77
C GLU B 325 15.00 -0.52 -19.81
N LYS B 326 13.79 0.04 -19.92
CA LYS B 326 12.59 -0.78 -20.07
C LYS B 326 12.42 -1.30 -21.49
N ASP B 327 13.37 -1.01 -22.37
CA ASP B 327 13.32 -1.41 -23.78
C ASP B 327 14.67 -2.04 -24.15
N ALA B 328 15.10 -3.01 -23.34
CA ALA B 328 16.47 -3.53 -23.34
C ALA B 328 16.98 -3.93 -24.72
N ALA B 329 16.09 -4.06 -25.71
CA ALA B 329 16.54 -4.23 -27.07
C ALA B 329 17.03 -2.93 -27.69
N LEU B 330 16.72 -1.79 -27.08
CA LEU B 330 17.20 -0.50 -27.55
C LEU B 330 18.44 -0.01 -26.83
N GLU B 331 18.50 -0.13 -25.50
CA GLU B 331 19.66 0.35 -24.76
C GLU B 331 20.89 -0.53 -24.95
N ARG B 332 20.81 -1.55 -25.79
CA ARG B 332 21.98 -2.30 -26.24
C ARG B 332 22.80 -1.52 -27.26
N ARG B 333 22.13 -0.70 -28.08
CA ARG B 333 22.81 0.05 -29.12
C ARG B 333 23.49 1.30 -28.60
N PHE B 334 23.41 1.59 -27.31
CA PHE B 334 24.00 2.78 -26.73
C PHE B 334 25.16 2.41 -25.81
N GLN B 335 26.21 3.23 -25.84
CA GLN B 335 27.35 3.08 -24.94
C GLN B 335 27.32 4.21 -23.92
N GLN B 336 27.31 3.85 -22.65
CA GLN B 336 27.10 4.81 -21.57
C GLN B 336 28.42 5.45 -21.17
N VAL B 337 28.39 6.74 -20.91
CA VAL B 337 29.54 7.51 -20.45
C VAL B 337 29.13 8.21 -19.17
N TYR B 338 29.63 7.74 -18.03
CA TYR B 338 29.23 8.26 -16.74
C TYR B 338 29.95 9.59 -16.50
N VAL B 339 29.17 10.65 -16.27
CA VAL B 339 29.71 11.98 -16.02
C VAL B 339 29.49 12.28 -14.54
N GLY B 340 30.57 12.23 -13.76
CA GLY B 340 30.47 12.55 -12.36
C GLY B 340 30.53 14.04 -12.09
N GLU B 341 30.15 14.43 -10.88
CA GLU B 341 30.20 15.85 -10.57
C GLU B 341 31.63 16.26 -10.25
N PRO B 342 32.02 17.51 -10.55
CA PRO B 342 33.38 17.95 -10.25
C PRO B 342 33.55 18.26 -8.77
N SER B 343 34.77 18.59 -8.37
CA SER B 343 35.08 18.97 -7.00
C SER B 343 35.15 20.49 -6.90
N VAL B 344 35.46 20.97 -5.70
CA VAL B 344 35.49 22.40 -5.44
C VAL B 344 36.66 23.05 -6.19
N GLU B 345 37.81 22.35 -6.23
CA GLU B 345 38.98 22.93 -6.87
C GLU B 345 38.79 23.04 -8.38
N ASP B 346 38.00 22.15 -8.97
CA ASP B 346 37.71 22.23 -10.40
C ASP B 346 36.60 23.23 -10.67
N THR B 347 35.62 23.33 -9.76
CA THR B 347 34.61 24.37 -9.87
C THR B 347 35.23 25.76 -9.82
N ILE B 348 36.29 25.93 -9.02
CA ILE B 348 36.98 27.22 -8.95
C ILE B 348 37.56 27.58 -10.32
N GLY B 349 38.20 26.60 -10.98
CA GLY B 349 38.76 26.87 -12.30
C GLY B 349 37.69 27.15 -13.35
N ILE B 350 36.61 26.38 -13.32
CA ILE B 350 35.49 26.64 -14.23
C ILE B 350 34.99 28.07 -14.04
N LEU B 351 34.80 28.49 -12.79
CA LEU B 351 34.32 29.84 -12.52
C LEU B 351 35.33 30.88 -13.01
N ARG B 352 36.62 30.66 -12.73
CA ARG B 352 37.66 31.57 -13.21
C ARG B 352 37.59 31.76 -14.72
N GLY B 353 37.38 30.68 -15.46
CA GLY B 353 37.31 30.80 -16.90
C GLY B 353 35.98 31.27 -17.44
N LEU B 354 34.95 31.26 -16.59
CA LEU B 354 33.59 31.58 -17.05
C LEU B 354 33.08 32.93 -16.57
N LYS B 355 33.90 33.77 -15.96
CA LYS B 355 33.37 34.97 -15.30
C LYS B 355 33.30 36.18 -16.22
N ASP B 356 34.17 36.25 -17.23
CA ASP B 356 34.24 37.42 -18.10
C ASP B 356 33.03 37.56 -19.01
N ARG B 357 32.10 36.61 -18.99
CA ARG B 357 30.85 36.74 -19.72
C ARG B 357 29.78 37.44 -18.90
N TYR B 358 29.68 37.11 -17.61
CA TYR B 358 28.80 37.87 -16.72
C TYR B 358 29.36 39.27 -16.49
N GLU B 359 30.69 39.40 -16.42
CA GLU B 359 31.31 40.72 -16.31
C GLU B 359 30.90 41.63 -17.46
N VAL B 360 30.59 41.06 -18.62
CA VAL B 360 30.12 41.86 -19.75
C VAL B 360 28.60 42.04 -19.72
N HIS B 361 27.85 40.97 -19.40
CA HIS B 361 26.40 41.08 -19.40
C HIS B 361 25.92 42.12 -18.38
N HIS B 362 26.49 42.11 -17.18
CA HIS B 362 26.24 43.14 -16.19
C HIS B 362 27.47 44.05 -16.13
N GLY B 363 27.25 45.35 -16.24
CA GLY B 363 28.37 46.28 -16.27
C GLY B 363 29.04 46.44 -14.92
N VAL B 364 29.63 45.37 -14.42
CA VAL B 364 30.28 45.33 -13.12
C VAL B 364 31.60 44.58 -13.26
N ARG B 365 32.28 44.39 -12.13
CA ARG B 365 33.51 43.62 -12.05
C ARG B 365 33.38 42.60 -10.93
N ILE B 366 34.05 41.47 -11.08
CA ILE B 366 33.91 40.35 -10.16
C ILE B 366 35.30 40.00 -9.62
N THR B 367 35.48 40.17 -8.31
CA THR B 367 36.74 39.82 -7.67
C THR B 367 36.93 38.31 -7.64
N ASP B 368 38.19 37.86 -7.66
CA ASP B 368 38.47 36.42 -7.68
C ASP B 368 38.17 35.78 -6.34
N SER B 369 38.39 36.50 -5.24
CA SER B 369 38.01 35.97 -3.93
C SER B 369 36.52 35.72 -3.86
N ALA B 370 35.72 36.50 -4.58
CA ALA B 370 34.29 36.27 -4.69
C ALA B 370 33.97 35.01 -5.48
N LEU B 371 34.90 34.53 -6.31
CA LEU B 371 34.75 33.24 -6.98
C LEU B 371 35.17 32.08 -6.11
N VAL B 372 36.23 32.25 -5.31
CA VAL B 372 36.61 31.20 -4.37
C VAL B 372 35.51 31.02 -3.32
N ALA B 373 34.98 32.14 -2.81
CA ALA B 373 33.99 32.08 -1.74
C ALA B 373 32.71 31.41 -2.20
N ALA B 374 32.27 31.70 -3.42
CA ALA B 374 31.05 31.08 -3.95
C ALA B 374 31.19 29.56 -3.99
N ALA B 375 32.28 29.08 -4.58
CA ALA B 375 32.48 27.64 -4.70
C ALA B 375 32.66 26.97 -3.34
N THR B 376 33.34 27.62 -2.41
CA THR B 376 33.59 27.00 -1.11
C THR B 376 32.43 27.17 -0.14
N LEU B 377 31.48 28.05 -0.43
CA LEU B 377 30.36 28.30 0.46
C LEU B 377 29.07 27.62 0.00
N SER B 378 28.88 27.46 -1.31
CA SER B 378 27.70 26.76 -1.80
C SER B 378 27.87 25.25 -1.79
N ASP B 379 28.86 24.74 -1.06
CA ASP B 379 29.07 23.31 -0.95
C ASP B 379 28.65 22.75 0.40
N ARG B 380 28.52 23.61 1.41
CA ARG B 380 28.14 23.20 2.75
C ARG B 380 26.75 23.66 3.16
N TYR B 381 26.13 24.57 2.41
CA TYR B 381 24.81 25.08 2.75
C TYR B 381 23.73 24.54 1.82
N ILE B 382 23.92 24.65 0.51
CA ILE B 382 22.96 24.12 -0.45
C ILE B 382 23.33 22.67 -0.74
N THR B 383 22.69 21.75 -0.04
CA THR B 383 23.01 20.33 -0.15
C THR B 383 21.95 19.56 -0.93
N ALA B 384 21.20 20.26 -1.78
CA ALA B 384 20.19 19.64 -2.62
C ALA B 384 20.49 19.74 -4.11
N ARG B 385 21.62 20.35 -4.48
CA ARG B 385 21.99 20.50 -5.88
C ARG B 385 23.47 20.15 -6.04
N PHE B 386 23.92 20.08 -7.29
CA PHE B 386 25.27 19.62 -7.61
C PHE B 386 26.10 20.80 -8.11
N LEU B 387 27.40 20.58 -8.26
CA LEU B 387 28.31 21.71 -8.09
C LEU B 387 29.19 22.06 -9.29
N PRO B 388 28.67 22.12 -10.51
CA PRO B 388 29.26 23.05 -11.50
C PRO B 388 28.46 24.32 -11.65
N ASP B 389 27.25 24.36 -11.08
CA ASP B 389 26.33 25.46 -11.28
C ASP B 389 25.73 25.99 -9.99
N LYS B 390 25.76 25.21 -8.91
CA LYS B 390 25.29 25.64 -7.60
C LYS B 390 25.99 26.90 -7.11
N ALA B 391 27.14 27.26 -7.69
CA ALA B 391 27.82 28.51 -7.39
C ALA B 391 27.63 29.58 -8.46
N ILE B 392 27.49 29.18 -9.74
CA ILE B 392 27.23 30.14 -10.80
C ILE B 392 25.97 30.94 -10.50
N ASP B 393 24.98 30.33 -9.85
CA ASP B 393 23.78 31.07 -9.48
C ASP B 393 24.09 32.14 -8.45
N LEU B 394 24.94 31.81 -7.47
CA LEU B 394 25.36 32.82 -6.50
C LEU B 394 26.05 33.99 -7.20
N VAL B 395 26.99 33.69 -8.09
CA VAL B 395 27.73 34.75 -8.78
C VAL B 395 26.77 35.61 -9.60
N ASP B 396 25.84 34.97 -10.32
CA ASP B 396 24.91 35.70 -11.17
C ASP B 396 23.99 36.59 -10.36
N GLU B 397 23.43 36.07 -9.27
CA GLU B 397 22.54 36.89 -8.45
C GLU B 397 23.28 38.03 -7.78
N ALA B 398 24.51 37.78 -7.31
CA ALA B 398 25.31 38.85 -6.74
C ALA B 398 25.56 39.95 -7.76
N ALA B 399 25.94 39.58 -8.98
CA ALA B 399 26.19 40.58 -10.02
C ALA B 399 24.93 41.36 -10.35
N SER B 400 23.78 40.68 -10.46
CA SER B 400 22.54 41.37 -10.79
C SER B 400 22.13 42.34 -9.69
N ARG B 401 22.25 41.93 -8.43
CA ARG B 401 21.92 42.81 -7.33
C ARG B 401 22.86 44.02 -7.28
N LEU B 402 24.16 43.78 -7.52
CA LEU B 402 25.10 44.90 -7.55
C LEU B 402 24.79 45.85 -8.68
N ARG B 403 24.33 45.34 -9.83
CA ARG B 403 23.94 46.23 -10.91
C ARG B 403 22.73 47.06 -10.52
N MET B 404 21.73 46.43 -9.92
CA MET B 404 20.56 47.16 -9.43
C MET B 404 20.99 48.27 -8.46
N GLU B 405 21.99 48.01 -7.63
CA GLU B 405 22.45 49.02 -6.69
C GLU B 405 23.25 50.12 -7.40
N ILE B 406 24.04 49.74 -8.41
CA ILE B 406 24.73 50.71 -9.26
C ILE B 406 23.74 51.63 -9.98
N ASP B 407 22.53 51.15 -10.21
CA ASP B 407 21.41 51.99 -10.63
C ASP B 407 20.94 52.78 -9.43
N SER B 408 19.69 53.25 -9.45
CA SER B 408 19.15 54.14 -8.42
C SER B 408 19.40 53.62 -7.01
N ARG B 409 19.23 54.51 -6.03
CA ARG B 409 19.85 54.48 -4.70
C ARG B 409 19.88 53.08 -4.08
N PRO B 410 20.92 52.79 -3.28
CA PRO B 410 21.15 51.41 -2.82
C PRO B 410 20.16 50.93 -1.77
N VAL B 411 20.44 49.76 -1.20
CA VAL B 411 19.55 49.11 -0.27
C VAL B 411 19.77 49.74 1.11
N GLU B 412 18.87 49.43 2.05
CA GLU B 412 18.84 49.97 3.42
C GLU B 412 18.77 51.50 3.43
N ILE B 413 18.47 52.10 2.27
CA ILE B 413 17.88 53.43 2.21
C ILE B 413 16.56 53.27 1.47
N ASP B 414 16.55 52.33 0.53
CA ASP B 414 15.36 52.00 -0.25
C ASP B 414 14.30 51.29 0.56
N GLU B 415 14.70 50.62 1.65
CA GLU B 415 13.76 50.03 2.59
C GLU B 415 13.17 51.06 3.54
N VAL B 416 14.02 51.93 4.09
CA VAL B 416 13.54 52.92 5.05
C VAL B 416 12.65 53.94 4.37
N GLU B 417 12.96 54.32 3.12
CA GLU B 417 12.08 55.25 2.42
C GLU B 417 10.69 54.67 2.20
N ARG B 418 10.62 53.43 1.69
CA ARG B 418 9.37 52.72 1.53
C ARG B 418 8.59 52.57 2.83
N LEU B 419 9.28 52.26 3.92
CA LEU B 419 8.64 52.12 5.23
C LEU B 419 8.07 53.45 5.72
N VAL B 420 8.85 54.53 5.57
CA VAL B 420 8.40 55.83 6.04
C VAL B 420 7.19 56.31 5.23
N ARG B 421 7.21 56.10 3.92
CA ARG B 421 6.05 56.49 3.11
C ARG B 421 4.79 55.78 3.58
N ARG B 422 4.90 54.48 3.85
CA ARG B 422 3.74 53.70 4.25
C ARG B 422 3.25 54.12 5.64
N LEU B 423 4.18 54.35 6.57
CA LEU B 423 3.79 54.84 7.89
C LEU B 423 3.09 56.19 7.78
N GLU B 424 3.55 57.06 6.88
CA GLU B 424 2.92 58.36 6.69
C GLU B 424 1.50 58.19 6.15
N ILE B 425 1.33 57.33 5.14
CA ILE B 425 0.00 57.07 4.60
C ILE B 425 -0.94 56.53 5.67
N GLU B 426 -0.46 55.63 6.53
CA GLU B 426 -1.32 55.09 7.58
C GLU B 426 -1.65 56.15 8.63
N GLU B 427 -0.69 57.00 8.98
CA GLU B 427 -0.93 58.02 9.99
C GLU B 427 -1.88 59.10 9.48
N MET B 428 -1.84 59.41 8.19
CA MET B 428 -2.72 60.43 7.61
C MET B 428 -4.17 59.95 7.54
N ALA B 429 -4.41 58.67 7.82
CA ALA B 429 -5.76 58.13 7.74
C ALA B 429 -6.25 57.69 9.11
N LEU B 430 -5.32 57.39 10.02
CA LEU B 430 -5.68 57.08 11.39
C LEU B 430 -6.02 58.31 12.22
N SER B 431 -5.72 59.51 11.71
CA SER B 431 -5.97 60.73 12.48
C SER B 431 -7.46 61.02 12.63
N LYS B 432 -8.23 60.82 11.56
CA LYS B 432 -9.66 61.16 11.57
C LYS B 432 -10.52 59.99 12.07
N GLU B 433 -10.17 59.48 13.25
CA GLU B 433 -10.91 58.40 13.89
C GLU B 433 -11.59 58.93 15.13
N GLU B 434 -12.91 59.08 15.07
CA GLU B 434 -13.68 59.57 16.21
C GLU B 434 -13.81 58.47 17.27
N ASP B 435 -12.70 58.11 17.91
CA ASP B 435 -12.67 57.00 18.84
C ASP B 435 -11.89 57.40 20.08
N GLU B 436 -11.79 56.46 21.02
CA GLU B 436 -11.11 56.68 22.29
C GLU B 436 -9.97 55.68 22.45
N ALA B 437 -10.15 54.47 21.89
CA ALA B 437 -9.12 53.45 22.01
C ALA B 437 -8.07 53.58 20.92
N SER B 438 -8.43 54.11 19.75
CA SER B 438 -7.51 54.27 18.64
C SER B 438 -6.59 55.48 18.83
N ALA B 439 -6.94 56.39 19.72
CA ALA B 439 -6.07 57.52 20.01
C ALA B 439 -4.78 57.08 20.71
N GLU B 440 -4.81 55.93 21.37
CA GLU B 440 -3.62 55.38 22.01
C GLU B 440 -2.65 54.77 21.01
N ARG B 441 -3.15 54.10 19.97
CA ARG B 441 -2.29 53.55 18.93
C ARG B 441 -1.70 54.64 18.05
N LEU B 442 -2.41 55.76 17.88
CA LEU B 442 -1.88 56.92 17.17
C LEU B 442 -0.79 57.64 17.95
N ALA B 443 -0.56 57.26 19.21
CA ALA B 443 0.50 57.85 20.01
C ALA B 443 1.82 57.09 19.91
N LYS B 444 1.79 55.87 19.38
CA LYS B 444 3.00 55.10 19.09
C LYS B 444 3.39 55.17 17.62
N LEU B 445 2.39 55.24 16.74
CA LEU B 445 2.67 55.32 15.31
C LEU B 445 3.50 56.54 14.97
N ARG B 446 3.14 57.70 15.54
CA ARG B 446 3.89 58.92 15.28
C ARG B 446 5.31 58.83 15.85
N SER B 447 5.43 58.20 17.02
CA SER B 447 6.75 57.98 17.63
C SER B 447 7.65 57.17 16.71
N GLU B 448 7.14 56.04 16.21
CA GLU B 448 7.95 55.20 15.34
C GLU B 448 8.22 55.89 14.01
N LEU B 449 7.27 56.70 13.53
CA LEU B 449 7.47 57.45 12.30
C LEU B 449 8.62 58.43 12.44
N ALA B 450 8.65 59.18 13.54
CA ALA B 450 9.76 60.09 13.78
C ALA B 450 11.07 59.33 13.96
N ASP B 451 11.03 58.20 14.66
CA ASP B 451 12.23 57.39 14.85
C ASP B 451 12.79 56.91 13.51
N GLN B 452 11.90 56.57 12.58
CA GLN B 452 12.36 56.09 11.27
C GLN B 452 12.87 57.23 10.41
N LYS B 453 12.22 58.40 10.49
CA LYS B 453 12.70 59.56 9.74
C LYS B 453 14.09 59.97 10.22
N GLU B 454 14.34 59.83 11.52
CA GLU B 454 15.68 60.09 12.06
C GLU B 454 16.72 59.21 11.40
N LYS B 455 16.50 57.89 11.42
CA LYS B 455 17.46 56.94 10.84
C LYS B 455 17.63 57.18 9.35
N LEU B 456 16.54 57.50 8.66
CA LEU B 456 16.62 57.75 7.22
C LEU B 456 17.47 58.98 6.93
N ALA B 457 17.28 60.05 7.71
CA ALA B 457 18.10 61.24 7.54
C ALA B 457 19.57 60.94 7.81
N GLU B 458 19.85 60.15 8.85
CA GLU B 458 21.23 59.81 9.15
C GLU B 458 21.88 59.02 8.02
N LEU B 459 21.17 58.01 7.51
CA LEU B 459 21.69 57.23 6.38
C LEU B 459 21.92 58.10 5.15
N THR B 460 20.94 58.95 4.81
CA THR B 460 21.08 59.77 3.61
C THR B 460 22.18 60.81 3.77
N THR B 461 22.48 61.20 5.02
CA THR B 461 23.61 62.11 5.24
C THR B 461 24.94 61.39 5.08
N ARG B 462 25.06 60.19 5.68
CA ARG B 462 26.29 59.41 5.54
C ARG B 462 26.54 59.05 4.08
N TRP B 463 25.48 58.85 3.30
CA TRP B 463 25.63 58.52 1.89
C TRP B 463 26.35 59.61 1.13
N GLN B 464 26.01 60.87 1.41
CA GLN B 464 26.64 61.98 0.70
C GLN B 464 28.11 62.10 1.08
N ASN B 465 28.42 61.81 2.35
CA ASN B 465 29.82 61.87 2.84
C ASN B 465 30.67 60.87 2.07
N GLU B 466 30.20 59.63 1.96
CA GLU B 466 30.95 58.56 1.23
C GLU B 466 31.16 58.99 -0.22
N LYS B 467 30.07 59.15 -0.97
CA LYS B 467 30.14 59.56 -2.40
C LYS B 467 31.00 60.82 -2.54
N ASN B 468 30.76 61.84 -1.71
CA ASN B 468 31.54 63.10 -1.76
C ASN B 468 33.04 62.78 -1.71
N ALA B 469 33.48 62.09 -0.66
CA ALA B 469 34.91 61.73 -0.48
C ALA B 469 35.45 61.03 -1.73
N ILE B 470 34.71 60.04 -2.25
CA ILE B 470 35.15 59.29 -3.46
C ILE B 470 35.43 60.28 -4.60
N GLU B 471 34.43 61.11 -4.94
CA GLU B 471 34.58 62.11 -6.03
C GLU B 471 35.80 62.99 -5.78
N ILE B 472 35.96 63.48 -4.54
CA ILE B 472 37.11 64.36 -4.18
C ILE B 472 38.43 63.65 -4.49
N VAL B 473 38.59 62.42 -4.01
CA VAL B 473 39.85 61.63 -4.24
C VAL B 473 40.05 61.42 -5.75
N ARG B 474 38.97 61.14 -6.48
CA ARG B 474 39.06 60.91 -7.95
C ARG B 474 39.58 62.18 -8.64
N ASP B 475 39.06 63.35 -8.24
CA ASP B 475 39.48 64.64 -8.83
C ASP B 475 40.92 64.97 -8.42
N LEU B 476 41.33 64.52 -7.23
CA LEU B 476 42.71 64.75 -6.72
C LEU B 476 43.69 63.81 -7.43
N LYS B 477 43.18 62.70 -7.97
CA LYS B 477 44.04 61.71 -8.68
C LYS B 477 43.69 61.73 -10.17
N LYS B 530 32.06 49.79 -3.03
CA LYS B 530 30.83 49.17 -3.50
C LYS B 530 30.66 49.34 -5.01
N GLU B 531 31.62 48.84 -5.77
CA GLU B 531 31.56 48.83 -7.23
C GLU B 531 31.95 47.52 -7.85
N GLU B 532 32.17 46.47 -7.06
CA GLU B 532 32.36 45.13 -7.58
C GLU B 532 31.87 44.15 -6.52
N VAL B 533 31.38 43.00 -6.99
CA VAL B 533 30.85 42.01 -6.07
C VAL B 533 31.97 41.44 -5.22
N GLY B 534 31.61 40.84 -4.09
CA GLY B 534 32.59 40.38 -3.13
C GLY B 534 32.18 39.15 -2.35
N PRO B 535 33.12 38.63 -1.57
CA PRO B 535 32.85 37.43 -0.76
C PRO B 535 31.78 37.63 0.29
N ASP B 536 31.35 38.87 0.55
CA ASP B 536 30.23 39.09 1.45
C ASP B 536 28.93 39.33 0.69
N ASP B 537 29.02 39.81 -0.55
CA ASP B 537 27.85 39.81 -1.42
C ASP B 537 27.40 38.37 -1.71
N ILE B 538 28.36 37.48 -1.96
CA ILE B 538 28.02 36.07 -2.12
C ILE B 538 27.36 35.54 -0.86
N ALA B 539 27.87 35.96 0.31
CA ALA B 539 27.31 35.51 1.58
C ALA B 539 25.88 36.03 1.76
N ASP B 540 25.63 37.29 1.42
CA ASP B 540 24.27 37.82 1.50
C ASP B 540 23.33 37.08 0.58
N VAL B 541 23.80 36.70 -0.61
CA VAL B 541 22.97 35.93 -1.52
C VAL B 541 22.64 34.57 -0.92
N VAL B 542 23.66 33.83 -0.49
CA VAL B 542 23.43 32.51 0.08
C VAL B 542 22.75 32.56 1.44
N SER B 543 22.60 33.75 2.02
CA SER B 543 21.85 33.89 3.27
C SER B 543 20.39 34.26 3.02
N ALA B 544 20.12 35.06 1.99
CA ALA B 544 18.74 35.24 1.56
C ALA B 544 18.17 33.93 1.05
N TRP B 545 18.99 33.18 0.30
CA TRP B 545 18.68 31.78 0.03
C TRP B 545 18.87 30.95 1.30
N THR B 546 17.94 30.02 1.52
CA THR B 546 18.03 29.02 2.59
C THR B 546 17.91 29.63 3.98
N GLY B 547 17.84 30.95 4.08
CA GLY B 547 17.61 31.59 5.36
C GLY B 547 18.73 31.49 6.38
N ILE B 548 19.75 30.70 6.10
CA ILE B 548 20.83 30.48 7.07
C ILE B 548 21.72 31.73 7.12
N PRO B 549 21.94 32.32 8.30
CA PRO B 549 22.77 33.53 8.37
C PRO B 549 24.25 33.22 8.40
N ALA B 550 24.96 33.60 7.33
CA ALA B 550 26.42 33.45 7.28
C ALA B 550 26.98 34.75 6.71
N GLY B 551 27.26 35.71 7.58
CA GLY B 551 27.73 37.02 7.16
C GLY B 551 28.98 37.42 7.88
N ARG B 552 28.99 38.66 8.39
CA ARG B 552 30.15 39.20 9.10
C ARG B 552 29.75 39.97 10.35
N LEU B 553 28.53 39.78 10.84
CA LEU B 553 28.03 40.47 12.04
C LEU B 553 28.11 41.98 11.85
N LEU B 554 27.29 42.46 10.92
CA LEU B 554 27.43 43.83 10.41
C LEU B 554 26.97 44.87 11.43
N GLU B 555 27.61 44.89 12.60
CA GLU B 555 27.54 46.00 13.55
C GLU B 555 26.15 46.15 14.18
N GLY B 556 25.19 45.36 13.72
CA GLY B 556 23.86 45.39 14.31
C GLY B 556 23.58 44.15 15.13
N GLU B 557 24.31 43.08 14.82
CA GLU B 557 24.19 41.81 15.52
C GLU B 557 25.25 41.61 16.59
N THR B 558 26.41 42.25 16.47
CA THR B 558 27.48 42.06 17.45
C THR B 558 27.04 42.55 18.83
N ALA B 559 26.40 43.72 18.90
CA ALA B 559 25.93 44.23 20.18
C ALA B 559 24.92 43.28 20.82
N LYS B 560 23.96 42.80 20.03
CA LYS B 560 22.94 41.90 20.53
C LYS B 560 23.55 40.59 21.03
N LEU B 561 24.48 40.02 20.27
CA LEU B 561 25.17 38.81 20.70
C LEU B 561 26.03 39.03 21.94
N LEU B 562 26.55 40.23 22.13
CA LEU B 562 27.31 40.52 23.35
C LEU B 562 26.42 40.68 24.56
N ARG B 563 25.29 41.35 24.43
CA ARG B 563 24.31 41.46 25.52
C ARG B 563 23.28 40.35 25.44
N MET B 564 23.73 39.11 25.32
CA MET B 564 22.82 37.98 25.13
C MET B 564 22.28 37.43 26.43
N GLU B 565 23.14 37.17 27.42
CA GLU B 565 22.66 36.63 28.69
C GLU B 565 21.82 37.62 29.47
N ASP B 566 21.73 38.88 29.03
CA ASP B 566 20.89 39.87 29.68
C ASP B 566 19.52 39.99 29.05
N GLU B 567 19.32 39.48 27.84
CA GLU B 567 18.00 39.49 27.23
C GLU B 567 17.26 38.17 27.42
N LEU B 568 17.99 37.06 27.58
CA LEU B 568 17.39 35.83 28.06
C LEU B 568 16.96 35.92 29.52
N GLY B 569 17.60 36.78 30.31
CA GLY B 569 17.22 37.02 31.68
C GLY B 569 15.96 37.85 31.85
N LYS B 570 15.38 38.35 30.76
CA LYS B 570 14.10 39.01 30.81
C LYS B 570 12.93 38.03 30.87
N ARG B 571 13.20 36.74 30.62
CA ARG B 571 12.18 35.71 30.64
C ARG B 571 12.56 34.49 31.46
N VAL B 572 13.84 34.23 31.69
CA VAL B 572 14.31 33.14 32.52
C VAL B 572 15.16 33.73 33.64
N ILE B 573 14.82 33.39 34.88
CA ILE B 573 15.47 33.94 36.06
C ILE B 573 16.28 32.83 36.70
N GLY B 574 17.57 33.08 36.92
CA GLY B 574 18.45 32.03 37.39
C GLY B 574 18.98 31.20 36.24
N GLN B 575 19.34 29.96 36.54
CA GLN B 575 19.89 29.02 35.57
C GLN B 575 21.03 29.67 34.77
N LYS B 576 21.90 30.35 35.52
CA LYS B 576 23.00 31.09 34.94
C LYS B 576 23.89 30.18 34.10
N ALA B 577 24.15 28.96 34.58
CA ALA B 577 25.03 28.06 33.85
C ALA B 577 24.44 27.68 32.50
N ALA B 578 23.15 27.32 32.47
CA ALA B 578 22.52 26.93 31.21
C ALA B 578 22.44 28.11 30.24
N VAL B 579 22.04 29.28 30.74
CA VAL B 579 21.95 30.45 29.88
C VAL B 579 23.32 30.78 29.29
N THR B 580 24.36 30.77 30.12
CA THR B 580 25.70 31.08 29.64
C THR B 580 26.18 30.02 28.65
N ALA B 581 25.84 28.75 28.88
CA ALA B 581 26.27 27.69 27.99
C ALA B 581 25.59 27.73 26.63
N VAL B 582 24.35 28.21 26.56
CA VAL B 582 23.67 28.40 25.28
C VAL B 582 24.18 29.64 24.56
N SER B 583 24.36 30.74 25.29
CA SER B 583 24.91 31.95 24.68
C SER B 583 26.34 31.73 24.19
N ASP B 584 27.11 30.89 24.87
CA ASP B 584 28.48 30.59 24.49
C ASP B 584 28.57 29.63 23.31
N ALA B 585 27.47 28.99 22.95
CA ALA B 585 27.44 28.11 21.78
C ALA B 585 26.80 28.77 20.57
N VAL B 586 25.99 29.81 20.77
CA VAL B 586 25.54 30.59 19.62
C VAL B 586 26.69 31.43 19.05
N ARG B 587 27.55 31.96 19.93
CA ARG B 587 28.62 32.85 19.47
C ARG B 587 29.76 32.08 18.84
N ARG B 588 30.07 30.89 19.33
CA ARG B 588 31.09 30.07 18.67
C ARG B 588 30.72 29.72 17.24
N SER B 589 29.43 29.77 16.91
CA SER B 589 29.00 29.51 15.54
C SER B 589 28.87 30.78 14.72
N ARG B 590 28.43 31.87 15.33
CA ARG B 590 28.36 33.13 14.59
C ARG B 590 29.75 33.69 14.28
N ALA B 591 30.73 33.42 15.13
CA ALA B 591 32.09 33.91 14.95
C ALA B 591 32.92 33.04 14.01
N GLY B 592 32.34 31.97 13.48
CA GLY B 592 33.07 31.11 12.55
C GLY B 592 34.18 30.31 13.20
N VAL B 593 33.90 29.65 14.30
CA VAL B 593 34.90 28.85 15.00
C VAL B 593 34.46 27.40 15.20
N SER B 594 33.17 27.09 15.10
CA SER B 594 32.70 25.76 15.44
C SER B 594 32.98 24.76 14.32
N ASP B 595 32.78 23.49 14.65
CA ASP B 595 33.02 22.42 13.69
C ASP B 595 32.01 22.52 12.54
N PRO B 596 32.47 22.60 11.29
CA PRO B 596 31.54 22.90 10.18
C PRO B 596 30.58 21.77 9.84
N ASN B 597 30.86 20.53 10.25
CA ASN B 597 29.95 19.41 10.00
C ASN B 597 29.58 18.75 11.34
N ARG B 598 28.63 19.36 12.02
CA ARG B 598 28.03 18.94 13.28
C ARG B 598 26.94 19.96 13.61
N PRO B 599 25.93 19.61 14.40
CA PRO B 599 24.95 20.62 14.82
C PRO B 599 25.64 21.74 15.59
N THR B 600 25.13 22.95 15.42
CA THR B 600 25.75 24.10 16.07
C THR B 600 25.55 24.07 17.58
N GLY B 601 24.72 23.16 18.08
CA GLY B 601 24.56 22.96 19.51
C GLY B 601 23.66 21.77 19.81
N ALA B 602 24.10 20.90 20.71
CA ALA B 602 23.36 19.68 21.04
C ALA B 602 23.66 19.31 22.49
N PHE B 603 22.76 19.69 23.40
CA PHE B 603 22.95 19.42 24.81
C PHE B 603 21.61 19.20 25.49
N MET B 604 21.61 18.25 26.42
CA MET B 604 20.42 17.90 27.19
C MET B 604 20.56 18.46 28.60
N PHE B 605 19.62 19.30 29.00
CA PHE B 605 19.58 19.85 30.35
C PHE B 605 18.33 19.39 31.07
N LEU B 606 18.50 19.05 32.34
CA LEU B 606 17.47 18.38 33.13
C LEU B 606 17.56 18.83 34.59
N GLY B 607 16.47 18.63 35.31
CA GLY B 607 16.38 19.00 36.70
C GLY B 607 14.98 18.77 37.24
N PRO B 608 14.69 19.29 38.44
CA PRO B 608 13.36 19.12 39.01
C PRO B 608 12.31 19.92 38.24
N THR B 609 11.07 19.82 38.70
CA THR B 609 9.93 20.39 37.99
C THR B 609 9.76 21.87 38.33
N GLY B 610 9.07 22.57 37.44
CA GLY B 610 8.76 23.99 37.68
C GLY B 610 9.99 24.86 37.77
N VAL B 611 11.08 24.46 37.12
CA VAL B 611 12.36 25.14 37.27
C VAL B 611 12.65 26.10 36.12
N GLY B 612 12.31 25.73 34.88
CA GLY B 612 12.53 26.64 33.77
C GLY B 612 13.15 26.00 32.54
N LYS B 613 13.30 24.68 32.55
CA LYS B 613 14.00 23.99 31.48
C LYS B 613 13.19 23.90 30.19
N THR B 614 11.88 24.19 30.24
CA THR B 614 11.10 24.26 29.02
C THR B 614 10.96 25.73 28.61
N GLU B 615 10.97 26.63 29.60
CA GLU B 615 10.90 28.05 29.30
C GLU B 615 12.13 28.52 28.53
N LEU B 616 13.32 28.03 28.90
CA LEU B 616 14.54 28.47 28.24
C LEU B 616 14.58 28.02 26.79
N ALA B 617 14.07 26.81 26.51
CA ALA B 617 14.00 26.37 25.12
C ALA B 617 13.01 27.20 24.33
N LYS B 618 12.07 27.86 25.00
CA LYS B 618 11.14 28.77 24.34
C LYS B 618 11.59 30.22 24.43
N ALA B 619 12.52 30.54 25.33
CA ALA B 619 13.07 31.89 25.40
C ALA B 619 14.23 32.06 24.42
N LEU B 620 15.01 31.00 24.23
CA LEU B 620 16.08 31.04 23.23
C LEU B 620 15.51 31.11 21.82
N ALA B 621 14.51 30.26 21.54
CA ALA B 621 13.89 30.19 20.22
C ALA B 621 13.10 31.44 19.85
N ASP B 622 13.05 32.44 20.73
CA ASP B 622 12.28 33.65 20.46
C ASP B 622 13.12 34.77 19.85
N PHE B 623 14.17 35.21 20.54
CA PHE B 623 14.92 36.36 20.06
C PHE B 623 15.78 36.03 18.86
N LEU B 624 16.06 34.75 18.62
CA LEU B 624 16.71 34.35 17.37
C LEU B 624 15.81 34.52 16.16
N PHE B 625 14.50 34.34 16.32
CA PHE B 625 13.56 34.38 15.21
C PHE B 625 12.50 35.46 15.32
N ASP B 626 12.43 36.19 16.44
CA ASP B 626 11.42 37.22 16.68
C ASP B 626 10.02 36.63 16.78
N ASP B 627 9.89 35.30 16.70
CA ASP B 627 8.62 34.61 16.80
C ASP B 627 8.72 33.57 17.90
N GLU B 628 7.63 32.82 18.08
CA GLU B 628 7.59 31.76 19.08
C GLU B 628 7.19 30.40 18.50
N ARG B 629 6.28 30.36 17.54
CA ARG B 629 5.89 29.13 16.87
C ARG B 629 6.79 28.81 15.69
N ALA B 630 7.98 29.40 15.62
CA ALA B 630 8.90 29.19 14.52
C ALA B 630 9.88 28.05 14.77
N MET B 631 9.72 27.32 15.86
CA MET B 631 10.59 26.18 16.16
C MET B 631 9.82 24.88 15.99
N VAL B 632 10.53 23.87 15.50
CA VAL B 632 9.95 22.53 15.35
C VAL B 632 10.00 21.83 16.69
N ARG B 633 8.82 21.57 17.27
CA ARG B 633 8.70 21.03 18.61
C ARG B 633 7.94 19.72 18.55
N ILE B 634 8.60 18.62 18.91
CA ILE B 634 7.96 17.34 19.10
C ILE B 634 8.15 16.93 20.55
N ASP B 635 7.10 16.38 21.15
CA ASP B 635 7.09 15.98 22.55
C ASP B 635 7.06 14.46 22.61
N MET B 636 8.11 13.86 23.16
CA MET B 636 8.34 12.43 23.08
C MET B 636 7.58 11.63 24.12
N SER B 637 6.52 12.20 24.70
CA SER B 637 5.67 11.46 25.62
C SER B 637 4.68 10.55 24.90
N GLU B 638 4.56 10.69 23.58
CA GLU B 638 3.68 9.84 22.79
C GLU B 638 4.41 8.71 22.10
N TYR B 639 5.74 8.69 22.15
CA TYR B 639 6.52 7.63 21.54
C TYR B 639 6.83 6.56 22.57
N GLY B 640 5.78 6.00 23.17
CA GLY B 640 5.98 4.99 24.21
C GLY B 640 6.33 3.63 23.65
N GLU B 641 5.77 3.28 22.49
CA GLU B 641 6.05 2.02 21.83
C GLU B 641 6.99 2.23 20.66
N LYS B 642 7.82 1.22 20.40
CA LYS B 642 8.95 1.38 19.50
C LYS B 642 8.52 1.47 18.04
N HIS B 643 7.30 1.10 17.69
CA HIS B 643 6.85 1.18 16.31
C HIS B 643 6.46 2.58 15.89
N THR B 644 6.41 3.52 16.83
CA THR B 644 6.04 4.90 16.52
C THR B 644 7.20 5.71 15.93
N VAL B 645 8.36 5.08 15.71
CA VAL B 645 9.49 5.77 15.11
C VAL B 645 9.15 6.24 13.70
N ALA B 646 8.35 5.46 12.98
CA ALA B 646 7.98 5.77 11.60
C ALA B 646 7.25 7.09 11.48
N ARG B 647 6.82 7.66 12.61
CA ARG B 647 6.12 8.93 12.59
C ARG B 647 7.04 10.12 12.36
N LEU B 648 8.36 9.94 12.50
CA LEU B 648 9.32 11.00 12.25
C LEU B 648 10.29 10.65 11.12
N ILE B 649 10.10 9.49 10.49
CA ILE B 649 10.89 9.10 9.32
C ILE B 649 10.03 8.78 8.11
N GLY B 650 8.79 8.35 8.28
CA GLY B 650 7.96 7.97 7.17
C GLY B 650 7.85 6.47 7.03
N ALA B 651 7.09 6.07 6.02
CA ALA B 651 6.93 4.65 5.76
C ALA B 651 7.78 4.22 4.58
N PRO B 652 8.39 3.05 4.62
CA PRO B 652 9.17 2.57 3.49
C PRO B 652 8.30 2.41 2.25
N PRO B 653 8.89 2.38 1.06
CA PRO B 653 8.08 2.29 -0.15
C PRO B 653 7.23 1.03 -0.17
N GLY B 654 5.96 1.20 -0.52
CA GLY B 654 5.04 0.09 -0.60
C GLY B 654 4.00 -0.01 0.50
N TYR B 655 3.75 1.07 1.24
CA TYR B 655 2.80 1.03 2.34
C TYR B 655 1.83 2.21 2.18
N VAL B 656 0.92 2.35 3.15
CA VAL B 656 -0.23 3.23 2.96
C VAL B 656 0.20 4.69 2.88
N GLY B 657 0.79 5.20 3.95
CA GLY B 657 1.25 6.58 3.90
C GLY B 657 2.71 6.66 3.50
N TYR B 658 2.95 6.88 2.22
CA TYR B 658 4.31 6.92 1.69
C TYR B 658 4.61 8.21 0.96
N GLU B 659 3.64 8.74 0.21
CA GLU B 659 3.83 10.03 -0.45
C GLU B 659 3.54 11.17 0.52
N ALA B 660 4.13 11.10 1.70
CA ALA B 660 4.04 12.16 2.69
C ALA B 660 5.34 12.43 3.43
N GLY B 661 6.33 11.55 3.34
CA GLY B 661 7.58 11.75 4.03
C GLY B 661 7.41 11.72 5.54
N GLY B 662 8.48 12.10 6.22
CA GLY B 662 8.45 12.22 7.66
C GLY B 662 7.83 13.54 8.10
N GLN B 663 7.79 13.71 9.42
CA GLN B 663 7.27 14.95 10.00
C GLN B 663 8.38 15.84 10.55
N LEU B 664 9.43 15.25 11.12
CA LEU B 664 10.62 16.02 11.48
C LEU B 664 11.47 16.29 10.25
N THR B 665 11.63 15.27 9.40
CA THR B 665 12.39 15.40 8.17
C THR B 665 11.87 16.55 7.31
N GLU B 666 10.61 16.49 6.92
CA GLU B 666 10.03 17.47 6.02
C GLU B 666 9.70 18.79 6.71
N ALA B 667 10.08 18.94 7.98
CA ALA B 667 9.99 20.22 8.67
C ALA B 667 11.35 20.89 8.81
N VAL B 668 12.41 20.11 8.94
CA VAL B 668 13.75 20.67 8.92
C VAL B 668 14.21 20.95 7.50
N ARG B 669 13.76 20.14 6.55
CA ARG B 669 14.19 20.30 5.17
C ARG B 669 13.73 21.62 4.57
N ARG B 670 12.62 22.17 5.06
CA ARG B 670 12.07 23.38 4.46
C ARG B 670 12.78 24.63 4.96
N ARG B 671 13.05 24.69 6.25
CA ARG B 671 13.81 25.79 6.85
C ARG B 671 14.90 25.22 7.75
N PRO B 672 16.13 25.08 7.26
CA PRO B 672 17.19 24.42 8.03
C PRO B 672 17.91 25.34 9.00
N TYR B 673 17.15 26.13 9.76
CA TYR B 673 17.75 26.97 10.79
C TYR B 673 16.98 26.97 12.11
N THR B 674 15.76 26.46 12.15
CA THR B 674 14.97 26.48 13.38
C THR B 674 15.59 25.57 14.42
N VAL B 675 15.27 25.82 15.69
CA VAL B 675 15.71 24.92 16.75
C VAL B 675 14.67 23.82 16.93
N VAL B 676 15.13 22.67 17.41
CA VAL B 676 14.28 21.49 17.56
C VAL B 676 14.28 21.07 19.02
N LEU B 677 13.10 20.83 19.56
CA LEU B 677 12.89 20.54 20.98
C LEU B 677 12.32 19.15 21.14
N PHE B 678 12.91 18.36 22.04
CA PHE B 678 12.43 17.02 22.37
C PHE B 678 12.00 17.04 23.84
N ASP B 679 10.72 17.33 24.08
CA ASP B 679 10.21 17.36 25.43
C ASP B 679 10.07 15.95 25.99
N GLU B 680 10.42 15.78 27.26
CA GLU B 680 10.23 14.53 28.00
C GLU B 680 10.87 13.34 27.26
N ILE B 681 12.19 13.43 27.08
CA ILE B 681 12.93 12.39 26.38
C ILE B 681 12.95 11.08 27.12
N GLU B 682 12.72 11.09 28.44
CA GLU B 682 12.80 9.85 29.21
C GLU B 682 11.56 8.98 29.01
N LYS B 683 10.45 9.58 28.56
CA LYS B 683 9.20 8.83 28.47
C LYS B 683 9.14 7.98 27.21
N ALA B 684 10.12 8.12 26.32
CA ALA B 684 10.09 7.38 25.07
C ALA B 684 10.66 5.98 25.26
N HIS B 685 10.27 5.08 24.35
CA HIS B 685 10.82 3.73 24.36
C HIS B 685 12.33 3.79 24.12
N PRO B 686 13.11 2.92 24.77
CA PRO B 686 14.57 3.00 24.63
C PRO B 686 15.06 2.45 23.31
N ASP B 687 14.39 2.83 22.21
CA ASP B 687 14.85 2.53 20.86
C ASP B 687 14.73 3.74 19.95
N VAL B 688 14.25 4.87 20.44
CA VAL B 688 14.29 6.11 19.67
C VAL B 688 15.61 6.85 19.90
N PHE B 689 16.22 6.65 21.06
CA PHE B 689 17.58 7.16 21.28
C PHE B 689 18.53 6.63 20.21
N ASP B 690 18.35 5.36 19.82
CA ASP B 690 19.18 4.80 18.77
C ASP B 690 18.93 5.50 17.43
N VAL B 691 17.71 5.96 17.19
CA VAL B 691 17.44 6.73 15.98
C VAL B 691 18.14 8.07 16.04
N LEU B 692 18.04 8.76 17.19
CA LEU B 692 18.72 10.03 17.37
C LEU B 692 20.24 9.91 17.35
N LEU B 693 20.77 8.70 17.56
CA LEU B 693 22.21 8.47 17.68
C LEU B 693 23.03 9.07 16.55
N GLN B 694 22.49 9.22 15.35
CA GLN B 694 23.22 9.80 14.24
C GLN B 694 22.76 11.19 13.86
N VAL B 695 21.60 11.63 14.36
CA VAL B 695 21.25 13.04 14.25
C VAL B 695 22.28 13.88 15.00
N LEU B 696 22.57 13.51 16.23
CA LEU B 696 23.68 14.08 16.96
C LEU B 696 24.99 13.68 16.32
N ASP B 697 25.98 14.56 16.43
CA ASP B 697 27.38 14.29 16.09
C ASP B 697 27.62 14.20 14.58
N GLU B 698 26.56 14.15 13.77
CA GLU B 698 26.72 14.30 12.33
C GLU B 698 25.64 15.13 11.66
N GLY B 699 24.45 15.28 12.24
CA GLY B 699 23.39 16.01 11.59
C GLY B 699 22.93 15.41 10.27
N ARG B 700 22.38 14.19 10.30
CA ARG B 700 21.85 13.56 9.11
C ARG B 700 20.95 12.39 9.47
N LEU B 701 19.77 12.37 8.87
CA LEU B 701 18.92 11.17 8.87
C LEU B 701 18.21 11.11 7.52
N THR B 702 17.80 9.91 7.15
CA THR B 702 17.13 9.67 5.88
C THR B 702 15.64 9.40 6.13
N ASP B 703 14.90 9.23 5.04
CA ASP B 703 13.48 8.91 5.13
C ASP B 703 13.19 7.82 4.09
N GLY B 704 11.90 7.55 3.89
CA GLY B 704 11.50 6.55 2.92
C GLY B 704 12.01 6.82 1.52
N HIS B 705 11.91 8.09 1.09
CA HIS B 705 12.29 8.45 -0.26
C HIS B 705 13.79 8.38 -0.50
N GLY B 706 14.60 8.27 0.54
CA GLY B 706 16.04 8.15 0.41
C GLY B 706 16.79 9.46 0.42
N ARG B 707 16.10 10.60 0.46
CA ARG B 707 16.76 11.88 0.47
C ARG B 707 17.28 12.21 1.87
N THR B 708 18.56 12.57 1.96
CA THR B 708 19.17 12.89 3.24
C THR B 708 18.88 14.34 3.61
N VAL B 709 18.64 14.56 4.90
CA VAL B 709 18.42 15.90 5.45
C VAL B 709 19.52 16.17 6.46
N ASP B 710 20.00 17.41 6.49
CA ASP B 710 21.17 17.79 7.27
C ASP B 710 20.73 18.65 8.47
N PHE B 711 20.96 18.13 9.67
CA PHE B 711 20.74 18.89 10.91
C PHE B 711 22.02 19.58 11.35
N ARG B 712 22.65 20.32 10.44
CA ARG B 712 23.95 20.92 10.70
C ARG B 712 23.89 22.40 11.03
N ASN B 713 22.69 22.98 11.12
CA ASN B 713 22.54 24.41 11.41
C ASN B 713 21.49 24.62 12.48
N THR B 714 21.07 23.55 13.14
CA THR B 714 20.02 23.61 14.14
C THR B 714 20.60 23.38 15.52
N ILE B 715 19.87 23.82 16.54
CA ILE B 715 20.25 23.65 17.93
C ILE B 715 19.29 22.64 18.56
N LEU B 716 19.80 21.45 18.88
CA LEU B 716 19.00 20.39 19.47
C LEU B 716 18.95 20.57 20.98
N ILE B 717 17.78 20.32 21.56
CA ILE B 717 17.56 20.50 22.98
C ILE B 717 16.67 19.36 23.47
N LEU B 718 17.11 18.67 24.52
CA LEU B 718 16.39 17.55 25.10
C LEU B 718 16.16 17.79 26.58
N THR B 719 14.90 17.85 26.98
CA THR B 719 14.51 18.03 28.36
C THR B 719 14.09 16.70 28.97
N SER B 720 14.19 16.61 30.28
CA SER B 720 13.83 15.39 31.00
C SER B 720 13.69 15.73 32.48
N ASN B 721 13.37 14.71 33.28
CA ASN B 721 13.11 14.91 34.70
C ASN B 721 13.75 13.83 35.57
N LEU B 722 14.87 13.25 35.15
CA LEU B 722 15.48 12.18 35.92
C LEU B 722 16.00 12.70 37.25
N GLY B 723 16.14 11.79 38.21
CA GLY B 723 16.61 12.13 39.54
C GLY B 723 15.55 12.83 40.37
N SER B 724 15.20 14.05 39.98
CA SER B 724 14.15 14.85 40.63
C SER B 724 14.40 14.95 42.13
N GLY B 725 15.52 15.59 42.48
CA GLY B 725 15.80 15.83 43.88
C GLY B 725 17.22 15.49 44.32
N GLY B 726 17.86 14.55 43.63
CA GLY B 726 19.24 14.22 43.96
C GLY B 726 20.14 15.43 43.86
N SER B 727 21.15 15.47 44.73
CA SER B 727 22.04 16.63 44.77
C SER B 727 22.79 16.78 43.45
N ALA B 728 23.73 15.86 43.19
CA ALA B 728 24.27 15.71 41.84
C ALA B 728 24.50 14.27 41.42
N GLU B 729 24.73 13.35 42.34
CA GLU B 729 25.16 12.00 41.98
C GLU B 729 23.99 11.07 41.72
N GLN B 730 22.90 11.19 42.49
CA GLN B 730 21.69 10.44 42.18
C GLN B 730 21.21 10.76 40.77
N VAL B 731 21.15 12.05 40.44
CA VAL B 731 20.66 12.46 39.12
C VAL B 731 21.69 12.22 38.03
N LEU B 732 22.99 12.22 38.36
CA LEU B 732 24.01 11.90 37.37
C LEU B 732 24.15 10.40 37.14
N ALA B 733 23.67 9.57 38.06
CA ALA B 733 23.65 8.13 37.86
C ALA B 733 22.35 7.63 37.26
N ALA B 734 21.23 8.34 37.48
CA ALA B 734 19.99 7.97 36.82
C ALA B 734 20.13 8.07 35.30
N VAL B 735 20.73 9.17 34.82
CA VAL B 735 20.94 9.31 33.38
C VAL B 735 21.92 8.27 32.87
N ARG B 736 22.93 7.91 33.68
CA ARG B 736 23.89 6.91 33.26
C ARG B 736 23.26 5.52 33.17
N ALA B 737 22.30 5.23 34.05
CA ALA B 737 21.59 3.95 34.00
C ALA B 737 20.49 3.91 32.95
N THR B 738 19.95 5.07 32.55
CA THR B 738 18.91 5.12 31.54
C THR B 738 19.43 5.25 30.11
N PHE B 739 20.60 5.86 29.90
CA PHE B 739 21.17 5.99 28.58
C PHE B 739 22.48 5.20 28.49
N LYS B 740 22.79 4.74 27.27
CA LYS B 740 23.97 3.94 27.06
C LYS B 740 25.22 4.84 26.99
N PRO B 741 26.42 4.25 27.15
CA PRO B 741 27.64 5.08 27.10
C PRO B 741 28.02 5.50 25.70
N GLU B 742 27.13 5.31 24.74
CA GLU B 742 27.32 5.78 23.37
C GLU B 742 26.35 6.86 22.98
N PHE B 743 25.32 7.12 23.79
CA PHE B 743 24.40 8.22 23.56
C PHE B 743 24.74 9.44 24.40
N ILE B 744 25.33 9.27 25.57
CA ILE B 744 25.80 10.40 26.35
C ILE B 744 27.06 10.98 25.74
N ASN B 745 27.84 10.16 25.05
CA ASN B 745 29.09 10.60 24.44
C ASN B 745 28.87 11.56 23.28
N ARG B 746 27.69 11.55 22.65
CA ARG B 746 27.43 12.44 21.53
C ARG B 746 27.09 13.86 21.99
N LEU B 747 26.54 14.02 23.19
CA LEU B 747 26.04 15.30 23.64
C LEU B 747 27.17 16.25 23.99
N ASP B 748 26.83 17.54 23.99
CA ASP B 748 27.68 18.56 24.60
C ASP B 748 27.45 18.51 26.11
N ASP B 749 27.89 19.54 26.82
CA ASP B 749 27.73 19.59 28.27
C ASP B 749 26.29 19.27 28.67
N VAL B 750 26.15 18.50 29.75
CA VAL B 750 24.84 18.15 30.29
C VAL B 750 24.57 19.06 31.47
N LEU B 751 23.62 19.97 31.31
CA LEU B 751 23.40 21.05 32.27
C LEU B 751 22.40 20.58 33.32
N ILE B 752 22.79 20.68 34.59
CA ILE B 752 21.92 20.33 35.71
C ILE B 752 21.28 21.63 36.19
N PHE B 753 19.97 21.73 36.09
CA PHE B 753 19.28 22.90 36.62
C PHE B 753 19.22 22.81 38.15
N GLU B 754 18.86 23.92 38.78
CA GLU B 754 18.81 24.03 40.22
C GLU B 754 17.38 24.33 40.67
N GLY B 755 17.18 24.30 41.98
CA GLY B 755 15.91 24.71 42.54
C GLY B 755 15.72 26.20 42.47
N LEU B 756 14.73 26.73 43.19
CA LEU B 756 14.47 28.17 43.20
C LEU B 756 14.58 28.68 44.63
N ASN B 757 15.33 29.75 44.80
CA ASN B 757 15.46 30.40 46.10
C ASN B 757 14.27 31.31 46.34
N PRO B 758 13.94 31.58 47.61
CA PRO B 758 12.90 32.58 47.89
C PRO B 758 13.22 33.95 47.35
N GLU B 759 14.51 34.24 47.12
CA GLU B 759 14.88 35.52 46.52
C GLU B 759 14.54 35.55 45.04
N GLU B 760 14.75 34.43 44.34
CA GLU B 760 14.42 34.37 42.91
C GLU B 760 12.96 34.63 42.66
N LEU B 761 12.10 34.21 43.59
CA LEU B 761 10.66 34.18 43.35
C LEU B 761 10.05 35.57 43.21
N VAL B 762 10.69 36.60 43.78
CA VAL B 762 10.12 37.95 43.74
C VAL B 762 10.12 38.49 42.30
N ARG B 763 11.25 38.33 41.61
CA ARG B 763 11.31 38.80 40.23
C ARG B 763 10.36 38.01 39.33
N ILE B 764 10.12 36.73 39.66
CA ILE B 764 9.12 35.96 38.93
C ILE B 764 7.73 36.52 39.19
N VAL B 765 7.45 36.94 40.43
CA VAL B 765 6.18 37.62 40.72
C VAL B 765 6.04 38.85 39.84
N ASP B 766 7.12 39.63 39.72
CA ASP B 766 7.07 40.82 38.88
C ASP B 766 6.80 40.47 37.42
N ILE B 767 7.44 39.42 36.92
CA ILE B 767 7.22 39.01 35.53
C ILE B 767 5.78 38.56 35.32
N GLN B 768 5.25 37.79 36.28
CA GLN B 768 3.87 37.32 36.16
C GLN B 768 2.89 38.48 36.18
N LEU B 769 3.13 39.47 37.05
CA LEU B 769 2.23 40.62 37.12
C LEU B 769 2.32 41.47 35.86
N ALA B 770 3.52 41.59 35.28
CA ALA B 770 3.65 42.28 34.00
C ALA B 770 2.90 41.53 32.90
N GLN B 771 2.99 40.19 32.91
CA GLN B 771 2.24 39.39 31.95
C GLN B 771 0.76 39.64 32.07
N LEU B 772 0.24 39.63 33.30
CA LEU B 772 -1.19 39.87 33.51
C LEU B 772 -1.58 41.27 33.08
N GLY B 773 -0.77 42.27 33.41
CA GLY B 773 -1.07 43.63 33.01
C GLY B 773 -1.11 43.79 31.50
N LYS B 774 -0.19 43.15 30.80
CA LYS B 774 -0.23 43.18 29.34
C LYS B 774 -1.46 42.45 28.81
N ARG B 775 -1.86 41.35 29.45
CA ARG B 775 -3.05 40.63 29.02
C ARG B 775 -4.32 41.42 29.30
N LEU B 776 -4.27 42.37 30.23
CA LEU B 776 -5.43 43.20 30.53
C LEU B 776 -5.51 44.45 29.65
N ALA B 777 -4.45 44.78 28.93
CA ALA B 777 -4.39 46.01 28.14
C ALA B 777 -5.40 46.03 27.00
N GLN B 778 -5.87 44.86 26.54
CA GLN B 778 -6.89 44.84 25.50
C GLN B 778 -8.21 45.42 25.99
N ARG B 779 -8.43 45.44 27.30
CA ARG B 779 -9.58 46.08 27.90
C ARG B 779 -9.28 47.50 28.37
N ARG B 780 -8.05 47.97 28.13
CA ARG B 780 -7.59 49.28 28.59
C ARG B 780 -7.73 49.41 30.11
N LEU B 781 -7.39 48.32 30.79
CA LEU B 781 -7.41 48.24 32.25
C LEU B 781 -5.99 48.02 32.75
N GLN B 782 -5.54 48.86 33.66
CA GLN B 782 -4.29 48.65 34.38
C GLN B 782 -4.59 48.49 35.86
N LEU B 783 -3.57 48.09 36.61
CA LEU B 783 -3.75 47.83 38.04
C LEU B 783 -2.47 48.15 38.79
N GLN B 784 -2.63 48.81 39.93
CA GLN B 784 -1.50 49.19 40.78
C GLN B 784 -1.31 48.15 41.88
N VAL B 785 -0.09 47.66 42.03
CA VAL B 785 0.25 46.70 43.07
C VAL B 785 1.18 47.36 44.08
N SER B 786 0.88 47.19 45.36
CA SER B 786 1.72 47.73 46.41
C SER B 786 2.77 46.70 46.83
N LEU B 787 3.91 47.21 47.29
CA LEU B 787 4.99 46.33 47.74
C LEU B 787 4.55 45.30 48.77
N PRO B 788 3.68 45.61 49.74
CA PRO B 788 3.18 44.54 50.62
C PRO B 788 2.55 43.38 49.86
N ALA B 789 1.73 43.64 48.85
CA ALA B 789 1.13 42.54 48.09
C ALA B 789 2.18 41.86 47.21
N LYS B 790 3.06 42.65 46.61
CA LYS B 790 4.08 42.09 45.72
C LYS B 790 5.06 41.20 46.46
N ARG B 791 5.22 41.39 47.77
CA ARG B 791 6.04 40.47 48.57
C ARG B 791 5.21 39.52 49.40
N TRP B 792 3.89 39.69 49.44
CA TRP B 792 2.99 38.71 50.02
C TRP B 792 2.78 37.52 49.09
N LEU B 793 2.64 37.80 47.80
CA LEU B 793 2.53 36.71 46.82
C LEU B 793 3.76 35.83 46.85
N ALA B 794 4.95 36.45 46.78
CA ALA B 794 6.20 35.69 46.78
C ALA B 794 6.43 34.95 48.08
N GLN B 795 5.78 35.37 49.17
CA GLN B 795 5.90 34.67 50.44
C GLN B 795 4.91 33.53 50.56
N ARG B 796 3.68 33.72 50.06
CA ARG B 796 2.63 32.72 50.17
C ARG B 796 2.75 31.61 49.14
N GLY B 797 3.28 31.89 47.96
CA GLY B 797 3.32 30.90 46.90
C GLY B 797 4.69 30.29 46.67
N PHE B 798 5.38 29.96 47.76
CA PHE B 798 6.70 29.34 47.67
C PHE B 798 6.60 27.87 48.10
N ASP B 799 7.09 26.99 47.24
CA ASP B 799 7.09 25.55 47.51
C ASP B 799 8.36 24.94 46.95
N PRO B 800 9.22 24.37 47.81
CA PRO B 800 10.49 23.82 47.34
C PRO B 800 10.37 22.50 46.59
N VAL B 801 9.16 22.03 46.30
CA VAL B 801 8.95 20.76 45.62
C VAL B 801 8.32 20.96 44.24
N TYR B 802 7.36 21.87 44.12
CA TYR B 802 6.65 22.09 42.86
C TYR B 802 7.19 23.28 42.08
N GLY B 803 8.41 23.71 42.36
CA GLY B 803 9.05 24.76 41.58
C GLY B 803 8.36 26.12 41.66
N ALA B 804 7.80 26.58 40.54
CA ALA B 804 7.22 27.91 40.45
C ALA B 804 5.85 27.92 39.76
N ARG B 805 5.22 26.75 39.64
CA ARG B 805 3.85 26.68 39.12
C ARG B 805 2.81 27.07 40.17
N PRO B 806 2.94 26.68 41.44
CA PRO B 806 1.99 27.16 42.46
C PRO B 806 1.74 28.65 42.42
N LEU B 807 2.75 29.45 42.07
CA LEU B 807 2.57 30.90 42.03
C LEU B 807 1.58 31.31 40.95
N ARG B 808 1.60 30.61 39.81
CA ARG B 808 0.69 30.97 38.72
C ARG B 808 -0.76 30.70 39.09
N ARG B 809 -1.00 29.70 39.93
CA ARG B 809 -2.33 29.45 40.47
C ARG B 809 -2.68 30.39 41.61
N LEU B 810 -1.69 30.78 42.42
CA LEU B 810 -1.95 31.73 43.49
C LEU B 810 -2.36 33.09 42.95
N VAL B 811 -1.67 33.58 41.92
CA VAL B 811 -2.01 34.86 41.33
C VAL B 811 -3.45 34.83 40.82
N GLN B 812 -3.82 33.75 40.14
CA GLN B 812 -5.18 33.61 39.64
C GLN B 812 -6.18 33.60 40.78
N GLN B 813 -6.04 32.65 41.71
CA GLN B 813 -6.96 32.55 42.85
C GLN B 813 -7.11 33.89 43.57
N ALA B 814 -6.01 34.61 43.76
CA ALA B 814 -6.06 35.82 44.57
C ALA B 814 -6.68 36.98 43.81
N ILE B 815 -6.28 37.21 42.56
CA ILE B 815 -6.68 38.42 41.86
C ILE B 815 -7.82 38.14 40.89
N GLY B 816 -7.63 37.17 40.01
CA GLY B 816 -8.45 37.06 38.82
C GLY B 816 -9.91 36.75 39.11
N ASP B 817 -10.16 35.89 40.10
CA ASP B 817 -11.55 35.51 40.37
C ASP B 817 -12.38 36.70 40.84
N GLN B 818 -11.88 37.45 41.84
CA GLN B 818 -12.62 38.63 42.28
C GLN B 818 -12.60 39.73 41.24
N LEU B 819 -11.53 39.84 40.46
CA LEU B 819 -11.50 40.83 39.39
C LEU B 819 -12.56 40.53 38.34
N ALA B 820 -12.80 39.25 38.04
CA ALA B 820 -13.83 38.88 37.09
C ALA B 820 -15.22 39.09 37.69
N LYS B 821 -15.39 38.76 38.97
CA LYS B 821 -16.65 39.02 39.64
C LYS B 821 -17.02 40.50 39.55
N MET B 822 -16.07 41.38 39.88
CA MET B 822 -16.24 42.81 39.64
C MET B 822 -16.58 43.09 38.18
N LEU B 823 -15.70 42.71 37.26
CA LEU B 823 -15.79 43.08 35.86
C LEU B 823 -17.15 42.75 35.24
N LEU B 824 -17.70 41.57 35.53
CA LEU B 824 -19.01 41.23 34.99
C LEU B 824 -20.15 41.48 35.97
N ALA B 825 -19.87 42.02 37.15
CA ALA B 825 -20.92 42.47 38.06
C ALA B 825 -21.14 43.98 38.02
N GLY B 826 -20.40 44.69 37.18
CA GLY B 826 -20.47 46.14 37.15
C GLY B 826 -19.34 46.79 37.92
N GLN B 827 -19.54 48.06 38.25
CA GLN B 827 -18.68 48.88 39.11
C GLN B 827 -17.21 48.86 38.70
N VAL B 828 -16.88 48.27 37.56
CA VAL B 828 -15.54 48.34 36.98
C VAL B 828 -15.71 48.45 35.47
N HIS B 829 -15.25 49.56 34.90
CA HIS B 829 -15.39 49.77 33.47
C HIS B 829 -14.03 50.03 32.83
N ASP B 830 -14.01 50.18 31.50
CA ASP B 830 -12.76 50.39 30.80
C ASP B 830 -12.13 51.72 31.19
N GLY B 831 -10.80 51.75 31.22
CA GLY B 831 -10.05 52.90 31.64
C GLY B 831 -9.75 52.95 33.14
N ASP B 832 -10.46 52.15 33.93
CA ASP B 832 -10.25 52.15 35.37
C ASP B 832 -8.85 51.65 35.72
N THR B 833 -8.35 52.07 36.87
CA THR B 833 -7.07 51.59 37.39
C THR B 833 -7.33 51.01 38.79
N VAL B 834 -7.51 49.70 38.83
CA VAL B 834 -7.88 49.01 40.07
C VAL B 834 -6.64 48.80 40.94
N PRO B 835 -6.62 49.30 42.17
CA PRO B 835 -5.49 49.03 43.06
C PRO B 835 -5.72 47.78 43.90
N VAL B 836 -4.59 47.16 44.26
CA VAL B 836 -4.62 45.98 45.12
C VAL B 836 -3.85 46.30 46.39
N ASN B 837 -4.35 45.76 47.51
CA ASN B 837 -3.74 45.98 48.81
C ASN B 837 -3.89 44.71 49.63
N VAL B 838 -3.23 44.70 50.78
CA VAL B 838 -3.17 43.51 51.63
C VAL B 838 -4.16 43.70 52.79
N SER B 839 -5.30 43.04 52.70
CA SER B 839 -6.14 42.88 53.88
C SER B 839 -5.37 42.04 54.90
N PRO B 840 -5.81 42.03 56.18
CA PRO B 840 -5.09 41.28 57.22
C PRO B 840 -4.49 39.95 56.78
N ASP B 841 -5.24 39.15 56.02
CA ASP B 841 -4.72 37.90 55.49
C ASP B 841 -4.66 37.88 53.96
N ALA B 842 -5.77 38.16 53.28
CA ALA B 842 -5.84 37.99 51.84
C ALA B 842 -5.74 39.34 51.13
N ASP B 843 -5.91 39.34 49.81
CA ASP B 843 -5.84 40.52 48.98
C ASP B 843 -7.24 41.06 48.76
N SER B 844 -7.38 42.38 48.75
CA SER B 844 -8.64 43.04 48.46
C SER B 844 -8.44 44.13 47.42
N LEU B 845 -9.38 44.23 46.49
CA LEU B 845 -9.28 45.22 45.41
C LEU B 845 -9.81 46.58 45.86
N GLN C 159 0.75 36.02 -32.24
CA GLN C 159 -0.67 36.30 -32.02
C GLN C 159 -1.33 35.14 -31.27
N ALA C 160 -0.64 33.99 -31.21
CA ALA C 160 -1.15 32.86 -30.45
C ALA C 160 -1.32 33.20 -28.98
N LEU C 161 -0.45 34.08 -28.45
CA LEU C 161 -0.60 34.54 -27.08
C LEU C 161 -1.97 35.17 -26.85
N GLN C 162 -2.45 35.95 -27.82
CA GLN C 162 -3.75 36.59 -27.70
C GLN C 162 -4.86 35.58 -27.47
N LYS C 163 -4.71 34.38 -28.02
CA LYS C 163 -5.72 33.33 -27.91
C LYS C 163 -5.52 32.44 -26.70
N TYR C 164 -4.28 32.13 -26.33
CA TYR C 164 -4.01 31.15 -25.28
C TYR C 164 -3.39 31.77 -24.03
N SER C 165 -3.55 33.07 -23.82
CA SER C 165 -2.99 33.71 -22.64
C SER C 165 -3.75 34.99 -22.35
N THR C 166 -4.06 35.21 -21.07
CA THR C 166 -4.67 36.45 -20.63
C THR C 166 -3.60 37.52 -20.49
N ASP C 167 -3.96 38.66 -19.92
CA ASP C 167 -3.03 39.76 -19.70
C ASP C 167 -3.07 40.17 -18.24
N LEU C 168 -1.92 40.66 -17.75
CA LEU C 168 -1.80 41.05 -16.35
C LEU C 168 -1.41 42.52 -16.16
N THR C 169 -0.71 43.13 -17.10
CA THR C 169 -0.41 44.56 -17.04
C THR C 169 -1.52 45.42 -17.61
N ALA C 170 -2.03 45.09 -18.80
CA ALA C 170 -3.19 45.78 -19.35
C ALA C 170 -4.43 45.55 -18.52
N ARG C 171 -4.38 44.66 -17.53
CA ARG C 171 -5.43 44.55 -16.52
C ARG C 171 -5.14 45.41 -15.30
N ALA C 172 -3.88 45.78 -15.08
CA ALA C 172 -3.49 46.60 -13.95
C ALA C 172 -3.47 48.09 -14.27
N ARG C 173 -3.53 48.45 -15.56
CA ARG C 173 -3.59 49.87 -15.91
C ARG C 173 -4.94 50.49 -15.59
N GLU C 174 -5.99 49.70 -15.36
CA GLU C 174 -7.31 50.21 -15.05
C GLU C 174 -7.64 50.07 -13.56
N GLY C 175 -6.65 49.79 -12.73
CA GLY C 175 -6.90 49.60 -11.31
C GLY C 175 -7.81 48.44 -11.00
N LYS C 176 -7.90 47.46 -11.90
CA LYS C 176 -8.71 46.27 -11.69
C LYS C 176 -8.03 45.26 -10.77
N LEU C 177 -6.93 45.64 -10.13
CA LEU C 177 -6.21 44.76 -9.21
C LEU C 177 -6.23 45.37 -7.82
N ASP C 178 -6.13 44.50 -6.82
CA ASP C 178 -6.14 44.97 -5.45
C ASP C 178 -4.77 45.53 -5.06
N PRO C 179 -4.71 46.52 -4.18
CA PRO C 179 -3.42 47.06 -3.75
C PRO C 179 -2.59 46.00 -3.04
N VAL C 180 -1.28 46.20 -3.05
CA VAL C 180 -0.33 45.30 -2.40
C VAL C 180 0.51 46.13 -1.44
N ILE C 181 0.60 45.67 -0.19
CA ILE C 181 1.21 46.44 0.88
C ILE C 181 2.35 45.66 1.50
N GLY C 182 3.51 46.31 1.60
CA GLY C 182 4.62 45.65 2.23
C GLY C 182 5.26 44.60 1.33
N ARG C 183 5.95 43.67 1.98
CA ARG C 183 6.63 42.56 1.32
C ARG C 183 7.64 43.08 0.28
N ASP C 184 8.55 43.92 0.78
CA ASP C 184 9.58 44.52 -0.05
C ASP C 184 10.69 43.55 -0.43
N ASN C 185 11.13 42.72 0.53
CA ASN C 185 12.23 41.80 0.27
C ASN C 185 11.87 40.79 -0.80
N GLU C 186 10.64 40.29 -0.78
CA GLU C 186 10.24 39.30 -1.77
C GLU C 186 10.12 39.89 -3.17
N ILE C 187 9.55 41.10 -3.28
CA ILE C 187 9.49 41.76 -4.58
C ILE C 187 10.88 42.05 -5.10
N ARG C 188 11.79 42.48 -4.21
CA ARG C 188 13.15 42.77 -4.64
C ARG C 188 13.85 41.51 -5.12
N ARG C 189 13.67 40.39 -4.42
CA ARG C 189 14.31 39.15 -4.84
C ARG C 189 13.73 38.64 -6.15
N VAL C 190 12.41 38.79 -6.33
CA VAL C 190 11.80 38.40 -7.60
C VAL C 190 12.36 39.25 -8.73
N VAL C 191 12.54 40.55 -8.49
CA VAL C 191 13.05 41.44 -9.52
C VAL C 191 14.51 41.11 -9.85
N GLN C 192 15.33 40.84 -8.84
CA GLN C 192 16.75 40.59 -9.09
C GLN C 192 17.03 39.16 -9.53
N VAL C 193 16.07 38.25 -9.39
CA VAL C 193 16.21 36.94 -10.02
C VAL C 193 15.67 37.00 -11.44
N LEU C 194 14.67 37.84 -11.70
CA LEU C 194 14.07 37.98 -13.01
C LEU C 194 14.95 38.77 -13.98
N SER C 195 16.19 39.06 -13.61
CA SER C 195 17.04 39.90 -14.44
C SER C 195 18.47 39.37 -14.59
N ARG C 196 18.75 38.13 -14.20
CA ARG C 196 20.08 37.59 -14.38
C ARG C 196 20.26 37.12 -15.81
N ARG C 197 21.44 36.54 -16.10
CA ARG C 197 21.76 36.16 -17.47
C ARG C 197 21.06 34.87 -17.87
N THR C 198 21.36 33.78 -17.19
CA THR C 198 20.79 32.47 -17.50
C THR C 198 19.98 31.97 -16.31
N LYS C 199 18.96 31.16 -16.62
CA LYS C 199 18.11 30.53 -15.60
C LYS C 199 17.45 31.58 -14.71
N ASN C 200 16.77 32.53 -15.34
CA ASN C 200 16.06 33.60 -14.63
C ASN C 200 14.59 33.19 -14.49
N ASN C 201 14.35 32.20 -13.63
CA ASN C 201 13.01 31.68 -13.43
C ASN C 201 12.71 31.57 -11.93
N PRO C 202 12.10 32.58 -11.34
CA PRO C 202 11.73 32.51 -9.92
C PRO C 202 10.37 31.84 -9.74
N VAL C 203 10.26 31.08 -8.66
CA VAL C 203 9.02 30.41 -8.29
C VAL C 203 8.74 30.70 -6.82
N LEU C 204 7.51 31.13 -6.53
CA LEU C 204 7.15 31.45 -5.16
C LEU C 204 6.63 30.21 -4.46
N ILE C 205 7.05 30.02 -3.21
CA ILE C 205 6.81 28.79 -2.48
C ILE C 205 6.34 29.16 -1.08
N GLY C 206 5.25 28.55 -0.64
CA GLY C 206 4.70 28.82 0.68
C GLY C 206 3.32 28.21 0.86
N GLU C 207 2.95 27.93 2.11
CA GLU C 207 1.65 27.35 2.46
C GLU C 207 0.52 28.24 1.95
N PRO C 208 -0.66 27.68 1.70
CA PRO C 208 -1.71 28.46 1.02
C PRO C 208 -2.31 29.52 1.92
N GLY C 209 -2.53 30.70 1.35
CA GLY C 209 -3.15 31.83 2.03
C GLY C 209 -2.18 32.94 2.37
N VAL C 210 -0.87 32.66 2.35
CA VAL C 210 0.11 33.65 2.78
C VAL C 210 0.31 34.78 1.78
N GLY C 211 -0.13 34.59 0.54
CA GLY C 211 -0.01 35.63 -0.46
C GLY C 211 1.16 35.40 -1.40
N LYS C 212 0.88 34.85 -2.58
CA LYS C 212 1.92 34.58 -3.57
C LYS C 212 1.53 35.18 -4.91
N THR C 213 0.24 35.10 -5.24
CA THR C 213 -0.27 35.81 -6.40
C THR C 213 -0.30 37.32 -6.16
N ALA C 214 -0.52 37.74 -4.91
CA ALA C 214 -0.51 39.16 -4.59
C ALA C 214 0.87 39.76 -4.82
N ILE C 215 1.93 38.96 -4.63
CA ILE C 215 3.28 39.45 -4.90
C ILE C 215 3.45 39.76 -6.38
N VAL C 216 3.02 38.85 -7.25
CA VAL C 216 3.15 39.08 -8.68
C VAL C 216 2.26 40.24 -9.13
N GLU C 217 1.09 40.38 -8.52
CA GLU C 217 0.24 41.52 -8.86
C GLU C 217 0.86 42.83 -8.42
N GLY C 218 1.48 42.86 -7.24
CA GLY C 218 2.20 44.06 -6.82
C GLY C 218 3.36 44.37 -7.74
N LEU C 219 4.04 43.33 -8.24
CA LEU C 219 5.10 43.54 -9.21
C LEU C 219 4.55 44.14 -10.50
N ALA C 220 3.38 43.67 -10.94
CA ALA C 220 2.77 44.23 -12.14
C ALA C 220 2.43 45.70 -11.94
N GLN C 221 1.83 46.04 -10.79
CA GLN C 221 1.54 47.44 -10.51
C GLN C 221 2.81 48.27 -10.42
N ARG C 222 3.88 47.70 -9.87
CA ARG C 222 5.14 48.42 -9.79
C ARG C 222 5.73 48.67 -11.17
N ILE C 223 5.57 47.70 -12.08
CA ILE C 223 6.02 47.91 -13.46
C ILE C 223 5.21 49.01 -14.13
N VAL C 224 3.88 48.97 -13.96
CA VAL C 224 3.02 50.01 -14.52
C VAL C 224 3.41 51.38 -13.99
N ALA C 225 3.80 51.46 -12.71
CA ALA C 225 4.18 52.74 -12.13
C ALA C 225 5.54 53.20 -12.67
N GLY C 226 6.56 52.37 -12.53
CA GLY C 226 7.88 52.71 -13.02
C GLY C 226 8.98 52.51 -12.00
N ASP C 227 8.66 51.86 -10.89
CA ASP C 227 9.60 51.67 -9.79
C ASP C 227 10.51 50.45 -9.98
N VAL C 228 10.63 49.95 -11.21
CA VAL C 228 11.49 48.81 -11.50
C VAL C 228 12.78 49.32 -12.11
N PRO C 229 13.88 48.55 -12.08
CA PRO C 229 15.11 49.00 -12.73
C PRO C 229 14.96 49.05 -14.24
N GLU C 230 16.00 49.57 -14.89
CA GLU C 230 15.95 49.76 -16.34
C GLU C 230 15.83 48.43 -17.09
N SER C 231 16.32 47.34 -16.48
CA SER C 231 16.33 46.06 -17.18
C SER C 231 14.95 45.41 -17.26
N LEU C 232 13.98 45.89 -16.48
CA LEU C 232 12.63 45.33 -16.47
C LEU C 232 11.56 46.36 -16.83
N ARG C 233 11.97 47.47 -17.44
CA ARG C 233 11.02 48.54 -17.75
C ARG C 233 10.23 48.20 -19.01
N ASP C 234 8.90 48.35 -18.91
CA ASP C 234 7.98 48.14 -20.04
C ASP C 234 8.08 46.72 -20.59
N LYS C 235 7.68 45.75 -19.76
CA LYS C 235 7.80 44.34 -20.13
C LYS C 235 6.47 43.64 -20.36
N THR C 236 5.37 44.16 -19.82
CA THR C 236 4.02 43.66 -20.13
C THR C 236 3.86 42.18 -19.79
N ILE C 237 3.91 41.91 -18.48
CA ILE C 237 3.71 40.55 -17.97
C ILE C 237 2.48 39.90 -18.60
N VAL C 238 2.60 38.62 -18.95
CA VAL C 238 1.53 37.85 -19.56
C VAL C 238 1.28 36.62 -18.70
N ALA C 239 -0.01 36.29 -18.51
CA ALA C 239 -0.41 35.15 -17.71
C ALA C 239 -0.88 34.02 -18.62
N LEU C 240 -0.10 32.94 -18.68
CA LEU C 240 -0.41 31.81 -19.54
C LEU C 240 -1.64 31.07 -19.02
N ASP C 241 -2.11 30.10 -19.79
CA ASP C 241 -3.29 29.31 -19.41
C ASP C 241 -3.11 27.93 -20.04
N LEU C 242 -2.57 26.99 -19.26
CA LEU C 242 -2.35 25.64 -19.76
C LEU C 242 -3.64 24.83 -19.86
N GLY C 243 -4.61 25.09 -19.01
CA GLY C 243 -5.86 24.34 -19.05
C GLY C 243 -6.67 24.62 -20.30
N SER C 244 -6.32 25.68 -21.02
CA SER C 244 -6.99 26.04 -22.25
C SER C 244 -6.15 25.78 -23.49
N MET C 245 -5.00 25.12 -23.34
CA MET C 245 -4.23 24.67 -24.50
C MET C 245 -4.51 23.21 -24.84
N VAL C 246 -4.93 22.41 -23.86
CA VAL C 246 -5.37 21.06 -24.10
C VAL C 246 -6.90 20.98 -24.20
N ALA C 247 -7.56 22.11 -24.46
CA ALA C 247 -9.02 22.15 -24.45
C ALA C 247 -9.60 21.12 -25.43
N GLY C 248 -9.40 21.33 -26.72
CA GLY C 248 -9.63 20.26 -27.67
C GLY C 248 -8.40 19.97 -28.49
N SER C 249 -7.74 18.84 -28.21
CA SER C 249 -6.57 18.42 -28.96
C SER C 249 -6.55 16.90 -29.09
N LYS C 250 -7.71 16.31 -29.39
CA LYS C 250 -7.81 14.85 -29.38
C LYS C 250 -6.95 14.19 -30.45
N TYR C 251 -6.37 14.95 -31.37
CA TYR C 251 -5.61 14.38 -32.46
C TYR C 251 -4.14 14.24 -32.06
N ARG C 252 -3.28 13.99 -33.04
CA ARG C 252 -1.95 13.46 -32.78
C ARG C 252 -0.91 14.53 -32.47
N GLY C 253 -1.09 15.77 -32.94
CA GLY C 253 -0.07 16.78 -32.73
C GLY C 253 -0.57 18.17 -32.39
N GLU C 254 -1.87 18.28 -32.11
CA GLU C 254 -2.48 19.61 -31.95
C GLU C 254 -1.87 20.36 -30.78
N PHE C 255 -1.81 19.74 -29.60
CA PHE C 255 -1.28 20.44 -28.43
C PHE C 255 0.20 20.74 -28.60
N GLU C 256 0.95 19.82 -29.22
CA GLU C 256 2.37 20.06 -29.44
C GLU C 256 2.59 21.28 -30.32
N GLU C 257 1.85 21.38 -31.44
CA GLU C 257 2.04 22.53 -32.31
C GLU C 257 1.51 23.81 -31.68
N ARG C 258 0.47 23.73 -30.85
CA ARG C 258 0.02 24.90 -30.10
C ARG C 258 1.12 25.44 -29.19
N LEU C 259 1.67 24.57 -28.35
CA LEU C 259 2.71 25.01 -27.42
C LEU C 259 3.94 25.49 -28.16
N LYS C 260 4.28 24.84 -29.28
CA LYS C 260 5.45 25.28 -30.04
C LYS C 260 5.21 26.65 -30.67
N ALA C 261 4.00 26.90 -31.15
CA ALA C 261 3.68 28.23 -31.68
C ALA C 261 3.76 29.29 -30.58
N VAL C 262 3.26 28.97 -29.39
CA VAL C 262 3.32 29.92 -28.28
C VAL C 262 4.77 30.23 -27.93
N LEU C 263 5.61 29.19 -27.87
CA LEU C 263 7.03 29.40 -27.56
C LEU C 263 7.72 30.23 -28.65
N ASP C 264 7.40 29.96 -29.92
CA ASP C 264 8.01 30.73 -31.01
C ASP C 264 7.57 32.18 -30.95
N ASP C 265 6.30 32.43 -30.61
CA ASP C 265 5.82 33.80 -30.52
C ASP C 265 6.39 34.53 -29.31
N ILE C 266 6.74 33.80 -28.25
CA ILE C 266 7.43 34.43 -27.13
C ILE C 266 8.87 34.77 -27.52
N LYS C 267 9.55 33.82 -28.18
CA LYS C 267 10.96 34.05 -28.53
C LYS C 267 11.11 35.13 -29.59
N ASN C 268 10.13 35.29 -30.48
CA ASN C 268 10.22 36.30 -31.53
C ASN C 268 10.06 37.71 -31.01
N SER C 269 9.70 37.88 -29.75
CA SER C 269 9.69 39.17 -29.08
C SER C 269 10.97 39.27 -28.25
N ALA C 270 11.78 40.29 -28.52
CA ALA C 270 13.12 40.34 -27.97
C ALA C 270 13.13 40.63 -26.48
N GLY C 271 12.92 39.59 -25.67
CA GLY C 271 13.02 39.72 -24.23
C GLY C 271 12.00 40.66 -23.61
N GLN C 272 10.86 40.85 -24.26
CA GLN C 272 9.82 41.73 -23.73
C GLN C 272 8.84 40.97 -22.86
N ILE C 273 8.17 39.96 -23.43
CA ILE C 273 7.10 39.27 -22.72
C ILE C 273 7.67 38.50 -21.54
N ILE C 274 7.05 38.67 -20.38
CA ILE C 274 7.36 37.90 -19.19
C ILE C 274 6.18 36.97 -18.92
N THR C 275 6.41 35.67 -19.08
CA THR C 275 5.35 34.70 -18.85
C THR C 275 5.16 34.46 -17.35
N PHE C 276 3.93 34.17 -16.97
CA PHE C 276 3.58 33.93 -15.57
C PHE C 276 2.52 32.84 -15.53
N ILE C 277 2.91 31.63 -15.13
CA ILE C 277 1.99 30.51 -14.98
C ILE C 277 1.73 30.31 -13.51
N ASP C 278 0.45 30.32 -13.12
CA ASP C 278 0.05 30.17 -11.74
C ASP C 278 -0.31 28.71 -11.49
N GLU C 279 0.11 28.18 -10.35
CA GLU C 279 0.00 26.75 -10.04
C GLU C 279 0.70 25.93 -11.13
N LEU C 280 2.00 26.15 -11.24
CA LEU C 280 2.73 25.48 -12.32
C LEU C 280 2.95 24.01 -12.07
N HIS C 281 2.53 23.42 -10.95
CA HIS C 281 2.65 21.97 -10.81
C HIS C 281 1.77 21.21 -11.79
N THR C 282 0.85 21.90 -12.47
CA THR C 282 0.02 21.30 -13.49
C THR C 282 0.71 21.24 -14.85
N ILE C 283 1.98 21.60 -14.93
CA ILE C 283 2.72 21.61 -16.18
C ILE C 283 3.57 20.36 -16.37
N VAL C 284 3.56 19.44 -15.42
CA VAL C 284 4.43 18.27 -15.49
C VAL C 284 3.91 17.31 -16.55
N GLY C 285 2.71 16.76 -16.32
CA GLY C 285 2.05 15.95 -17.32
C GLY C 285 1.05 16.72 -18.15
N ALA C 286 1.53 17.67 -18.95
CA ALA C 286 0.63 18.57 -19.66
C ALA C 286 -0.28 17.80 -20.61
N GLY C 287 0.27 17.23 -21.68
CA GLY C 287 -0.48 16.29 -22.48
C GLY C 287 0.31 15.01 -22.72
N ALA C 288 -0.11 13.91 -22.11
CA ALA C 288 0.65 12.67 -22.15
C ALA C 288 -0.17 11.61 -22.86
N THR C 289 0.39 11.07 -23.94
CA THR C 289 -0.28 10.02 -24.72
C THR C 289 0.21 8.64 -24.30
N GLY C 290 0.04 8.30 -23.02
CA GLY C 290 0.49 7.03 -22.51
C GLY C 290 1.93 7.05 -22.06
N ALA C 293 5.17 7.14 -22.12
CA ALA C 293 5.54 8.08 -23.17
C ALA C 293 5.60 9.50 -22.64
N MET C 294 6.81 9.95 -22.28
CA MET C 294 6.98 11.29 -21.73
C MET C 294 7.42 12.27 -22.79
N ASP C 295 6.47 13.01 -23.37
CA ASP C 295 6.77 14.03 -24.37
C ASP C 295 5.96 15.30 -24.14
N ALA C 296 5.85 15.75 -22.89
CA ALA C 296 5.04 16.92 -22.57
C ALA C 296 5.61 17.58 -21.33
N GLY C 297 5.51 18.91 -21.30
CA GLY C 297 5.97 19.70 -20.18
C GLY C 297 7.47 19.91 -20.13
N ASN C 298 8.27 18.94 -20.59
CA ASN C 298 9.70 19.12 -20.76
C ASN C 298 10.06 19.60 -22.16
N MET C 299 9.07 20.14 -22.87
CA MET C 299 9.31 20.78 -24.16
C MET C 299 9.85 22.20 -23.99
N ILE C 300 9.57 22.83 -22.86
CA ILE C 300 10.14 24.14 -22.54
C ILE C 300 11.48 24.03 -21.83
N LYS C 301 11.97 22.82 -21.59
CA LYS C 301 13.21 22.60 -20.85
C LYS C 301 14.44 23.18 -21.54
N PRO C 302 14.63 22.97 -22.86
CA PRO C 302 15.82 23.55 -23.50
C PRO C 302 15.76 25.07 -23.59
N MET C 303 14.55 25.63 -23.50
CA MET C 303 14.40 27.08 -23.55
C MET C 303 14.53 27.71 -22.18
N LEU C 304 14.20 26.98 -21.11
CA LEU C 304 14.29 27.52 -19.76
C LEU C 304 15.74 27.83 -19.39
N ALA C 305 16.62 26.85 -19.55
CA ALA C 305 18.01 26.96 -19.12
C ALA C 305 18.80 28.03 -19.84
N ARG C 306 18.31 28.54 -20.98
CA ARG C 306 19.02 29.57 -21.72
C ARG C 306 18.48 30.97 -21.46
N GLY C 307 17.66 31.15 -20.43
CA GLY C 307 17.15 32.45 -20.07
C GLY C 307 16.45 33.18 -21.19
N GLU C 308 15.51 32.51 -21.85
CA GLU C 308 14.73 33.13 -22.91
C GLU C 308 13.29 33.40 -22.54
N LEU C 309 12.70 32.65 -21.63
CA LEU C 309 11.42 32.97 -21.04
C LEU C 309 11.60 33.07 -19.54
N ARG C 310 10.89 34.01 -18.92
CA ARG C 310 11.08 34.33 -17.51
C ARG C 310 10.30 33.40 -16.59
N LEU C 311 9.00 33.21 -16.84
CA LEU C 311 8.21 32.15 -16.21
C LEU C 311 8.19 32.28 -14.69
N VAL C 312 7.62 33.39 -14.22
CA VAL C 312 7.34 33.55 -12.81
C VAL C 312 6.23 32.57 -12.41
N GLY C 313 6.44 31.84 -11.32
CA GLY C 313 5.48 30.85 -10.90
C GLY C 313 5.16 30.98 -9.42
N ALA C 314 4.19 30.16 -9.00
CA ALA C 314 3.77 30.13 -7.60
C ALA C 314 2.99 28.84 -7.35
N THR C 315 3.48 28.02 -6.41
CA THR C 315 2.81 26.79 -6.03
C THR C 315 2.85 26.64 -4.52
N THR C 316 2.02 25.74 -4.01
CA THR C 316 2.02 25.43 -2.58
C THR C 316 3.32 24.75 -2.19
N LEU C 317 3.71 24.94 -0.93
CA LEU C 317 4.89 24.27 -0.38
C LEU C 317 4.74 22.76 -0.36
N ASP C 318 3.53 22.24 -0.49
CA ASP C 318 3.28 20.80 -0.42
C ASP C 318 3.11 20.14 -1.78
N GLU C 319 2.48 20.80 -2.75
CA GLU C 319 2.34 20.27 -4.09
C GLU C 319 3.59 20.46 -4.93
N TYR C 320 4.69 20.90 -4.32
CA TYR C 320 5.97 21.06 -4.98
C TYR C 320 6.79 19.78 -4.94
N ARG C 321 7.06 19.26 -3.76
CA ARG C 321 7.77 18.00 -3.59
C ARG C 321 6.97 16.82 -4.11
N LYS C 322 5.66 16.98 -4.32
CA LYS C 322 4.81 15.92 -4.80
C LYS C 322 4.72 15.84 -6.31
N HIS C 323 5.09 16.91 -7.03
CA HIS C 323 4.91 16.96 -8.47
C HIS C 323 6.14 17.35 -9.26
N ILE C 324 7.13 18.04 -8.67
CA ILE C 324 8.29 18.54 -9.39
C ILE C 324 9.57 17.84 -8.94
N GLU C 325 9.75 17.71 -7.63
CA GLU C 325 10.92 16.99 -7.13
C GLU C 325 10.92 15.53 -7.57
N LYS C 326 9.76 15.04 -8.06
CA LYS C 326 9.75 13.78 -8.80
C LYS C 326 10.43 13.94 -10.16
N ASP C 327 10.37 15.14 -10.74
CA ASP C 327 10.98 15.45 -12.03
C ASP C 327 12.09 16.46 -11.78
N ALA C 328 12.89 16.19 -10.75
CA ALA C 328 13.93 17.11 -10.28
C ALA C 328 14.99 17.44 -11.33
N ALA C 329 14.90 16.85 -12.52
CA ALA C 329 15.70 17.34 -13.63
C ALA C 329 15.16 18.64 -14.18
N LEU C 330 13.87 18.91 -13.99
CA LEU C 330 13.24 20.19 -14.30
C LEU C 330 13.33 21.17 -13.14
N GLU C 331 13.56 20.65 -11.92
CA GLU C 331 13.53 21.46 -10.72
C GLU C 331 14.75 22.38 -10.59
N ARG C 332 15.90 22.02 -11.15
CA ARG C 332 17.08 22.87 -11.05
C ARG C 332 16.98 24.12 -11.90
N ARG C 333 15.97 24.23 -12.77
CA ARG C 333 15.79 25.41 -13.60
C ARG C 333 14.89 26.44 -12.95
N PHE C 334 14.45 26.20 -11.71
CA PHE C 334 13.61 27.13 -10.98
C PHE C 334 14.35 27.55 -9.71
N GLN C 335 14.20 28.82 -9.34
CA GLN C 335 14.79 29.34 -8.12
C GLN C 335 13.68 29.59 -7.10
N GLN C 336 13.73 28.89 -5.98
CA GLN C 336 12.69 28.96 -4.97
C GLN C 336 12.79 30.27 -4.20
N VAL C 337 11.65 30.91 -3.98
CA VAL C 337 11.56 32.14 -3.21
C VAL C 337 10.56 31.87 -2.09
N TYR C 338 11.06 31.57 -0.90
CA TYR C 338 10.19 31.23 0.21
C TYR C 338 9.38 32.45 0.65
N VAL C 339 8.10 32.22 0.93
CA VAL C 339 7.18 33.28 1.35
C VAL C 339 6.53 32.81 2.65
N GLY C 340 6.96 33.38 3.77
CA GLY C 340 6.38 33.05 5.05
C GLY C 340 5.16 33.89 5.37
N GLU C 341 4.34 33.39 6.28
CA GLU C 341 3.14 34.13 6.62
C GLU C 341 3.50 35.33 7.50
N PRO C 342 2.82 36.46 7.31
CA PRO C 342 3.13 37.65 8.12
C PRO C 342 2.60 37.53 9.54
N SER C 343 2.98 38.45 10.40
CA SER C 343 2.54 38.48 11.78
C SER C 343 1.25 39.27 11.89
N VAL C 344 0.77 39.42 13.13
CA VAL C 344 -0.44 40.19 13.35
C VAL C 344 -0.18 41.68 13.15
N GLU C 345 1.02 42.14 13.54
CA GLU C 345 1.30 43.57 13.50
C GLU C 345 1.32 44.10 12.07
N ASP C 346 1.78 43.28 11.12
CA ASP C 346 1.75 43.71 9.73
C ASP C 346 0.54 43.17 8.98
N THR C 347 -0.16 42.16 9.52
CA THR C 347 -1.49 41.87 9.01
C THR C 347 -2.42 43.06 9.22
N ILE C 348 -2.25 43.77 10.33
CA ILE C 348 -3.01 44.99 10.55
C ILE C 348 -2.73 46.01 9.45
N GLY C 349 -1.45 46.19 9.11
CA GLY C 349 -1.11 47.10 8.03
C GLY C 349 -1.70 46.66 6.69
N ILE C 350 -1.66 45.36 6.41
CA ILE C 350 -2.27 44.84 5.19
C ILE C 350 -3.76 45.16 5.18
N LEU C 351 -4.42 45.04 6.32
CA LEU C 351 -5.86 45.31 6.39
C LEU C 351 -6.15 46.80 6.22
N ARG C 352 -5.33 47.66 6.78
CA ARG C 352 -5.60 49.10 6.82
C ARG C 352 -5.64 49.71 5.42
N GLY C 353 -5.03 49.04 4.44
CA GLY C 353 -5.03 49.57 3.08
C GLY C 353 -6.15 48.98 2.23
N LEU C 354 -6.49 47.71 2.48
CA LEU C 354 -7.60 47.10 1.79
C LEU C 354 -8.95 47.57 2.32
N LYS C 355 -8.97 48.38 3.37
CA LYS C 355 -10.22 48.83 3.97
C LYS C 355 -10.75 50.02 3.16
N ASP C 356 -10.81 49.88 1.84
CA ASP C 356 -11.53 50.84 1.01
C ASP C 356 -12.31 50.22 -0.13
N ARG C 357 -12.03 48.96 -0.50
CA ARG C 357 -12.81 48.30 -1.53
C ARG C 357 -14.05 47.63 -0.97
N TYR C 358 -13.99 47.18 0.27
CA TYR C 358 -15.17 46.60 0.91
C TYR C 358 -16.18 47.68 1.28
N GLU C 359 -15.70 48.85 1.71
CA GLU C 359 -16.61 49.96 1.98
C GLU C 359 -17.37 50.41 0.75
N VAL C 360 -16.80 50.20 -0.44
CA VAL C 360 -17.49 50.60 -1.66
C VAL C 360 -18.34 49.46 -2.21
N HIS C 361 -17.88 48.22 -2.10
CA HIS C 361 -18.71 47.10 -2.53
C HIS C 361 -19.96 47.00 -1.67
N HIS C 362 -19.79 46.89 -0.36
CA HIS C 362 -20.90 46.98 0.58
C HIS C 362 -20.94 48.42 1.11
N GLY C 363 -22.05 49.11 0.87
CA GLY C 363 -22.11 50.52 1.20
C GLY C 363 -22.18 50.79 2.68
N VAL C 364 -21.10 50.47 3.40
CA VAL C 364 -21.00 50.68 4.83
C VAL C 364 -19.63 51.31 5.14
N ARG C 365 -19.37 51.49 6.42
CA ARG C 365 -18.11 52.05 6.89
C ARG C 365 -17.49 51.10 7.91
N ILE C 366 -16.17 50.95 7.84
CA ILE C 366 -15.43 50.00 8.67
C ILE C 366 -14.55 50.77 9.63
N THR C 367 -14.72 50.52 10.92
CA THR C 367 -13.94 51.18 11.95
C THR C 367 -12.58 50.51 12.09
N ASP C 368 -11.53 51.33 12.28
CA ASP C 368 -10.19 50.80 12.48
C ASP C 368 -10.12 49.81 13.64
N SER C 369 -10.93 50.01 14.67
CA SER C 369 -10.98 49.05 15.77
C SER C 369 -11.46 47.69 15.29
N ALA C 370 -12.32 47.66 14.28
CA ALA C 370 -12.78 46.38 13.74
C ALA C 370 -11.63 45.62 13.10
N LEU C 371 -10.75 46.32 12.38
CA LEU C 371 -9.58 45.67 11.79
C LEU C 371 -8.61 45.21 12.88
N VAL C 372 -8.35 46.08 13.86
CA VAL C 372 -7.46 45.73 14.95
C VAL C 372 -7.97 44.50 15.69
N ALA C 373 -9.28 44.37 15.85
CA ALA C 373 -9.84 43.16 16.42
C ALA C 373 -9.63 41.97 15.50
N ALA C 374 -10.23 42.03 14.30
CA ALA C 374 -10.19 40.92 13.35
C ALA C 374 -8.79 40.38 13.11
N ALA C 375 -7.75 41.19 13.31
CA ALA C 375 -6.39 40.68 13.13
C ALA C 375 -5.96 39.78 14.29
N THR C 376 -6.15 40.23 15.52
CA THR C 376 -5.64 39.51 16.68
C THR C 376 -6.64 38.54 17.29
N LEU C 377 -7.90 38.60 16.89
CA LEU C 377 -8.93 37.74 17.47
C LEU C 377 -9.14 36.49 16.63
N SER C 378 -8.65 36.48 15.40
CA SER C 378 -8.67 35.30 14.56
C SER C 378 -7.35 34.53 14.60
N ASP C 379 -6.43 34.93 15.47
CA ASP C 379 -5.18 34.24 15.66
C ASP C 379 -5.23 33.26 16.83
N ARG C 380 -6.22 33.40 17.70
CA ARG C 380 -6.39 32.47 18.81
C ARG C 380 -7.33 31.33 18.45
N TYR C 381 -8.38 31.62 17.68
CA TYR C 381 -9.48 30.68 17.49
C TYR C 381 -9.35 29.90 16.19
N ILE C 382 -9.30 30.61 15.07
CA ILE C 382 -9.17 29.97 13.76
C ILE C 382 -7.71 29.55 13.64
N THR C 383 -7.45 28.26 13.90
CA THR C 383 -6.10 27.74 14.00
C THR C 383 -5.77 26.73 12.89
N ALA C 384 -6.57 26.68 11.84
CA ALA C 384 -6.33 25.77 10.72
C ALA C 384 -6.01 26.51 9.42
N ARG C 385 -5.87 27.84 9.47
CA ARG C 385 -5.58 28.63 8.29
C ARG C 385 -4.47 29.62 8.63
N PHE C 386 -4.10 30.44 7.67
CA PHE C 386 -2.96 31.35 7.79
C PHE C 386 -3.44 32.79 7.67
N LEU C 387 -2.54 33.73 8.00
CA LEU C 387 -3.05 35.01 8.48
C LEU C 387 -2.68 36.22 7.63
N PRO C 388 -2.73 36.15 6.30
CA PRO C 388 -3.13 37.34 5.54
C PRO C 388 -4.58 37.23 5.12
N ASP C 389 -5.15 36.04 5.31
CA ASP C 389 -6.43 35.67 4.72
C ASP C 389 -7.51 35.32 5.73
N LYS C 390 -7.20 34.56 6.78
CA LYS C 390 -8.23 34.19 7.75
C LYS C 390 -8.77 35.42 8.48
N ALA C 391 -8.14 36.57 8.32
CA ALA C 391 -8.60 37.80 8.96
C ALA C 391 -9.43 38.68 8.04
N ILE C 392 -9.29 38.52 6.72
CA ILE C 392 -10.10 39.32 5.80
C ILE C 392 -11.52 38.77 5.72
N ASP C 393 -11.70 37.48 5.95
CA ASP C 393 -13.02 36.88 5.85
C ASP C 393 -13.95 37.40 6.93
N LEU C 394 -13.41 37.67 8.12
CA LEU C 394 -14.22 38.23 9.19
C LEU C 394 -14.75 39.60 8.80
N VAL C 395 -13.89 40.47 8.28
CA VAL C 395 -14.31 41.79 7.84
C VAL C 395 -15.33 41.68 6.72
N ASP C 396 -15.11 40.77 5.78
CA ASP C 396 -16.02 40.62 4.65
C ASP C 396 -17.41 40.20 5.11
N GLU C 397 -17.49 39.14 5.93
CA GLU C 397 -18.79 38.67 6.39
C GLU C 397 -19.45 39.69 7.30
N ALA C 398 -18.67 40.41 8.11
CA ALA C 398 -19.23 41.46 8.95
C ALA C 398 -19.88 42.54 8.10
N ALA C 399 -19.20 43.00 7.06
CA ALA C 399 -19.79 44.02 6.19
C ALA C 399 -21.02 43.49 5.47
N SER C 400 -20.97 42.22 5.04
CA SER C 400 -22.12 41.64 4.35
C SER C 400 -23.34 41.58 5.26
N ARG C 401 -23.16 41.12 6.50
CA ARG C 401 -24.29 41.05 7.42
C ARG C 401 -24.77 42.45 7.79
N LEU C 402 -23.84 43.42 7.88
CA LEU C 402 -24.25 44.78 8.19
C LEU C 402 -25.11 45.35 7.08
N ARG C 403 -24.77 45.06 5.81
CA ARG C 403 -25.62 45.50 4.72
C ARG C 403 -26.98 44.80 4.77
N MET C 404 -26.98 43.49 5.03
CA MET C 404 -28.23 42.76 5.18
C MET C 404 -29.12 43.40 6.22
N GLU C 405 -28.56 43.78 7.37
CA GLU C 405 -29.33 44.41 8.43
C GLU C 405 -29.70 45.86 8.12
N ILE C 406 -28.87 46.56 7.35
CA ILE C 406 -29.25 47.88 6.83
C ILE C 406 -30.43 47.79 5.91
N ASP C 407 -30.65 46.63 5.30
CA ASP C 407 -31.89 46.38 4.59
C ASP C 407 -33.01 46.13 5.60
N SER C 408 -34.13 45.59 5.12
CA SER C 408 -35.30 45.29 5.98
C SER C 408 -34.97 45.64 7.44
N ARG C 409 -35.45 44.81 8.38
CA ARG C 409 -35.20 45.02 9.83
C ARG C 409 -33.90 44.32 10.23
N PRO C 410 -33.46 44.41 11.50
CA PRO C 410 -32.23 43.75 11.93
C PRO C 410 -32.46 42.31 12.43
N VAL C 411 -31.56 41.82 13.29
CA VAL C 411 -31.68 40.44 13.85
C VAL C 411 -32.45 40.49 15.17
N GLU C 412 -32.58 39.36 15.86
CA GLU C 412 -33.31 39.30 17.14
C GLU C 412 -34.74 39.82 16.92
N ILE C 413 -34.97 40.49 15.78
CA ILE C 413 -36.31 41.03 15.43
C ILE C 413 -36.87 40.23 14.24
N ASP C 414 -35.97 39.65 13.43
CA ASP C 414 -36.39 38.85 12.25
C ASP C 414 -36.57 37.38 12.68
N GLU C 415 -35.79 36.93 13.66
CA GLU C 415 -35.89 35.54 14.17
C GLU C 415 -37.26 35.35 14.83
N VAL C 416 -37.54 36.15 15.86
CA VAL C 416 -38.83 36.08 16.61
C VAL C 416 -39.99 36.16 15.59
N GLU C 417 -39.96 37.16 14.71
CA GLU C 417 -41.02 37.33 13.69
C GLU C 417 -41.23 36.01 12.93
N ARG C 418 -40.14 35.42 12.44
CA ARG C 418 -40.23 34.13 11.68
C ARG C 418 -40.85 33.06 12.57
N LEU C 419 -40.27 32.84 13.75
CA LEU C 419 -40.75 31.81 14.71
C LEU C 419 -42.26 31.98 14.93
N VAL C 420 -42.69 33.18 15.34
CA VAL C 420 -44.13 33.48 15.62
C VAL C 420 -44.99 33.01 14.43
N ARG C 421 -44.62 33.41 13.21
CA ARG C 421 -45.40 33.03 11.99
C ARG C 421 -45.61 31.50 11.97
N ARG C 422 -44.51 30.73 11.91
CA ARG C 422 -44.60 29.25 11.85
C ARG C 422 -45.45 28.72 12.99
N LEU C 423 -45.19 29.17 14.22
CA LEU C 423 -45.95 28.72 15.42
C LEU C 423 -47.46 28.81 15.16
N GLU C 424 -47.93 29.97 14.69
CA GLU C 424 -49.37 30.19 14.41
C GLU C 424 -49.92 29.05 13.56
N ILE C 425 -49.27 28.76 12.43
CA ILE C 425 -49.70 27.68 11.49
C ILE C 425 -49.98 26.40 12.30
N GLU C 426 -49.00 25.96 13.09
CA GLU C 426 -49.14 24.72 13.91
C GLU C 426 -50.32 24.87 14.89
N GLU C 427 -50.48 26.06 15.49
CA GLU C 427 -51.57 26.31 16.46
C GLU C 427 -52.93 26.33 15.73
N MET C 428 -52.94 26.74 14.47
CA MET C 428 -54.20 26.82 13.68
C MET C 428 -54.34 25.56 12.81
N ALA C 429 -53.70 24.46 13.20
CA ALA C 429 -53.75 23.19 12.46
C ALA C 429 -53.91 22.03 13.46
N LEU C 430 -53.53 22.26 14.71
CA LEU C 430 -53.64 21.25 15.79
C LEU C 430 -54.97 21.43 16.51
N SER C 431 -55.66 22.55 16.23
CA SER C 431 -56.97 22.84 16.87
C SER C 431 -58.07 21.99 16.23
N LYS C 432 -57.86 21.57 14.98
CA LYS C 432 -58.86 20.74 14.26
C LYS C 432 -58.43 19.27 14.33
N GLU C 433 -58.03 18.82 15.53
CA GLU C 433 -57.58 17.41 15.72
C GLU C 433 -58.44 16.76 16.82
N GLU C 434 -59.46 16.00 16.41
CA GLU C 434 -60.36 15.32 17.40
C GLU C 434 -59.55 14.31 18.21
N ASP C 435 -59.10 14.71 19.41
CA ASP C 435 -58.30 13.82 20.28
C ASP C 435 -58.28 14.40 21.70
N GLU C 436 -57.93 13.56 22.69
CA GLU C 436 -57.86 14.01 24.11
C GLU C 436 -56.40 13.96 24.57
N ALA C 437 -55.61 13.06 23.99
CA ALA C 437 -54.17 12.95 24.36
C ALA C 437 -53.39 14.14 23.80
N SER C 438 -53.99 14.87 22.85
CA SER C 438 -53.34 16.04 22.23
C SER C 438 -53.88 17.33 22.83
N ALA C 439 -54.76 17.22 23.82
CA ALA C 439 -55.37 18.42 24.47
C ALA C 439 -54.33 19.09 25.37
N GLU C 440 -53.36 18.32 25.88
CA GLU C 440 -52.30 18.87 26.76
C GLU C 440 -51.16 19.43 25.91
N ARG C 441 -51.17 19.15 24.60
CA ARG C 441 -50.12 19.63 23.67
C ARG C 441 -50.59 20.91 22.97
N LEU C 442 -51.91 21.02 22.74
CA LEU C 442 -52.48 22.22 22.09
C LEU C 442 -52.60 23.35 23.11
N ALA C 443 -52.63 23.00 24.41
CA ALA C 443 -52.74 24.00 25.49
C ALA C 443 -51.34 24.51 25.87
N LYS C 444 -50.30 23.86 25.36
CA LYS C 444 -48.90 24.26 25.65
C LYS C 444 -48.35 25.06 24.47
N LEU C 445 -48.97 24.90 23.29
CA LEU C 445 -48.52 25.62 22.07
C LEU C 445 -48.95 27.09 22.18
N ARG C 446 -50.14 27.33 22.74
CA ARG C 446 -50.67 28.71 22.90
C ARG C 446 -49.96 29.38 24.09
N SER C 447 -49.44 28.57 25.02
CA SER C 447 -48.73 29.10 26.21
C SER C 447 -47.41 29.75 25.77
N GLU C 448 -46.78 29.19 24.73
CA GLU C 448 -45.49 29.72 24.20
C GLU C 448 -45.78 30.78 23.14
N LEU C 449 -46.71 30.48 22.22
CA LEU C 449 -47.09 31.44 21.14
C LEU C 449 -47.41 32.80 21.74
N ALA C 450 -48.43 32.86 22.60
CA ALA C 450 -48.84 34.13 23.25
C ALA C 450 -47.64 34.75 23.95
N ASP C 451 -46.92 33.94 24.74
CA ASP C 451 -45.73 34.44 25.50
C ASP C 451 -44.78 35.17 24.54
N GLN C 452 -44.29 34.46 23.52
CA GLN C 452 -43.33 35.01 22.52
C GLN C 452 -43.94 36.24 21.83
N LYS C 453 -45.26 36.21 21.58
CA LYS C 453 -45.96 37.34 20.90
C LYS C 453 -45.61 38.64 21.62
N GLU C 454 -45.77 38.67 22.95
CA GLU C 454 -45.46 39.88 23.75
C GLU C 454 -43.99 40.25 23.55
N LYS C 455 -43.09 39.27 23.66
CA LYS C 455 -41.63 39.50 23.49
C LYS C 455 -41.38 40.26 22.19
N LEU C 456 -41.81 39.70 21.06
CA LEU C 456 -41.62 40.35 19.74
C LEU C 456 -42.30 41.72 19.74
N ALA C 457 -43.56 41.77 20.16
CA ALA C 457 -44.35 43.03 20.19
C ALA C 457 -43.54 44.11 20.93
N GLU C 458 -43.06 43.80 22.14
CA GLU C 458 -42.28 44.77 22.95
C GLU C 458 -40.93 45.03 22.29
N LEU C 459 -40.37 44.04 21.60
CA LEU C 459 -39.05 44.18 20.93
C LEU C 459 -39.17 45.21 19.80
N THR C 460 -40.30 45.23 19.11
CA THR C 460 -40.53 46.19 17.99
C THR C 460 -40.57 47.62 18.54
N THR C 461 -41.19 47.80 19.71
CA THR C 461 -41.30 49.14 20.34
C THR C 461 -39.90 49.76 20.49
N ARG C 462 -38.98 49.05 21.13
CA ARG C 462 -37.59 49.55 21.35
C ARG C 462 -37.01 50.07 20.03
N TRP C 463 -37.09 49.26 18.96
CA TRP C 463 -36.55 49.65 17.64
C TRP C 463 -37.08 51.04 17.24
N GLN C 464 -38.40 51.23 17.32
CA GLN C 464 -39.03 52.53 16.96
C GLN C 464 -38.31 53.67 17.68
N ASN C 465 -38.21 53.60 19.01
CA ASN C 465 -37.52 54.65 19.81
C ASN C 465 -36.15 54.94 19.22
N GLU C 466 -35.34 53.90 18.99
CA GLU C 466 -33.97 54.05 18.44
C GLU C 466 -34.02 54.93 17.18
N LYS C 467 -34.91 54.61 16.24
CA LYS C 467 -35.04 55.38 14.97
C LYS C 467 -35.60 56.78 15.26
N ASN C 468 -36.45 56.90 16.29
CA ASN C 468 -37.06 58.21 16.65
C ASN C 468 -35.99 59.15 17.21
N ALA C 469 -35.30 58.72 18.26
CA ALA C 469 -34.24 59.53 18.92
C ALA C 469 -33.24 60.06 17.87
N ILE C 470 -32.76 59.18 17.00
CA ILE C 470 -31.77 59.56 15.94
C ILE C 470 -32.30 60.78 15.17
N GLU C 471 -33.54 60.72 14.71
CA GLU C 471 -34.17 61.83 13.93
C GLU C 471 -34.09 63.14 14.75
N ILE C 472 -34.43 63.07 16.04
CA ILE C 472 -34.43 64.27 16.93
C ILE C 472 -32.99 64.78 17.12
N VAL C 473 -32.01 63.86 17.14
CA VAL C 473 -30.58 64.24 17.33
C VAL C 473 -30.03 64.85 16.04
N ARG C 474 -30.63 64.54 14.89
CA ARG C 474 -30.17 65.08 13.59
C ARG C 474 -30.78 66.45 13.34
N ASP C 475 -31.98 66.50 12.75
CA ASP C 475 -32.65 67.74 12.43
C ASP C 475 -32.05 68.96 13.13
N LEU C 476 -31.76 68.85 14.44
CA LEU C 476 -31.04 69.88 15.19
C LEU C 476 -29.62 70.12 14.69
N LYS C 477 -28.92 69.04 14.23
CA LYS C 477 -27.63 69.14 13.56
C LYS C 477 -27.64 69.95 12.27
N GLU C 478 -28.67 69.70 11.42
CA GLU C 478 -28.92 70.44 10.21
C GLU C 478 -29.26 71.90 10.47
N MET C 528 -29.42 49.67 18.58
CA MET C 528 -29.92 48.55 17.74
C MET C 528 -29.84 48.96 16.26
N LEU C 529 -28.66 48.80 15.64
CA LEU C 529 -28.49 49.15 14.20
C LEU C 529 -27.32 50.12 14.00
N LYS C 530 -26.09 49.68 14.27
CA LYS C 530 -24.87 50.50 14.05
C LYS C 530 -24.61 50.60 12.54
N GLU C 531 -24.53 51.82 12.00
CA GLU C 531 -24.34 52.01 10.54
C GLU C 531 -22.88 51.75 10.16
N GLU C 532 -22.12 51.05 11.02
CA GLU C 532 -20.72 50.75 10.74
C GLU C 532 -20.32 49.54 11.56
N VAL C 533 -19.43 48.72 11.00
CA VAL C 533 -18.98 47.53 11.72
C VAL C 533 -18.07 47.94 12.87
N GLY C 534 -18.02 47.07 13.87
CA GLY C 534 -17.22 47.32 15.05
C GLY C 534 -16.50 46.08 15.53
N PRO C 535 -15.84 46.18 16.67
CA PRO C 535 -15.10 45.03 17.21
C PRO C 535 -16.01 43.95 17.77
N ASP C 536 -17.32 44.10 17.61
CA ASP C 536 -18.27 43.13 18.13
C ASP C 536 -18.87 42.25 17.04
N ASP C 537 -19.08 42.79 15.84
CA ASP C 537 -19.53 41.95 14.74
C ASP C 537 -18.48 40.93 14.34
N ILE C 538 -17.20 41.29 14.50
CA ILE C 538 -16.12 40.33 14.28
C ILE C 538 -16.24 39.17 15.25
N ALA C 539 -16.47 39.47 16.53
CA ALA C 539 -16.65 38.42 17.52
C ALA C 539 -17.89 37.59 17.23
N ASP C 540 -18.95 38.22 16.72
CA ASP C 540 -20.15 37.48 16.36
C ASP C 540 -19.87 36.50 15.22
N VAL C 541 -19.10 36.94 14.22
CA VAL C 541 -18.73 36.05 13.12
C VAL C 541 -17.87 34.90 13.63
N VAL C 542 -16.88 35.20 14.46
CA VAL C 542 -16.03 34.15 15.03
C VAL C 542 -16.83 33.21 15.92
N SER C 543 -17.92 33.67 16.51
CA SER C 543 -18.77 32.80 17.31
C SER C 543 -19.71 31.95 16.46
N ALA C 544 -20.11 32.43 15.29
CA ALA C 544 -20.94 31.64 14.38
C ALA C 544 -20.13 30.71 13.50
N TRP C 545 -18.87 30.46 13.86
CA TRP C 545 -17.96 29.63 13.06
C TRP C 545 -16.84 29.19 13.99
N THR C 546 -16.72 27.88 14.23
CA THR C 546 -15.95 27.38 15.37
C THR C 546 -16.53 27.95 16.67
N GLY C 547 -17.73 27.45 16.99
CA GLY C 547 -18.70 28.16 17.81
C GLY C 547 -18.29 28.50 19.23
N ILE C 548 -17.00 28.45 19.52
CA ILE C 548 -16.43 29.02 20.73
C ILE C 548 -16.98 30.43 20.92
N PRO C 549 -17.53 30.77 22.08
CA PRO C 549 -18.07 32.13 22.27
C PRO C 549 -16.97 33.10 22.64
N ALA C 550 -16.89 34.20 21.90
CA ALA C 550 -15.86 35.22 22.14
C ALA C 550 -16.44 36.63 22.18
N GLY C 551 -17.75 36.77 22.34
CA GLY C 551 -18.36 38.08 22.39
C GLY C 551 -17.98 38.85 23.64
N ARG C 552 -18.73 39.93 23.88
CA ARG C 552 -18.49 40.80 25.02
C ARG C 552 -19.55 40.67 26.10
N LEU C 553 -20.18 39.51 26.23
CA LEU C 553 -21.12 39.22 27.32
C LEU C 553 -22.29 40.22 27.32
N LEU C 554 -23.08 40.16 26.26
CA LEU C 554 -24.06 41.21 25.96
C LEU C 554 -25.38 40.98 26.69
N GLU C 555 -25.30 41.05 28.02
CA GLU C 555 -26.44 41.26 28.90
C GLU C 555 -27.41 40.06 28.90
N GLY C 556 -27.17 39.08 28.05
CA GLY C 556 -27.99 37.88 28.04
C GLY C 556 -27.33 36.79 28.85
N GLU C 557 -26.03 36.93 29.04
CA GLU C 557 -25.23 35.93 29.72
C GLU C 557 -24.72 36.38 31.08
N THR C 558 -24.70 37.69 31.36
CA THR C 558 -24.19 38.17 32.63
C THR C 558 -25.02 37.65 33.79
N ALA C 559 -26.35 37.78 33.70
CA ALA C 559 -27.22 37.27 34.75
C ALA C 559 -27.08 35.77 34.90
N LYS C 560 -27.06 35.04 33.79
CA LYS C 560 -26.94 33.58 33.84
C LYS C 560 -25.66 33.16 34.53
N LEU C 561 -24.53 33.80 34.17
CA LEU C 561 -23.26 33.47 34.80
C LEU C 561 -23.20 33.91 36.25
N LEU C 562 -23.97 34.93 36.63
CA LEU C 562 -24.02 35.33 38.03
C LEU C 562 -24.80 34.30 38.86
N ARG C 563 -25.98 33.92 38.40
CA ARG C 563 -26.77 32.89 39.07
C ARG C 563 -26.45 31.50 38.53
N MET C 564 -25.16 31.17 38.45
CA MET C 564 -24.73 29.89 37.92
C MET C 564 -24.49 28.85 39.01
N GLU C 565 -23.84 29.25 40.11
CA GLU C 565 -23.53 28.30 41.18
C GLU C 565 -24.80 27.73 41.81
N ASP C 566 -25.94 28.40 41.64
CA ASP C 566 -27.19 27.90 42.22
C ASP C 566 -28.11 27.33 41.14
N GLU C 567 -27.93 27.74 39.88
CA GLU C 567 -28.64 27.07 38.80
C GLU C 567 -28.03 25.72 38.49
N LEU C 568 -26.78 25.50 38.93
CA LEU C 568 -26.18 24.18 38.85
C LEU C 568 -26.56 23.31 40.04
N GLY C 569 -27.04 23.91 41.12
CA GLY C 569 -27.49 23.15 42.28
C GLY C 569 -28.86 22.52 42.12
N LYS C 570 -29.52 22.73 40.98
CA LYS C 570 -30.79 22.08 40.68
C LYS C 570 -30.64 20.59 40.44
N ARG C 571 -29.43 20.10 40.19
CA ARG C 571 -29.19 18.70 39.88
C ARG C 571 -28.19 18.02 40.80
N VAL C 572 -27.33 18.77 41.49
CA VAL C 572 -26.37 18.19 42.43
C VAL C 572 -26.46 18.94 43.75
N ILE C 573 -26.50 18.20 44.85
CA ILE C 573 -26.63 18.76 46.18
C ILE C 573 -25.29 18.62 46.90
N GLY C 574 -24.91 19.66 47.62
CA GLY C 574 -23.62 19.66 48.30
C GLY C 574 -22.48 19.92 47.32
N GLN C 575 -21.29 19.46 47.71
CA GLN C 575 -20.06 19.63 46.94
C GLN C 575 -19.89 21.08 46.48
N LYS C 576 -20.17 21.99 47.43
CA LYS C 576 -20.10 23.41 47.14
C LYS C 576 -18.68 23.85 46.82
N ALA C 577 -17.69 23.26 47.49
CA ALA C 577 -16.29 23.63 47.24
C ALA C 577 -15.84 23.27 45.83
N ALA C 578 -16.54 22.35 45.16
CA ALA C 578 -16.27 22.01 43.77
C ALA C 578 -17.13 22.78 42.79
N VAL C 579 -18.41 22.95 43.10
CA VAL C 579 -19.29 23.74 42.24
C VAL C 579 -18.76 25.17 42.12
N THR C 580 -18.35 25.76 43.24
CA THR C 580 -17.85 27.14 43.20
C THR C 580 -16.55 27.23 42.42
N ALA C 581 -15.69 26.21 42.55
CA ALA C 581 -14.44 26.20 41.79
C ALA C 581 -14.70 26.16 40.30
N VAL C 582 -15.59 25.26 39.85
CA VAL C 582 -15.90 25.18 38.42
C VAL C 582 -16.53 26.48 37.93
N SER C 583 -17.43 27.06 38.74
CA SER C 583 -18.06 28.32 38.35
C SER C 583 -17.04 29.43 38.22
N ASP C 584 -16.10 29.53 39.15
CA ASP C 584 -15.05 30.54 39.05
C ASP C 584 -14.19 30.32 37.82
N ALA C 585 -13.86 29.05 37.53
CA ALA C 585 -13.05 28.76 36.36
C ALA C 585 -13.75 29.08 35.05
N VAL C 586 -15.08 29.04 35.01
CA VAL C 586 -15.81 29.45 33.81
C VAL C 586 -15.95 30.96 33.73
N ARG C 587 -16.20 31.61 34.88
CA ARG C 587 -16.39 33.06 34.88
C ARG C 587 -15.11 33.79 34.54
N ARG C 588 -13.99 33.43 35.18
CA ARG C 588 -12.73 34.09 34.86
C ARG C 588 -12.27 33.78 33.45
N SER C 589 -12.86 32.77 32.81
CA SER C 589 -12.59 32.46 31.41
C SER C 589 -13.36 33.38 30.48
N ARG C 590 -14.70 33.43 30.63
CA ARG C 590 -15.46 34.32 29.77
C ARG C 590 -15.43 35.77 30.23
N ALA C 591 -14.61 36.12 31.22
CA ALA C 591 -14.42 37.52 31.58
C ALA C 591 -13.15 38.12 30.97
N GLY C 592 -12.35 37.32 30.28
CA GLY C 592 -11.15 37.83 29.65
C GLY C 592 -10.00 38.03 30.60
N VAL C 593 -9.77 37.07 31.49
CA VAL C 593 -8.75 37.19 32.52
C VAL C 593 -7.82 35.98 32.47
N SER C 594 -8.26 34.91 31.81
CA SER C 594 -7.52 33.67 31.82
C SER C 594 -6.39 33.68 30.80
N ASP C 595 -5.37 32.89 31.08
CA ASP C 595 -4.23 32.73 30.18
C ASP C 595 -4.71 32.22 28.83
N PRO C 596 -4.58 32.98 27.76
CA PRO C 596 -5.20 32.61 26.48
C PRO C 596 -4.62 31.37 25.81
N ASN C 597 -3.49 30.82 26.28
CA ASN C 597 -2.95 29.58 25.73
C ASN C 597 -2.64 28.60 26.86
N ARG C 598 -3.70 27.93 27.33
CA ARG C 598 -3.73 26.71 28.11
C ARG C 598 -5.20 26.44 28.39
N PRO C 599 -5.60 25.18 28.67
CA PRO C 599 -7.02 24.90 28.86
C PRO C 599 -7.65 25.80 29.91
N THR C 600 -8.93 26.13 29.70
CA THR C 600 -9.61 27.05 30.61
C THR C 600 -9.80 26.43 31.98
N GLY C 601 -9.71 25.10 32.08
CA GLY C 601 -9.78 24.43 33.35
C GLY C 601 -9.39 22.97 33.25
N ALA C 602 -8.48 22.54 34.13
CA ALA C 602 -7.99 21.16 34.15
C ALA C 602 -7.81 20.76 35.61
N PHE C 603 -8.84 20.16 36.19
CA PHE C 603 -8.83 19.78 37.60
C PHE C 603 -9.40 18.39 37.76
N MET C 604 -8.90 17.68 38.77
CA MET C 604 -9.33 16.33 39.11
C MET C 604 -9.99 16.37 40.48
N PHE C 605 -11.26 15.97 40.54
CA PHE C 605 -11.97 15.85 41.80
C PHE C 605 -12.26 14.39 42.09
N LEU C 606 -12.05 14.00 43.34
CA LEU C 606 -12.16 12.61 43.76
C LEU C 606 -12.88 12.54 45.11
N GLY C 607 -13.33 11.34 45.44
CA GLY C 607 -14.01 11.11 46.69
C GLY C 607 -14.54 9.69 46.78
N PRO C 608 -15.35 9.40 47.80
CA PRO C 608 -15.92 8.05 47.93
C PRO C 608 -16.97 7.77 46.86
N THR C 609 -17.59 6.60 46.91
CA THR C 609 -18.49 6.17 45.86
C THR C 609 -19.90 6.73 46.06
N GLY C 610 -20.57 7.00 44.93
CA GLY C 610 -21.94 7.46 44.96
C GLY C 610 -22.12 8.84 45.57
N VAL C 611 -21.21 9.78 45.26
CA VAL C 611 -21.21 11.09 45.90
C VAL C 611 -21.69 12.16 44.94
N GLY C 612 -21.34 12.03 43.66
CA GLY C 612 -21.71 13.04 42.69
C GLY C 612 -20.58 13.50 41.80
N LYS C 613 -19.47 12.76 41.82
CA LYS C 613 -18.31 13.12 41.00
C LYS C 613 -18.68 13.18 39.52
N THR C 614 -19.17 12.06 38.98
CA THR C 614 -19.60 12.05 37.58
C THR C 614 -20.84 12.89 37.36
N GLU C 615 -21.68 13.03 38.40
CA GLU C 615 -22.92 13.79 38.24
C GLU C 615 -22.65 15.27 38.02
N LEU C 616 -21.64 15.81 38.71
CA LEU C 616 -21.29 17.22 38.52
C LEU C 616 -20.80 17.46 37.09
N ALA C 617 -20.00 16.54 36.57
CA ALA C 617 -19.52 16.67 35.20
C ALA C 617 -20.65 16.54 34.20
N LYS C 618 -21.62 15.67 34.49
CA LYS C 618 -22.76 15.50 33.60
C LYS C 618 -23.67 16.71 33.63
N ALA C 619 -23.73 17.40 34.78
CA ALA C 619 -24.61 18.56 34.90
C ALA C 619 -23.95 19.82 34.33
N LEU C 620 -22.63 19.94 34.46
CA LEU C 620 -21.94 21.10 33.93
C LEU C 620 -22.07 21.22 32.42
N ALA C 621 -21.90 20.13 31.68
CA ALA C 621 -22.06 20.11 30.24
C ALA C 621 -23.51 20.13 29.80
N ASP C 622 -24.45 20.33 30.72
CA ASP C 622 -25.87 20.31 30.40
C ASP C 622 -26.47 21.70 30.26
N PHE C 623 -25.86 22.72 30.86
CA PHE C 623 -26.35 24.08 30.69
C PHE C 623 -25.43 24.94 29.84
N LEU C 624 -24.21 24.47 29.57
CA LEU C 624 -23.35 25.17 28.62
C LEU C 624 -23.79 24.90 27.19
N PHE C 625 -24.13 23.65 26.88
CA PHE C 625 -24.52 23.25 25.54
C PHE C 625 -26.00 22.92 25.42
N ASP C 626 -26.72 22.81 26.53
CA ASP C 626 -28.12 22.37 26.55
C ASP C 626 -28.28 20.96 26.00
N ASP C 627 -27.19 20.19 25.97
CA ASP C 627 -27.22 18.83 25.46
C ASP C 627 -26.24 17.99 26.26
N GLU C 628 -26.78 17.11 27.10
CA GLU C 628 -25.98 16.23 27.95
C GLU C 628 -25.06 15.31 27.17
N ARG C 629 -25.22 15.19 25.85
CA ARG C 629 -24.36 14.34 25.03
C ARG C 629 -23.39 15.14 24.18
N ALA C 630 -23.21 16.44 24.46
CA ALA C 630 -22.33 17.26 23.65
C ALA C 630 -20.87 17.06 24.03
N MET C 631 -20.60 16.66 25.26
CA MET C 631 -19.23 16.46 25.71
C MET C 631 -18.69 15.15 25.13
N VAL C 632 -17.36 15.02 25.16
CA VAL C 632 -16.67 13.82 24.73
C VAL C 632 -16.28 13.03 25.98
N ARG C 633 -16.71 11.78 26.04
CA ARG C 633 -16.55 10.94 27.21
C ARG C 633 -15.78 9.68 26.84
N ILE C 634 -14.64 9.48 27.47
CA ILE C 634 -13.88 8.24 27.34
C ILE C 634 -13.79 7.58 28.71
N ASP C 635 -13.74 6.25 28.71
CA ASP C 635 -13.73 5.47 29.93
C ASP C 635 -12.34 4.88 30.12
N MET C 636 -11.62 5.37 31.13
CA MET C 636 -10.23 4.99 31.36
C MET C 636 -10.10 3.67 32.09
N SER C 637 -11.18 2.88 32.15
CA SER C 637 -11.07 1.54 32.72
C SER C 637 -10.74 0.51 31.65
N GLU C 638 -11.00 0.83 30.38
CA GLU C 638 -10.65 -0.05 29.27
C GLU C 638 -9.20 0.07 28.87
N TYR C 639 -8.47 1.04 29.41
CA TYR C 639 -7.04 1.20 29.12
C TYR C 639 -6.18 0.49 30.16
N GLY C 640 -6.42 -0.81 30.34
CA GLY C 640 -5.70 -1.56 31.34
C GLY C 640 -4.24 -1.78 30.98
N GLU C 641 -3.95 -1.95 29.70
CA GLU C 641 -2.60 -2.22 29.22
C GLU C 641 -2.09 -1.02 28.43
N LYS C 642 -0.77 -0.81 28.51
CA LYS C 642 -0.17 0.43 27.98
C LYS C 642 -0.40 0.57 26.48
N HIS C 643 -0.47 -0.54 25.75
CA HIS C 643 -0.55 -0.44 24.31
C HIS C 643 -1.90 0.06 23.82
N THR C 644 -2.88 0.24 24.72
CA THR C 644 -4.17 0.79 24.33
C THR C 644 -4.14 2.31 24.20
N VAL C 645 -2.96 2.93 24.24
CA VAL C 645 -2.87 4.38 24.09
C VAL C 645 -3.17 4.78 22.65
N ALA C 646 -2.78 3.94 21.70
CA ALA C 646 -2.95 4.25 20.28
C ALA C 646 -4.40 4.45 19.88
N ARG C 647 -5.36 4.18 20.77
CA ARG C 647 -6.77 4.35 20.47
C ARG C 647 -7.22 5.79 20.54
N LEU C 648 -6.37 6.70 21.00
CA LEU C 648 -6.70 8.12 21.05
C LEU C 648 -5.66 9.00 20.39
N ILE C 649 -4.72 8.44 19.65
CA ILE C 649 -3.71 9.23 18.95
C ILE C 649 -3.61 8.76 17.50
N GLY C 650 -4.19 7.60 17.21
CA GLY C 650 -4.09 7.00 15.90
C GLY C 650 -2.89 6.07 15.79
N ALA C 651 -2.64 5.63 14.55
CA ALA C 651 -1.50 4.78 14.30
C ALA C 651 -0.51 5.48 13.37
N PRO C 652 0.79 5.22 13.53
CA PRO C 652 1.77 5.91 12.68
C PRO C 652 1.59 5.53 11.23
N PRO C 653 2.23 6.26 10.31
CA PRO C 653 2.10 5.93 8.89
C PRO C 653 2.67 4.55 8.59
N GLY C 654 1.96 3.83 7.75
CA GLY C 654 2.37 2.48 7.35
C GLY C 654 1.56 1.35 7.93
N TYR C 655 0.77 1.62 8.97
CA TYR C 655 0.08 0.57 9.70
C TYR C 655 -1.38 0.51 9.28
N VAL C 656 -2.18 -0.29 9.98
CA VAL C 656 -3.51 -0.66 9.49
C VAL C 656 -4.46 0.52 9.58
N GLY C 657 -4.75 0.98 10.80
CA GLY C 657 -5.67 2.09 10.94
C GLY C 657 -4.94 3.41 10.96
N TYR C 658 -4.84 4.04 9.82
CA TYR C 658 -4.06 5.27 9.68
C TYR C 658 -4.86 6.40 9.04
N GLU C 659 -5.73 6.08 8.09
CA GLU C 659 -6.58 7.10 7.48
C GLU C 659 -7.61 7.66 8.45
N ALA C 660 -8.18 6.81 9.31
CA ALA C 660 -9.21 7.28 10.23
C ALA C 660 -8.64 8.25 11.27
N GLY C 661 -7.36 8.11 11.60
CA GLY C 661 -6.76 8.99 12.59
C GLY C 661 -7.04 8.54 14.00
N GLY C 662 -7.15 9.48 14.94
CA GLY C 662 -7.47 9.18 16.31
C GLY C 662 -8.97 9.29 16.59
N GLN C 663 -9.31 9.18 17.87
CA GLN C 663 -10.70 9.28 18.28
C GLN C 663 -10.97 10.43 19.25
N LEU C 664 -9.99 10.82 20.05
CA LEU C 664 -10.07 12.04 20.84
C LEU C 664 -9.61 13.26 20.04
N THR C 665 -8.45 13.16 19.40
CA THR C 665 -7.98 14.22 18.51
C THR C 665 -9.03 14.54 17.45
N GLU C 666 -9.47 13.53 16.70
CA GLU C 666 -10.41 13.75 15.62
C GLU C 666 -11.78 14.20 16.10
N ALA C 667 -12.10 14.00 17.39
CA ALA C 667 -13.40 14.43 17.89
C ALA C 667 -13.33 15.86 18.42
N VAL C 668 -12.15 16.29 18.87
CA VAL C 668 -12.04 17.68 19.34
C VAL C 668 -11.82 18.63 18.17
N ARG C 669 -11.06 18.19 17.16
CA ARG C 669 -10.76 19.06 16.03
C ARG C 669 -12.01 19.66 15.40
N ARG C 670 -13.12 18.93 15.44
CA ARG C 670 -14.42 19.49 15.13
C ARG C 670 -15.14 19.81 16.45
N ARG C 671 -15.81 20.95 16.49
CA ARG C 671 -16.45 21.44 17.70
C ARG C 671 -15.45 21.50 18.86
N PRO C 672 -14.49 22.43 18.84
CA PRO C 672 -13.46 22.53 19.88
C PRO C 672 -13.91 23.31 21.12
N TYR C 673 -15.09 22.97 21.63
CA TYR C 673 -15.64 23.65 22.79
C TYR C 673 -16.22 22.70 23.85
N THR C 674 -16.29 21.41 23.57
CA THR C 674 -16.95 20.47 24.47
C THR C 674 -16.16 20.26 25.75
N VAL C 675 -16.80 19.58 26.71
CA VAL C 675 -16.11 19.12 27.90
C VAL C 675 -15.52 17.73 27.63
N VAL C 676 -14.49 17.38 28.39
CA VAL C 676 -13.77 16.13 28.21
C VAL C 676 -13.70 15.39 29.54
N LEU C 677 -14.13 14.13 29.55
CA LEU C 677 -14.15 13.30 30.74
C LEU C 677 -13.11 12.20 30.66
N PHE C 678 -12.58 11.82 31.81
CA PHE C 678 -11.69 10.66 31.95
C PHE C 678 -12.17 9.90 33.19
N ASP C 679 -13.14 9.01 32.99
CA ASP C 679 -13.72 8.29 34.12
C ASP C 679 -12.77 7.23 34.65
N GLU C 680 -12.64 7.19 35.97
CA GLU C 680 -11.82 6.20 36.68
C GLU C 680 -10.38 6.21 36.16
N ILE C 681 -9.75 7.38 36.29
CA ILE C 681 -8.39 7.57 35.78
C ILE C 681 -7.38 6.65 36.45
N GLU C 682 -7.67 6.11 37.63
CA GLU C 682 -6.70 5.29 38.34
C GLU C 682 -6.69 3.86 37.79
N LYS C 683 -7.73 3.48 37.06
CA LYS C 683 -7.80 2.12 36.54
C LYS C 683 -6.82 1.89 35.41
N ALA C 684 -6.44 2.96 34.70
CA ALA C 684 -5.58 2.82 33.54
C ALA C 684 -4.17 2.42 33.95
N HIS C 685 -3.42 1.93 32.97
CA HIS C 685 -2.02 1.58 33.21
C HIS C 685 -1.22 2.84 33.52
N PRO C 686 -0.19 2.76 34.37
CA PRO C 686 0.55 3.98 34.72
C PRO C 686 1.51 4.43 33.63
N ASP C 687 1.03 4.40 32.38
CA ASP C 687 1.74 4.99 31.26
C ASP C 687 0.83 5.75 30.32
N VAL C 688 -0.49 5.74 30.55
CA VAL C 688 -1.40 6.60 29.82
C VAL C 688 -1.45 8.00 30.41
N PHE C 689 -0.89 8.19 31.60
CA PHE C 689 -0.84 9.52 32.19
C PHE C 689 0.14 10.41 31.44
N ASP C 690 1.25 9.84 30.97
CA ASP C 690 2.29 10.62 30.30
C ASP C 690 1.81 11.25 29.00
N VAL C 691 0.74 10.73 28.40
CA VAL C 691 0.20 11.36 27.20
C VAL C 691 -0.54 12.63 27.55
N LEU C 692 -1.07 12.74 28.77
CA LEU C 692 -1.84 13.90 29.18
C LEU C 692 -0.97 15.06 29.63
N LEU C 693 0.34 14.85 29.79
CA LEU C 693 1.22 15.91 30.24
C LEU C 693 1.19 17.14 29.35
N GLN C 694 1.32 16.96 28.03
CA GLN C 694 1.31 18.06 27.08
C GLN C 694 -0.11 18.53 26.77
N VAL C 695 -1.11 17.98 27.44
CA VAL C 695 -2.48 18.40 27.23
C VAL C 695 -2.97 19.32 28.34
N LEU C 696 -2.43 19.17 29.55
CA LEU C 696 -2.96 19.90 30.70
C LEU C 696 -2.49 21.35 30.74
N ASP C 697 -1.24 21.61 30.34
CA ASP C 697 -0.72 22.97 30.37
C ASP C 697 -0.57 23.59 29.00
N GLU C 698 -0.84 22.84 27.93
CA GLU C 698 -0.98 23.40 26.59
C GLU C 698 -2.09 22.66 25.86
N GLY C 699 -2.76 23.38 24.97
CA GLY C 699 -3.72 22.74 24.10
C GLY C 699 -3.01 22.09 22.94
N ARG C 700 -2.38 20.96 23.19
CA ARG C 700 -1.42 20.39 22.26
C ARG C 700 -1.48 18.87 22.31
N LEU C 701 -1.98 18.25 21.24
CA LEU C 701 -1.92 16.81 21.04
C LEU C 701 -1.79 16.53 19.56
N THR C 702 -0.85 15.67 19.19
CA THR C 702 -0.49 15.43 17.80
C THR C 702 -0.85 14.00 17.43
N ASP C 703 -1.66 13.83 16.39
CA ASP C 703 -2.10 12.52 15.93
C ASP C 703 -1.05 11.93 15.00
N GLY C 704 -1.40 10.84 14.33
CA GLY C 704 -0.43 10.16 13.47
C GLY C 704 -0.08 10.96 12.23
N HIS C 705 -1.07 11.64 11.65
CA HIS C 705 -0.83 12.38 10.41
C HIS C 705 0.10 13.57 10.64
N GLY C 706 0.15 14.07 11.87
CA GLY C 706 1.04 15.17 12.19
C GLY C 706 0.31 16.45 12.55
N ARG C 707 -1.00 16.48 12.40
CA ARG C 707 -1.77 17.65 12.78
C ARG C 707 -1.69 17.86 14.29
N THR C 708 -1.95 19.09 14.71
CA THR C 708 -1.93 19.47 16.12
C THR C 708 -3.25 20.13 16.46
N VAL C 709 -4.08 19.44 17.24
CA VAL C 709 -5.34 20.01 17.70
C VAL C 709 -5.05 20.89 18.91
N ASP C 710 -6.01 21.73 19.29
CA ASP C 710 -5.84 22.69 20.37
C ASP C 710 -6.89 22.43 21.44
N PHE C 711 -6.46 21.97 22.60
CA PHE C 711 -7.34 21.87 23.77
C PHE C 711 -7.21 23.14 24.62
N ARG C 712 -7.33 24.29 23.96
CA ARG C 712 -7.07 25.57 24.63
C ARG C 712 -8.32 26.21 25.21
N ASN C 713 -9.50 25.79 24.79
CA ASN C 713 -10.75 26.33 25.29
C ASN C 713 -11.74 25.22 25.58
N THR C 714 -11.25 24.12 26.13
CA THR C 714 -12.06 23.03 26.63
C THR C 714 -11.86 22.93 28.14
N ILE C 715 -12.71 22.14 28.78
CA ILE C 715 -12.64 21.93 30.22
C ILE C 715 -12.35 20.45 30.45
N LEU C 716 -11.19 20.15 31.02
CA LEU C 716 -10.84 18.76 31.31
C LEU C 716 -11.27 18.40 32.73
N ILE C 717 -11.63 17.13 32.91
CA ILE C 717 -12.14 16.64 34.18
C ILE C 717 -11.64 15.21 34.39
N LEU C 718 -11.14 14.93 35.59
CA LEU C 718 -10.61 13.62 35.93
C LEU C 718 -11.30 13.15 37.21
N THR C 719 -12.07 12.07 37.11
CA THR C 719 -12.67 11.43 38.27
C THR C 719 -11.85 10.22 38.68
N SER C 720 -11.96 9.85 39.94
CA SER C 720 -11.19 8.74 40.49
C SER C 720 -11.80 8.32 41.81
N ASN C 721 -11.20 7.31 42.45
CA ASN C 721 -11.73 6.77 43.69
C ASN C 721 -10.64 6.45 44.71
N LEU C 722 -9.41 6.92 44.50
CA LEU C 722 -8.32 6.61 45.42
C LEU C 722 -8.67 7.06 46.83
N GLY C 723 -8.17 6.31 47.81
CA GLY C 723 -8.44 6.64 49.21
C GLY C 723 -9.91 6.76 49.48
N SER C 724 -10.62 5.63 49.49
CA SER C 724 -12.08 5.62 49.39
C SER C 724 -12.74 6.64 50.30
N GLY C 725 -12.53 6.53 51.61
CA GLY C 725 -13.13 7.48 52.52
C GLY C 725 -12.28 7.76 53.74
N GLY C 726 -10.98 7.53 53.63
CA GLY C 726 -10.07 7.63 54.76
C GLY C 726 -10.12 8.93 55.53
N SER C 727 -9.62 10.00 54.93
CA SER C 727 -9.56 11.31 55.58
C SER C 727 -9.14 12.33 54.52
N ALA C 728 -8.95 13.57 54.94
CA ALA C 728 -8.45 14.63 54.08
C ALA C 728 -6.94 14.54 53.86
N GLU C 729 -6.27 13.57 54.47
CA GLU C 729 -4.83 13.40 54.32
C GLU C 729 -4.42 12.03 53.84
N GLN C 730 -5.12 10.96 54.24
CA GLN C 730 -4.77 9.62 53.77
C GLN C 730 -4.98 9.46 52.27
N VAL C 731 -5.89 10.21 51.68
CA VAL C 731 -6.06 10.19 50.22
C VAL C 731 -5.04 11.08 49.54
N LEU C 732 -4.68 12.20 50.18
CA LEU C 732 -3.64 13.07 49.62
C LEU C 732 -2.25 12.44 49.73
N ALA C 733 -2.13 11.34 50.46
CA ALA C 733 -0.91 10.54 50.48
C ALA C 733 -1.00 9.33 49.57
N ALA C 734 -2.18 9.05 49.01
CA ALA C 734 -2.34 8.03 47.98
C ALA C 734 -2.27 8.60 46.57
N VAL C 735 -2.73 9.83 46.37
CA VAL C 735 -2.52 10.51 45.10
C VAL C 735 -1.03 10.71 44.85
N ARG C 736 -0.32 11.20 45.87
CA ARG C 736 1.12 11.41 45.76
C ARG C 736 1.89 10.13 45.49
N ALA C 737 1.35 8.98 45.88
CA ALA C 737 2.02 7.70 45.65
C ALA C 737 1.58 7.01 44.38
N THR C 738 0.49 7.47 43.76
CA THR C 738 0.02 6.91 42.51
C THR C 738 0.44 7.73 41.29
N PHE C 739 0.28 9.04 41.33
CA PHE C 739 0.67 9.92 40.24
C PHE C 739 2.11 10.39 40.45
N LYS C 740 2.53 11.35 39.64
CA LYS C 740 3.88 11.87 39.69
C LYS C 740 3.87 13.35 40.04
N PRO C 741 5.00 13.90 40.50
CA PRO C 741 5.03 15.35 40.78
C PRO C 741 4.75 16.21 39.56
N GLU C 742 5.37 15.90 38.43
CA GLU C 742 5.15 16.69 37.22
C GLU C 742 3.79 16.46 36.60
N PHE C 743 3.00 15.51 37.12
CA PHE C 743 1.61 15.36 36.70
C PHE C 743 0.65 16.05 37.64
N ILE C 744 0.87 15.96 38.95
CA ILE C 744 0.04 16.70 39.89
C ILE C 744 0.28 18.20 39.73
N ASN C 745 1.47 18.60 39.26
CA ASN C 745 1.76 20.02 39.13
C ASN C 745 1.03 20.68 37.99
N ARG C 746 0.55 19.91 37.01
CA ARG C 746 -0.16 20.49 35.87
C ARG C 746 -1.61 20.84 36.19
N LEU C 747 -2.17 20.29 37.26
CA LEU C 747 -3.59 20.40 37.53
C LEU C 747 -3.93 21.69 38.26
N ASP C 748 -5.21 22.06 38.17
CA ASP C 748 -5.78 23.08 39.03
C ASP C 748 -6.10 22.45 40.39
N ASP C 749 -6.91 23.14 41.20
CA ASP C 749 -7.28 22.61 42.51
C ASP C 749 -7.71 21.16 42.41
N VAL C 750 -7.24 20.35 43.37
CA VAL C 750 -7.60 18.94 43.45
C VAL C 750 -8.73 18.86 44.48
N LEU C 751 -9.95 18.76 43.99
CA LEU C 751 -11.14 18.91 44.82
C LEU C 751 -11.44 17.59 45.52
N ILE C 752 -11.58 17.63 46.84
CA ILE C 752 -12.03 16.46 47.59
C ILE C 752 -13.53 16.51 47.75
N PHE C 753 -14.19 15.41 47.39
CA PHE C 753 -15.64 15.30 47.53
C PHE C 753 -15.98 14.72 48.89
N GLU C 754 -17.06 15.22 49.48
CA GLU C 754 -17.44 14.90 50.85
C GLU C 754 -18.63 13.96 50.86
N GLY C 755 -18.67 13.11 51.87
CA GLY C 755 -19.78 12.20 52.06
C GLY C 755 -21.08 12.94 52.26
N LEU C 756 -22.18 12.22 52.05
CA LEU C 756 -23.50 12.81 52.06
C LEU C 756 -24.08 12.81 53.47
N ASN C 757 -25.12 13.62 53.65
CA ASN C 757 -25.76 13.85 54.94
C ASN C 757 -27.18 13.29 54.96
N PRO C 758 -27.59 12.77 56.11
CA PRO C 758 -29.01 12.43 56.29
C PRO C 758 -29.93 13.62 56.08
N GLU C 759 -29.41 14.83 56.20
CA GLU C 759 -30.18 16.02 55.88
C GLU C 759 -30.37 16.15 54.37
N GLU C 760 -29.29 16.09 53.61
CA GLU C 760 -29.38 16.36 52.17
C GLU C 760 -29.97 15.20 51.39
N LEU C 761 -30.00 13.98 51.95
CA LEU C 761 -30.74 12.91 51.29
C LEU C 761 -32.22 13.26 51.16
N VAL C 762 -32.75 14.01 52.13
CA VAL C 762 -34.14 14.45 52.05
C VAL C 762 -34.34 15.36 50.86
N ARG C 763 -33.33 16.15 50.51
CA ARG C 763 -33.42 17.02 49.34
C ARG C 763 -33.22 16.22 48.05
N ILE C 764 -32.43 15.15 48.13
CA ILE C 764 -32.21 14.30 46.95
C ILE C 764 -33.48 13.54 46.59
N VAL C 765 -34.28 13.19 47.61
CA VAL C 765 -35.54 12.48 47.35
C VAL C 765 -36.43 13.30 46.43
N ASP C 766 -36.44 14.62 46.59
CA ASP C 766 -37.28 15.47 45.75
C ASP C 766 -36.84 15.41 44.30
N ILE C 767 -35.53 15.45 44.05
CA ILE C 767 -35.01 15.32 42.70
C ILE C 767 -35.41 13.99 42.09
N GLN C 768 -35.25 12.91 42.87
CA GLN C 768 -35.59 11.58 42.35
C GLN C 768 -37.07 11.48 41.98
N LEU C 769 -37.94 11.98 42.86
CA LEU C 769 -39.36 11.92 42.58
C LEU C 769 -39.77 12.81 41.42
N ALA C 770 -39.13 13.97 41.28
CA ALA C 770 -39.39 14.81 40.12
C ALA C 770 -38.99 14.11 38.83
N GLN C 771 -37.86 13.41 38.85
CA GLN C 771 -37.45 12.62 37.69
C GLN C 771 -38.49 11.56 37.36
N LEU C 772 -38.94 10.81 38.37
CA LEU C 772 -39.92 9.77 38.12
C LEU C 772 -41.23 10.35 37.60
N GLY C 773 -41.63 11.51 38.10
CA GLY C 773 -42.85 12.14 37.61
C GLY C 773 -42.73 12.62 36.18
N LYS C 774 -41.58 13.21 35.83
CA LYS C 774 -41.36 13.60 34.44
C LYS C 774 -41.31 12.39 33.52
N ARG C 775 -40.89 11.24 34.05
CA ARG C 775 -40.90 10.02 33.25
C ARG C 775 -42.31 9.48 33.07
N LEU C 776 -43.13 9.54 34.11
CA LEU C 776 -44.53 9.12 34.00
C LEU C 776 -45.37 10.08 33.18
N ALA C 777 -44.92 11.32 33.01
CA ALA C 777 -45.65 12.28 32.20
C ALA C 777 -45.89 11.81 30.77
N GLN C 778 -45.20 10.77 30.31
CA GLN C 778 -45.49 10.18 29.00
C GLN C 778 -46.94 9.71 28.93
N ARG C 779 -47.30 8.75 29.80
CA ARG C 779 -48.68 8.31 29.93
C ARG C 779 -49.45 9.18 30.93
N ARG C 780 -48.91 10.36 31.26
CA ARG C 780 -49.64 11.45 31.91
C ARG C 780 -50.07 11.11 33.34
N LEU C 781 -49.48 10.08 33.93
CA LEU C 781 -49.70 9.83 35.34
C LEU C 781 -48.83 10.75 36.19
N GLN C 782 -49.25 10.92 37.45
CA GLN C 782 -48.44 11.63 38.43
C GLN C 782 -48.88 11.15 39.81
N LEU C 783 -48.10 11.53 40.82
CA LEU C 783 -48.24 10.97 42.15
C LEU C 783 -48.47 12.08 43.18
N GLN C 784 -49.06 11.69 44.30
CA GLN C 784 -49.20 12.55 45.47
C GLN C 784 -48.38 11.91 46.58
N VAL C 785 -47.19 12.46 46.84
CA VAL C 785 -46.26 11.93 47.82
C VAL C 785 -46.32 12.78 49.07
N SER C 786 -46.93 12.26 50.13
CA SER C 786 -47.06 12.95 51.38
C SER C 786 -45.72 13.03 52.10
N LEU C 787 -45.54 14.09 52.89
CA LEU C 787 -44.31 14.26 53.65
C LEU C 787 -43.93 13.07 54.52
N PRO C 788 -44.85 12.35 55.18
CA PRO C 788 -44.44 11.13 55.88
C PRO C 788 -43.72 10.13 55.00
N ALA C 789 -44.25 9.86 53.80
CA ALA C 789 -43.57 8.95 52.89
C ALA C 789 -42.28 9.55 52.36
N LYS C 790 -42.29 10.86 52.08
CA LYS C 790 -41.11 11.53 51.57
C LYS C 790 -39.96 11.53 52.56
N ARG C 791 -40.25 11.43 53.86
CA ARG C 791 -39.19 11.29 54.85
C ARG C 791 -38.94 9.85 55.27
N TRP C 792 -39.91 8.95 55.04
CA TRP C 792 -39.63 7.53 55.21
C TRP C 792 -38.62 7.04 54.19
N LEU C 793 -38.78 7.49 52.94
CA LEU C 793 -37.83 7.16 51.89
C LEU C 793 -36.42 7.64 52.23
N ALA C 794 -36.29 8.70 53.01
CA ALA C 794 -34.97 9.19 53.43
C ALA C 794 -34.45 8.50 54.68
N GLN C 795 -35.34 8.19 55.62
CA GLN C 795 -34.93 7.43 56.81
C GLN C 795 -34.37 6.07 56.40
N ARG C 796 -35.11 5.34 55.57
CA ARG C 796 -34.54 4.17 54.93
C ARG C 796 -33.68 4.60 53.74
N GLY C 797 -32.99 3.63 53.15
CA GLY C 797 -32.17 3.92 51.99
C GLY C 797 -31.02 4.88 52.23
N PHE C 798 -30.61 5.03 53.49
CA PHE C 798 -29.44 5.84 53.83
C PHE C 798 -28.32 4.90 54.24
N ASP C 799 -27.26 4.85 53.42
CA ASP C 799 -26.11 4.01 53.70
C ASP C 799 -24.86 4.88 53.64
N PRO C 800 -24.12 5.01 54.74
CA PRO C 800 -22.95 5.90 54.73
C PRO C 800 -21.83 5.40 53.83
N VAL C 801 -21.80 4.11 53.53
CA VAL C 801 -20.72 3.57 52.70
C VAL C 801 -21.05 3.71 51.22
N TYR C 802 -22.24 3.26 50.82
CA TYR C 802 -22.58 3.15 49.40
C TYR C 802 -23.16 4.43 48.80
N GLY C 803 -23.05 5.57 49.50
CA GLY C 803 -23.48 6.82 48.90
C GLY C 803 -24.98 6.92 48.77
N ALA C 804 -25.43 7.50 47.66
CA ALA C 804 -26.84 7.78 47.43
C ALA C 804 -27.46 6.87 46.37
N ARG C 805 -26.78 5.79 46.01
CA ARG C 805 -27.34 4.84 45.05
C ARG C 805 -28.40 3.92 45.67
N PRO C 806 -28.21 3.42 46.90
CA PRO C 806 -29.29 2.63 47.52
C PRO C 806 -30.65 3.29 47.49
N LEU C 807 -30.72 4.62 47.60
CA LEU C 807 -32.02 5.29 47.48
C LEU C 807 -32.62 5.11 46.10
N ARG C 808 -31.78 5.15 45.06
CA ARG C 808 -32.26 4.99 43.69
C ARG C 808 -32.82 3.60 43.44
N ARG C 809 -32.34 2.59 44.15
CA ARG C 809 -32.93 1.26 44.06
C ARG C 809 -34.14 1.10 44.97
N LEU C 810 -34.13 1.74 46.13
CA LEU C 810 -35.25 1.64 47.06
C LEU C 810 -36.51 2.29 46.49
N VAL C 811 -36.34 3.44 45.82
CA VAL C 811 -37.49 4.09 45.19
C VAL C 811 -38.17 3.14 44.22
N GLN C 812 -37.38 2.45 43.39
CA GLN C 812 -37.96 1.50 42.46
C GLN C 812 -38.58 0.31 43.18
N GLN C 813 -37.83 -0.33 44.08
CA GLN C 813 -38.33 -1.51 44.79
C GLN C 813 -39.63 -1.21 45.53
N ALA C 814 -39.85 0.04 45.93
CA ALA C 814 -41.01 0.36 46.75
C ALA C 814 -42.13 1.05 45.99
N ILE C 815 -41.88 1.57 44.78
CA ILE C 815 -42.90 2.25 44.01
C ILE C 815 -43.09 1.64 42.64
N GLY C 816 -41.99 1.38 41.91
CA GLY C 816 -42.11 1.05 40.50
C GLY C 816 -42.74 -0.30 40.24
N ASP C 817 -42.26 -1.35 40.93
CA ASP C 817 -42.84 -2.68 40.73
C ASP C 817 -44.28 -2.72 41.19
N GLN C 818 -44.58 -2.08 42.33
CA GLN C 818 -45.94 -2.03 42.83
C GLN C 818 -46.86 -1.33 41.82
N LEU C 819 -46.40 -0.22 41.26
CA LEU C 819 -47.20 0.51 40.29
C LEU C 819 -47.34 -0.28 38.99
N ALA C 820 -46.31 -1.03 38.60
CA ALA C 820 -46.39 -1.84 37.40
C ALA C 820 -47.44 -2.93 37.56
N LYS C 821 -47.39 -3.66 38.68
CA LYS C 821 -48.41 -4.66 38.94
C LYS C 821 -49.80 -4.05 39.00
N MET C 822 -49.94 -2.91 39.69
CA MET C 822 -51.21 -2.20 39.75
C MET C 822 -51.68 -1.71 38.38
N LEU C 823 -50.75 -1.46 37.46
CA LEU C 823 -51.03 -0.78 36.20
C LEU C 823 -51.38 -1.75 35.07
N LEU C 824 -50.46 -2.66 34.74
CA LEU C 824 -50.75 -3.57 33.64
C LEU C 824 -51.77 -4.63 34.01
N ALA C 825 -52.35 -4.56 35.20
CA ALA C 825 -53.55 -5.31 35.56
C ALA C 825 -54.81 -4.44 35.46
N GLY C 826 -54.82 -3.47 34.56
CA GLY C 826 -55.90 -2.51 34.48
C GLY C 826 -55.94 -1.57 35.66
N GLN C 827 -57.11 -0.94 35.82
CA GLN C 827 -57.56 -0.20 37.01
C GLN C 827 -56.77 1.07 37.28
N VAL C 828 -55.68 1.30 36.54
CA VAL C 828 -54.86 2.49 36.72
C VAL C 828 -54.67 3.13 35.35
N HIS C 829 -55.69 3.02 34.50
CA HIS C 829 -55.66 3.64 33.18
C HIS C 829 -55.19 5.09 33.27
N ASP C 830 -54.52 5.55 32.22
CA ASP C 830 -53.85 6.83 32.21
C ASP C 830 -54.81 7.96 32.55
N GLY C 831 -54.24 9.12 32.89
CA GLY C 831 -55.03 10.20 33.45
C GLY C 831 -54.86 10.36 34.95
N ASP C 832 -55.79 9.77 35.72
CA ASP C 832 -55.90 9.98 37.15
C ASP C 832 -54.55 9.90 37.86
N THR C 833 -54.39 10.73 38.89
CA THR C 833 -53.18 10.74 39.70
C THR C 833 -53.39 9.90 40.96
N VAL C 834 -52.55 8.89 41.13
CA VAL C 834 -52.68 7.98 42.27
C VAL C 834 -51.85 8.51 43.45
N PRO C 835 -52.32 8.34 44.68
CA PRO C 835 -51.56 8.80 45.84
C PRO C 835 -50.66 7.70 46.40
N VAL C 836 -49.68 8.12 47.18
CA VAL C 836 -48.85 7.21 47.95
C VAL C 836 -48.79 7.72 49.38
N ASN C 837 -48.78 6.79 50.34
CA ASN C 837 -48.73 7.15 51.75
C ASN C 837 -48.24 5.94 52.53
N VAL C 838 -47.91 6.18 53.80
CA VAL C 838 -47.17 5.23 54.62
C VAL C 838 -48.12 4.21 55.24
N SER C 839 -47.57 3.04 55.52
CA SER C 839 -48.19 1.98 56.31
C SER C 839 -47.22 1.66 57.44
N PRO C 840 -47.55 0.77 58.40
CA PRO C 840 -46.60 0.44 59.47
C PRO C 840 -45.16 0.19 59.01
N ASP C 841 -44.95 -0.74 58.07
CA ASP C 841 -43.61 -1.06 57.60
C ASP C 841 -43.30 -0.41 56.26
N ALA C 842 -44.11 -0.70 55.24
CA ALA C 842 -43.90 -0.18 53.89
C ALA C 842 -44.89 0.94 53.62
N ASP C 843 -44.96 1.35 52.35
CA ASP C 843 -45.95 2.33 51.91
C ASP C 843 -46.82 1.71 50.82
N SER C 844 -48.09 2.12 50.79
CA SER C 844 -49.07 1.55 49.89
C SER C 844 -49.56 2.61 48.93
N LEU C 845 -50.04 2.14 47.77
CA LEU C 845 -50.53 3.04 46.73
C LEU C 845 -52.05 3.12 46.76
N GLN D 159 -25.35 27.65 -24.05
CA GLN D 159 -25.98 26.43 -24.53
C GLN D 159 -25.27 25.20 -23.96
N ALA D 160 -24.26 25.43 -23.14
CA ALA D 160 -23.54 24.34 -22.48
C ALA D 160 -24.13 24.01 -21.12
N LEU D 161 -24.39 25.02 -20.29
CA LEU D 161 -25.01 24.76 -18.99
C LEU D 161 -26.52 24.64 -19.09
N GLN D 162 -26.98 23.90 -20.09
CA GLN D 162 -28.36 23.44 -20.15
C GLN D 162 -28.50 22.00 -20.62
N LYS D 163 -27.47 21.42 -21.22
CA LYS D 163 -27.40 19.99 -21.45
C LYS D 163 -26.56 19.29 -20.39
N TYR D 164 -26.01 20.05 -19.44
CA TYR D 164 -25.27 19.50 -18.32
C TYR D 164 -25.76 20.04 -16.97
N SER D 165 -26.95 20.63 -16.90
CA SER D 165 -27.42 21.26 -15.68
C SER D 165 -28.94 21.28 -15.64
N THR D 166 -29.49 21.14 -14.44
CA THR D 166 -30.91 21.35 -14.21
C THR D 166 -31.12 22.80 -13.79
N ASP D 167 -32.31 23.12 -13.28
CA ASP D 167 -32.62 24.49 -12.86
C ASP D 167 -33.50 24.40 -11.62
N LEU D 168 -32.88 24.52 -10.44
CA LEU D 168 -33.62 24.43 -9.19
C LEU D 168 -34.64 25.54 -9.04
N THR D 169 -34.29 26.76 -9.45
CA THR D 169 -35.21 27.88 -9.31
C THR D 169 -36.46 27.67 -10.16
N ALA D 170 -36.28 27.39 -11.45
CA ALA D 170 -37.42 27.09 -12.32
C ALA D 170 -38.13 25.80 -11.94
N ARG D 171 -37.51 24.97 -11.09
CA ARG D 171 -38.19 23.77 -10.60
C ARG D 171 -39.03 24.10 -9.37
N ALA D 172 -38.66 25.14 -8.63
CA ALA D 172 -39.42 25.55 -7.47
C ALA D 172 -40.72 26.26 -7.85
N ARG D 173 -40.74 26.98 -8.97
CA ARG D 173 -41.96 27.65 -9.41
C ARG D 173 -43.09 26.68 -9.71
N GLU D 174 -42.78 25.46 -10.11
CA GLU D 174 -43.80 24.44 -10.37
C GLU D 174 -44.27 23.72 -9.12
N GLY D 175 -43.75 24.11 -7.95
CA GLY D 175 -44.16 23.48 -6.71
C GLY D 175 -43.61 22.08 -6.52
N LYS D 176 -42.69 21.67 -7.40
CA LYS D 176 -42.10 20.34 -7.31
C LYS D 176 -40.93 20.32 -6.32
N LEU D 177 -41.19 20.80 -5.10
CA LEU D 177 -40.22 20.81 -4.03
C LEU D 177 -40.94 20.59 -2.71
N ASP D 178 -40.17 20.53 -1.63
CA ASP D 178 -40.81 20.23 -0.35
C ASP D 178 -40.81 21.47 0.54
N PRO D 179 -41.80 21.58 1.44
CA PRO D 179 -41.89 22.75 2.31
C PRO D 179 -40.87 22.74 3.44
N VAL D 180 -39.67 23.25 3.18
CA VAL D 180 -38.62 23.28 4.20
C VAL D 180 -39.09 24.09 5.40
N ILE D 181 -39.03 23.49 6.58
CA ILE D 181 -39.55 24.07 7.82
C ILE D 181 -38.38 24.35 8.74
N GLY D 182 -38.28 25.59 9.20
CA GLY D 182 -37.28 25.95 10.21
C GLY D 182 -35.90 26.18 9.66
N ARG D 183 -34.88 26.05 10.52
CA ARG D 183 -33.49 26.21 10.14
C ARG D 183 -33.24 27.58 9.50
N ASP D 184 -33.45 28.63 10.29
CA ASP D 184 -33.29 29.98 9.79
C ASP D 184 -31.84 30.46 9.88
N ASN D 185 -31.12 30.07 10.93
CA ASN D 185 -29.73 30.49 11.08
C ASN D 185 -28.88 30.00 9.93
N GLU D 186 -29.12 28.77 9.48
CA GLU D 186 -28.34 28.22 8.38
C GLU D 186 -28.59 28.95 7.08
N ILE D 187 -29.86 29.24 6.76
CA ILE D 187 -30.14 29.99 5.54
C ILE D 187 -29.56 31.40 5.63
N ARG D 188 -29.65 32.03 6.80
CA ARG D 188 -29.04 33.34 6.96
C ARG D 188 -27.54 33.32 6.73
N ARG D 189 -26.83 32.34 7.29
CA ARG D 189 -25.39 32.31 7.08
C ARG D 189 -25.05 31.97 5.64
N VAL D 190 -25.82 31.07 5.02
CA VAL D 190 -25.58 30.76 3.60
C VAL D 190 -25.74 32.02 2.76
N VAL D 191 -26.76 32.82 3.04
CA VAL D 191 -26.97 34.05 2.27
C VAL D 191 -25.84 35.03 2.51
N GLN D 192 -25.47 35.27 3.77
CA GLN D 192 -24.47 36.29 4.05
C GLN D 192 -23.07 35.85 3.63
N VAL D 193 -22.85 34.56 3.43
CA VAL D 193 -21.60 34.11 2.83
C VAL D 193 -21.66 34.13 1.31
N LEU D 194 -22.84 33.93 0.74
CA LEU D 194 -23.02 33.94 -0.70
C LEU D 194 -23.09 35.35 -1.26
N SER D 195 -23.23 36.37 -0.42
CA SER D 195 -23.39 37.74 -0.88
C SER D 195 -22.23 38.61 -0.38
N ARG D 196 -21.00 38.12 -0.49
CA ARG D 196 -19.84 38.92 -0.16
C ARG D 196 -19.02 39.19 -1.42
N ARG D 197 -17.86 39.82 -1.25
CA ARG D 197 -17.10 40.33 -2.39
C ARG D 197 -16.25 39.26 -3.04
N THR D 198 -15.30 38.69 -2.29
CA THR D 198 -14.41 37.65 -2.82
C THR D 198 -14.55 36.39 -1.97
N LYS D 199 -14.40 35.24 -2.64
CA LYS D 199 -14.44 33.94 -1.98
C LYS D 199 -15.75 33.75 -1.23
N ASN D 200 -16.83 33.69 -2.00
CA ASN D 200 -18.20 33.63 -1.47
C ASN D 200 -18.79 32.23 -1.64
N ASN D 201 -17.97 31.20 -1.39
CA ASN D 201 -18.38 29.83 -1.62
C ASN D 201 -18.67 29.14 -0.30
N PRO D 202 -19.92 28.84 0.01
CA PRO D 202 -20.24 28.09 1.23
C PRO D 202 -20.32 26.59 0.98
N VAL D 203 -20.09 25.84 2.05
CA VAL D 203 -20.15 24.38 2.01
C VAL D 203 -20.95 23.92 3.23
N LEU D 204 -21.95 23.07 2.99
CA LEU D 204 -22.81 22.58 4.07
C LEU D 204 -22.27 21.23 4.54
N ILE D 205 -21.68 21.25 5.74
CA ILE D 205 -21.11 20.04 6.31
C ILE D 205 -22.05 19.48 7.37
N GLY D 206 -22.14 18.15 7.42
CA GLY D 206 -22.96 17.50 8.43
C GLY D 206 -23.03 16.00 8.25
N GLU D 207 -23.53 15.30 9.27
CA GLU D 207 -23.69 13.86 9.24
C GLU D 207 -24.71 13.48 8.16
N PRO D 208 -24.73 12.23 7.69
CA PRO D 208 -25.63 11.89 6.58
C PRO D 208 -27.09 11.88 7.01
N GLY D 209 -27.91 12.64 6.29
CA GLY D 209 -29.34 12.66 6.52
C GLY D 209 -29.83 13.69 7.50
N VAL D 210 -29.09 14.77 7.72
CA VAL D 210 -29.45 15.77 8.72
C VAL D 210 -30.08 17.02 8.11
N GLY D 211 -30.28 17.04 6.79
CA GLY D 211 -30.92 18.15 6.14
C GLY D 211 -30.02 19.08 5.35
N LYS D 212 -29.04 18.55 4.63
CA LYS D 212 -28.10 19.42 3.93
C LYS D 212 -28.67 19.94 2.63
N THR D 213 -29.29 19.06 1.83
CA THR D 213 -29.89 19.50 0.57
C THR D 213 -31.18 20.29 0.80
N ALA D 214 -31.92 19.96 1.86
CA ALA D 214 -33.15 20.68 2.17
C ALA D 214 -32.88 22.16 2.40
N ILE D 215 -31.70 22.51 2.92
CA ILE D 215 -31.34 23.92 3.11
C ILE D 215 -31.26 24.64 1.77
N VAL D 216 -30.66 23.98 0.77
CA VAL D 216 -30.55 24.61 -0.54
C VAL D 216 -31.92 24.69 -1.21
N GLU D 217 -32.75 23.67 -1.02
CA GLU D 217 -34.11 23.72 -1.55
C GLU D 217 -34.90 24.86 -0.92
N GLY D 218 -34.75 25.05 0.39
CA GLY D 218 -35.42 26.16 1.05
C GLY D 218 -34.91 27.51 0.56
N LEU D 219 -33.60 27.59 0.30
CA LEU D 219 -33.05 28.82 -0.27
C LEU D 219 -33.63 29.10 -1.66
N ALA D 220 -33.81 28.05 -2.45
CA ALA D 220 -34.42 28.22 -3.77
C ALA D 220 -35.86 28.72 -3.65
N GLN D 221 -36.63 28.13 -2.73
CA GLN D 221 -38.00 28.59 -2.50
C GLN D 221 -38.02 30.03 -2.02
N ARG D 222 -37.06 30.41 -1.17
CA ARG D 222 -36.99 31.77 -0.67
C ARG D 222 -36.66 32.76 -1.78
N ILE D 223 -35.78 32.37 -2.71
CA ILE D 223 -35.47 33.23 -3.85
C ILE D 223 -36.68 33.37 -4.76
N VAL D 224 -37.37 32.27 -5.02
CA VAL D 224 -38.57 32.33 -5.87
C VAL D 224 -39.62 33.23 -5.25
N ALA D 225 -39.82 33.12 -3.93
CA ALA D 225 -40.83 33.91 -3.24
C ALA D 225 -40.42 35.37 -3.03
N GLY D 226 -39.17 35.72 -3.32
CA GLY D 226 -38.72 37.09 -3.12
C GLY D 226 -38.62 37.46 -1.65
N ASP D 227 -37.71 36.78 -0.93
CA ASP D 227 -37.53 37.01 0.50
C ASP D 227 -36.05 37.12 0.87
N VAL D 228 -35.22 37.59 -0.04
CA VAL D 228 -33.77 37.63 0.15
C VAL D 228 -33.31 39.08 0.15
N PRO D 229 -32.04 39.37 0.47
CA PRO D 229 -31.56 40.76 0.34
C PRO D 229 -31.60 41.26 -1.10
N GLU D 230 -31.22 42.53 -1.30
CA GLU D 230 -31.46 43.16 -2.60
C GLU D 230 -30.58 42.56 -3.69
N SER D 231 -29.34 42.20 -3.36
CA SER D 231 -28.47 41.61 -4.38
C SER D 231 -28.55 40.08 -4.38
N LEU D 232 -29.79 39.56 -4.38
CA LEU D 232 -30.03 38.14 -4.57
C LEU D 232 -31.30 37.87 -5.35
N ARG D 233 -31.86 38.88 -6.03
CA ARG D 233 -33.13 38.73 -6.72
C ARG D 233 -32.91 38.10 -8.09
N ASP D 234 -33.66 37.04 -8.38
CA ASP D 234 -33.66 36.38 -9.68
C ASP D 234 -32.25 35.92 -10.06
N LYS D 235 -31.74 34.97 -9.27
CA LYS D 235 -30.39 34.45 -9.47
C LYS D 235 -30.36 33.05 -10.04
N THR D 236 -31.50 32.35 -10.06
CA THR D 236 -31.66 31.11 -10.81
C THR D 236 -30.53 30.11 -10.52
N ILE D 237 -30.51 29.63 -9.28
CA ILE D 237 -29.47 28.70 -8.87
C ILE D 237 -29.50 27.46 -9.77
N VAL D 238 -28.33 26.94 -10.10
CA VAL D 238 -28.16 25.89 -11.10
C VAL D 238 -27.43 24.73 -10.45
N ALA D 239 -27.90 23.51 -10.73
CA ALA D 239 -27.35 22.29 -10.14
C ALA D 239 -26.60 21.51 -11.21
N LEU D 240 -25.27 21.59 -11.18
CA LEU D 240 -24.45 20.84 -12.11
C LEU D 240 -24.45 19.36 -11.74
N ASP D 241 -24.03 18.52 -12.68
CA ASP D 241 -23.78 17.11 -12.39
C ASP D 241 -22.47 16.72 -13.06
N LEU D 242 -21.38 16.75 -12.30
CA LEU D 242 -20.05 16.49 -12.84
C LEU D 242 -19.89 15.07 -13.37
N GLY D 243 -20.82 14.17 -13.05
CA GLY D 243 -20.72 12.80 -13.55
C GLY D 243 -21.13 12.66 -15.00
N SER D 244 -21.96 13.55 -15.50
CA SER D 244 -22.42 13.51 -16.88
C SER D 244 -21.51 14.27 -17.82
N MET D 245 -20.35 14.73 -17.34
CA MET D 245 -19.36 15.35 -18.19
C MET D 245 -18.11 14.48 -18.34
N VAL D 246 -17.89 13.54 -17.43
CA VAL D 246 -16.78 12.61 -17.51
C VAL D 246 -17.24 11.25 -18.05
N ALA D 247 -18.43 11.19 -18.64
CA ALA D 247 -18.99 9.91 -19.06
C ALA D 247 -18.37 9.46 -20.38
N GLY D 248 -18.63 10.19 -21.46
CA GLY D 248 -17.98 9.85 -22.70
C GLY D 248 -16.79 10.74 -22.99
N SER D 249 -15.60 10.28 -22.62
CA SER D 249 -14.37 10.99 -22.96
C SER D 249 -13.22 9.98 -22.86
N LYS D 250 -12.78 9.47 -24.00
CA LYS D 250 -11.56 8.66 -24.08
C LYS D 250 -10.70 9.24 -25.20
N TYR D 251 -9.97 10.30 -24.86
CA TYR D 251 -9.12 11.06 -25.78
C TYR D 251 -8.25 11.97 -24.93
N ARG D 252 -7.37 12.73 -25.57
CA ARG D 252 -6.59 13.74 -24.90
C ARG D 252 -7.32 15.06 -24.98
N GLY D 253 -7.63 15.63 -23.82
CA GLY D 253 -8.33 16.90 -23.76
C GLY D 253 -9.74 16.87 -24.31
N GLU D 254 -10.63 16.19 -23.62
CA GLU D 254 -12.06 16.22 -23.91
C GLU D 254 -12.88 16.78 -22.78
N PHE D 255 -12.72 16.25 -21.56
CA PHE D 255 -13.39 16.80 -20.40
C PHE D 255 -12.94 18.24 -20.15
N GLU D 256 -11.71 18.57 -20.49
CA GLU D 256 -11.24 19.95 -20.35
C GLU D 256 -12.10 20.90 -21.17
N GLU D 257 -12.36 20.57 -22.43
CA GLU D 257 -13.24 21.39 -23.25
C GLU D 257 -14.66 21.37 -22.71
N ARG D 258 -15.14 20.19 -22.32
CA ARG D 258 -16.53 20.07 -21.85
C ARG D 258 -16.77 20.91 -20.60
N LEU D 259 -15.74 21.13 -19.79
CA LEU D 259 -15.89 21.93 -18.59
C LEU D 259 -15.58 23.40 -18.86
N LYS D 260 -14.64 23.69 -19.76
CA LYS D 260 -14.34 25.06 -20.12
C LYS D 260 -15.53 25.73 -20.78
N ALA D 261 -16.30 24.98 -21.58
CA ALA D 261 -17.51 25.56 -22.15
C ALA D 261 -18.47 26.00 -21.07
N VAL D 262 -18.67 25.17 -20.04
CA VAL D 262 -19.60 25.52 -18.96
C VAL D 262 -19.08 26.72 -18.18
N LEU D 263 -17.78 26.73 -17.88
CA LEU D 263 -17.21 27.85 -17.13
C LEU D 263 -17.32 29.15 -17.92
N ASP D 264 -17.10 29.09 -19.23
CA ASP D 264 -17.20 30.29 -20.05
C ASP D 264 -18.65 30.77 -20.13
N ASP D 265 -19.60 29.84 -20.24
CA ASP D 265 -21.00 30.26 -20.25
C ASP D 265 -21.45 30.79 -18.90
N ILE D 266 -20.85 30.34 -17.80
CA ILE D 266 -21.13 30.95 -16.50
C ILE D 266 -20.60 32.37 -16.45
N LYS D 267 -19.31 32.56 -16.75
CA LYS D 267 -18.71 33.88 -16.58
C LYS D 267 -19.11 34.85 -17.68
N ASN D 268 -19.70 34.38 -18.78
CA ASN D 268 -20.15 35.27 -19.84
C ASN D 268 -21.32 36.13 -19.39
N SER D 269 -22.33 35.53 -18.77
CA SER D 269 -23.41 36.29 -18.18
C SER D 269 -22.90 37.07 -16.97
N ALA D 270 -23.81 37.86 -16.38
CA ALA D 270 -23.48 38.58 -15.17
C ALA D 270 -23.53 37.61 -13.99
N GLY D 271 -23.36 38.11 -12.77
CA GLY D 271 -23.34 37.24 -11.62
C GLY D 271 -24.71 36.85 -11.13
N GLN D 272 -25.44 36.04 -11.90
CA GLN D 272 -26.72 35.49 -11.51
C GLN D 272 -26.85 34.04 -11.94
N ILE D 273 -25.78 33.27 -11.80
CA ILE D 273 -25.78 31.86 -12.17
C ILE D 273 -25.31 31.02 -10.98
N ILE D 274 -25.74 31.41 -9.77
CA ILE D 274 -25.31 30.77 -8.53
C ILE D 274 -25.29 29.25 -8.71
N THR D 275 -24.16 28.63 -8.40
CA THR D 275 -23.93 27.23 -8.71
C THR D 275 -24.21 26.35 -7.50
N PHE D 276 -24.40 25.06 -7.77
CA PHE D 276 -24.74 24.10 -6.72
C PHE D 276 -24.26 22.71 -7.16
N ILE D 277 -23.14 22.27 -6.62
CA ILE D 277 -22.60 20.95 -6.88
C ILE D 277 -22.80 20.10 -5.64
N ASP D 278 -23.78 19.20 -5.69
CA ASP D 278 -24.05 18.31 -4.56
C ASP D 278 -23.00 17.22 -4.50
N GLU D 279 -22.56 16.90 -3.28
CA GLU D 279 -21.51 15.91 -3.05
C GLU D 279 -20.24 16.30 -3.81
N LEU D 280 -19.69 17.46 -3.45
CA LEU D 280 -18.56 18.00 -4.18
C LEU D 280 -17.24 17.32 -3.81
N HIS D 281 -17.28 16.26 -3.00
CA HIS D 281 -16.07 15.46 -2.80
C HIS D 281 -15.68 14.69 -4.06
N THR D 282 -16.54 14.67 -5.07
CA THR D 282 -16.25 14.07 -6.37
C THR D 282 -15.64 15.09 -7.33
N ILE D 283 -15.20 16.23 -6.82
CA ILE D 283 -14.62 17.28 -7.64
C ILE D 283 -13.12 17.15 -7.81
N VAL D 284 -12.50 16.12 -7.20
CA VAL D 284 -11.05 15.99 -7.26
C VAL D 284 -10.57 14.99 -8.30
N GLY D 285 -11.49 14.39 -9.06
CA GLY D 285 -11.13 13.33 -9.99
C GLY D 285 -11.14 13.76 -11.44
N ALA D 286 -11.12 12.77 -12.33
CA ALA D 286 -11.13 12.93 -13.79
C ALA D 286 -9.82 13.48 -14.32
N GLY D 287 -8.72 13.30 -13.60
CA GLY D 287 -7.46 13.91 -13.99
C GLY D 287 -6.82 13.33 -15.24
N ALA D 288 -6.34 12.10 -15.15
CA ALA D 288 -5.61 11.47 -16.25
C ALA D 288 -5.28 10.02 -15.91
N ASP D 295 -4.73 17.51 -13.10
CA ASP D 295 -5.26 18.60 -13.90
C ASP D 295 -6.75 18.39 -14.20
N ALA D 296 -7.56 18.36 -13.15
CA ALA D 296 -9.01 18.23 -13.26
C ALA D 296 -9.63 18.54 -11.90
N GLY D 297 -10.79 19.17 -11.93
CA GLY D 297 -11.30 19.82 -10.73
C GLY D 297 -10.31 20.82 -10.17
N ASN D 298 -9.44 21.34 -11.03
CA ASN D 298 -8.37 22.25 -10.64
C ASN D 298 -8.35 23.48 -11.54
N MET D 299 -9.17 23.51 -12.59
CA MET D 299 -9.30 24.67 -13.46
C MET D 299 -10.15 25.77 -12.83
N ILE D 300 -10.93 25.46 -11.81
CA ILE D 300 -11.81 26.43 -11.18
C ILE D 300 -11.19 27.13 -10.00
N LYS D 301 -9.99 26.76 -9.59
CA LYS D 301 -9.31 27.44 -8.50
C LYS D 301 -9.01 28.91 -8.82
N PRO D 302 -8.72 29.28 -10.07
CA PRO D 302 -8.65 30.71 -10.39
C PRO D 302 -9.96 31.45 -10.20
N MET D 303 -11.08 30.92 -10.72
CA MET D 303 -12.37 31.59 -10.62
C MET D 303 -13.00 31.47 -9.24
N LEU D 304 -12.49 30.62 -8.37
CA LEU D 304 -13.08 30.45 -7.04
C LEU D 304 -12.76 31.64 -6.15
N ALA D 305 -11.48 31.92 -5.93
CA ALA D 305 -11.11 33.05 -5.10
C ALA D 305 -11.12 34.35 -5.88
N ARG D 306 -12.19 34.58 -6.64
CA ARG D 306 -12.44 35.86 -7.28
C ARG D 306 -13.91 36.25 -7.28
N GLY D 307 -14.79 35.45 -6.67
CA GLY D 307 -16.20 35.74 -6.69
C GLY D 307 -16.84 35.68 -8.05
N GLU D 308 -16.44 34.73 -8.89
CA GLU D 308 -17.03 34.57 -10.21
C GLU D 308 -18.20 33.58 -10.21
N LEU D 309 -18.04 32.42 -9.59
CA LEU D 309 -19.11 31.47 -9.41
C LEU D 309 -19.33 31.25 -7.92
N ARG D 310 -20.59 31.03 -7.52
CA ARG D 310 -20.94 31.00 -6.11
C ARG D 310 -20.75 29.64 -5.48
N LEU D 311 -21.19 28.58 -6.15
CA LEU D 311 -20.86 27.20 -5.79
C LEU D 311 -21.32 26.85 -4.37
N VAL D 312 -22.63 26.84 -4.19
CA VAL D 312 -23.19 26.26 -2.97
C VAL D 312 -22.95 24.77 -2.97
N GLY D 313 -22.35 24.25 -1.90
CA GLY D 313 -21.99 22.86 -1.80
C GLY D 313 -22.63 22.13 -0.63
N ALA D 314 -22.40 20.82 -0.61
CA ALA D 314 -22.90 19.96 0.47
C ALA D 314 -22.17 18.63 0.39
N THR D 315 -21.64 18.17 1.52
CA THR D 315 -20.94 16.89 1.57
C THR D 315 -20.93 16.38 3.00
N THR D 316 -20.71 15.08 3.15
CA THR D 316 -20.68 14.45 4.47
C THR D 316 -19.43 14.89 5.23
N LEU D 317 -19.59 15.03 6.55
CA LEU D 317 -18.48 15.43 7.40
C LEU D 317 -17.32 14.44 7.34
N ASP D 318 -17.58 13.18 7.03
CA ASP D 318 -16.53 12.18 6.92
C ASP D 318 -15.88 12.17 5.53
N GLU D 319 -16.67 12.26 4.46
CA GLU D 319 -16.11 12.32 3.12
C GLU D 319 -15.44 13.66 2.85
N TYR D 320 -15.65 14.66 3.71
CA TYR D 320 -14.98 15.94 3.53
C TYR D 320 -13.48 15.81 3.76
N ARG D 321 -13.08 15.34 4.94
CA ARG D 321 -11.68 15.28 5.31
C ARG D 321 -10.95 14.09 4.69
N LYS D 322 -11.64 13.27 3.91
CA LYS D 322 -11.01 12.16 3.20
C LYS D 322 -10.64 12.51 1.77
N HIS D 323 -11.41 13.37 1.10
CA HIS D 323 -11.16 13.72 -0.29
C HIS D 323 -10.72 15.17 -0.49
N ILE D 324 -11.22 16.10 0.31
CA ILE D 324 -11.00 17.53 0.08
C ILE D 324 -9.84 18.03 0.91
N GLU D 325 -9.82 17.67 2.19
CA GLU D 325 -8.82 18.20 3.12
C GLU D 325 -7.40 17.76 2.79
N LYS D 326 -7.21 16.89 1.79
CA LYS D 326 -5.88 16.58 1.28
C LYS D 326 -5.47 17.52 0.16
N ASP D 327 -6.27 18.56 -0.10
CA ASP D 327 -6.04 19.53 -1.17
C ASP D 327 -6.07 20.94 -0.59
N ALA D 328 -5.28 21.15 0.46
CA ALA D 328 -5.34 22.33 1.31
C ALA D 328 -5.33 23.66 0.54
N ALA D 329 -4.94 23.63 -0.73
CA ALA D 329 -5.07 24.80 -1.58
C ALA D 329 -6.48 24.95 -2.15
N LEU D 330 -7.28 23.89 -2.12
CA LEU D 330 -8.64 23.94 -2.62
C LEU D 330 -9.65 24.15 -1.49
N GLU D 331 -9.37 23.65 -0.30
CA GLU D 331 -10.30 23.84 0.81
C GLU D 331 -10.14 25.18 1.48
N ARG D 332 -9.18 25.99 1.04
CA ARG D 332 -9.09 27.37 1.50
C ARG D 332 -10.17 28.26 0.92
N ARG D 333 -10.69 27.91 -0.25
CA ARG D 333 -11.68 28.72 -0.95
C ARG D 333 -13.11 28.38 -0.58
N PHE D 334 -13.31 27.59 0.47
CA PHE D 334 -14.64 27.16 0.90
C PHE D 334 -14.87 27.56 2.35
N GLN D 335 -16.05 28.08 2.62
CA GLN D 335 -16.45 28.42 3.98
C GLN D 335 -17.37 27.34 4.52
N GLN D 336 -16.96 26.70 5.61
CA GLN D 336 -17.67 25.55 6.17
C GLN D 336 -18.87 26.06 6.95
N VAL D 337 -20.06 25.60 6.56
CA VAL D 337 -21.29 25.91 7.29
C VAL D 337 -21.74 24.63 8.00
N TYR D 338 -21.55 24.58 9.32
CA TYR D 338 -21.86 23.37 10.05
C TYR D 338 -23.37 23.21 10.24
N VAL D 339 -23.86 22.01 9.96
CA VAL D 339 -25.28 21.70 10.07
C VAL D 339 -25.42 20.50 11.01
N GLY D 340 -25.96 20.74 12.20
CA GLY D 340 -26.18 19.71 13.19
C GLY D 340 -27.59 19.17 13.10
N GLU D 341 -27.81 17.97 13.62
CA GLU D 341 -29.12 17.36 13.54
C GLU D 341 -30.05 17.99 14.57
N PRO D 342 -31.34 18.12 14.25
CA PRO D 342 -32.26 18.80 15.15
C PRO D 342 -32.61 17.94 16.36
N SER D 343 -33.44 18.51 17.23
CA SER D 343 -33.89 17.84 18.44
C SER D 343 -35.27 17.22 18.18
N VAL D 344 -35.84 16.60 19.21
CA VAL D 344 -37.10 15.90 19.05
C VAL D 344 -38.23 16.88 18.76
N GLU D 345 -38.24 18.03 19.43
CA GLU D 345 -39.29 19.01 19.19
C GLU D 345 -39.18 19.61 17.79
N ASP D 346 -37.96 19.85 17.32
CA ASP D 346 -37.78 20.34 15.96
C ASP D 346 -38.23 19.29 14.94
N THR D 347 -37.97 18.01 15.22
CA THR D 347 -38.43 16.95 14.34
C THR D 347 -39.96 16.88 14.34
N ILE D 348 -40.59 17.08 15.50
CA ILE D 348 -42.04 17.11 15.56
C ILE D 348 -42.59 18.25 14.72
N GLY D 349 -41.96 19.43 14.80
CA GLY D 349 -42.38 20.54 13.97
C GLY D 349 -42.23 20.26 12.49
N ILE D 350 -41.09 19.70 12.09
CA ILE D 350 -40.87 19.33 10.69
C ILE D 350 -41.95 18.36 10.22
N LEU D 351 -42.23 17.33 11.03
CA LEU D 351 -43.23 16.35 10.65
C LEU D 351 -44.62 16.98 10.53
N ARG D 352 -44.98 17.83 11.49
CA ARG D 352 -46.24 18.56 11.39
C ARG D 352 -46.31 19.35 10.10
N GLY D 353 -45.20 19.97 9.68
CA GLY D 353 -45.19 20.68 8.42
C GLY D 353 -45.31 19.76 7.21
N LEU D 354 -44.76 18.55 7.31
CA LEU D 354 -44.72 17.63 6.18
C LEU D 354 -45.87 16.62 6.16
N LYS D 355 -46.78 16.68 7.13
CA LYS D 355 -47.86 15.70 7.18
C LYS D 355 -48.99 16.13 6.25
N ASP D 356 -48.66 16.43 5.01
CA ASP D 356 -49.66 16.71 3.99
C ASP D 356 -49.36 16.05 2.66
N ARG D 357 -48.09 15.75 2.38
CA ARG D 357 -47.72 15.05 1.16
C ARG D 357 -47.97 13.57 1.24
N TYR D 358 -47.80 12.97 2.43
CA TYR D 358 -48.02 11.54 2.57
C TYR D 358 -49.52 11.23 2.63
N GLU D 359 -50.29 12.09 3.29
CA GLU D 359 -51.74 11.95 3.33
C GLU D 359 -52.39 12.04 1.95
N VAL D 360 -51.68 12.52 0.94
CA VAL D 360 -52.20 12.54 -0.41
C VAL D 360 -51.49 11.56 -1.33
N HIS D 361 -50.24 11.17 -1.01
CA HIS D 361 -49.59 10.10 -1.75
C HIS D 361 -50.27 8.77 -1.47
N HIS D 362 -50.62 8.53 -0.20
CA HIS D 362 -51.48 7.43 0.19
C HIS D 362 -52.85 7.99 0.54
N GLY D 363 -53.89 7.19 0.35
CA GLY D 363 -55.23 7.65 0.62
C GLY D 363 -55.67 7.38 2.05
N VAL D 364 -54.86 7.81 3.01
CA VAL D 364 -55.08 7.53 4.42
C VAL D 364 -54.99 8.84 5.20
N ARG D 365 -55.12 8.73 6.52
CA ARG D 365 -54.99 9.87 7.43
C ARG D 365 -53.92 9.57 8.46
N ILE D 366 -53.29 10.63 8.96
CA ILE D 366 -52.21 10.52 9.93
C ILE D 366 -52.51 11.47 11.08
N THR D 367 -52.17 11.04 12.29
CA THR D 367 -52.49 11.77 13.51
C THR D 367 -51.25 12.40 14.12
N ASP D 368 -51.41 13.59 14.70
CA ASP D 368 -50.33 14.23 15.42
C ASP D 368 -49.79 13.34 16.53
N SER D 369 -50.66 12.53 17.13
CA SER D 369 -50.19 11.57 18.12
C SER D 369 -49.21 10.58 17.51
N ALA D 370 -49.51 10.12 16.29
CA ALA D 370 -48.60 9.21 15.60
C ALA D 370 -47.29 9.90 15.25
N LEU D 371 -47.37 11.17 14.82
CA LEU D 371 -46.14 11.92 14.52
C LEU D 371 -45.26 12.04 15.75
N VAL D 372 -45.84 12.44 16.87
CA VAL D 372 -45.07 12.58 18.10
C VAL D 372 -44.53 11.23 18.56
N ALA D 373 -45.33 10.16 18.40
CA ALA D 373 -44.85 8.83 18.77
C ALA D 373 -43.64 8.43 17.93
N ALA D 374 -43.68 8.69 16.62
CA ALA D 374 -42.53 8.37 15.78
C ALA D 374 -41.30 9.17 16.19
N ALA D 375 -41.46 10.49 16.36
CA ALA D 375 -40.33 11.33 16.71
C ALA D 375 -39.72 10.92 18.05
N THR D 376 -40.55 10.49 19.00
CA THR D 376 -40.03 10.09 20.30
C THR D 376 -39.40 8.70 20.27
N LEU D 377 -40.04 7.75 19.60
CA LEU D 377 -39.57 6.37 19.54
C LEU D 377 -38.28 6.23 18.75
N SER D 378 -38.22 6.77 17.54
CA SER D 378 -37.04 6.59 16.70
C SER D 378 -35.77 7.14 17.35
N ASP D 379 -35.90 8.02 18.34
CA ASP D 379 -34.73 8.59 19.00
C ASP D 379 -34.15 7.66 20.06
N ARG D 380 -34.98 6.80 20.65
CA ARG D 380 -34.56 5.95 21.75
C ARG D 380 -34.06 4.58 21.32
N TYR D 381 -34.67 4.00 20.28
CA TYR D 381 -34.37 2.63 19.90
C TYR D 381 -33.50 2.50 18.66
N ILE D 382 -33.75 3.28 17.62
CA ILE D 382 -32.90 3.32 16.44
C ILE D 382 -31.74 4.24 16.78
N THR D 383 -30.64 3.66 17.28
CA THR D 383 -29.55 4.43 17.86
C THR D 383 -28.33 4.50 16.94
N ALA D 384 -28.53 4.36 15.63
CA ALA D 384 -27.42 4.46 14.68
C ALA D 384 -27.71 5.37 13.51
N ARG D 385 -28.73 6.22 13.58
CA ARG D 385 -29.07 7.16 12.52
C ARG D 385 -29.49 8.49 13.14
N PHE D 386 -29.68 9.49 12.28
CA PHE D 386 -29.92 10.86 12.71
C PHE D 386 -31.34 11.27 12.39
N LEU D 387 -31.78 12.38 12.98
CA LEU D 387 -33.22 12.52 13.25
C LEU D 387 -33.89 13.72 12.59
N PRO D 388 -33.62 14.02 11.32
CA PRO D 388 -34.69 14.59 10.49
C PRO D 388 -35.30 13.52 9.58
N ASP D 389 -34.65 12.36 9.54
CA ASP D 389 -34.92 11.37 8.50
C ASP D 389 -35.33 10.02 9.07
N LYS D 390 -34.68 9.58 10.15
CA LYS D 390 -35.01 8.29 10.73
C LYS D 390 -36.43 8.23 11.25
N ALA D 391 -37.11 9.37 11.40
CA ALA D 391 -38.48 9.42 11.87
C ALA D 391 -39.49 9.48 10.73
N ILE D 392 -39.08 9.91 9.55
CA ILE D 392 -39.99 9.93 8.40
C ILE D 392 -40.10 8.53 7.78
N ASP D 393 -39.05 7.72 7.91
CA ASP D 393 -39.12 6.34 7.45
C ASP D 393 -40.27 5.60 8.12
N LEU D 394 -40.44 5.81 9.44
CA LEU D 394 -41.50 5.11 10.15
C LEU D 394 -42.87 5.52 9.64
N VAL D 395 -43.09 6.83 9.47
CA VAL D 395 -44.37 7.31 8.97
C VAL D 395 -44.66 6.75 7.58
N ASP D 396 -43.66 6.81 6.70
CA ASP D 396 -43.86 6.33 5.33
C ASP D 396 -44.15 4.84 5.30
N GLU D 397 -43.39 4.05 6.05
CA GLU D 397 -43.58 2.61 6.05
C GLU D 397 -44.93 2.23 6.65
N ALA D 398 -45.31 2.87 7.77
CA ALA D 398 -46.61 2.59 8.37
C ALA D 398 -47.74 2.93 7.42
N ALA D 399 -47.65 4.07 6.75
CA ALA D 399 -48.69 4.45 5.79
C ALA D 399 -48.78 3.44 4.66
N SER D 400 -47.63 3.03 4.11
CA SER D 400 -47.64 2.06 3.01
C SER D 400 -48.25 0.74 3.44
N ARG D 401 -47.84 0.24 4.61
CA ARG D 401 -48.39 -1.04 5.10
C ARG D 401 -49.90 -0.93 5.33
N LEU D 402 -50.35 0.12 6.01
CA LEU D 402 -51.77 0.25 6.29
C LEU D 402 -52.57 0.41 5.00
N ARG D 403 -51.99 1.06 3.98
CA ARG D 403 -52.68 1.17 2.71
C ARG D 403 -52.80 -0.19 2.03
N MET D 404 -51.69 -0.93 1.97
CA MET D 404 -51.72 -2.26 1.37
C MET D 404 -52.69 -3.17 2.09
N GLU D 405 -52.87 -2.98 3.40
CA GLU D 405 -53.87 -3.76 4.13
C GLU D 405 -55.28 -3.31 3.76
N ILE D 406 -55.54 -2.00 3.83
CA ILE D 406 -56.89 -1.49 3.63
C ILE D 406 -57.41 -1.84 2.25
N ASP D 407 -56.57 -1.78 1.23
CA ASP D 407 -57.02 -2.03 -0.13
C ASP D 407 -56.54 -3.38 -0.64
N SER D 408 -57.22 -3.87 -1.68
CA SER D 408 -56.84 -5.03 -2.48
C SER D 408 -56.59 -6.30 -1.66
N ARG D 409 -57.07 -6.36 -0.42
CA ARG D 409 -56.90 -7.55 0.40
C ARG D 409 -58.25 -7.98 0.97
N PRO D 410 -58.68 -9.22 0.77
CA PRO D 410 -59.93 -9.78 1.29
C PRO D 410 -59.84 -10.15 2.77
N LYS D 530 -60.44 3.27 12.59
CA LYS D 530 -59.20 2.55 12.42
C LYS D 530 -58.77 2.62 10.96
N GLU D 531 -59.39 3.54 10.22
CA GLU D 531 -59.00 3.77 8.83
C GLU D 531 -57.86 4.76 8.71
N GLU D 532 -57.07 4.94 9.76
CA GLU D 532 -55.96 5.88 9.78
C GLU D 532 -54.82 5.31 10.60
N VAL D 533 -53.61 5.79 10.35
CA VAL D 533 -52.45 5.33 11.11
C VAL D 533 -52.40 6.08 12.44
N GLY D 534 -52.06 5.34 13.50
CA GLY D 534 -52.02 5.90 14.83
C GLY D 534 -50.73 5.61 15.54
N PRO D 535 -50.66 5.96 16.83
CA PRO D 535 -49.43 5.76 17.60
C PRO D 535 -49.10 4.30 17.90
N ASP D 536 -49.88 3.34 17.40
CA ASP D 536 -49.59 1.93 17.58
C ASP D 536 -48.90 1.30 16.38
N ASP D 537 -49.19 1.77 15.16
CA ASP D 537 -48.52 1.23 13.99
C ASP D 537 -47.05 1.64 13.92
N ILE D 538 -46.72 2.85 14.36
CA ILE D 538 -45.31 3.24 14.44
C ILE D 538 -44.56 2.33 15.39
N ALA D 539 -45.13 2.08 16.57
CA ALA D 539 -44.51 1.15 17.51
C ALA D 539 -44.41 -0.24 16.92
N ASP D 540 -45.43 -0.65 16.15
CA ASP D 540 -45.38 -1.96 15.51
C ASP D 540 -44.23 -2.05 14.52
N VAL D 541 -43.98 -0.99 13.77
CA VAL D 541 -42.86 -0.98 12.83
C VAL D 541 -41.53 -1.02 13.57
N VAL D 542 -41.39 -0.17 14.60
CA VAL D 542 -40.16 -0.14 15.38
C VAL D 542 -39.93 -1.46 16.10
N SER D 543 -40.99 -2.24 16.35
CA SER D 543 -40.85 -3.53 17.01
C SER D 543 -40.49 -4.63 16.04
N ALA D 544 -41.20 -4.73 14.91
CA ALA D 544 -40.89 -5.73 13.91
C ALA D 544 -39.47 -5.53 13.36
N TRP D 545 -39.17 -4.30 12.94
CA TRP D 545 -37.84 -3.98 12.45
C TRP D 545 -36.96 -3.54 13.61
N THR D 546 -35.79 -4.18 13.73
CA THR D 546 -34.79 -4.10 14.79
C THR D 546 -35.18 -4.91 16.03
N GLY D 547 -36.27 -5.68 16.00
CA GLY D 547 -36.58 -6.66 17.02
C GLY D 547 -36.53 -6.21 18.47
N ILE D 548 -37.45 -5.34 18.87
CA ILE D 548 -37.53 -4.85 20.24
C ILE D 548 -39.00 -4.79 20.63
N PRO D 549 -39.37 -5.13 21.88
CA PRO D 549 -40.79 -5.17 22.24
C PRO D 549 -41.39 -3.81 22.53
N ALA D 550 -40.70 -2.75 22.11
CA ALA D 550 -41.18 -1.39 22.33
C ALA D 550 -42.60 -1.21 21.80
N GLY D 551 -43.40 -0.47 22.56
CA GLY D 551 -44.79 -0.25 22.24
C GLY D 551 -45.57 0.22 23.44
N ARG D 552 -46.86 -0.11 23.50
CA ARG D 552 -47.66 0.25 24.68
C ARG D 552 -48.42 -0.95 25.22
N LEU D 553 -47.82 -2.13 25.18
CA LEU D 553 -48.34 -3.33 25.85
C LEU D 553 -49.75 -3.67 25.38
N LEU D 554 -49.83 -4.07 24.10
CA LEU D 554 -51.09 -4.50 23.52
C LEU D 554 -51.60 -5.74 24.24
N GLU D 555 -52.81 -6.17 23.86
CA GLU D 555 -53.45 -7.29 24.52
C GLU D 555 -52.77 -8.61 24.13
N GLY D 556 -52.83 -9.58 25.05
CA GLY D 556 -52.18 -10.86 24.89
C GLY D 556 -50.84 -10.96 25.57
N GLU D 557 -50.02 -9.92 25.50
CA GLU D 557 -48.75 -9.88 26.23
C GLU D 557 -48.99 -9.74 27.72
N THR D 558 -49.98 -8.91 28.11
CA THR D 558 -50.28 -8.70 29.51
C THR D 558 -50.68 -10.00 30.21
N ALA D 559 -51.45 -10.84 29.53
CA ALA D 559 -51.81 -12.13 30.11
C ALA D 559 -50.58 -12.96 30.43
N LYS D 560 -49.66 -13.07 29.47
CA LYS D 560 -48.42 -13.81 29.66
C LYS D 560 -47.52 -13.18 30.72
N LEU D 561 -47.56 -11.86 30.90
CA LEU D 561 -46.74 -11.20 31.90
C LEU D 561 -47.32 -11.35 33.31
N LEU D 562 -48.65 -11.44 33.42
CA LEU D 562 -49.24 -11.81 34.70
C LEU D 562 -48.94 -13.27 35.03
N ARG D 563 -49.17 -14.17 34.08
CA ARG D 563 -48.88 -15.59 34.24
C ARG D 563 -47.44 -15.85 33.78
N MET D 564 -46.53 -15.07 34.36
CA MET D 564 -45.12 -15.16 34.00
C MET D 564 -44.29 -15.86 35.06
N GLU D 565 -44.47 -15.52 36.33
CA GLU D 565 -43.73 -16.21 37.39
C GLU D 565 -44.13 -17.67 37.48
N ASP D 566 -45.43 -17.94 37.43
CA ASP D 566 -45.90 -19.33 37.49
C ASP D 566 -45.43 -20.13 36.28
N GLU D 567 -45.31 -19.48 35.13
CA GLU D 567 -44.83 -20.19 33.94
C GLU D 567 -43.34 -20.46 34.03
N LEU D 568 -42.55 -19.43 34.35
CA LEU D 568 -41.11 -19.61 34.52
C LEU D 568 -40.78 -20.63 35.59
N GLY D 569 -41.59 -20.74 36.63
CA GLY D 569 -41.38 -21.75 37.65
C GLY D 569 -41.65 -23.17 37.20
N LYS D 570 -42.04 -23.37 35.94
CA LYS D 570 -42.28 -24.72 35.44
C LYS D 570 -40.99 -25.40 35.01
N ARG D 571 -40.01 -24.64 34.49
CA ARG D 571 -38.72 -25.19 34.10
C ARG D 571 -37.70 -25.16 35.22
N VAL D 572 -37.82 -24.23 36.18
CA VAL D 572 -36.94 -24.16 37.33
C VAL D 572 -37.79 -24.37 38.58
N ILE D 573 -37.38 -25.31 39.42
CA ILE D 573 -38.11 -25.68 40.63
C ILE D 573 -37.43 -25.03 41.82
N GLY D 574 -38.24 -24.43 42.70
CA GLY D 574 -37.71 -23.73 43.85
C GLY D 574 -37.26 -22.33 43.50
N GLN D 575 -36.36 -21.77 44.31
CA GLN D 575 -35.81 -20.43 44.09
C GLN D 575 -36.92 -19.40 43.92
N LYS D 576 -38.00 -19.55 44.69
CA LYS D 576 -39.13 -18.64 44.60
C LYS D 576 -38.76 -17.22 44.96
N ALA D 577 -37.69 -17.02 45.72
CA ALA D 577 -37.25 -15.69 46.12
C ALA D 577 -36.38 -15.02 45.07
N ALA D 578 -36.00 -15.73 44.00
CA ALA D 578 -35.17 -15.17 42.95
C ALA D 578 -35.90 -15.08 41.60
N VAL D 579 -36.99 -15.81 41.43
CA VAL D 579 -37.77 -15.71 40.21
C VAL D 579 -38.60 -14.43 40.26
N THR D 580 -39.04 -14.06 41.46
CA THR D 580 -39.90 -12.90 41.61
C THR D 580 -39.17 -11.62 41.21
N ALA D 581 -37.92 -11.48 41.61
CA ALA D 581 -37.16 -10.27 41.27
C ALA D 581 -36.92 -10.18 39.76
N VAL D 582 -36.47 -11.27 39.15
CA VAL D 582 -36.21 -11.28 37.71
C VAL D 582 -37.49 -10.97 36.95
N SER D 583 -38.62 -11.54 37.38
CA SER D 583 -39.88 -11.30 36.69
C SER D 583 -40.34 -9.85 36.87
N ASP D 584 -40.20 -9.31 38.08
CA ASP D 584 -40.58 -7.94 38.32
C ASP D 584 -39.72 -6.97 37.52
N ALA D 585 -38.47 -7.34 37.24
CA ALA D 585 -37.64 -6.52 36.37
C ALA D 585 -38.27 -6.35 35.00
N VAL D 586 -38.63 -7.45 34.35
CA VAL D 586 -39.19 -7.37 33.00
C VAL D 586 -40.56 -6.71 33.04
N ARG D 587 -41.34 -6.98 34.08
CA ARG D 587 -42.67 -6.37 34.18
C ARG D 587 -42.56 -4.86 34.35
N ARG D 588 -41.63 -4.40 35.19
CA ARG D 588 -41.39 -2.98 35.35
C ARG D 588 -40.88 -2.36 34.05
N SER D 589 -40.00 -3.06 33.34
CA SER D 589 -39.47 -2.55 32.08
C SER D 589 -40.57 -2.36 31.05
N ARG D 590 -41.35 -3.40 30.77
CA ARG D 590 -42.39 -3.28 29.74
C ARG D 590 -43.68 -2.65 30.26
N ALA D 591 -43.73 -2.24 31.53
CA ALA D 591 -44.86 -1.46 32.00
C ALA D 591 -44.66 0.04 31.82
N GLY D 592 -43.44 0.48 31.50
CA GLY D 592 -43.16 1.88 31.29
C GLY D 592 -42.59 2.61 32.48
N VAL D 593 -42.12 1.90 33.50
CA VAL D 593 -41.60 2.51 34.72
C VAL D 593 -40.20 1.93 34.94
N SER D 594 -39.18 2.61 34.42
CA SER D 594 -37.78 2.20 34.59
C SER D 594 -36.91 3.31 34.04
N ASP D 595 -35.69 3.39 34.53
CA ASP D 595 -34.74 4.39 34.08
C ASP D 595 -34.41 4.16 32.61
N PRO D 596 -34.80 5.06 31.71
CA PRO D 596 -34.68 4.76 30.28
C PRO D 596 -33.23 4.67 29.80
N ASN D 597 -32.27 5.24 30.52
CA ASN D 597 -30.87 5.13 30.15
C ASN D 597 -30.14 4.43 31.30
N ARG D 598 -30.24 3.10 31.30
CA ARG D 598 -29.60 2.18 32.23
C ARG D 598 -30.01 0.77 31.78
N PRO D 599 -29.22 -0.26 32.06
CA PRO D 599 -29.66 -1.62 31.69
C PRO D 599 -30.97 -1.97 32.35
N THR D 600 -31.68 -2.93 31.75
CA THR D 600 -32.97 -3.36 32.27
C THR D 600 -32.83 -4.30 33.47
N GLY D 601 -31.61 -4.63 33.88
CA GLY D 601 -31.39 -5.50 35.01
C GLY D 601 -29.95 -5.96 35.09
N ALA D 602 -29.38 -5.97 36.30
CA ALA D 602 -27.98 -6.31 36.49
C ALA D 602 -27.83 -7.28 37.65
N PHE D 603 -28.64 -8.33 37.65
CA PHE D 603 -28.71 -9.25 38.78
C PHE D 603 -27.49 -10.15 38.85
N MET D 604 -26.93 -10.28 40.05
CA MET D 604 -25.98 -11.32 40.37
C MET D 604 -26.58 -12.26 41.41
N PHE D 605 -26.65 -13.54 41.07
CA PHE D 605 -27.11 -14.52 42.05
C PHE D 605 -26.09 -15.64 42.14
N LEU D 606 -25.80 -16.04 43.38
CA LEU D 606 -24.78 -17.02 43.69
C LEU D 606 -25.31 -17.94 44.79
N GLY D 607 -24.57 -19.00 45.08
CA GLY D 607 -24.98 -19.98 46.04
C GLY D 607 -24.25 -21.30 45.86
N PRO D 608 -24.84 -22.38 46.36
CA PRO D 608 -24.21 -23.70 46.28
C PRO D 608 -24.10 -24.17 44.83
N THR D 609 -23.47 -25.33 44.65
CA THR D 609 -23.22 -25.87 43.33
C THR D 609 -24.42 -26.69 42.86
N GLY D 610 -24.72 -26.59 41.56
CA GLY D 610 -25.80 -27.36 40.97
C GLY D 610 -27.16 -27.05 41.56
N VAL D 611 -27.54 -25.77 41.58
CA VAL D 611 -28.80 -25.36 42.19
C VAL D 611 -29.73 -24.78 41.14
N GLY D 612 -29.16 -24.29 40.04
CA GLY D 612 -29.98 -23.83 38.94
C GLY D 612 -29.79 -22.39 38.52
N LYS D 613 -28.61 -21.83 38.77
CA LYS D 613 -28.34 -20.45 38.36
C LYS D 613 -28.37 -20.32 36.83
N THR D 614 -27.46 -21.00 36.15
CA THR D 614 -27.45 -20.94 34.69
C THR D 614 -28.70 -21.55 34.09
N GLU D 615 -29.33 -22.49 34.80
CA GLU D 615 -30.56 -23.07 34.30
C GLU D 615 -31.69 -22.04 34.32
N LEU D 616 -31.77 -21.23 35.38
CA LEU D 616 -32.74 -20.14 35.42
C LEU D 616 -32.44 -19.10 34.34
N ALA D 617 -31.15 -18.80 34.13
CA ALA D 617 -30.78 -17.88 33.06
C ALA D 617 -31.29 -18.36 31.72
N LYS D 618 -31.02 -19.64 31.40
CA LYS D 618 -31.46 -20.21 30.13
C LYS D 618 -32.99 -20.27 30.05
N ALA D 619 -33.66 -20.54 31.17
CA ALA D 619 -35.13 -20.56 31.16
C ALA D 619 -35.70 -19.20 30.83
N LEU D 620 -35.12 -18.14 31.43
CA LEU D 620 -35.55 -16.78 31.11
C LEU D 620 -35.29 -16.46 29.64
N ALA D 621 -34.10 -16.80 29.15
CA ALA D 621 -33.79 -16.54 27.74
C ALA D 621 -34.73 -17.29 26.81
N ASP D 622 -35.20 -18.47 27.22
CA ASP D 622 -36.14 -19.22 26.39
C ASP D 622 -37.54 -18.63 26.46
N PHE D 623 -37.95 -18.16 27.63
CA PHE D 623 -39.29 -17.61 27.77
C PHE D 623 -39.42 -16.25 27.08
N LEU D 624 -38.33 -15.48 27.02
CA LEU D 624 -38.38 -14.14 26.45
C LEU D 624 -38.21 -14.11 24.94
N PHE D 625 -37.49 -15.06 24.36
CA PHE D 625 -37.24 -15.06 22.92
C PHE D 625 -37.71 -16.30 22.18
N ASP D 626 -38.28 -17.29 22.87
CA ASP D 626 -38.72 -18.55 22.27
C ASP D 626 -37.58 -19.30 21.58
N ASP D 627 -36.34 -18.94 21.89
CA ASP D 627 -35.17 -19.57 21.30
C ASP D 627 -34.09 -19.66 22.37
N GLU D 628 -33.24 -20.69 22.26
CA GLU D 628 -32.24 -20.97 23.26
C GLU D 628 -30.87 -20.37 22.93
N ARG D 629 -30.55 -20.19 21.66
CA ARG D 629 -29.27 -19.60 21.27
C ARG D 629 -29.30 -18.09 21.25
N ALA D 630 -30.44 -17.47 21.58
CA ALA D 630 -30.55 -16.02 21.52
C ALA D 630 -29.67 -15.33 22.55
N MET D 631 -29.44 -15.96 23.70
CA MET D 631 -28.61 -15.34 24.73
C MET D 631 -27.15 -15.37 24.32
N VAL D 632 -26.41 -14.36 24.79
CA VAL D 632 -25.00 -14.22 24.49
C VAL D 632 -24.25 -14.67 25.75
N ARG D 633 -23.88 -15.95 25.79
CA ARG D 633 -23.18 -16.49 26.95
C ARG D 633 -21.68 -16.48 26.71
N ILE D 634 -20.94 -15.86 27.62
CA ILE D 634 -19.50 -15.93 27.64
C ILE D 634 -19.08 -16.46 29.02
N ASP D 635 -18.09 -17.35 29.01
CA ASP D 635 -17.59 -17.94 30.23
C ASP D 635 -16.62 -16.98 30.90
N MET D 636 -16.09 -17.40 32.06
CA MET D 636 -15.11 -16.62 32.78
C MET D 636 -13.96 -17.49 33.28
N SER D 637 -13.87 -18.72 32.79
CA SER D 637 -12.75 -19.59 33.09
C SER D 637 -11.56 -19.37 32.16
N GLU D 638 -11.78 -18.81 30.98
CA GLU D 638 -10.70 -18.53 30.04
C GLU D 638 -10.00 -17.20 30.31
N TYR D 639 -10.54 -16.37 31.21
CA TYR D 639 -10.02 -15.04 31.47
C TYR D 639 -9.16 -14.98 32.72
N GLY D 640 -8.41 -16.04 33.01
CA GLY D 640 -7.51 -16.00 34.15
C GLY D 640 -6.34 -15.06 33.97
N GLU D 641 -6.06 -14.67 32.73
CA GLU D 641 -4.90 -13.85 32.41
C GLU D 641 -5.34 -12.43 32.06
N LYS D 642 -4.46 -11.47 32.35
CA LYS D 642 -4.83 -10.06 32.19
C LYS D 642 -5.03 -9.70 30.72
N HIS D 643 -4.17 -10.20 29.84
CA HIS D 643 -4.21 -9.79 28.44
C HIS D 643 -5.43 -10.33 27.70
N THR D 644 -6.17 -11.27 28.30
CA THR D 644 -7.28 -11.89 27.59
C THR D 644 -8.52 -11.01 27.50
N VAL D 645 -8.46 -9.76 27.97
CA VAL D 645 -9.62 -8.87 27.87
C VAL D 645 -9.82 -8.33 26.46
N ALA D 646 -8.77 -8.34 25.63
CA ALA D 646 -8.90 -7.83 24.28
C ALA D 646 -9.83 -8.66 23.40
N ARG D 647 -10.38 -9.75 23.92
CA ARG D 647 -11.26 -10.58 23.12
C ARG D 647 -12.65 -9.97 23.00
N LEU D 648 -13.13 -9.32 24.06
CA LEU D 648 -14.46 -8.73 24.07
C LEU D 648 -14.43 -7.22 24.00
N ILE D 649 -13.27 -6.63 23.73
CA ILE D 649 -13.15 -5.18 23.52
C ILE D 649 -12.77 -4.92 22.08
N GLY D 650 -11.68 -5.54 21.63
CA GLY D 650 -11.16 -5.30 20.30
C GLY D 650 -9.66 -5.12 20.33
N ALA D 651 -9.12 -4.39 19.36
CA ALA D 651 -7.70 -4.08 19.37
C ALA D 651 -7.54 -2.63 18.92
N PRO D 652 -6.57 -1.91 19.46
CA PRO D 652 -6.35 -0.52 19.06
C PRO D 652 -5.88 -0.46 17.62
N PRO D 653 -5.86 0.73 17.02
CA PRO D 653 -5.41 0.84 15.62
C PRO D 653 -3.94 0.44 15.48
N GLY D 654 -3.63 -0.23 14.38
CA GLY D 654 -2.28 -0.66 14.13
C GLY D 654 -1.87 -1.96 14.76
N TYR D 655 -2.81 -2.88 15.00
CA TYR D 655 -2.47 -4.18 15.56
C TYR D 655 -3.14 -5.30 14.77
N VAL D 656 -2.89 -6.55 15.17
CA VAL D 656 -3.16 -7.69 14.28
C VAL D 656 -4.64 -7.77 13.92
N GLY D 657 -5.48 -8.04 14.92
CA GLY D 657 -6.91 -8.10 14.64
C GLY D 657 -7.61 -6.81 14.99
N TYR D 658 -7.79 -5.94 14.01
CA TYR D 658 -8.37 -4.62 14.24
C TYR D 658 -9.63 -4.36 13.45
N GLU D 659 -9.71 -4.84 12.21
CA GLU D 659 -10.95 -4.68 11.44
C GLU D 659 -12.04 -5.61 11.93
N ALA D 660 -11.68 -6.69 12.62
CA ALA D 660 -12.68 -7.61 13.14
C ALA D 660 -13.55 -6.95 14.20
N GLY D 661 -12.93 -6.42 15.25
CA GLY D 661 -13.68 -5.81 16.33
C GLY D 661 -13.63 -6.62 17.61
N GLY D 662 -14.66 -6.50 18.43
CA GLY D 662 -14.75 -7.24 19.69
C GLY D 662 -15.91 -8.21 19.65
N GLN D 663 -15.72 -9.36 20.29
CA GLN D 663 -16.75 -10.39 20.30
C GLN D 663 -18.05 -9.86 20.90
N LEU D 664 -17.99 -9.36 22.14
CA LEU D 664 -19.19 -8.89 22.82
C LEU D 664 -19.81 -7.70 22.10
N THR D 665 -18.97 -6.74 21.70
CA THR D 665 -19.48 -5.55 21.01
C THR D 665 -20.20 -5.92 19.73
N GLU D 666 -19.63 -6.79 18.92
CA GLU D 666 -20.29 -7.20 17.68
C GLU D 666 -21.54 -8.01 17.97
N ALA D 667 -21.51 -8.83 19.03
CA ALA D 667 -22.65 -9.68 19.34
C ALA D 667 -23.83 -8.87 19.83
N VAL D 668 -23.57 -7.70 20.42
CA VAL D 668 -24.67 -6.85 20.91
C VAL D 668 -25.03 -5.72 19.94
N ARG D 669 -24.15 -5.39 18.98
CA ARG D 669 -24.54 -4.40 17.98
C ARG D 669 -25.77 -4.87 17.21
N ARG D 670 -25.73 -6.07 16.66
CA ARG D 670 -26.91 -6.76 16.20
C ARG D 670 -27.53 -7.54 17.36
N ARG D 671 -28.84 -7.74 17.30
CA ARG D 671 -29.59 -8.33 18.39
C ARG D 671 -29.36 -7.52 19.67
N PRO D 672 -29.86 -6.28 19.75
CA PRO D 672 -29.70 -5.52 20.99
C PRO D 672 -30.83 -5.77 21.98
N TYR D 673 -31.23 -7.03 22.14
CA TYR D 673 -32.29 -7.36 23.08
C TYR D 673 -32.01 -8.65 23.86
N THR D 674 -30.87 -9.29 23.65
CA THR D 674 -30.61 -10.56 24.30
C THR D 674 -30.29 -10.35 25.77
N VAL D 675 -30.00 -11.44 26.47
CA VAL D 675 -29.50 -11.41 27.83
C VAL D 675 -28.04 -11.86 27.79
N VAL D 676 -27.25 -11.36 28.72
CA VAL D 676 -25.81 -11.59 28.73
C VAL D 676 -25.44 -12.30 30.03
N LEU D 677 -24.94 -13.53 29.89
CA LEU D 677 -24.56 -14.36 31.02
C LEU D 677 -23.04 -14.34 31.16
N PHE D 678 -22.58 -13.82 32.28
CA PHE D 678 -21.17 -13.87 32.67
C PHE D 678 -21.04 -15.06 33.62
N ASP D 679 -20.85 -16.24 33.05
CA ASP D 679 -20.93 -17.47 33.82
C ASP D 679 -19.69 -17.63 34.69
N GLU D 680 -19.91 -17.83 35.99
CA GLU D 680 -18.86 -18.14 36.95
C GLU D 680 -17.78 -17.05 36.95
N ILE D 681 -18.20 -15.83 37.24
CA ILE D 681 -17.26 -14.70 37.28
C ILE D 681 -16.71 -14.67 38.70
N GLU D 682 -15.80 -15.58 38.96
CA GLU D 682 -14.93 -15.65 40.13
C GLU D 682 -13.52 -16.04 39.75
N LYS D 683 -13.35 -16.72 38.62
CA LYS D 683 -12.03 -17.16 38.18
C LYS D 683 -11.24 -16.02 37.53
N ALA D 684 -11.91 -15.18 36.74
CA ALA D 684 -11.28 -14.00 36.17
C ALA D 684 -10.69 -13.13 37.28
N HIS D 685 -9.42 -12.78 37.16
CA HIS D 685 -8.74 -12.06 38.23
C HIS D 685 -9.15 -10.59 38.21
N PRO D 686 -9.02 -9.88 39.33
CA PRO D 686 -9.65 -8.56 39.44
C PRO D 686 -9.03 -7.50 38.54
N ASP D 687 -9.14 -7.70 37.23
CA ASP D 687 -8.89 -6.66 36.26
C ASP D 687 -9.98 -6.66 35.19
N VAL D 688 -10.67 -7.78 35.05
CA VAL D 688 -11.75 -7.85 34.07
C VAL D 688 -13.01 -7.17 34.61
N PHE D 689 -13.18 -7.16 35.93
CA PHE D 689 -14.35 -6.53 36.52
C PHE D 689 -14.46 -5.06 36.12
N ASP D 690 -13.31 -4.38 36.04
CA ASP D 690 -13.31 -2.94 35.78
C ASP D 690 -13.82 -2.61 34.39
N VAL D 691 -13.82 -3.58 33.46
CA VAL D 691 -14.30 -3.32 32.11
C VAL D 691 -15.81 -3.16 32.11
N LEU D 692 -16.52 -4.14 32.68
CA LEU D 692 -17.97 -4.05 32.78
C LEU D 692 -18.42 -3.20 33.96
N LEU D 693 -17.48 -2.68 34.76
CA LEU D 693 -17.84 -1.71 35.79
C LEU D 693 -18.58 -0.51 35.22
N GLN D 694 -18.40 -0.21 33.94
CA GLN D 694 -19.16 0.85 33.29
C GLN D 694 -20.11 0.33 32.22
N VAL D 695 -20.08 -0.97 31.92
CA VAL D 695 -21.22 -1.59 31.25
C VAL D 695 -22.44 -1.54 32.15
N LEU D 696 -22.26 -1.98 33.40
CA LEU D 696 -23.27 -1.74 34.42
C LEU D 696 -23.41 -0.25 34.68
N ASP D 697 -24.63 0.16 35.04
CA ASP D 697 -24.99 1.50 35.51
C ASP D 697 -25.01 2.54 34.40
N GLU D 698 -24.49 2.24 33.22
CA GLU D 698 -24.64 3.18 32.11
C GLU D 698 -25.11 2.53 30.83
N GLY D 699 -24.66 1.31 30.55
CA GLY D 699 -24.93 0.68 29.27
C GLY D 699 -24.07 1.27 28.17
N ARG D 700 -22.75 1.20 28.35
CA ARG D 700 -21.82 1.75 27.37
C ARG D 700 -20.62 0.81 27.27
N LEU D 701 -20.12 0.68 26.04
CA LEU D 701 -18.91 -0.08 25.78
C LEU D 701 -18.39 0.29 24.40
N THR D 702 -17.10 0.58 24.31
CA THR D 702 -16.46 1.00 23.08
C THR D 702 -15.50 -0.08 22.59
N ASP D 703 -15.23 -0.07 21.30
CA ASP D 703 -14.31 -1.00 20.68
C ASP D 703 -13.14 -0.23 20.06
N GLY D 704 -12.30 -0.95 19.32
CA GLY D 704 -11.15 -0.36 18.68
C GLY D 704 -11.47 0.84 17.80
N HIS D 705 -12.56 0.76 17.03
CA HIS D 705 -12.91 1.84 16.12
C HIS D 705 -13.47 3.05 16.87
N GLY D 706 -13.72 2.92 18.16
CA GLY D 706 -14.19 4.04 18.95
C GLY D 706 -15.70 4.24 18.91
N ARG D 707 -16.44 3.29 18.38
CA ARG D 707 -17.88 3.34 18.36
C ARG D 707 -18.43 2.73 19.64
N THR D 708 -19.46 3.38 20.19
CA THR D 708 -20.10 2.93 21.42
C THR D 708 -21.35 2.12 21.09
N VAL D 709 -21.55 1.05 21.85
CA VAL D 709 -22.76 0.25 21.78
C VAL D 709 -23.45 0.33 23.14
N ASP D 710 -24.79 0.33 23.12
CA ASP D 710 -25.58 0.60 24.31
C ASP D 710 -26.23 -0.69 24.81
N PHE D 711 -25.92 -1.06 26.05
CA PHE D 711 -26.62 -2.16 26.71
C PHE D 711 -27.78 -1.63 27.54
N ARG D 712 -28.65 -0.83 26.93
CA ARG D 712 -29.69 -0.12 27.65
C ARG D 712 -30.99 -0.91 27.76
N ASN D 713 -31.17 -1.95 26.95
CA ASN D 713 -32.38 -2.77 27.00
C ASN D 713 -32.02 -4.25 26.92
N THR D 714 -30.97 -4.64 27.65
CA THR D 714 -30.56 -6.03 27.74
C THR D 714 -30.43 -6.38 29.21
N ILE D 715 -30.82 -7.60 29.56
CA ILE D 715 -30.76 -8.04 30.95
C ILE D 715 -29.39 -8.68 31.20
N LEU D 716 -28.62 -8.08 32.10
CA LEU D 716 -27.30 -8.60 32.45
C LEU D 716 -27.41 -9.53 33.65
N ILE D 717 -26.71 -10.66 33.57
CA ILE D 717 -26.75 -11.68 34.61
C ILE D 717 -25.35 -12.26 34.75
N LEU D 718 -24.85 -12.33 35.98
CA LEU D 718 -23.52 -12.87 36.26
C LEU D 718 -23.58 -13.75 37.49
N THR D 719 -23.26 -15.03 37.32
CA THR D 719 -23.33 -16.00 38.40
C THR D 719 -21.97 -16.13 39.08
N SER D 720 -21.92 -16.95 40.13
CA SER D 720 -20.69 -17.17 40.88
C SER D 720 -20.90 -18.37 41.78
N ASN D 721 -19.83 -18.75 42.48
CA ASN D 721 -19.88 -19.83 43.46
C ASN D 721 -19.15 -19.43 44.74
N LEU D 722 -18.89 -18.13 44.89
CA LEU D 722 -18.24 -17.61 46.08
C LEU D 722 -19.08 -17.90 47.31
N GLY D 723 -18.42 -18.13 48.45
CA GLY D 723 -19.12 -18.61 49.61
C GLY D 723 -19.16 -20.13 49.62
N SER D 724 -20.25 -20.69 49.11
CA SER D 724 -20.38 -22.13 48.90
C SER D 724 -20.29 -22.91 50.22
N GLY D 725 -21.26 -22.65 51.10
CA GLY D 725 -21.39 -23.41 52.32
C GLY D 725 -21.82 -22.60 53.51
N GLY D 726 -21.49 -21.31 53.52
CA GLY D 726 -21.83 -20.44 54.63
C GLY D 726 -23.29 -20.06 54.64
N SER D 727 -23.62 -19.14 55.55
CA SER D 727 -24.97 -18.60 55.67
C SER D 727 -25.02 -17.23 54.98
N ALA D 728 -26.15 -16.54 55.16
CA ALA D 728 -26.37 -15.24 54.54
C ALA D 728 -25.42 -14.16 55.05
N GLU D 729 -24.54 -14.47 56.01
CA GLU D 729 -23.57 -13.51 56.50
C GLU D 729 -22.13 -13.92 56.25
N GLN D 730 -21.85 -15.20 55.99
CA GLN D 730 -20.50 -15.62 55.62
C GLN D 730 -20.20 -15.41 54.15
N VAL D 731 -21.17 -15.63 53.27
CA VAL D 731 -20.94 -15.42 51.85
C VAL D 731 -20.92 -13.93 51.51
N LEU D 732 -21.66 -13.10 52.26
CA LEU D 732 -21.62 -11.67 52.02
C LEU D 732 -20.25 -11.09 52.36
N ALA D 733 -19.61 -11.61 53.41
CA ALA D 733 -18.24 -11.21 53.72
C ALA D 733 -17.30 -11.60 52.59
N ALA D 734 -17.49 -12.78 52.02
CA ALA D 734 -16.67 -13.21 50.89
C ALA D 734 -16.86 -12.28 49.69
N VAL D 735 -18.10 -11.88 49.43
CA VAL D 735 -18.37 -10.96 48.33
C VAL D 735 -17.69 -9.61 48.60
N ARG D 736 -17.85 -9.08 49.81
CA ARG D 736 -17.27 -7.79 50.13
C ARG D 736 -15.75 -7.83 50.13
N ALA D 737 -15.17 -9.02 50.32
CA ALA D 737 -13.72 -9.17 50.27
C ALA D 737 -13.18 -9.42 48.87
N THR D 738 -13.96 -10.05 47.99
CA THR D 738 -13.51 -10.32 46.63
C THR D 738 -13.85 -9.21 45.64
N PHE D 739 -14.80 -8.35 45.97
CA PHE D 739 -15.15 -7.22 45.11
C PHE D 739 -14.91 -5.91 45.84
N LYS D 740 -14.87 -4.82 45.07
CA LYS D 740 -14.65 -3.56 45.76
C LYS D 740 -15.95 -2.77 45.85
N PRO D 741 -16.06 -1.82 46.78
CA PRO D 741 -17.36 -1.16 47.01
C PRO D 741 -17.93 -0.45 45.80
N GLU D 742 -17.10 -0.03 44.85
CA GLU D 742 -17.59 0.66 43.67
C GLU D 742 -18.19 -0.29 42.64
N PHE D 743 -18.06 -1.60 42.84
CA PHE D 743 -18.61 -2.60 41.94
C PHE D 743 -19.92 -3.18 42.46
N ILE D 744 -20.00 -3.46 43.76
CA ILE D 744 -21.24 -3.94 44.35
C ILE D 744 -22.33 -2.87 44.24
N ASN D 745 -21.92 -1.60 44.32
CA ASN D 745 -22.88 -0.50 44.30
C ASN D 745 -23.60 -0.35 42.97
N ARG D 746 -23.06 -0.92 41.89
CA ARG D 746 -23.65 -0.75 40.56
C ARG D 746 -24.86 -1.65 40.33
N LEU D 747 -24.80 -2.88 40.82
CA LEU D 747 -25.78 -3.90 40.44
C LEU D 747 -26.94 -3.98 41.42
N ASP D 748 -28.04 -4.55 40.94
CA ASP D 748 -29.28 -4.67 41.71
C ASP D 748 -29.16 -5.84 42.69
N ASP D 749 -30.31 -6.28 43.21
CA ASP D 749 -30.38 -7.27 44.28
C ASP D 749 -29.34 -8.38 44.11
N VAL D 750 -28.64 -8.68 45.21
CA VAL D 750 -27.70 -9.79 45.26
C VAL D 750 -28.44 -11.00 45.79
N LEU D 751 -28.85 -11.89 44.90
CA LEU D 751 -29.73 -12.99 45.28
C LEU D 751 -28.89 -14.16 45.79
N ILE D 752 -29.35 -14.78 46.88
CA ILE D 752 -28.72 -15.96 47.44
C ILE D 752 -29.60 -17.16 47.11
N PHE D 753 -29.07 -18.07 46.29
CA PHE D 753 -29.83 -19.27 45.94
C PHE D 753 -29.83 -20.26 47.09
N GLU D 754 -31.01 -20.73 47.44
CA GLU D 754 -31.17 -21.65 48.57
C GLU D 754 -30.95 -23.09 48.12
N GLY D 755 -30.73 -23.97 49.09
CA GLY D 755 -30.45 -25.35 48.82
C GLY D 755 -31.65 -26.07 48.23
N LEU D 756 -31.43 -27.35 47.93
CA LEU D 756 -32.43 -28.19 47.29
C LEU D 756 -33.08 -29.10 48.32
N ASN D 757 -34.37 -28.85 48.59
CA ASN D 757 -35.34 -29.41 49.51
C ASN D 757 -35.68 -30.85 49.15
N PRO D 758 -35.49 -31.78 50.08
CA PRO D 758 -35.61 -33.22 49.75
C PRO D 758 -36.94 -33.64 49.16
N GLU D 759 -37.96 -32.77 49.17
CA GLU D 759 -39.29 -33.17 48.71
C GLU D 759 -39.47 -33.06 47.21
N GLU D 760 -39.25 -31.89 46.63
CA GLU D 760 -39.56 -31.63 45.23
C GLU D 760 -38.53 -32.19 44.26
N LEU D 761 -37.60 -33.04 44.74
CA LEU D 761 -36.58 -33.59 43.85
C LEU D 761 -37.19 -34.48 42.78
N VAL D 762 -38.34 -35.08 43.05
CA VAL D 762 -38.98 -35.91 42.04
C VAL D 762 -39.44 -35.08 40.85
N ARG D 763 -39.76 -33.79 41.06
CA ARG D 763 -40.28 -32.99 39.96
C ARG D 763 -39.22 -32.67 38.92
N ILE D 764 -37.98 -32.40 39.34
CA ILE D 764 -36.92 -32.20 38.35
C ILE D 764 -36.61 -33.50 37.63
N VAL D 765 -36.81 -34.64 38.31
CA VAL D 765 -36.69 -35.92 37.62
C VAL D 765 -37.77 -36.04 36.55
N ASP D 766 -39.01 -35.64 36.86
CA ASP D 766 -40.05 -35.62 35.84
C ASP D 766 -39.68 -34.69 34.69
N ILE D 767 -39.03 -33.57 35.00
CA ILE D 767 -38.59 -32.64 33.97
C ILE D 767 -37.59 -33.32 33.04
N GLN D 768 -36.57 -33.96 33.61
CA GLN D 768 -35.56 -34.64 32.78
C GLN D 768 -36.18 -35.77 31.97
N LEU D 769 -37.10 -36.52 32.58
CA LEU D 769 -37.76 -37.61 31.85
C LEU D 769 -38.61 -37.07 30.71
N ALA D 770 -39.30 -35.94 30.92
CA ALA D 770 -40.08 -35.35 29.84
C ALA D 770 -39.18 -34.82 28.73
N GLN D 771 -38.00 -34.31 29.09
CA GLN D 771 -37.03 -33.89 28.09
C GLN D 771 -36.57 -35.08 27.25
N LEU D 772 -36.27 -36.20 27.91
CA LEU D 772 -35.87 -37.40 27.18
C LEU D 772 -37.00 -37.90 26.30
N GLY D 773 -38.24 -37.83 26.78
CA GLY D 773 -39.37 -38.24 25.97
C GLY D 773 -39.58 -37.35 24.76
N LYS D 774 -39.42 -36.04 24.93
CA LYS D 774 -39.47 -35.13 23.78
C LYS D 774 -38.36 -35.43 22.80
N ARG D 775 -37.17 -35.81 23.28
CA ARG D 775 -36.12 -36.26 22.38
C ARG D 775 -36.56 -37.51 21.62
N LEU D 776 -37.25 -38.42 22.31
CA LEU D 776 -37.78 -39.63 21.67
C LEU D 776 -39.08 -39.35 20.93
N ALA D 777 -39.02 -38.41 19.97
CA ALA D 777 -40.18 -38.02 19.19
C ALA D 777 -40.07 -38.38 17.72
N GLN D 778 -38.87 -38.50 17.17
CA GLN D 778 -38.73 -38.95 15.80
C GLN D 778 -39.24 -40.38 15.60
N ARG D 779 -39.39 -41.14 16.67
CA ARG D 779 -40.09 -42.41 16.68
C ARG D 779 -41.37 -42.25 17.49
N ARG D 780 -42.21 -43.27 17.46
CA ARG D 780 -43.44 -43.30 18.26
C ARG D 780 -43.23 -43.95 19.62
N LEU D 781 -42.01 -43.90 20.15
CA LEU D 781 -41.67 -44.52 21.42
C LEU D 781 -42.28 -43.73 22.57
N GLN D 782 -42.75 -44.45 23.59
CA GLN D 782 -43.19 -43.87 24.85
C GLN D 782 -42.47 -44.57 25.99
N LEU D 783 -42.78 -44.15 27.22
CA LEU D 783 -42.16 -44.73 28.41
C LEU D 783 -43.20 -44.87 29.51
N GLN D 784 -42.91 -45.78 30.44
CA GLN D 784 -43.81 -46.11 31.55
C GLN D 784 -43.04 -46.17 32.86
N VAL D 785 -42.24 -45.14 33.14
CA VAL D 785 -41.42 -45.12 34.35
C VAL D 785 -42.29 -45.29 35.59
N SER D 786 -41.89 -46.20 36.46
CA SER D 786 -42.63 -46.53 37.67
C SER D 786 -42.25 -45.59 38.80
N LEU D 787 -43.14 -45.52 39.80
CA LEU D 787 -42.89 -44.67 40.96
C LEU D 787 -41.66 -45.07 41.77
N PRO D 788 -41.44 -46.35 42.10
CA PRO D 788 -40.19 -46.67 42.81
C PRO D 788 -38.94 -46.44 41.97
N ALA D 789 -39.04 -46.65 40.65
CA ALA D 789 -37.93 -46.30 39.78
C ALA D 789 -37.62 -44.82 39.84
N LYS D 790 -38.67 -43.98 39.84
CA LYS D 790 -38.47 -42.54 39.98
C LYS D 790 -37.84 -42.20 41.32
N ARG D 791 -38.33 -42.83 42.39
CA ARG D 791 -37.76 -42.61 43.72
C ARG D 791 -36.27 -42.93 43.73
N TRP D 792 -35.89 -44.07 43.15
CA TRP D 792 -34.48 -44.46 43.17
C TRP D 792 -33.64 -43.55 42.28
N LEU D 793 -34.19 -43.12 41.15
CA LEU D 793 -33.45 -42.22 40.26
C LEU D 793 -33.26 -40.86 40.90
N ALA D 794 -34.21 -40.44 41.75
CA ALA D 794 -34.07 -39.17 42.44
C ALA D 794 -33.10 -39.28 43.61
N GLN D 795 -33.17 -40.37 44.37
CA GLN D 795 -32.24 -40.55 45.49
C GLN D 795 -30.81 -40.71 45.00
N ARG D 796 -30.62 -41.46 43.91
CA ARG D 796 -29.30 -41.63 43.30
C ARG D 796 -28.97 -40.41 42.46
N GLY D 797 -27.67 -40.15 42.31
CA GLY D 797 -27.21 -39.02 41.52
C GLY D 797 -27.67 -37.69 42.05
N PHE D 798 -27.68 -37.51 43.37
CA PHE D 798 -28.11 -36.26 43.99
C PHE D 798 -27.16 -35.93 45.14
N ASP D 799 -25.86 -35.97 44.85
CA ASP D 799 -24.84 -35.73 45.87
C ASP D 799 -25.09 -34.39 46.57
N PRO D 800 -25.10 -34.39 47.90
CA PRO D 800 -25.45 -33.15 48.62
C PRO D 800 -24.43 -32.04 48.46
N VAL D 801 -23.20 -32.36 48.03
CA VAL D 801 -22.22 -31.31 47.80
C VAL D 801 -22.18 -30.87 46.34
N TYR D 802 -22.75 -31.65 45.43
CA TYR D 802 -22.78 -31.30 44.01
C TYR D 802 -24.20 -31.13 43.48
N GLY D 803 -25.16 -30.81 44.35
CA GLY D 803 -26.54 -30.57 43.97
C GLY D 803 -27.11 -31.64 43.07
N ALA D 804 -27.65 -31.21 41.93
CA ALA D 804 -28.23 -32.10 40.93
C ALA D 804 -27.38 -32.20 39.68
N ARG D 805 -26.06 -32.13 39.83
CA ARG D 805 -25.15 -32.21 38.69
C ARG D 805 -25.16 -33.60 38.04
N PRO D 806 -24.93 -34.69 38.77
CA PRO D 806 -24.78 -36.00 38.09
C PRO D 806 -26.09 -36.59 37.60
N LEU D 807 -27.23 -35.91 37.79
CA LEU D 807 -28.51 -36.53 37.44
C LEU D 807 -28.63 -36.76 35.95
N ARG D 808 -28.14 -35.82 35.12
CA ARG D 808 -28.24 -35.99 33.68
C ARG D 808 -27.43 -37.19 33.21
N ARG D 809 -26.17 -37.28 33.65
CA ARG D 809 -25.33 -38.41 33.26
C ARG D 809 -25.88 -39.73 33.79
N LEU D 810 -26.46 -39.70 34.99
CA LEU D 810 -27.05 -40.91 35.57
C LEU D 810 -28.24 -41.37 34.74
N VAL D 811 -29.14 -40.45 34.38
CA VAL D 811 -30.28 -40.81 33.54
C VAL D 811 -29.80 -41.35 32.20
N GLN D 812 -28.78 -40.72 31.62
CA GLN D 812 -28.24 -41.22 30.36
C GLN D 812 -27.74 -42.65 30.52
N GLN D 813 -26.84 -42.89 31.47
CA GLN D 813 -26.29 -44.23 31.69
C GLN D 813 -27.40 -45.26 31.90
N ALA D 814 -28.39 -44.93 32.74
CA ALA D 814 -29.38 -45.92 33.13
C ALA D 814 -30.55 -46.05 32.17
N ILE D 815 -30.67 -45.19 31.16
CA ILE D 815 -31.79 -45.31 30.23
C ILE D 815 -31.31 -45.41 28.78
N GLY D 816 -30.53 -44.43 28.33
CA GLY D 816 -30.25 -44.30 26.91
C GLY D 816 -29.39 -45.40 26.35
N ASP D 817 -28.36 -45.82 27.08
CA ASP D 817 -27.51 -46.92 26.62
C ASP D 817 -28.32 -48.19 26.43
N GLN D 818 -29.09 -48.58 27.47
CA GLN D 818 -29.90 -49.78 27.38
C GLN D 818 -30.96 -49.67 26.29
N LEU D 819 -31.54 -48.48 26.10
CA LEU D 819 -32.57 -48.34 25.08
C LEU D 819 -31.98 -48.44 23.68
N ALA D 820 -30.79 -47.85 23.48
CA ALA D 820 -30.13 -47.99 22.18
C ALA D 820 -29.74 -49.43 21.92
N LYS D 821 -29.29 -50.15 22.96
CA LYS D 821 -28.97 -51.56 22.80
C LYS D 821 -30.22 -52.36 22.41
N MET D 822 -31.31 -52.19 23.14
CA MET D 822 -32.54 -52.92 22.84
C MET D 822 -33.18 -52.46 21.54
N LEU D 823 -32.77 -51.30 21.00
CA LEU D 823 -33.34 -50.86 19.74
C LEU D 823 -32.50 -51.32 18.55
N LEU D 824 -31.19 -51.48 18.74
CA LEU D 824 -30.32 -51.94 17.68
C LEU D 824 -30.23 -53.47 17.60
N ALA D 825 -30.44 -54.17 18.72
CA ALA D 825 -30.39 -55.63 18.73
C ALA D 825 -31.74 -56.26 18.45
N GLY D 826 -32.63 -55.56 17.75
CA GLY D 826 -33.99 -56.05 17.58
C GLY D 826 -34.69 -56.09 18.93
N GLN D 827 -35.78 -56.88 18.95
CA GLN D 827 -36.54 -57.26 20.14
C GLN D 827 -37.22 -56.07 20.81
N VAL D 828 -37.01 -54.87 20.28
CA VAL D 828 -37.76 -53.67 20.69
C VAL D 828 -37.89 -52.78 19.47
N HIS D 829 -39.12 -52.61 18.99
CA HIS D 829 -39.38 -51.78 17.82
C HIS D 829 -40.02 -50.47 18.24
N ASP D 830 -40.44 -49.67 17.27
CA ASP D 830 -41.11 -48.41 17.59
C ASP D 830 -42.49 -48.66 18.15
N GLY D 831 -42.99 -47.68 18.90
CA GLY D 831 -44.28 -47.79 19.54
C GLY D 831 -44.30 -48.62 20.81
N ASP D 832 -43.21 -49.28 21.14
CA ASP D 832 -43.13 -50.13 22.32
C ASP D 832 -43.06 -49.24 23.55
N THR D 833 -44.22 -48.99 24.16
CA THR D 833 -44.29 -48.24 25.41
C THR D 833 -43.81 -49.16 26.52
N VAL D 834 -42.48 -49.26 26.63
CA VAL D 834 -41.85 -50.23 27.51
C VAL D 834 -41.61 -49.62 28.88
N PRO D 835 -41.93 -50.31 29.97
CA PRO D 835 -41.69 -49.76 31.30
C PRO D 835 -40.30 -50.05 31.84
N VAL D 836 -40.04 -49.61 33.07
CA VAL D 836 -38.79 -49.89 33.76
C VAL D 836 -39.13 -50.34 35.19
N ASN D 837 -38.15 -50.97 35.84
CA ASN D 837 -38.32 -51.50 37.18
C ASN D 837 -37.18 -51.03 38.07
N VAL D 838 -37.17 -51.54 39.31
CA VAL D 838 -36.12 -51.19 40.24
C VAL D 838 -34.89 -52.07 40.04
N SER D 839 -35.09 -53.41 40.02
CA SER D 839 -34.00 -54.37 39.85
C SER D 839 -32.91 -54.05 40.88
N PRO D 840 -33.11 -54.42 42.15
CA PRO D 840 -32.53 -53.69 43.29
C PRO D 840 -31.19 -53.00 43.08
N ASP D 841 -30.21 -53.69 42.50
CA ASP D 841 -28.89 -53.09 42.34
C ASP D 841 -28.90 -51.98 41.28
N ALA D 842 -29.15 -52.35 40.03
CA ALA D 842 -29.11 -51.39 38.93
C ALA D 842 -30.44 -51.38 38.19
N ASP D 843 -30.83 -50.19 37.72
CA ASP D 843 -32.09 -50.04 37.02
C ASP D 843 -32.12 -50.88 35.75
N SER D 844 -33.14 -51.71 35.62
CA SER D 844 -33.31 -52.58 34.47
C SER D 844 -34.59 -52.23 33.74
N LEU D 845 -34.81 -52.89 32.62
CA LEU D 845 -35.97 -52.63 31.79
C LEU D 845 -37.26 -53.08 32.48
N GLN E 159 -41.18 4.17 -28.40
CA GLN E 159 -40.91 4.24 -29.83
C GLN E 159 -39.49 4.72 -30.09
N ALA E 160 -38.66 4.68 -29.05
CA ALA E 160 -37.27 5.10 -29.17
C ALA E 160 -36.28 4.09 -28.60
N LEU E 161 -36.73 3.19 -27.72
CA LEU E 161 -35.84 2.22 -27.09
C LEU E 161 -36.09 0.79 -27.54
N GLN E 162 -37.27 0.47 -28.06
CA GLN E 162 -37.54 -0.87 -28.59
C GLN E 162 -36.49 -1.30 -29.61
N LYS E 163 -35.91 -0.34 -30.33
CA LYS E 163 -34.85 -0.65 -31.28
C LYS E 163 -33.63 -1.26 -30.60
N TYR E 164 -33.53 -1.11 -29.27
CA TYR E 164 -32.32 -1.48 -28.56
C TYR E 164 -32.53 -2.30 -27.29
N SER E 165 -33.76 -2.46 -26.82
CA SER E 165 -34.02 -3.16 -25.58
C SER E 165 -35.16 -4.16 -25.74
N THR E 166 -35.37 -4.95 -24.69
CA THR E 166 -36.37 -6.02 -24.64
C THR E 166 -37.67 -5.48 -24.04
N ASP E 167 -38.55 -6.41 -23.68
CA ASP E 167 -39.81 -6.07 -23.03
C ASP E 167 -40.34 -7.27 -22.25
N LEU E 168 -40.93 -7.01 -21.08
CA LEU E 168 -41.51 -8.06 -20.24
C LEU E 168 -42.98 -7.79 -19.93
N THR E 169 -43.52 -6.69 -20.45
CA THR E 169 -44.93 -6.37 -20.31
C THR E 169 -45.72 -6.73 -21.56
N ALA E 170 -45.27 -6.28 -22.73
CA ALA E 170 -45.88 -6.72 -23.98
C ALA E 170 -45.67 -8.20 -24.22
N ARG E 171 -44.52 -8.75 -23.80
CA ARG E 171 -44.26 -10.18 -23.93
C ARG E 171 -45.08 -10.98 -22.92
N ALA E 172 -45.78 -10.32 -22.00
CA ALA E 172 -46.62 -11.04 -21.06
C ALA E 172 -48.00 -11.33 -21.65
N ARG E 173 -48.49 -10.43 -22.52
CA ARG E 173 -49.76 -10.66 -23.20
C ARG E 173 -49.67 -11.77 -24.23
N GLU E 174 -48.46 -12.15 -24.64
CA GLU E 174 -48.31 -13.22 -25.63
C GLU E 174 -48.40 -14.59 -24.99
N GLY E 175 -47.82 -14.74 -23.80
CA GLY E 175 -47.78 -16.02 -23.13
C GLY E 175 -46.44 -16.72 -23.12
N LYS E 176 -45.40 -16.10 -23.68
CA LYS E 176 -44.07 -16.71 -23.69
C LYS E 176 -43.52 -16.89 -22.29
N LEU E 177 -44.10 -16.25 -21.29
CA LEU E 177 -43.63 -16.41 -19.92
C LEU E 177 -44.11 -17.74 -19.35
N ASP E 178 -43.29 -18.29 -18.47
CA ASP E 178 -43.63 -19.52 -17.76
C ASP E 178 -44.53 -19.19 -16.57
N PRO E 179 -45.06 -20.21 -15.89
CA PRO E 179 -45.90 -19.93 -14.70
C PRO E 179 -45.11 -19.20 -13.62
N VAL E 180 -45.86 -18.80 -12.59
CA VAL E 180 -45.33 -17.94 -11.53
C VAL E 180 -45.53 -18.63 -10.19
N ILE E 181 -45.91 -19.91 -10.24
CA ILE E 181 -46.43 -20.62 -9.08
C ILE E 181 -45.48 -20.52 -7.90
N GLY E 182 -46.04 -20.22 -6.72
CA GLY E 182 -45.28 -20.18 -5.49
C GLY E 182 -44.70 -18.80 -5.20
N ARG E 183 -44.19 -18.64 -3.99
CA ARG E 183 -43.45 -17.44 -3.58
C ARG E 183 -44.27 -16.17 -3.83
N ASP E 184 -45.36 -16.05 -3.08
CA ASP E 184 -46.31 -14.95 -3.25
C ASP E 184 -46.11 -13.86 -2.20
N ASN E 185 -45.22 -14.07 -1.24
CA ASN E 185 -44.87 -13.05 -0.27
C ASN E 185 -43.89 -12.03 -0.82
N GLU E 186 -42.88 -12.47 -1.56
CA GLU E 186 -41.88 -11.55 -2.12
C GLU E 186 -42.51 -10.59 -3.12
N ILE E 187 -43.50 -11.05 -3.88
CA ILE E 187 -44.15 -10.17 -4.85
C ILE E 187 -44.88 -9.04 -4.14
N ARG E 188 -45.64 -9.38 -3.08
CA ARG E 188 -46.34 -8.34 -2.33
C ARG E 188 -45.36 -7.42 -1.63
N ARG E 189 -44.27 -7.97 -1.11
CA ARG E 189 -43.24 -7.12 -0.49
C ARG E 189 -42.67 -6.13 -1.50
N VAL E 190 -42.33 -6.61 -2.70
CA VAL E 190 -41.78 -5.73 -3.72
C VAL E 190 -42.80 -4.67 -4.12
N VAL E 191 -44.08 -5.06 -4.21
CA VAL E 191 -45.10 -4.09 -4.58
C VAL E 191 -45.23 -3.00 -3.52
N GLN E 192 -45.25 -3.38 -2.24
CA GLN E 192 -45.45 -2.38 -1.20
C GLN E 192 -44.20 -1.54 -0.99
N VAL E 193 -43.02 -2.08 -1.32
CA VAL E 193 -41.79 -1.28 -1.27
C VAL E 193 -41.76 -0.28 -2.42
N LEU E 194 -42.17 -0.72 -3.61
CA LEU E 194 -42.15 0.16 -4.77
C LEU E 194 -43.26 1.20 -4.70
N SER E 195 -44.33 0.94 -3.96
CA SER E 195 -45.40 1.91 -3.78
C SER E 195 -45.16 2.71 -2.50
N ARG E 196 -44.04 3.43 -2.50
CA ARG E 196 -43.65 4.28 -1.38
C ARG E 196 -43.36 5.67 -1.90
N ARG E 197 -42.86 6.52 -1.01
CA ARG E 197 -42.46 7.89 -1.34
C ARG E 197 -40.95 8.07 -1.33
N THR E 198 -40.24 7.42 -0.42
CA THR E 198 -38.79 7.42 -0.36
C THR E 198 -38.30 5.97 -0.29
N LYS E 199 -37.09 5.74 -0.80
CA LYS E 199 -36.52 4.40 -0.87
C LYS E 199 -37.41 3.47 -1.69
N ASN E 200 -38.10 4.03 -2.67
CA ASN E 200 -39.14 3.32 -3.40
C ASN E 200 -38.56 2.64 -4.65
N ASN E 201 -37.50 1.87 -4.42
CA ASN E 201 -36.93 1.01 -5.46
C ASN E 201 -36.20 -0.14 -4.79
N PRO E 202 -36.80 -1.32 -4.76
CA PRO E 202 -36.16 -2.46 -4.09
C PRO E 202 -35.11 -3.13 -4.96
N VAL E 203 -34.22 -3.86 -4.30
CA VAL E 203 -33.25 -4.71 -4.97
C VAL E 203 -33.31 -6.09 -4.34
N LEU E 204 -33.41 -7.13 -5.17
CA LEU E 204 -33.54 -8.50 -4.72
C LEU E 204 -32.16 -9.06 -4.42
N ILE E 205 -31.99 -9.61 -3.23
CA ILE E 205 -30.70 -10.06 -2.74
C ILE E 205 -30.78 -11.57 -2.55
N GLY E 206 -30.10 -12.32 -3.41
CA GLY E 206 -30.10 -13.77 -3.31
C GLY E 206 -29.02 -14.37 -4.18
N GLU E 207 -28.83 -15.67 -4.02
CA GLU E 207 -27.86 -16.40 -4.81
C GLU E 207 -28.34 -16.53 -6.26
N PRO E 208 -27.46 -16.94 -7.17
CA PRO E 208 -27.90 -17.15 -8.55
C PRO E 208 -28.81 -18.37 -8.66
N GLY E 209 -29.75 -18.28 -9.59
CA GLY E 209 -30.66 -19.39 -9.86
C GLY E 209 -31.68 -19.65 -8.78
N VAL E 210 -32.05 -18.61 -8.02
CA VAL E 210 -33.07 -18.75 -6.99
C VAL E 210 -34.44 -18.26 -7.44
N GLY E 211 -34.53 -17.39 -8.44
CA GLY E 211 -35.83 -17.00 -8.94
C GLY E 211 -36.12 -15.51 -8.90
N LYS E 212 -35.09 -14.67 -9.01
CA LYS E 212 -35.32 -13.23 -9.02
C LYS E 212 -36.05 -12.79 -10.28
N THR E 213 -35.53 -13.18 -11.45
CA THR E 213 -36.23 -12.91 -12.69
C THR E 213 -37.61 -13.55 -12.70
N ALA E 214 -37.74 -14.73 -12.09
CA ALA E 214 -39.05 -15.33 -11.95
C ALA E 214 -39.99 -14.44 -11.15
N ILE E 215 -39.49 -13.87 -10.04
CA ILE E 215 -40.30 -12.98 -9.22
C ILE E 215 -40.77 -11.78 -10.03
N VAL E 216 -39.85 -11.15 -10.76
CA VAL E 216 -40.21 -9.90 -11.44
C VAL E 216 -41.14 -10.17 -12.61
N GLU E 217 -40.90 -11.26 -13.36
CA GLU E 217 -41.81 -11.60 -14.43
C GLU E 217 -43.16 -12.07 -13.90
N GLY E 218 -43.19 -12.63 -12.69
CA GLY E 218 -44.47 -12.95 -12.08
C GLY E 218 -45.23 -11.71 -11.67
N LEU E 219 -44.50 -10.69 -11.18
CA LEU E 219 -45.13 -9.39 -10.95
C LEU E 219 -45.73 -8.84 -12.23
N ALA E 220 -44.99 -8.98 -13.34
CA ALA E 220 -45.51 -8.49 -14.62
C ALA E 220 -46.75 -9.27 -15.06
N GLN E 221 -46.73 -10.59 -14.89
CA GLN E 221 -47.87 -11.44 -15.23
C GLN E 221 -49.08 -11.17 -14.36
N ARG E 222 -48.87 -10.83 -13.09
CA ARG E 222 -49.98 -10.38 -12.26
C ARG E 222 -50.50 -9.02 -12.71
N ILE E 223 -49.58 -8.14 -13.14
CA ILE E 223 -49.98 -6.82 -13.61
C ILE E 223 -50.88 -6.93 -14.83
N VAL E 224 -50.51 -7.81 -15.77
CA VAL E 224 -51.23 -7.88 -17.04
C VAL E 224 -52.69 -8.29 -16.85
N ALA E 225 -52.98 -9.07 -15.80
CA ALA E 225 -54.37 -9.42 -15.51
C ALA E 225 -55.02 -8.38 -14.60
N GLY E 226 -54.25 -7.83 -13.66
CA GLY E 226 -54.72 -6.79 -12.77
C GLY E 226 -55.04 -7.30 -11.38
N ASP E 227 -54.07 -7.16 -10.49
CA ASP E 227 -54.18 -7.42 -9.06
C ASP E 227 -53.56 -6.31 -8.23
N VAL E 228 -52.59 -5.59 -8.78
CA VAL E 228 -51.94 -4.49 -8.06
C VAL E 228 -52.92 -3.34 -7.89
N PRO E 229 -52.72 -2.45 -6.93
CA PRO E 229 -53.57 -1.26 -6.84
C PRO E 229 -53.43 -0.38 -8.07
N GLU E 230 -54.35 0.56 -8.20
CA GLU E 230 -54.34 1.48 -9.34
C GLU E 230 -53.09 2.35 -9.37
N SER E 231 -52.41 2.52 -8.22
CA SER E 231 -51.21 3.33 -8.18
C SER E 231 -50.14 2.82 -9.13
N LEU E 232 -50.09 1.52 -9.37
CA LEU E 232 -49.15 0.93 -10.32
C LEU E 232 -49.87 0.01 -11.30
N ARG E 233 -51.14 0.29 -11.55
CA ARG E 233 -51.87 -0.32 -12.65
C ARG E 233 -51.66 0.51 -13.91
N ASP E 234 -51.88 -0.13 -15.06
CA ASP E 234 -51.65 0.48 -16.37
C ASP E 234 -50.18 0.93 -16.48
N LYS E 235 -49.28 0.05 -16.05
CA LYS E 235 -47.85 0.29 -16.10
C LYS E 235 -47.22 -0.69 -17.08
N THR E 236 -45.91 -0.52 -17.30
CA THR E 236 -45.15 -1.41 -18.17
C THR E 236 -43.75 -1.53 -17.61
N ILE E 237 -43.16 -2.72 -17.74
CA ILE E 237 -41.85 -2.99 -17.18
C ILE E 237 -40.94 -3.49 -18.30
N VAL E 238 -39.65 -3.23 -18.14
CA VAL E 238 -38.65 -3.58 -19.15
C VAL E 238 -37.37 -4.01 -18.44
N ALA E 239 -36.76 -5.08 -18.94
CA ALA E 239 -35.47 -5.53 -18.41
C ALA E 239 -34.35 -4.82 -19.16
N LEU E 240 -33.23 -4.61 -18.47
CA LEU E 240 -32.09 -3.96 -19.08
C LEU E 240 -31.11 -5.02 -19.58
N ASP E 241 -30.70 -4.88 -20.85
CA ASP E 241 -29.77 -5.81 -21.48
C ASP E 241 -28.34 -5.34 -21.20
N LEU E 242 -27.74 -5.97 -20.18
CA LEU E 242 -26.42 -5.57 -19.72
C LEU E 242 -25.31 -5.93 -20.71
N GLY E 243 -25.50 -6.98 -21.50
CA GLY E 243 -24.53 -7.33 -22.51
C GLY E 243 -24.36 -6.30 -23.62
N SER E 244 -25.25 -5.32 -23.68
CA SER E 244 -25.18 -4.25 -24.67
C SER E 244 -24.12 -3.20 -24.35
N MET E 245 -23.67 -3.13 -23.10
CA MET E 245 -22.73 -2.11 -22.67
C MET E 245 -21.33 -2.68 -22.44
N VAL E 246 -21.23 -3.83 -21.77
CA VAL E 246 -19.95 -4.47 -21.57
C VAL E 246 -20.15 -5.96 -21.32
N ARG E 252 -13.74 1.62 -23.06
CA ARG E 252 -14.98 2.26 -22.66
C ARG E 252 -15.64 2.96 -23.84
N GLY E 253 -16.20 4.15 -23.59
CA GLY E 253 -16.87 4.92 -24.61
C GLY E 253 -18.20 4.40 -25.07
N GLU E 254 -18.54 3.15 -24.76
CA GLU E 254 -19.85 2.58 -25.05
C GLU E 254 -20.65 2.29 -23.78
N PHE E 255 -19.99 1.81 -22.72
CA PHE E 255 -20.63 1.66 -21.43
C PHE E 255 -21.22 2.98 -20.92
N GLU E 256 -20.73 4.11 -21.42
CA GLU E 256 -21.15 5.42 -20.92
C GLU E 256 -22.00 6.20 -21.91
N GLU E 257 -21.66 6.20 -23.20
CA GLU E 257 -22.46 6.90 -24.19
C GLU E 257 -23.82 6.25 -24.35
N ARG E 258 -23.83 4.92 -24.50
CA ARG E 258 -25.10 4.20 -24.55
C ARG E 258 -25.90 4.39 -23.27
N LEU E 259 -25.21 4.51 -22.13
CA LEU E 259 -25.90 4.76 -20.88
C LEU E 259 -26.56 6.14 -20.87
N LYS E 260 -25.83 7.17 -21.30
CA LYS E 260 -26.43 8.48 -21.52
C LYS E 260 -27.67 8.37 -22.39
N ALA E 261 -27.56 7.63 -23.49
CA ALA E 261 -28.68 7.51 -24.43
C ALA E 261 -29.90 6.89 -23.79
N VAL E 262 -29.71 5.78 -23.06
CA VAL E 262 -30.86 5.06 -22.52
C VAL E 262 -31.47 5.84 -21.35
N LEU E 263 -30.63 6.49 -20.55
CA LEU E 263 -31.16 7.29 -19.45
C LEU E 263 -31.92 8.50 -19.98
N ASP E 264 -31.45 9.12 -21.06
CA ASP E 264 -32.19 10.21 -21.68
C ASP E 264 -33.49 9.71 -22.30
N ASP E 265 -33.48 8.51 -22.87
CA ASP E 265 -34.70 7.89 -23.36
C ASP E 265 -35.72 7.70 -22.25
N ILE E 266 -35.28 7.23 -21.09
CA ILE E 266 -36.18 7.07 -19.96
C ILE E 266 -36.70 8.42 -19.49
N LYS E 267 -35.80 9.43 -19.45
CA LYS E 267 -36.22 10.78 -19.12
C LYS E 267 -37.33 11.28 -20.04
N ASN E 268 -37.18 11.08 -21.35
CA ASN E 268 -38.18 11.52 -22.30
C ASN E 268 -39.37 10.57 -22.38
N SER E 269 -39.28 9.40 -21.75
CA SER E 269 -40.46 8.56 -21.55
C SER E 269 -41.38 9.17 -20.50
N ALA E 270 -40.80 9.58 -19.36
CA ALA E 270 -41.49 10.38 -18.35
C ALA E 270 -42.74 9.67 -17.83
N GLY E 271 -42.55 8.48 -17.28
CA GLY E 271 -43.68 7.75 -16.73
C GLY E 271 -43.46 6.29 -16.42
N GLN E 272 -44.39 5.45 -16.88
CA GLN E 272 -44.48 4.05 -16.48
C GLN E 272 -43.56 3.21 -17.36
N ILE E 273 -42.26 3.35 -17.10
CA ILE E 273 -41.24 2.60 -17.84
C ILE E 273 -40.38 1.83 -16.83
N ILE E 274 -41.00 1.38 -15.74
CA ILE E 274 -40.31 0.75 -14.62
C ILE E 274 -39.29 -0.24 -15.11
N THR E 275 -38.05 -0.10 -14.64
CA THR E 275 -36.91 -0.84 -15.17
C THR E 275 -36.61 -2.06 -14.31
N PHE E 276 -35.67 -2.88 -14.79
CA PHE E 276 -35.17 -4.03 -14.04
C PHE E 276 -33.76 -4.31 -14.52
N ILE E 277 -32.78 -3.92 -13.71
CA ILE E 277 -31.36 -4.12 -14.04
C ILE E 277 -30.88 -5.38 -13.35
N ASP E 278 -30.33 -6.30 -14.13
CA ASP E 278 -29.75 -7.54 -13.61
C ASP E 278 -28.27 -7.33 -13.39
N GLU E 279 -27.79 -7.76 -12.21
CA GLU E 279 -26.38 -7.66 -11.84
C GLU E 279 -25.92 -6.20 -11.82
N LEU E 280 -26.63 -5.37 -11.05
CA LEU E 280 -26.31 -3.94 -11.01
C LEU E 280 -25.00 -3.66 -10.28
N HIS E 281 -24.44 -4.65 -9.57
CA HIS E 281 -23.17 -4.42 -8.88
C HIS E 281 -22.04 -4.16 -9.85
N THR E 282 -22.27 -4.36 -11.15
CA THR E 282 -21.29 -4.02 -12.17
C THR E 282 -21.48 -2.62 -12.71
N ILE E 283 -22.69 -2.08 -12.65
CA ILE E 283 -22.96 -0.70 -13.08
C ILE E 283 -22.61 0.31 -12.00
N VAL E 284 -22.88 0.01 -10.73
CA VAL E 284 -22.59 0.92 -9.64
C VAL E 284 -21.08 1.06 -9.43
N GLY E 297 -22.04 4.80 -12.37
CA GLY E 297 -21.77 4.67 -10.94
C GLY E 297 -22.43 5.72 -10.09
N ASN E 298 -22.35 6.98 -10.54
CA ASN E 298 -22.95 8.10 -9.83
C ASN E 298 -23.75 9.01 -10.76
N MET E 299 -23.66 8.80 -12.08
CA MET E 299 -24.43 9.62 -13.01
C MET E 299 -25.92 9.33 -12.93
N ILE E 300 -26.30 8.19 -12.35
CA ILE E 300 -27.71 7.88 -12.15
C ILE E 300 -28.28 8.52 -10.90
N LYS E 301 -27.42 9.07 -10.03
CA LYS E 301 -27.93 9.66 -8.79
C LYS E 301 -28.69 10.96 -9.02
N PRO E 302 -28.18 11.93 -9.79
CA PRO E 302 -28.95 13.17 -9.99
C PRO E 302 -30.26 12.95 -10.73
N MET E 303 -30.38 11.89 -11.52
CA MET E 303 -31.63 11.55 -12.17
C MET E 303 -32.55 10.71 -11.29
N LEU E 304 -31.98 9.92 -10.37
CA LEU E 304 -32.78 9.03 -9.53
C LEU E 304 -33.36 9.79 -8.35
N ALA E 305 -32.58 10.68 -7.73
CA ALA E 305 -33.08 11.50 -6.64
C ALA E 305 -34.22 12.41 -7.08
N ARG E 306 -34.24 12.85 -8.34
CA ARG E 306 -35.34 13.67 -8.83
C ARG E 306 -36.64 12.88 -8.89
N GLY E 307 -36.57 11.56 -9.05
CA GLY E 307 -37.75 10.73 -9.01
C GLY E 307 -38.57 10.73 -10.28
N GLU E 308 -37.99 10.23 -11.38
CA GLU E 308 -38.72 10.01 -12.62
C GLU E 308 -38.43 8.63 -13.19
N LEU E 309 -37.81 7.77 -12.39
CA LEU E 309 -37.54 6.40 -12.80
C LEU E 309 -37.47 5.52 -11.55
N ARG E 310 -37.89 4.26 -11.71
CA ARG E 310 -37.80 3.27 -10.65
C ARG E 310 -36.85 2.17 -11.08
N LEU E 311 -36.23 1.51 -10.11
CA LEU E 311 -35.14 0.57 -10.37
C LEU E 311 -35.33 -0.69 -9.52
N VAL E 312 -35.96 -1.70 -10.10
CA VAL E 312 -36.04 -3.01 -9.49
C VAL E 312 -34.74 -3.74 -9.77
N GLY E 313 -33.95 -3.98 -8.72
CA GLY E 313 -32.61 -4.53 -8.89
C GLY E 313 -32.56 -6.00 -8.54
N ALA E 314 -31.39 -6.59 -8.80
CA ALA E 314 -31.14 -7.99 -8.50
C ALA E 314 -29.64 -8.23 -8.53
N THR E 315 -29.09 -8.75 -7.44
CA THR E 315 -27.65 -9.01 -7.34
C THR E 315 -27.42 -10.05 -6.25
N THR E 316 -26.15 -10.30 -5.95
CA THR E 316 -25.73 -11.26 -4.94
C THR E 316 -25.35 -10.51 -3.67
N LEU E 317 -25.58 -11.17 -2.52
CA LEU E 317 -25.32 -10.55 -1.23
C LEU E 317 -23.85 -10.17 -1.08
N ASP E 318 -22.94 -11.05 -1.49
CA ASP E 318 -21.52 -10.77 -1.31
C ASP E 318 -21.05 -9.64 -2.21
N GLU E 319 -21.65 -9.50 -3.39
CA GLU E 319 -21.33 -8.36 -4.24
C GLU E 319 -22.02 -7.09 -3.80
N TYR E 320 -22.98 -7.19 -2.88
CA TYR E 320 -23.59 -5.99 -2.30
C TYR E 320 -22.64 -5.35 -1.29
N ARG E 321 -22.17 -6.14 -0.32
CA ARG E 321 -21.26 -5.64 0.71
C ARG E 321 -19.95 -5.09 0.14
N LYS E 322 -19.62 -5.41 -1.10
CA LYS E 322 -18.37 -4.97 -1.71
C LYS E 322 -18.53 -3.68 -2.51
N HIS E 323 -19.52 -3.61 -3.40
CA HIS E 323 -19.74 -2.44 -4.24
C HIS E 323 -20.76 -1.47 -3.66
N ILE E 324 -21.99 -1.93 -3.40
CA ILE E 324 -23.09 -1.03 -3.07
C ILE E 324 -23.00 -0.53 -1.63
N GLU E 325 -22.00 -0.98 -0.87
CA GLU E 325 -21.78 -0.45 0.47
C GLU E 325 -20.65 0.58 0.52
N LYS E 326 -19.72 0.55 -0.44
CA LYS E 326 -18.65 1.53 -0.53
C LYS E 326 -18.74 2.36 -1.81
N ASP E 327 -18.74 1.71 -2.97
CA ASP E 327 -18.74 2.36 -4.26
C ASP E 327 -20.04 3.11 -4.58
N ALA E 328 -21.06 2.99 -3.74
CA ALA E 328 -22.38 3.47 -4.13
C ALA E 328 -22.52 4.97 -3.93
N ALA E 329 -22.41 5.43 -2.68
CA ALA E 329 -22.84 6.74 -2.20
C ALA E 329 -24.34 6.92 -2.37
N LEU E 330 -25.05 5.88 -2.84
CA LEU E 330 -26.48 5.92 -3.06
C LEU E 330 -27.18 4.78 -2.32
N GLU E 331 -26.46 4.08 -1.45
CA GLU E 331 -27.03 3.00 -0.66
C GLU E 331 -28.22 3.46 0.17
N ARG E 332 -28.29 4.73 0.51
CA ARG E 332 -29.34 5.26 1.37
C ARG E 332 -30.68 5.40 0.64
N ARG E 333 -30.80 4.90 -0.59
CA ARG E 333 -32.06 4.91 -1.32
C ARG E 333 -32.27 3.58 -2.02
N PHE E 334 -31.93 2.49 -1.34
CA PHE E 334 -32.12 1.12 -1.83
C PHE E 334 -32.63 0.24 -0.71
N GLN E 335 -33.76 -0.41 -0.95
CA GLN E 335 -34.29 -1.42 -0.04
C GLN E 335 -33.87 -2.79 -0.51
N GLN E 336 -33.54 -3.66 0.44
CA GLN E 336 -33.03 -5.00 0.14
C GLN E 336 -34.15 -6.00 0.44
N VAL E 337 -34.77 -6.52 -0.62
CA VAL E 337 -35.74 -7.59 -0.48
C VAL E 337 -35.02 -8.93 -0.58
N TYR E 338 -35.11 -9.73 0.49
CA TYR E 338 -34.34 -10.95 0.60
C TYR E 338 -35.09 -12.10 -0.04
N VAL E 339 -34.38 -12.90 -0.83
CA VAL E 339 -34.95 -14.06 -1.52
C VAL E 339 -34.12 -15.29 -1.14
N GLY E 340 -34.79 -16.29 -0.58
CA GLY E 340 -34.10 -17.51 -0.19
C GLY E 340 -34.49 -18.69 -1.06
N GLU E 341 -33.62 -19.69 -1.15
CA GLU E 341 -33.91 -20.86 -1.96
C GLU E 341 -35.06 -21.66 -1.34
N PRO E 342 -35.99 -22.14 -2.16
CA PRO E 342 -37.12 -22.90 -1.64
C PRO E 342 -36.69 -24.26 -1.09
N SER E 343 -37.65 -24.96 -0.50
CA SER E 343 -37.40 -26.27 0.05
C SER E 343 -37.71 -27.34 -1.00
N VAL E 344 -37.52 -28.61 -0.64
CA VAL E 344 -37.75 -29.68 -1.60
C VAL E 344 -39.23 -29.78 -1.96
N GLU E 345 -40.12 -29.44 -1.02
CA GLU E 345 -41.55 -29.58 -1.28
C GLU E 345 -42.03 -28.58 -2.34
N ASP E 346 -41.77 -27.29 -2.12
CA ASP E 346 -42.17 -26.31 -3.13
C ASP E 346 -41.30 -26.41 -4.38
N THR E 347 -40.10 -26.98 -4.28
CA THR E 347 -39.33 -27.28 -5.48
C THR E 347 -40.06 -28.31 -6.34
N ILE E 348 -40.51 -29.40 -5.72
CA ILE E 348 -41.33 -30.39 -6.41
C ILE E 348 -42.60 -29.75 -6.95
N GLY E 349 -43.15 -28.78 -6.20
CA GLY E 349 -44.33 -28.06 -6.68
C GLY E 349 -44.06 -27.33 -7.99
N ILE E 350 -42.97 -26.57 -8.04
CA ILE E 350 -42.59 -25.89 -9.28
C ILE E 350 -42.36 -26.91 -10.39
N LEU E 351 -41.73 -28.04 -10.05
CA LEU E 351 -41.46 -29.06 -11.06
C LEU E 351 -42.75 -29.59 -11.66
N ARG E 352 -43.72 -29.95 -10.82
CA ARG E 352 -44.96 -30.50 -11.33
C ARG E 352 -45.82 -29.43 -12.00
N GLY E 353 -45.59 -28.17 -11.66
CA GLY E 353 -46.23 -27.10 -12.41
C GLY E 353 -45.65 -26.95 -13.81
N LEU E 354 -44.33 -27.07 -13.93
CA LEU E 354 -43.66 -26.97 -15.22
C LEU E 354 -43.36 -28.38 -15.75
N LYS E 355 -44.41 -29.00 -16.29
CA LYS E 355 -44.28 -30.27 -16.98
C LYS E 355 -45.03 -30.31 -18.31
N ASP E 356 -46.05 -29.48 -18.50
CA ASP E 356 -46.77 -29.41 -19.76
C ASP E 356 -45.93 -28.79 -20.88
N ARG E 357 -45.19 -27.71 -20.59
CA ARG E 357 -44.33 -27.09 -21.59
C ARG E 357 -43.20 -28.01 -22.03
N TYR E 358 -43.01 -29.16 -21.38
CA TYR E 358 -42.00 -30.13 -21.77
C TYR E 358 -42.59 -31.19 -22.70
N GLU E 359 -43.58 -30.79 -23.50
CA GLU E 359 -44.15 -31.63 -24.53
C GLU E 359 -44.01 -31.02 -25.92
N VAL E 360 -43.36 -29.87 -26.04
CA VAL E 360 -43.11 -29.23 -27.32
C VAL E 360 -41.64 -29.26 -27.69
N HIS E 361 -40.75 -29.19 -26.71
CA HIS E 361 -39.31 -29.34 -26.92
C HIS E 361 -38.88 -30.79 -26.90
N HIS E 362 -39.40 -31.57 -25.96
CA HIS E 362 -39.16 -33.01 -25.87
C HIS E 362 -40.51 -33.70 -25.80
N GLY E 363 -40.63 -34.86 -26.45
CA GLY E 363 -41.86 -35.61 -26.30
C GLY E 363 -41.66 -37.00 -25.73
N VAL E 364 -42.04 -37.16 -24.47
CA VAL E 364 -42.02 -38.44 -23.76
C VAL E 364 -43.16 -38.44 -22.75
N ARG E 365 -43.35 -39.55 -22.06
CA ARG E 365 -44.30 -39.62 -20.94
C ARG E 365 -43.52 -39.48 -19.64
N ILE E 366 -43.35 -38.25 -19.17
CA ILE E 366 -42.61 -38.02 -17.93
C ILE E 366 -43.40 -38.57 -16.76
N THR E 367 -42.73 -39.33 -15.90
CA THR E 367 -43.36 -39.90 -14.72
C THR E 367 -43.37 -38.88 -13.58
N ASP E 368 -44.31 -39.06 -12.66
CA ASP E 368 -44.44 -38.14 -11.54
C ASP E 368 -43.45 -38.41 -10.42
N SER E 369 -43.00 -39.66 -10.26
CA SER E 369 -41.96 -39.97 -9.27
C SER E 369 -40.59 -39.46 -9.68
N ALA E 370 -40.36 -39.34 -11.00
CA ALA E 370 -39.12 -38.77 -11.50
C ALA E 370 -38.87 -37.37 -10.92
N LEU E 371 -39.91 -36.56 -10.78
CA LEU E 371 -39.73 -35.18 -10.33
C LEU E 371 -39.25 -35.14 -8.88
N VAL E 372 -39.95 -35.84 -7.99
CA VAL E 372 -39.54 -35.86 -6.58
C VAL E 372 -38.17 -36.50 -6.44
N ALA E 373 -37.88 -37.57 -7.20
CA ALA E 373 -36.57 -38.20 -7.13
C ALA E 373 -35.48 -37.22 -7.53
N ALA E 374 -35.66 -36.53 -8.66
CA ALA E 374 -34.68 -35.56 -9.12
C ALA E 374 -34.47 -34.46 -8.08
N ALA E 375 -35.56 -33.95 -7.52
CA ALA E 375 -35.43 -32.90 -6.51
C ALA E 375 -34.62 -33.36 -5.32
N THR E 376 -35.03 -34.46 -4.67
CA THR E 376 -34.35 -34.89 -3.46
C THR E 376 -32.93 -35.37 -3.73
N LEU E 377 -32.64 -35.77 -4.97
CA LEU E 377 -31.28 -36.21 -5.28
C LEU E 377 -30.37 -35.01 -5.54
N SER E 378 -30.81 -34.07 -6.40
CA SER E 378 -30.08 -32.83 -6.59
C SER E 378 -29.83 -32.09 -5.29
N ASP E 379 -30.78 -32.13 -4.35
CA ASP E 379 -30.59 -31.43 -3.09
C ASP E 379 -29.39 -31.97 -2.32
N ARG E 380 -29.23 -33.29 -2.30
CA ARG E 380 -28.26 -33.91 -1.39
C ARG E 380 -26.82 -33.71 -1.86
N TYR E 381 -26.51 -34.14 -3.08
CA TYR E 381 -25.11 -34.24 -3.48
C TYR E 381 -24.61 -33.05 -4.29
N ILE E 382 -25.45 -32.49 -5.16
CA ILE E 382 -25.06 -31.30 -5.91
C ILE E 382 -24.95 -30.12 -4.96
N THR E 383 -23.83 -29.41 -5.04
CA THR E 383 -23.53 -28.32 -4.12
C THR E 383 -23.30 -26.98 -4.81
N ALA E 384 -22.81 -27.00 -6.05
CA ALA E 384 -22.47 -25.75 -6.72
C ALA E 384 -23.71 -24.89 -6.97
N ARG E 385 -24.79 -25.49 -7.48
CA ARG E 385 -25.97 -24.74 -7.86
C ARG E 385 -26.96 -24.69 -6.71
N PHE E 386 -28.15 -24.13 -6.98
CA PHE E 386 -29.19 -23.95 -5.98
C PHE E 386 -30.53 -24.43 -6.53
N LEU E 387 -31.51 -24.53 -5.64
CA LEU E 387 -32.65 -25.42 -5.84
C LEU E 387 -33.42 -25.18 -7.14
N PRO E 388 -34.04 -24.01 -7.36
CA PRO E 388 -35.02 -23.91 -8.46
C PRO E 388 -34.44 -24.21 -9.84
N ASP E 389 -33.20 -23.82 -10.11
CA ASP E 389 -32.57 -24.07 -11.39
C ASP E 389 -31.77 -25.37 -11.40
N LYS E 390 -31.35 -25.85 -10.23
CA LYS E 390 -30.60 -27.09 -10.15
C LYS E 390 -31.42 -28.30 -10.58
N ALA E 391 -32.74 -28.24 -10.39
CA ALA E 391 -33.64 -29.31 -10.81
C ALA E 391 -34.00 -29.23 -12.29
N ILE E 392 -33.25 -28.45 -13.07
CA ILE E 392 -33.49 -28.33 -14.50
C ILE E 392 -32.32 -28.86 -15.33
N ASP E 393 -31.10 -28.80 -14.81
CA ASP E 393 -30.01 -29.57 -15.41
C ASP E 393 -30.25 -31.07 -15.25
N LEU E 394 -31.20 -31.43 -14.38
CA LEU E 394 -31.85 -32.73 -14.30
C LEU E 394 -32.94 -32.82 -15.36
N VAL E 395 -34.00 -33.58 -15.09
CA VAL E 395 -34.87 -34.26 -16.05
C VAL E 395 -35.05 -33.55 -17.39
N ASP E 396 -34.97 -32.22 -17.41
CA ASP E 396 -34.81 -31.53 -18.70
C ASP E 396 -33.58 -32.05 -19.44
N GLU E 397 -32.66 -32.70 -18.72
CA GLU E 397 -31.55 -33.40 -19.37
C GLU E 397 -31.93 -34.84 -19.69
N ALA E 398 -32.67 -35.50 -18.78
CA ALA E 398 -33.12 -36.86 -19.03
C ALA E 398 -34.06 -36.95 -20.22
N ALA E 399 -35.00 -36.02 -20.34
CA ALA E 399 -35.84 -35.96 -21.54
C ALA E 399 -35.08 -35.48 -22.76
N SER E 400 -33.90 -34.89 -22.57
CA SER E 400 -33.05 -34.46 -23.68
C SER E 400 -32.19 -35.59 -24.21
N ARG E 401 -31.54 -36.33 -23.31
CA ARG E 401 -30.64 -37.41 -23.73
C ARG E 401 -31.36 -38.74 -23.92
N LEU E 402 -32.69 -38.75 -23.93
CA LEU E 402 -33.48 -39.87 -24.41
C LEU E 402 -34.02 -39.62 -25.81
N ARG E 403 -33.44 -38.66 -26.52
CA ARG E 403 -33.84 -38.34 -27.88
C ARG E 403 -33.03 -39.11 -28.92
N MET E 404 -31.77 -39.45 -28.60
CA MET E 404 -30.90 -40.14 -29.54
C MET E 404 -31.40 -41.54 -29.91
N GLU E 405 -32.45 -42.04 -29.27
CA GLU E 405 -32.98 -43.36 -29.54
C GLU E 405 -34.15 -43.33 -30.52
N ILE E 406 -34.19 -42.35 -31.41
CA ILE E 406 -35.23 -42.27 -32.45
C ILE E 406 -34.55 -42.15 -33.81
N ASP E 407 -33.23 -42.27 -33.83
CA ASP E 407 -32.47 -42.14 -35.07
C ASP E 407 -32.26 -43.51 -35.72
N LYS E 530 -40.23 -47.52 -23.93
CA LYS E 530 -39.04 -46.75 -23.60
C LYS E 530 -39.35 -45.26 -23.51
N GLU E 531 -40.65 -44.93 -23.54
CA GLU E 531 -41.08 -43.54 -23.48
C GLU E 531 -41.45 -43.10 -22.06
N GLU E 532 -40.84 -43.69 -21.04
CA GLU E 532 -41.12 -43.35 -19.65
C GLU E 532 -39.82 -43.08 -18.90
N VAL E 533 -39.60 -41.83 -18.52
CA VAL E 533 -38.45 -41.50 -17.69
C VAL E 533 -38.72 -41.96 -16.26
N GLY E 534 -37.66 -41.99 -15.46
CA GLY E 534 -37.78 -42.47 -14.10
C GLY E 534 -36.57 -42.20 -13.22
N PRO E 535 -36.64 -42.68 -11.98
CA PRO E 535 -35.52 -42.49 -11.06
C PRO E 535 -34.23 -43.10 -11.57
N ASP E 536 -34.31 -44.17 -12.35
CA ASP E 536 -33.10 -44.72 -12.98
C ASP E 536 -32.59 -43.78 -14.07
N ASP E 537 -33.49 -43.26 -14.92
CA ASP E 537 -33.10 -42.32 -15.96
C ASP E 537 -32.65 -40.98 -15.39
N ILE E 538 -32.76 -40.77 -14.08
CA ILE E 538 -32.17 -39.62 -13.42
C ILE E 538 -30.86 -39.98 -12.74
N ALA E 539 -30.82 -41.10 -12.03
CA ALA E 539 -29.61 -41.53 -11.36
C ALA E 539 -28.49 -41.78 -12.35
N ASP E 540 -28.83 -42.25 -13.56
CA ASP E 540 -27.79 -42.55 -14.54
C ASP E 540 -27.04 -41.31 -14.96
N VAL E 541 -27.68 -40.15 -14.88
CA VAL E 541 -27.00 -38.90 -15.21
C VAL E 541 -26.42 -38.24 -13.97
N VAL E 542 -27.07 -38.39 -12.81
CA VAL E 542 -26.52 -37.78 -11.59
C VAL E 542 -25.21 -38.45 -11.19
N SER E 543 -25.13 -39.78 -11.33
CA SER E 543 -23.89 -40.49 -10.99
C SER E 543 -22.76 -40.12 -11.94
N ALA E 544 -23.04 -40.13 -13.26
CA ALA E 544 -22.07 -39.70 -14.24
C ALA E 544 -21.68 -38.25 -14.06
N TRP E 545 -22.55 -37.43 -13.44
CA TRP E 545 -22.21 -36.04 -13.17
C TRP E 545 -21.22 -35.95 -12.01
N THR E 546 -21.60 -36.49 -10.86
CA THR E 546 -20.79 -36.36 -9.66
C THR E 546 -19.59 -37.28 -9.64
N GLY E 547 -19.44 -38.16 -10.64
CA GLY E 547 -18.29 -39.05 -10.69
C GLY E 547 -18.30 -40.20 -9.72
N ILE E 548 -19.30 -40.30 -8.85
CA ILE E 548 -19.40 -41.41 -7.90
C ILE E 548 -20.22 -42.51 -8.57
N PRO E 549 -19.76 -43.76 -8.54
CA PRO E 549 -20.50 -44.85 -9.19
C PRO E 549 -21.92 -44.97 -8.62
N ALA E 550 -22.81 -45.49 -9.45
CA ALA E 550 -24.23 -45.57 -9.13
C ALA E 550 -24.56 -46.72 -8.18
N GLY E 551 -23.91 -46.73 -7.02
CA GLY E 551 -24.19 -47.73 -6.00
C GLY E 551 -24.97 -47.16 -4.84
N ARG E 552 -24.64 -45.93 -4.44
CA ARG E 552 -25.29 -45.24 -3.33
C ARG E 552 -26.56 -44.51 -3.76
N LEU E 553 -27.13 -44.88 -4.91
CA LEU E 553 -28.33 -44.21 -5.41
C LEU E 553 -29.45 -44.23 -4.38
N LEU E 554 -29.49 -45.24 -3.52
CA LEU E 554 -30.53 -45.39 -2.53
C LEU E 554 -29.94 -46.08 -1.30
N GLU E 555 -30.73 -46.11 -0.22
CA GLU E 555 -30.36 -46.77 1.03
C GLU E 555 -29.09 -46.17 1.61
N GLY E 556 -29.18 -44.89 1.98
CA GLY E 556 -28.08 -44.23 2.67
C GLY E 556 -28.13 -44.37 4.18
N GLU E 557 -29.10 -45.12 4.71
CA GLU E 557 -29.23 -45.30 6.15
C GLU E 557 -28.89 -46.71 6.61
N THR E 558 -29.12 -47.73 5.78
CA THR E 558 -28.75 -49.11 6.10
C THR E 558 -27.53 -49.57 5.34
N ALA E 559 -27.55 -49.46 4.01
CA ALA E 559 -26.31 -49.57 3.25
C ALA E 559 -25.41 -48.40 3.62
N LYS E 560 -24.10 -48.60 3.47
CA LYS E 560 -23.06 -47.71 3.96
C LYS E 560 -23.09 -47.55 5.48
N LEU E 561 -23.95 -48.30 6.16
CA LEU E 561 -23.92 -48.41 7.61
C LEU E 561 -23.72 -49.84 8.10
N LEU E 562 -24.48 -50.81 7.60
CA LEU E 562 -24.17 -52.22 7.80
C LEU E 562 -23.06 -52.69 6.89
N ARG E 563 -22.83 -51.98 5.78
CA ARG E 563 -21.69 -52.21 4.90
C ARG E 563 -20.36 -51.89 5.57
N MET E 564 -20.38 -51.39 6.81
CA MET E 564 -19.15 -51.19 7.57
C MET E 564 -18.65 -52.57 8.00
N GLU E 565 -17.85 -53.16 7.12
CA GLU E 565 -17.44 -54.55 7.21
C GLU E 565 -16.03 -54.65 6.62
N ASP E 566 -15.65 -55.84 6.19
CA ASP E 566 -14.32 -56.12 5.68
C ASP E 566 -13.90 -55.15 4.58
N GLU E 567 -14.83 -54.32 4.09
CA GLU E 567 -14.41 -53.20 3.26
C GLU E 567 -13.55 -52.23 4.06
N LEU E 568 -13.79 -52.11 5.37
CA LEU E 568 -12.77 -51.54 6.25
C LEU E 568 -11.52 -52.40 6.26
N GLY E 569 -11.69 -53.72 6.38
CA GLY E 569 -10.56 -54.63 6.29
C GLY E 569 -9.88 -54.62 4.95
N LYS E 570 -10.58 -54.22 3.88
CA LYS E 570 -9.92 -53.97 2.61
C LYS E 570 -8.82 -52.94 2.72
N ARG E 571 -8.92 -52.01 3.66
CA ARG E 571 -7.91 -50.98 3.89
C ARG E 571 -6.94 -51.33 5.01
N VAL E 572 -7.41 -51.98 6.07
CA VAL E 572 -6.57 -52.37 7.20
C VAL E 572 -6.63 -53.89 7.33
N ILE E 573 -5.47 -54.52 7.42
CA ILE E 573 -5.35 -55.97 7.38
C ILE E 573 -5.27 -56.49 8.81
N GLY E 574 -6.27 -57.26 9.22
CA GLY E 574 -6.35 -57.72 10.60
C GLY E 574 -7.13 -56.76 11.48
N GLN E 575 -6.93 -56.91 12.79
CA GLN E 575 -7.57 -56.06 13.79
C GLN E 575 -9.10 -56.10 13.68
N LYS E 576 -9.64 -57.29 13.44
CA LYS E 576 -11.08 -57.43 13.26
C LYS E 576 -11.84 -57.09 14.52
N ALA E 577 -11.27 -57.38 15.69
CA ALA E 577 -11.93 -57.03 16.95
C ALA E 577 -12.09 -55.52 17.08
N ALA E 578 -11.01 -54.77 16.85
CA ALA E 578 -11.09 -53.33 16.90
C ALA E 578 -12.03 -52.78 15.83
N VAL E 579 -11.98 -53.34 14.63
CA VAL E 579 -12.88 -52.89 13.55
C VAL E 579 -14.33 -53.06 13.99
N THR E 580 -14.68 -54.23 14.52
CA THR E 580 -16.07 -54.49 14.90
C THR E 580 -16.49 -53.61 16.07
N ALA E 581 -15.62 -53.45 17.07
CA ALA E 581 -15.95 -52.60 18.21
C ALA E 581 -16.21 -51.17 17.76
N VAL E 582 -15.31 -50.61 16.95
CA VAL E 582 -15.48 -49.23 16.49
C VAL E 582 -16.73 -49.10 15.62
N SER E 583 -16.98 -50.07 14.74
CA SER E 583 -18.16 -50.04 13.91
C SER E 583 -19.44 -50.05 14.75
N ASP E 584 -19.48 -50.90 15.77
CA ASP E 584 -20.66 -50.97 16.62
C ASP E 584 -20.84 -49.65 17.39
N ALA E 585 -19.75 -49.11 17.93
CA ALA E 585 -19.84 -47.85 18.65
C ALA E 585 -20.30 -46.70 17.78
N VAL E 586 -19.85 -46.64 16.53
CA VAL E 586 -20.22 -45.54 15.65
C VAL E 586 -21.64 -45.72 15.09
N ARG E 587 -22.07 -46.96 14.87
CA ARG E 587 -23.44 -47.19 14.42
C ARG E 587 -24.46 -47.06 15.54
N ARG E 588 -24.03 -47.17 16.80
CA ARG E 588 -24.95 -46.93 17.91
C ARG E 588 -25.35 -45.47 17.98
N SER E 589 -24.48 -44.56 17.51
CA SER E 589 -24.76 -43.15 17.58
C SER E 589 -25.71 -42.67 16.48
N ARG E 590 -25.97 -43.50 15.47
CA ARG E 590 -26.91 -43.15 14.40
C ARG E 590 -28.34 -43.57 14.73
N ALA E 591 -28.62 -43.87 16.00
CA ALA E 591 -29.97 -44.27 16.39
C ALA E 591 -30.84 -43.07 16.74
N GLY E 592 -30.31 -42.14 17.53
CA GLY E 592 -31.05 -40.96 17.92
C GLY E 592 -31.63 -40.99 19.32
N VAL E 593 -30.97 -41.68 20.26
CA VAL E 593 -31.43 -41.78 21.64
C VAL E 593 -30.57 -40.96 22.58
N SER E 594 -29.32 -40.72 22.22
CA SER E 594 -28.42 -39.97 23.07
C SER E 594 -28.62 -38.47 22.89
N ASP E 595 -28.02 -37.70 23.79
CA ASP E 595 -28.13 -36.25 23.71
C ASP E 595 -27.34 -35.73 22.50
N PRO E 596 -27.92 -34.79 21.74
CA PRO E 596 -27.29 -34.37 20.48
C PRO E 596 -26.02 -33.56 20.65
N ASN E 597 -25.67 -33.14 21.86
CA ASN E 597 -24.50 -32.32 22.10
C ASN E 597 -23.39 -33.22 22.65
N ARG E 598 -22.72 -33.92 21.74
CA ARG E 598 -21.62 -34.83 22.04
C ARG E 598 -20.95 -35.24 20.74
N PRO E 599 -19.65 -35.57 20.75
CA PRO E 599 -19.00 -36.04 19.53
C PRO E 599 -19.63 -37.32 19.01
N THR E 600 -19.53 -37.56 17.70
CA THR E 600 -20.02 -38.81 17.13
C THR E 600 -19.34 -40.04 17.72
N GLY E 601 -18.03 -39.96 17.95
CA GLY E 601 -17.32 -41.04 18.61
C GLY E 601 -16.06 -40.50 19.25
N ALA E 602 -15.93 -40.78 20.56
CA ALA E 602 -14.82 -40.25 21.33
C ALA E 602 -13.87 -41.34 21.82
N PHE E 603 -13.89 -42.52 21.20
CA PHE E 603 -13.07 -43.62 21.65
C PHE E 603 -11.59 -43.36 21.40
N MET E 604 -10.74 -44.22 21.95
CA MET E 604 -9.31 -44.16 21.76
C MET E 604 -8.75 -45.57 21.68
N PHE E 605 -7.46 -45.69 21.45
CA PHE E 605 -6.81 -47.00 21.41
C PHE E 605 -5.30 -46.81 21.49
N LEU E 606 -4.62 -47.82 22.05
CA LEU E 606 -3.19 -47.78 22.25
C LEU E 606 -2.61 -49.18 22.07
N GLY E 607 -1.28 -49.25 22.13
CA GLY E 607 -0.57 -50.50 22.00
C GLY E 607 0.79 -50.30 21.36
N PRO E 608 1.14 -51.16 20.40
CA PRO E 608 2.37 -50.96 19.64
C PRO E 608 2.14 -50.13 18.38
N THR E 609 3.23 -49.59 17.86
CA THR E 609 3.17 -48.71 16.71
C THR E 609 3.41 -49.50 15.42
N GLY E 610 3.12 -48.85 14.30
CA GLY E 610 3.32 -49.46 12.99
C GLY E 610 2.47 -50.69 12.75
N VAL E 611 1.26 -50.73 13.31
CA VAL E 611 0.40 -51.89 13.18
C VAL E 611 -0.83 -51.51 12.36
N GLY E 612 -1.15 -50.22 12.32
CA GLY E 612 -2.31 -49.78 11.58
C GLY E 612 -3.20 -48.81 12.32
N LYS E 613 -2.72 -48.27 13.44
CA LYS E 613 -3.49 -47.27 14.18
C LYS E 613 -3.93 -46.13 13.27
N THR E 614 -2.98 -45.43 12.65
CA THR E 614 -3.31 -44.35 11.73
C THR E 614 -4.05 -44.85 10.50
N GLU E 615 -3.71 -46.04 10.02
CA GLU E 615 -4.37 -46.58 8.82
C GLU E 615 -5.84 -46.86 9.05
N LEU E 616 -6.20 -47.38 10.23
CA LEU E 616 -7.60 -47.55 10.57
C LEU E 616 -8.32 -46.20 10.59
N ALA E 617 -7.62 -45.17 11.07
CA ALA E 617 -8.20 -43.83 11.08
C ALA E 617 -8.46 -43.33 9.66
N LYS E 618 -7.49 -43.50 8.76
CA LYS E 618 -7.68 -43.07 7.37
C LYS E 618 -8.83 -43.84 6.72
N ALA E 619 -8.92 -45.15 6.98
CA ALA E 619 -9.99 -45.95 6.41
C ALA E 619 -11.36 -45.50 6.93
N LEU E 620 -11.49 -45.30 8.24
CA LEU E 620 -12.74 -44.79 8.78
C LEU E 620 -13.06 -43.42 8.19
N ALA E 621 -12.06 -42.56 8.02
CA ALA E 621 -12.28 -41.23 7.49
C ALA E 621 -12.84 -41.29 6.08
N ASP E 622 -12.13 -41.96 5.17
CA ASP E 622 -12.60 -41.96 3.79
C ASP E 622 -13.85 -42.80 3.58
N PHE E 623 -14.17 -43.74 4.49
CA PHE E 623 -15.42 -44.44 4.36
C PHE E 623 -16.61 -43.60 4.84
N LEU E 624 -16.49 -43.01 6.03
CA LEU E 624 -17.62 -42.34 6.66
C LEU E 624 -17.82 -40.92 6.15
N PHE E 625 -16.77 -40.30 5.62
CA PHE E 625 -16.83 -38.92 5.17
C PHE E 625 -16.50 -38.76 3.69
N ASP E 626 -16.29 -39.87 2.97
CA ASP E 626 -16.04 -39.88 1.53
C ASP E 626 -14.80 -39.08 1.14
N ASP E 627 -13.82 -38.97 2.03
CA ASP E 627 -12.58 -38.28 1.73
C ASP E 627 -11.46 -38.82 2.61
N GLU E 628 -10.34 -39.16 1.99
CA GLU E 628 -9.19 -39.67 2.71
C GLU E 628 -8.39 -38.57 3.40
N ARG E 629 -8.34 -37.38 2.78
CA ARG E 629 -7.62 -36.24 3.35
C ARG E 629 -8.58 -35.42 4.21
N ALA E 630 -9.22 -36.12 5.15
CA ALA E 630 -10.17 -35.50 6.07
C ALA E 630 -9.75 -35.69 7.52
N MET E 631 -8.45 -35.77 7.78
CA MET E 631 -7.93 -35.93 9.13
C MET E 631 -7.25 -34.65 9.60
N VAL E 632 -7.16 -34.49 10.91
CA VAL E 632 -6.39 -33.42 11.53
C VAL E 632 -5.47 -34.08 12.54
N ARG E 633 -4.26 -34.42 12.11
CA ARG E 633 -3.28 -35.07 12.98
C ARG E 633 -2.50 -34.00 13.72
N ILE E 634 -2.85 -33.78 14.98
CA ILE E 634 -2.11 -32.88 15.86
C ILE E 634 -1.24 -33.74 16.77
N ASP E 635 -0.09 -33.21 17.17
CA ASP E 635 0.92 -33.99 17.87
C ASP E 635 1.09 -33.42 19.28
N MET E 636 0.64 -34.19 20.27
CA MET E 636 0.65 -33.75 21.66
C MET E 636 1.97 -34.06 22.36
N SER E 637 3.08 -33.62 21.78
CA SER E 637 4.40 -33.83 22.38
C SER E 637 5.05 -32.54 22.85
N GLU E 638 4.61 -31.39 22.34
CA GLU E 638 5.15 -30.11 22.76
C GLU E 638 4.27 -29.39 23.77
N TYR E 639 3.03 -29.84 23.96
CA TYR E 639 2.13 -29.24 24.95
C TYR E 639 2.48 -29.76 26.35
N GLY E 640 3.71 -29.46 26.76
CA GLY E 640 4.18 -29.87 28.06
C GLY E 640 4.41 -28.69 28.99
N GLU E 641 3.82 -27.55 28.65
CA GLU E 641 3.97 -26.34 29.44
C GLU E 641 2.66 -25.56 29.38
N LYS E 642 2.42 -24.76 30.41
CA LYS E 642 1.21 -23.94 30.45
C LYS E 642 1.30 -22.79 29.46
N HIS E 643 2.50 -22.30 29.19
CA HIS E 643 2.68 -21.24 28.21
C HIS E 643 2.59 -21.75 26.77
N THR E 644 2.27 -23.03 26.57
CA THR E 644 2.05 -23.59 25.25
C THR E 644 0.67 -24.21 25.09
N VAL E 645 -0.18 -24.15 26.13
CA VAL E 645 -1.51 -24.73 26.05
C VAL E 645 -2.40 -23.97 25.08
N ALA E 646 -2.41 -22.64 25.16
CA ALA E 646 -3.30 -21.83 24.31
C ALA E 646 -2.90 -21.85 22.85
N ARG E 647 -1.84 -22.55 22.47
CA ARG E 647 -1.43 -22.58 21.07
C ARG E 647 -2.44 -23.30 20.19
N LEU E 648 -3.30 -24.14 20.78
CA LEU E 648 -4.29 -24.87 20.00
C LEU E 648 -5.68 -24.27 20.09
N ILE E 649 -5.88 -23.25 20.92
CA ILE E 649 -7.16 -22.56 21.02
C ILE E 649 -7.10 -21.18 20.39
N GLY E 650 -5.92 -20.57 20.34
CA GLY E 650 -5.73 -19.26 19.75
C GLY E 650 -5.10 -18.29 20.73
N ALA E 651 -5.07 -17.04 20.31
CA ALA E 651 -4.56 -15.95 21.12
C ALA E 651 -5.47 -14.74 20.92
N PRO E 652 -5.50 -13.83 21.89
CA PRO E 652 -6.42 -12.69 21.80
C PRO E 652 -6.11 -11.82 20.60
N PRO E 653 -7.00 -10.89 20.25
CA PRO E 653 -6.80 -10.06 19.05
C PRO E 653 -5.72 -9.00 19.22
N GLY E 654 -4.47 -9.35 18.91
CA GLY E 654 -3.39 -8.39 19.00
C GLY E 654 -2.08 -8.96 19.51
N TYR E 655 -2.00 -10.27 19.70
CA TYR E 655 -0.76 -10.88 20.15
C TYR E 655 -0.21 -11.82 19.08
N VAL E 656 0.94 -12.47 19.35
CA VAL E 656 1.78 -13.03 18.28
C VAL E 656 1.03 -13.98 17.36
N GLY E 657 0.53 -15.11 17.87
CA GLY E 657 -0.21 -15.99 16.99
C GLY E 657 -1.70 -15.78 17.09
N TYR E 658 -2.24 -14.93 16.23
CA TYR E 658 -3.67 -14.68 16.19
C TYR E 658 -4.27 -14.97 14.82
N GLU E 659 -3.68 -14.41 13.75
CA GLU E 659 -4.19 -14.67 12.41
C GLU E 659 -3.93 -16.11 11.99
N ALA E 660 -2.89 -16.74 12.55
CA ALA E 660 -2.68 -18.16 12.33
C ALA E 660 -3.79 -18.99 12.98
N GLY E 661 -4.43 -18.44 14.00
CA GLY E 661 -5.53 -19.13 14.67
C GLY E 661 -5.06 -20.25 15.56
N GLY E 662 -6.01 -20.76 16.34
CA GLY E 662 -5.73 -21.93 17.15
C GLY E 662 -5.47 -23.15 16.29
N GLN E 663 -4.56 -24.00 16.77
CA GLN E 663 -4.14 -25.16 15.99
C GLN E 663 -5.20 -26.25 15.92
N LEU E 664 -6.16 -26.26 16.85
CA LEU E 664 -7.23 -27.25 16.86
C LEU E 664 -8.51 -26.73 16.25
N THR E 665 -8.95 -25.53 16.64
CA THR E 665 -10.25 -25.03 16.19
C THR E 665 -10.22 -24.58 14.73
N GLU E 666 -9.11 -24.01 14.28
CA GLU E 666 -9.04 -23.51 12.90
C GLU E 666 -9.25 -24.63 11.88
N ALA E 667 -8.80 -25.85 12.20
CA ALA E 667 -9.01 -26.98 11.30
C ALA E 667 -10.43 -27.51 11.36
N VAL E 668 -11.20 -27.13 12.38
CA VAL E 668 -12.58 -27.59 12.52
C VAL E 668 -13.60 -26.54 12.10
N ARG E 669 -13.24 -25.25 12.13
CA ARG E 669 -14.14 -24.21 11.61
C ARG E 669 -14.52 -24.51 10.17
N ARG E 670 -13.59 -25.08 9.40
CA ARG E 670 -13.85 -25.52 8.04
C ARG E 670 -13.88 -27.05 8.00
N ARG E 671 -14.81 -27.58 7.21
CA ARG E 671 -15.05 -29.01 7.09
C ARG E 671 -15.27 -29.62 8.48
N PRO E 672 -16.43 -29.39 9.10
CA PRO E 672 -16.75 -29.99 10.41
C PRO E 672 -17.22 -31.44 10.29
N TYR E 673 -16.51 -32.22 9.47
CA TYR E 673 -16.81 -33.63 9.25
C TYR E 673 -15.52 -34.44 9.23
N THR E 674 -14.62 -34.13 10.16
CA THR E 674 -13.28 -34.68 10.16
C THR E 674 -13.03 -35.48 11.43
N VAL E 675 -12.07 -36.40 11.34
CA VAL E 675 -11.56 -37.09 12.52
C VAL E 675 -10.32 -36.35 13.00
N VAL E 676 -10.10 -36.35 14.31
CA VAL E 676 -9.04 -35.54 14.93
C VAL E 676 -8.18 -36.48 15.75
N LEU E 677 -6.96 -36.75 15.28
CA LEU E 677 -6.05 -37.65 15.97
C LEU E 677 -5.17 -36.87 16.95
N PHE E 678 -4.94 -37.48 18.11
CA PHE E 678 -4.12 -36.90 19.18
C PHE E 678 -2.94 -37.85 19.40
N ASP E 679 -1.85 -37.62 18.68
CA ASP E 679 -0.67 -38.47 18.82
C ASP E 679 0.02 -38.21 20.16
N GLU E 680 0.44 -39.28 20.83
CA GLU E 680 1.28 -39.22 22.02
C GLU E 680 0.60 -38.41 23.13
N ILE E 681 -0.69 -38.69 23.33
CA ILE E 681 -1.48 -37.96 24.32
C ILE E 681 -0.94 -38.16 25.73
N GLU E 682 -0.33 -39.31 26.02
CA GLU E 682 0.06 -39.67 27.38
C GLU E 682 1.00 -38.67 28.03
N LYS E 683 1.79 -37.92 27.26
CA LYS E 683 2.77 -37.00 27.82
C LYS E 683 2.40 -35.54 27.63
N ALA E 684 1.14 -35.24 27.35
CA ALA E 684 0.69 -33.86 27.30
C ALA E 684 0.55 -33.30 28.71
N HIS E 685 0.80 -32.01 28.85
CA HIS E 685 0.72 -31.37 30.15
C HIS E 685 -0.72 -31.43 30.66
N PRO E 686 -0.93 -31.61 31.98
CA PRO E 686 -2.29 -31.78 32.49
C PRO E 686 -3.12 -30.51 32.47
N ASP E 687 -3.23 -29.87 31.30
CA ASP E 687 -4.17 -28.77 31.13
C ASP E 687 -4.94 -28.85 29.82
N VAL E 688 -4.50 -29.64 28.86
CA VAL E 688 -5.28 -29.88 27.65
C VAL E 688 -6.44 -30.84 27.94
N PHE E 689 -6.30 -31.67 28.97
CA PHE E 689 -7.39 -32.54 29.38
C PHE E 689 -8.61 -31.73 29.78
N ASP E 690 -8.39 -30.57 30.41
CA ASP E 690 -9.50 -29.69 30.74
C ASP E 690 -10.22 -29.16 29.51
N VAL E 691 -9.49 -28.87 28.43
CA VAL E 691 -10.12 -28.45 27.20
C VAL E 691 -10.93 -29.60 26.60
N LEU E 692 -10.30 -30.74 26.38
CA LEU E 692 -11.02 -31.86 25.76
C LEU E 692 -12.14 -32.38 26.64
N LEU E 693 -12.13 -32.06 27.94
CA LEU E 693 -13.25 -32.39 28.81
C LEU E 693 -14.54 -31.75 28.30
N GLN E 694 -14.57 -30.41 28.28
CA GLN E 694 -15.73 -29.74 27.73
C GLN E 694 -15.87 -29.92 26.23
N VAL E 695 -14.83 -30.42 25.55
CA VAL E 695 -14.98 -30.81 24.15
C VAL E 695 -15.92 -32.01 24.04
N LEU E 696 -15.58 -33.10 24.71
CA LEU E 696 -16.43 -34.29 24.69
C LEU E 696 -17.56 -34.25 25.71
N ASP E 697 -17.78 -33.09 26.34
CA ASP E 697 -18.97 -32.88 27.17
C ASP E 697 -20.04 -32.09 26.45
N GLU E 698 -19.65 -31.05 25.72
CA GLU E 698 -20.56 -30.32 24.85
C GLU E 698 -19.85 -30.06 23.52
N GLY E 699 -20.59 -30.23 22.44
CA GLY E 699 -20.02 -30.01 21.12
C GLY E 699 -19.81 -28.53 20.83
N ARG E 700 -19.06 -27.86 21.70
CA ARG E 700 -18.86 -26.42 21.60
C ARG E 700 -17.47 -26.06 22.12
N LEU E 701 -16.90 -25.02 21.53
CA LEU E 701 -15.62 -24.49 21.95
C LEU E 701 -15.43 -23.13 21.30
N THR E 702 -14.71 -22.24 21.99
CA THR E 702 -14.52 -20.86 21.55
C THR E 702 -13.03 -20.60 21.36
N ASP E 703 -12.67 -20.16 20.16
CA ASP E 703 -11.29 -19.83 19.83
C ASP E 703 -11.00 -18.38 20.24
N GLY E 704 -9.79 -17.91 19.94
CA GLY E 704 -9.41 -16.56 20.34
C GLY E 704 -10.22 -15.49 19.65
N HIS E 705 -10.65 -15.76 18.42
CA HIS E 705 -11.43 -14.77 17.68
C HIS E 705 -12.75 -14.48 18.36
N GLY E 706 -13.32 -15.48 19.02
CA GLY E 706 -14.63 -15.32 19.66
C GLY E 706 -15.67 -16.22 19.02
N ARG E 707 -15.31 -16.83 17.89
CA ARG E 707 -16.21 -17.73 17.17
C ARG E 707 -16.53 -18.95 18.04
N THR E 708 -17.56 -19.69 17.66
CA THR E 708 -17.93 -20.92 18.34
C THR E 708 -17.93 -22.06 17.34
N VAL E 709 -17.20 -23.12 17.65
CA VAL E 709 -17.01 -24.25 16.75
C VAL E 709 -17.90 -25.40 17.18
N ASP E 710 -18.33 -26.21 16.22
CA ASP E 710 -19.24 -27.32 16.47
C ASP E 710 -18.47 -28.64 16.36
N PHE E 711 -18.43 -29.40 17.46
CA PHE E 711 -17.71 -30.66 17.52
C PHE E 711 -18.63 -31.87 17.47
N ARG E 712 -19.95 -31.66 17.52
CA ARG E 712 -20.86 -32.77 17.77
C ARG E 712 -21.03 -33.71 16.58
N ASN E 713 -20.26 -33.54 15.51
CA ASN E 713 -20.27 -34.49 14.40
C ASN E 713 -18.86 -34.76 13.90
N THR E 714 -17.91 -34.88 14.83
CA THR E 714 -16.53 -35.28 14.54
C THR E 714 -16.23 -36.57 15.29
N ILE E 715 -15.00 -37.05 15.14
CA ILE E 715 -14.58 -38.30 15.76
C ILE E 715 -13.19 -38.10 16.36
N LEU E 716 -13.10 -38.20 17.68
CA LEU E 716 -11.85 -38.00 18.41
C LEU E 716 -11.13 -39.33 18.58
N ILE E 717 -9.80 -39.26 18.57
CA ILE E 717 -8.97 -40.44 18.74
C ILE E 717 -7.73 -40.05 19.55
N LEU E 718 -7.46 -40.78 20.63
CA LEU E 718 -6.36 -40.45 21.54
C LEU E 718 -5.34 -41.58 21.41
N THR E 719 -4.45 -41.45 20.43
CA THR E 719 -3.42 -42.47 20.22
C THR E 719 -2.34 -42.34 21.29
N SER E 720 -1.85 -43.48 21.75
CA SER E 720 -0.83 -43.52 22.80
C SER E 720 0.04 -44.75 22.57
N ASN E 721 1.24 -44.72 23.13
CA ASN E 721 2.20 -45.80 22.95
C ASN E 721 2.70 -46.42 24.25
N LEU E 722 2.15 -46.03 25.40
CA LEU E 722 2.64 -46.55 26.67
C LEU E 722 2.26 -48.02 26.82
N GLY E 723 3.14 -48.77 27.47
CA GLY E 723 2.92 -50.20 27.65
C GLY E 723 3.44 -51.01 26.48
N SER E 724 2.54 -51.65 25.74
CA SER E 724 2.80 -52.40 24.52
C SER E 724 3.62 -53.67 24.75
N GLY E 725 4.03 -53.93 26.00
CA GLY E 725 4.78 -55.14 26.29
C GLY E 725 3.93 -56.21 26.93
N GLY E 726 3.11 -55.82 27.92
CA GLY E 726 2.20 -56.75 28.54
C GLY E 726 1.08 -57.18 27.61
N SER E 727 0.48 -58.32 27.93
CA SER E 727 -0.59 -58.85 27.10
C SER E 727 -1.83 -57.96 27.17
N ALA E 728 -2.43 -57.84 28.36
CA ALA E 728 -3.62 -57.01 28.53
C ALA E 728 -3.66 -56.17 29.80
N GLU E 729 -2.92 -56.53 30.84
CA GLU E 729 -3.14 -55.95 32.17
C GLU E 729 -2.19 -54.81 32.52
N GLN E 730 -0.92 -54.90 32.16
CA GLN E 730 0.01 -53.85 32.54
C GLN E 730 -0.27 -52.55 31.80
N VAL E 731 -0.79 -52.63 30.58
CA VAL E 731 -1.16 -51.41 29.87
C VAL E 731 -2.39 -50.77 30.51
N LEU E 732 -3.33 -51.60 31.00
CA LEU E 732 -4.47 -51.05 31.74
C LEU E 732 -4.01 -50.39 33.03
N ALA E 733 -3.03 -51.00 33.71
CA ALA E 733 -2.49 -50.42 34.94
C ALA E 733 -1.82 -49.07 34.64
N ALA E 734 -1.02 -49.01 33.59
CA ALA E 734 -0.36 -47.76 33.22
C ALA E 734 -1.38 -46.69 32.83
N VAL E 735 -2.45 -47.09 32.14
CA VAL E 735 -3.52 -46.14 31.82
C VAL E 735 -4.15 -45.60 33.10
N ARG E 736 -4.55 -46.50 34.01
CA ARG E 736 -5.17 -46.08 35.25
C ARG E 736 -4.24 -45.21 36.10
N ALA E 737 -2.93 -45.40 35.95
CA ALA E 737 -1.97 -44.61 36.72
C ALA E 737 -1.70 -43.24 36.11
N THR E 738 -1.63 -43.15 34.78
CA THR E 738 -1.23 -41.90 34.12
C THR E 738 -2.40 -41.02 33.74
N PHE E 739 -3.60 -41.57 33.57
CA PHE E 739 -4.77 -40.80 33.18
C PHE E 739 -5.70 -40.61 34.38
N LYS E 740 -6.42 -39.51 34.35
CA LYS E 740 -7.45 -39.24 35.36
C LYS E 740 -8.61 -40.22 35.15
N PRO E 741 -8.89 -41.11 36.11
CA PRO E 741 -9.94 -42.12 35.89
C PRO E 741 -11.32 -41.54 35.62
N GLU E 742 -11.53 -40.24 35.84
CA GLU E 742 -12.79 -39.62 35.47
C GLU E 742 -12.88 -39.41 33.96
N PHE E 743 -11.77 -38.99 33.35
CA PHE E 743 -11.73 -38.80 31.89
C PHE E 743 -12.05 -40.09 31.16
N ILE E 744 -11.50 -41.21 31.62
CA ILE E 744 -11.72 -42.49 30.94
C ILE E 744 -13.17 -42.92 31.08
N ASN E 745 -13.82 -42.52 32.16
CA ASN E 745 -15.25 -42.78 32.31
C ASN E 745 -16.07 -42.03 31.26
N ARG E 746 -15.67 -40.81 30.90
CA ARG E 746 -16.34 -40.08 29.83
C ARG E 746 -15.95 -40.62 28.46
N LEU E 747 -14.78 -41.24 28.36
CA LEU E 747 -14.34 -41.82 27.10
C LEU E 747 -15.22 -43.01 26.71
N ASP E 748 -15.16 -43.37 25.43
CA ASP E 748 -15.76 -44.60 24.93
C ASP E 748 -14.72 -45.72 25.02
N ASP E 749 -14.96 -46.82 24.31
CA ASP E 749 -14.11 -48.01 24.36
C ASP E 749 -12.63 -47.68 24.30
N VAL E 750 -11.82 -48.40 25.08
CA VAL E 750 -10.40 -48.13 25.24
C VAL E 750 -9.64 -49.33 24.69
N LEU E 751 -10.17 -49.91 23.61
CA LEU E 751 -9.64 -51.15 23.05
C LEU E 751 -8.14 -51.05 22.78
N ILE E 752 -7.49 -52.21 22.74
CA ILE E 752 -6.04 -52.32 22.63
C ILE E 752 -5.72 -52.98 21.30
N PHE E 753 -4.63 -52.55 20.66
CA PHE E 753 -4.16 -53.19 19.45
C PHE E 753 -3.20 -54.34 19.79
N GLU E 754 -2.92 -55.16 18.79
CA GLU E 754 -2.05 -56.32 18.95
C GLU E 754 -1.16 -56.44 17.73
N GLY E 755 -0.10 -57.25 17.87
CA GLY E 755 0.87 -57.43 16.82
C GLY E 755 0.27 -58.06 15.57
N LEU E 756 1.14 -58.26 14.58
CA LEU E 756 0.73 -58.75 13.27
C LEU E 756 1.29 -60.14 13.02
N ASN E 757 0.51 -60.97 12.33
CA ASN E 757 0.82 -62.36 12.02
C ASN E 757 1.65 -62.44 10.73
N PRO E 758 2.71 -63.26 10.74
CA PRO E 758 3.56 -63.37 9.54
C PRO E 758 2.85 -63.88 8.31
N GLU E 759 1.70 -64.54 8.45
CA GLU E 759 0.99 -65.04 7.27
C GLU E 759 0.22 -63.93 6.58
N GLU E 760 -0.42 -63.05 7.35
CA GLU E 760 -1.14 -61.92 6.79
C GLU E 760 -0.23 -60.70 6.57
N LEU E 761 0.98 -60.71 7.14
CA LEU E 761 1.93 -59.65 6.87
C LEU E 761 2.32 -59.61 5.40
N VAL E 762 2.28 -60.75 4.72
CA VAL E 762 2.63 -60.80 3.30
C VAL E 762 1.56 -60.10 2.46
N ARG E 763 0.33 -60.03 2.96
CA ARG E 763 -0.71 -59.31 2.24
C ARG E 763 -0.36 -57.83 2.11
N ILE E 764 0.18 -57.23 3.17
CA ILE E 764 0.59 -55.83 3.10
C ILE E 764 1.73 -55.65 2.10
N VAL E 765 2.68 -56.59 2.10
CA VAL E 765 3.76 -56.54 1.11
C VAL E 765 3.20 -56.62 -0.30
N ASP E 766 2.15 -57.43 -0.50
CA ASP E 766 1.52 -57.50 -1.81
C ASP E 766 0.82 -56.20 -2.16
N ILE E 767 0.23 -55.54 -1.16
CA ILE E 767 -0.37 -54.23 -1.40
C ILE E 767 0.67 -53.23 -1.87
N GLN E 768 1.82 -53.21 -1.21
CA GLN E 768 2.90 -52.30 -1.64
C GLN E 768 3.41 -52.67 -3.03
N LEU E 769 3.53 -53.97 -3.31
CA LEU E 769 3.95 -54.41 -4.64
C LEU E 769 2.96 -53.98 -5.70
N ALA E 770 1.67 -54.00 -5.39
CA ALA E 770 0.66 -53.53 -6.35
C ALA E 770 0.77 -52.03 -6.55
N GLN E 771 0.96 -51.27 -5.46
CA GLN E 771 1.19 -49.83 -5.57
C GLN E 771 2.35 -49.54 -6.49
N LEU E 772 3.45 -50.28 -6.34
CA LEU E 772 4.60 -50.10 -7.23
C LEU E 772 4.26 -50.52 -8.66
N GLY E 773 3.52 -51.62 -8.82
CA GLY E 773 3.17 -52.10 -10.14
C GLY E 773 2.32 -51.11 -10.93
N LYS E 774 1.51 -50.32 -10.23
CA LYS E 774 0.77 -49.25 -10.92
C LYS E 774 1.71 -48.27 -11.61
N ARG E 775 2.97 -48.17 -11.18
CA ARG E 775 3.85 -47.12 -11.68
C ARG E 775 4.65 -47.56 -12.91
N LEU E 776 5.14 -48.81 -12.92
CA LEU E 776 5.93 -49.25 -14.06
C LEU E 776 5.06 -49.88 -15.14
N ALA E 777 4.02 -49.16 -15.52
CA ALA E 777 3.20 -49.50 -16.67
C ALA E 777 3.54 -48.67 -17.90
N GLN E 778 4.29 -47.57 -17.73
CA GLN E 778 4.74 -46.79 -18.87
C GLN E 778 5.70 -47.58 -19.74
N ARG E 779 6.33 -48.62 -19.18
CA ARG E 779 7.13 -49.55 -19.95
C ARG E 779 6.46 -50.91 -20.09
N ARG E 780 5.26 -51.07 -19.53
CA ARG E 780 4.46 -52.28 -19.69
C ARG E 780 5.18 -53.50 -19.11
N LEU E 781 5.65 -53.37 -17.87
CA LEU E 781 6.34 -54.45 -17.19
C LEU E 781 5.51 -54.94 -16.01
N GLN E 782 5.68 -56.22 -15.70
CA GLN E 782 5.09 -56.83 -14.52
C GLN E 782 6.21 -57.44 -13.66
N LEU E 783 5.81 -58.00 -12.53
CA LEU E 783 6.74 -58.62 -11.61
C LEU E 783 6.29 -60.05 -11.33
N GLN E 784 7.18 -61.00 -11.55
CA GLN E 784 6.94 -62.40 -11.21
C GLN E 784 7.54 -62.63 -9.83
N VAL E 785 6.73 -62.42 -8.80
CA VAL E 785 7.19 -62.33 -7.42
C VAL E 785 7.13 -63.71 -6.78
N SER E 786 8.12 -64.00 -5.95
CA SER E 786 8.25 -65.32 -5.32
C SER E 786 7.92 -65.25 -3.84
N LEU E 787 7.42 -66.36 -3.30
CA LEU E 787 7.02 -66.39 -1.90
C LEU E 787 8.20 -66.26 -0.93
N PRO E 788 9.35 -66.91 -1.14
CA PRO E 788 10.53 -66.55 -0.34
C PRO E 788 10.88 -65.08 -0.41
N ALA E 789 10.71 -64.45 -1.58
CA ALA E 789 10.97 -63.01 -1.67
C ALA E 789 10.00 -62.21 -0.82
N LYS E 790 8.72 -62.54 -0.88
CA LYS E 790 7.73 -61.86 -0.06
C LYS E 790 8.05 -62.02 1.42
N ARG E 791 8.39 -63.24 1.85
CA ARG E 791 8.68 -63.45 3.27
C ARG E 791 9.98 -62.76 3.69
N TRP E 792 10.97 -62.71 2.79
CA TRP E 792 12.19 -61.97 3.06
C TRP E 792 11.90 -60.50 3.28
N LEU E 793 11.10 -59.90 2.39
CA LEU E 793 10.64 -58.53 2.59
C LEU E 793 9.89 -58.35 3.90
N ALA E 794 9.04 -59.31 4.27
CA ALA E 794 8.29 -59.25 5.53
C ALA E 794 9.19 -59.31 6.75
N GLN E 795 10.25 -60.12 6.72
CA GLN E 795 11.18 -60.16 7.85
C GLN E 795 12.07 -58.93 7.90
N ARG E 796 12.50 -58.40 6.77
CA ARG E 796 13.39 -57.25 6.74
C ARG E 796 12.66 -55.93 6.89
N GLY E 797 11.35 -55.96 7.11
CA GLY E 797 10.59 -54.74 7.29
C GLY E 797 9.69 -54.77 8.50
N PHE E 798 10.13 -55.41 9.59
CA PHE E 798 9.29 -55.57 10.78
C PHE E 798 9.75 -54.70 11.93
N ASP E 799 11.05 -54.75 12.28
CA ASP E 799 11.77 -53.94 13.26
C ASP E 799 10.87 -53.56 14.44
N PRO E 800 10.53 -54.51 15.31
CA PRO E 800 9.40 -54.31 16.22
C PRO E 800 9.64 -53.22 17.26
N VAL E 801 9.98 -52.02 16.80
CA VAL E 801 9.99 -50.81 17.61
C VAL E 801 9.27 -49.73 16.79
N TYR E 802 9.09 -50.00 15.50
CA TYR E 802 8.42 -49.09 14.58
C TYR E 802 7.30 -49.70 13.78
N GLY E 803 7.25 -51.01 13.62
CA GLY E 803 6.19 -51.67 12.85
C GLY E 803 6.53 -51.75 11.36
N ALA E 804 5.57 -51.40 10.51
CA ALA E 804 5.69 -51.52 9.07
C ALA E 804 6.11 -50.21 8.43
N ARG E 805 6.91 -49.41 9.14
CA ARG E 805 7.40 -48.14 8.64
C ARG E 805 8.37 -48.31 7.47
N PRO E 806 9.38 -49.18 7.55
CA PRO E 806 10.41 -49.20 6.49
C PRO E 806 10.00 -49.94 5.23
N LEU E 807 8.74 -50.35 5.08
CA LEU E 807 8.33 -51.01 3.84
C LEU E 807 8.39 -50.05 2.66
N ARG E 808 7.78 -48.87 2.82
CA ARG E 808 7.72 -47.89 1.73
C ARG E 808 9.11 -47.54 1.20
N ARG E 809 10.13 -47.62 2.04
CA ARG E 809 11.50 -47.35 1.60
C ARG E 809 12.20 -48.59 1.08
N LEU E 810 12.06 -49.72 1.78
CA LEU E 810 12.78 -50.94 1.38
C LEU E 810 12.25 -51.50 0.07
N VAL E 811 10.94 -51.74 -0.02
CA VAL E 811 10.36 -52.25 -1.26
C VAL E 811 10.70 -51.32 -2.42
N GLN E 812 10.68 -50.01 -2.18
CA GLN E 812 11.02 -49.06 -3.23
C GLN E 812 12.47 -49.22 -3.68
N GLN E 813 13.41 -49.12 -2.75
CA GLN E 813 14.82 -48.99 -3.09
C GLN E 813 15.30 -50.11 -4.01
N ALA E 814 15.32 -51.34 -3.49
CA ALA E 814 15.88 -52.45 -4.24
C ALA E 814 15.22 -52.60 -5.60
N ILE E 815 13.91 -52.89 -5.60
CA ILE E 815 13.20 -53.16 -6.85
C ILE E 815 13.33 -51.99 -7.81
N GLY E 816 12.84 -50.82 -7.40
CA GLY E 816 12.82 -49.67 -8.30
C GLY E 816 14.18 -49.34 -8.86
N ASP E 817 15.17 -49.10 -7.99
CA ASP E 817 16.46 -48.63 -8.48
C ASP E 817 17.19 -49.70 -9.28
N GLN E 818 17.12 -50.96 -8.85
CA GLN E 818 17.81 -52.02 -9.60
C GLN E 818 17.20 -52.19 -10.98
N LEU E 819 15.87 -52.27 -11.08
CA LEU E 819 15.29 -52.41 -12.40
C LEU E 819 15.38 -51.13 -13.22
N ALA E 820 15.55 -49.97 -12.59
CA ALA E 820 15.79 -48.75 -13.35
C ALA E 820 17.17 -48.79 -14.00
N LYS E 821 18.19 -49.16 -13.23
CA LYS E 821 19.51 -49.39 -13.80
C LYS E 821 19.43 -50.45 -14.91
N MET E 822 18.61 -51.48 -14.71
CA MET E 822 18.42 -52.49 -15.74
C MET E 822 17.91 -51.86 -17.03
N LEU E 823 16.73 -51.24 -16.97
CA LEU E 823 16.15 -50.61 -18.15
C LEU E 823 17.09 -49.62 -18.81
N LEU E 824 17.90 -48.92 -18.02
CA LEU E 824 18.84 -47.95 -18.61
C LEU E 824 19.99 -48.63 -19.34
N ALA E 825 20.57 -49.69 -18.76
CA ALA E 825 21.70 -50.35 -19.39
C ALA E 825 21.25 -51.25 -20.54
N GLY E 826 20.42 -52.24 -20.24
CA GLY E 826 19.89 -53.15 -21.23
C GLY E 826 19.17 -54.33 -20.61
N GLN E 827 19.30 -55.51 -21.23
CA GLN E 827 18.84 -56.79 -20.71
C GLN E 827 17.40 -56.78 -20.19
N VAL E 828 16.59 -55.82 -20.65
CA VAL E 828 15.16 -55.80 -20.36
C VAL E 828 14.49 -54.82 -21.31
N HIS E 829 13.31 -55.18 -21.81
CA HIS E 829 12.58 -54.34 -22.75
C HIS E 829 11.11 -54.35 -22.34
N ASP E 830 10.27 -53.73 -23.17
CA ASP E 830 8.85 -53.63 -22.86
C ASP E 830 8.18 -54.99 -22.96
N GLY E 831 7.15 -55.19 -22.13
CA GLY E 831 6.38 -56.41 -22.12
C GLY E 831 7.03 -57.59 -21.41
N ASP E 832 8.21 -57.41 -20.84
CA ASP E 832 8.90 -58.53 -20.20
C ASP E 832 8.18 -58.94 -18.92
N THR E 833 8.56 -60.11 -18.39
CA THR E 833 7.95 -60.60 -17.16
C THR E 833 8.75 -60.21 -15.92
N VAL E 834 10.08 -60.08 -16.05
CA VAL E 834 10.97 -59.66 -14.97
C VAL E 834 10.77 -60.56 -13.75
N PRO E 835 11.24 -61.80 -13.77
CA PRO E 835 11.12 -62.68 -12.59
C PRO E 835 12.06 -62.21 -11.49
N VAL E 836 11.62 -62.33 -10.24
CA VAL E 836 12.43 -61.94 -9.09
C VAL E 836 12.44 -63.07 -8.09
N ASN E 837 13.64 -63.38 -7.58
CA ASN E 837 13.83 -64.43 -6.58
C ASN E 837 14.79 -63.88 -5.52
N VAL E 838 15.27 -64.76 -4.65
CA VAL E 838 16.10 -64.38 -3.52
C VAL E 838 17.52 -64.86 -3.76
N SER E 839 18.47 -63.95 -3.72
CA SER E 839 19.88 -64.29 -3.70
C SER E 839 20.27 -64.75 -2.30
N PRO E 840 21.48 -65.30 -2.12
CA PRO E 840 21.89 -65.71 -0.77
C PRO E 840 21.62 -64.68 0.32
N ASP E 841 21.82 -63.39 0.05
CA ASP E 841 21.51 -62.34 1.02
C ASP E 841 20.45 -61.39 0.51
N ALA E 842 20.64 -60.81 -0.67
CA ALA E 842 19.69 -59.87 -1.25
C ALA E 842 18.68 -60.63 -2.11
N ASP E 843 17.92 -59.92 -2.94
CA ASP E 843 16.95 -60.54 -3.84
C ASP E 843 17.23 -60.08 -5.26
N SER E 844 18.02 -60.85 -5.99
CA SER E 844 18.34 -60.53 -7.37
C SER E 844 17.11 -60.68 -8.26
N LEU E 845 17.13 -60.02 -9.40
CA LEU E 845 16.00 -60.04 -10.32
C LEU E 845 16.28 -60.94 -11.52
N GLN F 159 -23.29 -9.87 -60.58
CA GLN F 159 -21.96 -10.44 -60.66
C GLN F 159 -20.94 -9.54 -59.98
N ALA F 160 -21.30 -9.03 -58.80
CA ALA F 160 -20.42 -8.15 -58.04
C ALA F 160 -19.52 -8.90 -57.08
N LEU F 161 -19.84 -10.14 -56.73
CA LEU F 161 -19.13 -10.86 -55.69
C LEU F 161 -17.97 -11.70 -56.19
N GLN F 162 -17.70 -11.69 -57.50
CA GLN F 162 -16.61 -12.51 -58.04
C GLN F 162 -15.24 -11.94 -57.72
N LYS F 163 -15.10 -10.62 -57.67
CA LYS F 163 -13.83 -9.98 -57.38
C LYS F 163 -13.56 -9.92 -55.88
N TYR F 164 -14.57 -9.54 -55.10
CA TYR F 164 -14.41 -9.30 -53.67
C TYR F 164 -14.70 -10.53 -52.82
N SER F 165 -14.60 -11.74 -53.37
CA SER F 165 -14.85 -12.96 -52.61
C SER F 165 -14.24 -14.13 -53.34
N THR F 166 -13.83 -15.15 -52.59
CA THR F 166 -13.35 -16.40 -53.16
C THR F 166 -14.39 -17.49 -52.97
N ASP F 167 -14.43 -18.42 -53.93
CA ASP F 167 -15.36 -19.52 -53.89
C ASP F 167 -14.78 -20.70 -53.11
N LEU F 168 -15.66 -21.53 -52.59
CA LEU F 168 -15.25 -22.71 -51.83
C LEU F 168 -15.75 -24.02 -52.42
N THR F 169 -16.95 -24.02 -53.02
CA THR F 169 -17.49 -25.25 -53.58
C THR F 169 -16.70 -25.68 -54.81
N ALA F 170 -16.35 -24.73 -55.67
CA ALA F 170 -15.55 -25.07 -56.85
C ALA F 170 -14.15 -25.52 -56.45
N ARG F 171 -13.56 -24.85 -55.45
CA ARG F 171 -12.25 -25.26 -54.95
C ARG F 171 -12.30 -26.66 -54.35
N ALA F 172 -13.41 -27.02 -53.69
CA ALA F 172 -13.57 -28.38 -53.20
C ALA F 172 -13.77 -29.36 -54.34
N ARG F 173 -14.41 -28.91 -55.43
CA ARG F 173 -14.62 -29.80 -56.58
C ARG F 173 -13.30 -30.10 -57.29
N GLU F 174 -12.42 -29.11 -57.41
CA GLU F 174 -11.18 -29.32 -58.16
C GLU F 174 -10.05 -29.86 -57.26
N GLY F 175 -10.37 -30.90 -56.50
CA GLY F 175 -9.40 -31.68 -55.75
C GLY F 175 -8.24 -30.94 -55.11
N LYS F 176 -8.53 -29.93 -54.28
CA LYS F 176 -7.48 -29.11 -53.67
C LYS F 176 -7.43 -29.24 -52.15
N LEU F 177 -8.59 -29.27 -51.49
CA LEU F 177 -8.62 -29.22 -50.04
C LEU F 177 -8.19 -30.56 -49.44
N ASP F 178 -8.24 -30.62 -48.12
CA ASP F 178 -7.77 -31.77 -47.35
C ASP F 178 -8.93 -32.51 -46.71
N PRO F 179 -8.80 -33.83 -46.53
CA PRO F 179 -9.88 -34.62 -45.92
C PRO F 179 -10.13 -34.20 -44.47
N VAL F 180 -11.34 -34.48 -44.00
CA VAL F 180 -11.76 -34.08 -42.66
C VAL F 180 -12.34 -35.30 -41.94
N ILE F 181 -11.84 -36.49 -42.29
CA ILE F 181 -12.44 -37.73 -41.83
C ILE F 181 -12.64 -37.71 -40.32
N GLY F 182 -13.87 -38.04 -39.90
CA GLY F 182 -14.26 -37.92 -38.50
C GLY F 182 -15.09 -36.68 -38.26
N ARG F 183 -15.52 -36.48 -37.00
CA ARG F 183 -16.19 -35.26 -36.58
C ARG F 183 -17.47 -35.01 -37.37
N ASP F 184 -18.44 -35.92 -37.20
CA ASP F 184 -19.69 -35.85 -37.93
C ASP F 184 -20.78 -35.09 -37.17
N ASN F 185 -20.73 -35.10 -35.83
CA ASN F 185 -21.75 -34.43 -35.04
C ASN F 185 -21.85 -32.96 -35.38
N GLU F 186 -20.71 -32.30 -35.59
CA GLU F 186 -20.70 -30.89 -35.91
C GLU F 186 -21.35 -30.59 -37.25
N ILE F 187 -21.10 -31.41 -38.27
CA ILE F 187 -21.74 -31.19 -39.56
C ILE F 187 -23.24 -31.44 -39.48
N ARG F 188 -23.64 -32.50 -38.79
CA ARG F 188 -25.08 -32.76 -38.64
C ARG F 188 -25.76 -31.62 -37.89
N ARG F 189 -25.13 -31.11 -36.82
CA ARG F 189 -25.72 -30.02 -36.07
C ARG F 189 -25.76 -28.73 -36.89
N VAL F 190 -24.73 -28.49 -37.70
CA VAL F 190 -24.71 -27.25 -38.45
C VAL F 190 -25.74 -27.27 -39.57
N VAL F 191 -25.96 -28.43 -40.21
CA VAL F 191 -27.03 -28.49 -41.20
C VAL F 191 -28.39 -28.39 -40.53
N GLN F 192 -28.55 -28.99 -39.33
CA GLN F 192 -29.83 -28.91 -38.63
C GLN F 192 -30.16 -27.47 -38.23
N VAL F 193 -29.14 -26.70 -37.82
CA VAL F 193 -29.39 -25.32 -37.40
C VAL F 193 -29.45 -24.34 -38.55
N LEU F 194 -28.78 -24.63 -39.67
CA LEU F 194 -28.86 -23.75 -40.84
C LEU F 194 -30.11 -24.00 -41.66
N SER F 195 -30.64 -25.21 -41.66
CA SER F 195 -31.87 -25.51 -42.41
C SER F 195 -33.11 -25.10 -41.64
N ARG F 196 -33.16 -23.83 -41.22
CA ARG F 196 -34.29 -23.27 -40.51
C ARG F 196 -34.79 -22.03 -41.24
N ARG F 197 -36.06 -21.70 -41.00
CA ARG F 197 -36.69 -20.59 -41.72
C ARG F 197 -36.06 -19.26 -41.33
N THR F 198 -35.78 -19.06 -40.04
CA THR F 198 -35.15 -17.85 -39.56
C THR F 198 -34.28 -18.18 -38.35
N LYS F 199 -33.41 -17.22 -38.00
CA LYS F 199 -32.49 -17.36 -36.87
C LYS F 199 -31.63 -18.63 -37.03
N ASN F 200 -31.16 -18.82 -38.27
CA ASN F 200 -30.30 -19.98 -38.53
C ASN F 200 -28.86 -19.67 -38.15
N ASN F 201 -28.21 -18.75 -38.88
CA ASN F 201 -26.95 -18.06 -38.56
C ASN F 201 -25.99 -18.87 -37.71
N PRO F 202 -25.47 -20.01 -38.19
CA PRO F 202 -24.56 -20.81 -37.37
C PRO F 202 -23.17 -20.20 -37.32
N VAL F 203 -22.60 -20.19 -36.12
CA VAL F 203 -21.23 -19.71 -35.92
C VAL F 203 -20.49 -20.76 -35.11
N LEU F 204 -19.25 -21.05 -35.53
CA LEU F 204 -18.44 -22.08 -34.90
C LEU F 204 -17.47 -21.42 -33.92
N ILE F 205 -17.73 -21.62 -32.63
CA ILE F 205 -16.94 -21.02 -31.56
C ILE F 205 -16.17 -22.12 -30.85
N GLY F 206 -14.90 -21.88 -30.58
CA GLY F 206 -14.10 -22.83 -29.83
C GLY F 206 -12.81 -22.20 -29.33
N GLU F 207 -11.76 -23.00 -29.24
CA GLU F 207 -10.43 -22.54 -28.86
C GLU F 207 -9.53 -22.50 -30.09
N PRO F 208 -8.48 -21.67 -30.07
CA PRO F 208 -7.64 -21.52 -31.26
C PRO F 208 -6.89 -22.81 -31.58
N GLY F 209 -7.14 -23.35 -32.78
CA GLY F 209 -6.46 -24.53 -33.25
C GLY F 209 -7.25 -25.82 -33.17
N VAL F 210 -8.34 -25.86 -32.41
CA VAL F 210 -9.12 -27.09 -32.25
C VAL F 210 -9.76 -27.57 -33.55
N GLY F 211 -9.85 -26.72 -34.55
CA GLY F 211 -10.43 -27.11 -35.83
C GLY F 211 -11.82 -26.58 -36.07
N LYS F 212 -11.93 -25.51 -36.84
CA LYS F 212 -13.21 -24.92 -37.22
C LYS F 212 -13.34 -24.70 -38.72
N THR F 213 -12.25 -24.30 -39.39
CA THR F 213 -12.28 -24.21 -40.84
C THR F 213 -12.48 -25.59 -41.46
N ALA F 214 -11.97 -26.64 -40.79
CA ALA F 214 -12.18 -28.00 -41.26
C ALA F 214 -13.66 -28.35 -41.31
N ILE F 215 -14.47 -27.78 -40.41
CA ILE F 215 -15.90 -28.06 -40.43
C ILE F 215 -16.53 -27.53 -41.71
N VAL F 216 -16.21 -26.30 -42.08
CA VAL F 216 -16.76 -25.73 -43.31
C VAL F 216 -16.23 -26.47 -44.53
N GLU F 217 -14.95 -26.86 -44.50
CA GLU F 217 -14.37 -27.60 -45.61
C GLU F 217 -15.07 -28.95 -45.79
N GLY F 218 -15.35 -29.62 -44.67
CA GLY F 218 -16.06 -30.90 -44.74
C GLY F 218 -17.51 -30.74 -45.15
N LEU F 219 -18.15 -29.64 -44.75
CA LEU F 219 -19.51 -29.39 -45.22
C LEU F 219 -19.53 -29.16 -46.73
N ALA F 220 -18.54 -28.43 -47.25
CA ALA F 220 -18.42 -28.27 -48.69
C ALA F 220 -18.15 -29.61 -49.37
N GLN F 221 -17.31 -30.45 -48.76
CA GLN F 221 -17.04 -31.77 -49.31
C GLN F 221 -18.32 -32.62 -49.36
N ARG F 222 -19.13 -32.54 -48.32
CA ARG F 222 -20.39 -33.27 -48.30
C ARG F 222 -21.36 -32.74 -49.35
N ILE F 223 -21.38 -31.42 -49.54
CA ILE F 223 -22.22 -30.83 -50.59
C ILE F 223 -21.77 -31.31 -51.96
N VAL F 224 -20.47 -31.42 -52.17
CA VAL F 224 -19.96 -31.93 -53.45
C VAL F 224 -20.35 -33.40 -53.63
N ALA F 225 -20.11 -34.21 -52.60
CA ALA F 225 -20.36 -35.65 -52.71
C ALA F 225 -21.85 -36.00 -52.70
N GLY F 226 -22.71 -35.04 -52.36
CA GLY F 226 -24.14 -35.31 -52.33
C GLY F 226 -24.63 -36.06 -51.11
N ASP F 227 -23.85 -36.09 -50.04
CA ASP F 227 -24.23 -36.75 -48.79
C ASP F 227 -25.05 -35.84 -47.87
N VAL F 228 -25.65 -34.80 -48.42
CA VAL F 228 -26.34 -33.78 -47.64
C VAL F 228 -27.85 -34.04 -47.67
N PRO F 229 -28.65 -33.40 -46.80
CA PRO F 229 -30.10 -33.57 -46.87
C PRO F 229 -30.71 -32.86 -48.08
N GLU F 230 -32.03 -32.84 -48.16
CA GLU F 230 -32.70 -32.42 -49.38
C GLU F 230 -32.47 -30.93 -49.66
N SER F 231 -32.64 -30.08 -48.66
CA SER F 231 -32.54 -28.64 -48.88
C SER F 231 -31.15 -28.10 -48.60
N LEU F 232 -30.13 -28.76 -49.13
CA LEU F 232 -28.79 -28.19 -49.15
C LEU F 232 -28.04 -28.55 -50.43
N ARG F 233 -28.67 -29.29 -51.34
CA ARG F 233 -27.99 -29.74 -52.55
C ARG F 233 -27.80 -28.59 -53.52
N ASP F 234 -26.62 -28.55 -54.14
CA ASP F 234 -26.20 -27.50 -55.06
C ASP F 234 -26.27 -26.12 -54.41
N LYS F 235 -26.18 -26.06 -53.08
CA LYS F 235 -26.04 -24.79 -52.39
C LYS F 235 -24.58 -24.38 -52.44
N THR F 236 -24.29 -23.24 -53.07
CA THR F 236 -22.93 -22.83 -53.38
C THR F 236 -22.42 -21.92 -52.26
N ILE F 237 -21.76 -22.51 -51.28
CA ILE F 237 -21.14 -21.76 -50.19
C ILE F 237 -20.05 -20.86 -50.76
N VAL F 238 -20.07 -19.59 -50.34
CA VAL F 238 -19.10 -18.61 -50.82
C VAL F 238 -18.40 -17.98 -49.62
N ALA F 239 -17.10 -17.73 -49.75
CA ALA F 239 -16.32 -17.10 -48.70
C ALA F 239 -16.10 -15.64 -49.08
N LEU F 240 -16.51 -14.73 -48.20
CA LEU F 240 -16.42 -13.31 -48.48
C LEU F 240 -15.06 -12.75 -48.07
N ASP F 241 -14.66 -11.67 -48.72
CA ASP F 241 -13.36 -11.05 -48.51
C ASP F 241 -13.58 -9.61 -48.06
N LEU F 242 -13.09 -9.27 -46.88
CA LEU F 242 -13.18 -7.92 -46.34
C LEU F 242 -11.84 -7.18 -46.42
N GLY F 243 -10.86 -7.77 -47.07
CA GLY F 243 -9.55 -7.14 -47.20
C GLY F 243 -9.36 -6.50 -48.56
N SER F 244 -9.94 -7.10 -49.59
CA SER F 244 -9.90 -6.54 -50.93
C SER F 244 -11.12 -5.70 -51.26
N MET F 245 -12.11 -5.64 -50.37
CA MET F 245 -13.25 -4.75 -50.56
C MET F 245 -12.94 -3.32 -50.13
N VAL F 246 -12.10 -3.14 -49.12
CA VAL F 246 -11.66 -1.83 -48.67
C VAL F 246 -10.24 -1.52 -49.12
N ALA F 247 -9.71 -2.28 -50.08
CA ALA F 247 -8.35 -2.06 -50.56
C ALA F 247 -8.20 -0.68 -51.18
N GLY F 248 -8.89 -0.43 -52.28
CA GLY F 248 -8.92 0.92 -52.83
C GLY F 248 -10.31 1.52 -52.76
N SER F 249 -10.53 2.43 -51.82
CA SER F 249 -11.81 3.10 -51.67
C SER F 249 -11.57 4.38 -50.90
N LYS F 250 -11.57 5.53 -51.58
CA LYS F 250 -11.32 6.79 -50.90
C LYS F 250 -12.25 7.93 -51.29
N TYR F 251 -13.17 7.74 -52.23
CA TYR F 251 -14.00 8.86 -52.70
C TYR F 251 -15.33 8.96 -51.96
N ARG F 252 -15.26 8.91 -50.62
CA ARG F 252 -16.29 9.42 -49.73
C ARG F 252 -17.58 8.59 -49.71
N GLY F 253 -17.74 7.68 -50.67
CA GLY F 253 -18.88 6.79 -50.65
C GLY F 253 -18.60 5.43 -51.25
N GLU F 254 -17.34 5.20 -51.61
CA GLU F 254 -16.99 4.06 -52.45
C GLU F 254 -17.23 2.74 -51.74
N PHE F 255 -16.74 2.61 -50.50
CA PHE F 255 -16.90 1.36 -49.78
C PHE F 255 -18.36 1.11 -49.43
N GLU F 256 -19.09 2.18 -49.07
CA GLU F 256 -20.52 2.04 -48.79
C GLU F 256 -21.27 1.47 -49.99
N GLU F 257 -21.12 2.13 -51.15
CA GLU F 257 -21.84 1.66 -52.33
C GLU F 257 -21.34 0.30 -52.79
N ARG F 258 -20.05 0.00 -52.59
CA ARG F 258 -19.51 -1.29 -52.98
C ARG F 258 -20.11 -2.42 -52.14
N LEU F 259 -20.16 -2.23 -50.82
CA LEU F 259 -20.75 -3.24 -49.97
C LEU F 259 -22.26 -3.36 -50.22
N LYS F 260 -22.93 -2.24 -50.49
CA LYS F 260 -24.33 -2.31 -50.87
C LYS F 260 -24.51 -3.16 -52.13
N ALA F 261 -23.65 -2.96 -53.12
CA ALA F 261 -23.76 -3.71 -54.38
C ALA F 261 -23.54 -5.20 -54.15
N VAL F 262 -22.48 -5.56 -53.42
CA VAL F 262 -22.18 -6.98 -53.23
C VAL F 262 -23.25 -7.65 -52.38
N LEU F 263 -23.80 -6.93 -51.39
CA LEU F 263 -24.87 -7.48 -50.59
C LEU F 263 -26.13 -7.69 -51.42
N ASP F 264 -26.49 -6.72 -52.25
CA ASP F 264 -27.63 -6.89 -53.14
C ASP F 264 -27.41 -8.05 -54.10
N ASP F 265 -26.15 -8.28 -54.51
CA ASP F 265 -25.85 -9.45 -55.33
C ASP F 265 -26.09 -10.73 -54.55
N ILE F 266 -25.71 -10.75 -53.26
CA ILE F 266 -26.03 -11.89 -52.41
C ILE F 266 -27.54 -12.11 -52.34
N LYS F 267 -28.30 -11.01 -52.26
CA LYS F 267 -29.75 -11.13 -52.06
C LYS F 267 -30.47 -11.51 -53.37
N ASN F 268 -29.81 -11.33 -54.51
CA ASN F 268 -30.45 -11.63 -55.79
C ASN F 268 -30.81 -13.11 -55.89
N SER F 269 -29.81 -13.98 -55.89
CA SER F 269 -30.02 -15.42 -55.88
C SER F 269 -30.30 -15.88 -54.45
N ALA F 270 -31.54 -16.29 -54.19
CA ALA F 270 -32.00 -16.62 -52.85
C ALA F 270 -31.77 -18.09 -52.55
N GLY F 271 -31.12 -18.37 -51.43
CA GLY F 271 -30.93 -19.73 -50.97
C GLY F 271 -29.70 -20.42 -51.53
N GLN F 272 -29.34 -20.11 -52.77
CA GLN F 272 -28.23 -20.79 -53.42
C GLN F 272 -26.91 -20.56 -52.70
N ILE F 273 -26.53 -19.30 -52.52
CA ILE F 273 -25.21 -18.94 -52.02
C ILE F 273 -25.27 -18.85 -50.50
N ILE F 274 -24.39 -19.59 -49.83
CA ILE F 274 -24.22 -19.54 -48.38
C ILE F 274 -22.95 -18.77 -48.09
N THR F 275 -23.11 -17.52 -47.64
CA THR F 275 -21.96 -16.69 -47.33
C THR F 275 -21.20 -17.26 -46.12
N PHE F 276 -19.91 -16.94 -46.05
CA PHE F 276 -19.05 -17.42 -44.98
C PHE F 276 -17.95 -16.39 -44.76
N ILE F 277 -18.03 -15.66 -43.66
CA ILE F 277 -17.01 -14.68 -43.27
C ILE F 277 -16.21 -15.30 -42.12
N ASP F 278 -14.91 -15.48 -42.35
CA ASP F 278 -14.05 -15.96 -41.29
C ASP F 278 -13.56 -14.80 -40.43
N GLU F 279 -13.49 -15.03 -39.13
CA GLU F 279 -13.18 -13.99 -38.15
C GLU F 279 -14.16 -12.83 -38.28
N LEU F 280 -15.44 -13.14 -38.05
CA LEU F 280 -16.49 -12.14 -38.23
C LEU F 280 -16.46 -11.06 -37.17
N HIS F 281 -15.46 -11.07 -36.28
CA HIS F 281 -15.28 -9.97 -35.35
C HIS F 281 -14.68 -8.73 -36.01
N THR F 282 -13.99 -8.90 -37.13
CA THR F 282 -13.39 -7.79 -37.85
C THR F 282 -14.41 -6.81 -38.43
N ILE F 283 -15.67 -7.22 -38.59
CA ILE F 283 -16.66 -6.33 -39.19
C ILE F 283 -17.25 -5.37 -38.17
N VAL F 284 -16.75 -5.36 -36.93
CA VAL F 284 -17.24 -4.41 -35.93
C VAL F 284 -17.04 -2.98 -36.43
N GLY F 285 -15.84 -2.65 -36.88
CA GLY F 285 -15.59 -1.38 -37.52
C GLY F 285 -15.42 -1.54 -39.02
N ALA F 286 -14.17 -1.45 -39.48
CA ALA F 286 -13.79 -1.72 -40.87
C ALA F 286 -14.38 -0.70 -41.84
N GLY F 287 -15.18 0.24 -41.34
CA GLY F 287 -15.76 1.26 -42.18
C GLY F 287 -14.83 2.42 -42.42
N ALA F 288 -14.42 3.09 -41.35
CA ALA F 288 -13.54 4.25 -41.45
C ALA F 288 -12.44 4.21 -40.39
N ALA F 296 -18.81 -1.57 -42.80
CA ALA F 296 -19.67 -2.73 -42.61
C ALA F 296 -20.17 -2.80 -41.17
N GLY F 297 -20.70 -3.96 -40.78
CA GLY F 297 -21.19 -4.20 -39.45
C GLY F 297 -22.57 -3.66 -39.16
N ASN F 298 -22.84 -2.39 -39.49
CA ASN F 298 -24.13 -1.78 -39.25
C ASN F 298 -25.04 -1.78 -40.47
N MET F 299 -24.47 -1.81 -41.67
CA MET F 299 -25.26 -1.92 -42.90
C MET F 299 -25.44 -3.37 -43.34
N ILE F 300 -25.00 -4.33 -42.52
CA ILE F 300 -25.29 -5.74 -42.75
C ILE F 300 -26.41 -6.23 -41.84
N LYS F 301 -26.66 -5.56 -40.71
CA LYS F 301 -27.73 -5.96 -39.81
C LYS F 301 -29.11 -5.93 -40.44
N PRO F 302 -29.53 -4.85 -41.12
CA PRO F 302 -30.87 -4.89 -41.74
C PRO F 302 -31.01 -5.97 -42.80
N MET F 303 -29.96 -6.21 -43.57
CA MET F 303 -29.95 -7.33 -44.50
C MET F 303 -30.04 -8.68 -43.80
N LEU F 304 -29.46 -8.78 -42.59
CA LEU F 304 -29.54 -10.03 -41.83
C LEU F 304 -30.90 -10.19 -41.15
N ALA F 305 -31.64 -9.10 -40.96
CA ALA F 305 -33.01 -9.15 -40.44
C ALA F 305 -33.98 -9.74 -41.45
N ARG F 306 -33.48 -10.14 -42.62
CA ARG F 306 -34.32 -10.75 -43.64
C ARG F 306 -33.99 -12.24 -43.83
N GLY F 307 -32.96 -12.76 -43.18
CA GLY F 307 -32.63 -14.17 -43.24
C GLY F 307 -32.23 -14.69 -44.60
N GLU F 308 -32.14 -13.80 -45.59
CA GLU F 308 -31.81 -14.23 -46.94
C GLU F 308 -30.40 -14.80 -47.02
N LEU F 309 -29.42 -14.10 -46.46
CA LEU F 309 -28.06 -14.61 -46.38
C LEU F 309 -27.95 -15.60 -45.21
N ARG F 310 -27.11 -16.60 -45.40
CA ARG F 310 -26.94 -17.67 -44.40
C ARG F 310 -25.85 -17.33 -43.38
N LEU F 311 -24.67 -16.94 -43.85
CA LEU F 311 -23.62 -16.34 -43.03
C LEU F 311 -23.14 -17.29 -41.93
N VAL F 312 -22.60 -18.43 -42.37
CA VAL F 312 -21.86 -19.29 -41.46
C VAL F 312 -20.55 -18.60 -41.09
N GLY F 313 -20.16 -18.71 -39.82
CA GLY F 313 -18.99 -18.00 -39.35
C GLY F 313 -18.17 -18.82 -38.38
N ALA F 314 -17.05 -18.23 -37.96
CA ALA F 314 -16.14 -18.88 -37.03
C ALA F 314 -15.25 -17.85 -36.39
N THR F 315 -15.11 -17.93 -35.07
CA THR F 315 -14.24 -17.08 -34.30
C THR F 315 -13.82 -17.83 -33.03
N THR F 316 -12.86 -17.26 -32.30
CA THR F 316 -12.43 -17.86 -31.05
C THR F 316 -13.36 -17.40 -29.92
N LEU F 317 -13.56 -18.30 -28.95
CA LEU F 317 -14.52 -18.07 -27.88
C LEU F 317 -14.26 -16.75 -27.17
N ASP F 318 -13.02 -16.56 -26.68
CA ASP F 318 -12.70 -15.35 -25.94
C ASP F 318 -12.86 -14.10 -26.80
N GLU F 319 -12.65 -14.22 -28.10
CA GLU F 319 -12.78 -13.05 -28.97
C GLU F 319 -14.25 -12.75 -29.29
N TYR F 320 -15.11 -13.76 -29.19
CA TYR F 320 -16.53 -13.54 -29.43
C TYR F 320 -17.12 -12.54 -28.44
N ARG F 321 -16.72 -12.63 -27.17
CA ARG F 321 -17.23 -11.76 -26.12
C ARG F 321 -16.39 -10.50 -25.94
N LYS F 322 -15.59 -10.14 -26.95
CA LYS F 322 -14.81 -8.90 -26.94
C LYS F 322 -15.19 -7.96 -28.07
N HIS F 323 -15.54 -8.49 -29.24
CA HIS F 323 -15.99 -7.68 -30.37
C HIS F 323 -17.45 -7.90 -30.72
N ILE F 324 -17.91 -9.15 -30.77
CA ILE F 324 -19.30 -9.41 -31.17
C ILE F 324 -20.27 -9.13 -30.04
N GLU F 325 -19.93 -9.54 -28.81
CA GLU F 325 -20.83 -9.40 -27.68
C GLU F 325 -20.72 -8.04 -27.01
N LYS F 326 -20.21 -7.03 -27.72
CA LYS F 326 -20.29 -5.66 -27.22
C LYS F 326 -21.65 -5.04 -27.52
N ASP F 327 -22.24 -5.40 -28.66
CA ASP F 327 -23.53 -4.87 -29.08
C ASP F 327 -24.55 -6.01 -29.10
N ALA F 328 -25.69 -5.81 -28.42
CA ALA F 328 -26.67 -6.88 -28.30
C ALA F 328 -27.55 -7.03 -29.54
N ALA F 329 -27.55 -6.03 -30.43
CA ALA F 329 -28.32 -6.17 -31.66
C ALA F 329 -27.71 -7.19 -32.61
N LEU F 330 -26.46 -7.58 -32.36
CA LEU F 330 -25.83 -8.62 -33.17
C LEU F 330 -26.19 -10.02 -32.66
N GLU F 331 -26.12 -10.23 -31.34
CA GLU F 331 -26.32 -11.56 -30.79
C GLU F 331 -27.74 -12.07 -31.03
N ARG F 332 -28.70 -11.17 -31.26
CA ARG F 332 -30.07 -11.59 -31.49
C ARG F 332 -30.20 -12.46 -32.74
N ARG F 333 -29.25 -12.35 -33.66
CA ARG F 333 -29.26 -13.10 -34.91
C ARG F 333 -28.01 -13.97 -35.04
N PHE F 334 -27.56 -14.55 -33.93
CA PHE F 334 -26.40 -15.44 -33.92
C PHE F 334 -26.74 -16.68 -33.09
N GLN F 335 -26.25 -17.83 -33.55
CA GLN F 335 -26.48 -19.09 -32.83
C GLN F 335 -25.14 -19.78 -32.64
N GLN F 336 -24.65 -19.78 -31.40
CA GLN F 336 -23.33 -20.35 -31.11
C GLN F 336 -23.38 -21.87 -31.16
N VAL F 337 -22.38 -22.46 -31.80
CA VAL F 337 -22.19 -23.91 -31.81
C VAL F 337 -20.77 -24.15 -31.33
N TYR F 338 -20.63 -24.59 -30.08
CA TYR F 338 -19.32 -24.81 -29.51
C TYR F 338 -18.61 -25.97 -30.21
N VAL F 339 -17.30 -25.87 -30.31
CA VAL F 339 -16.46 -26.91 -30.91
C VAL F 339 -15.45 -27.35 -29.86
N GLY F 340 -15.38 -28.66 -29.62
CA GLY F 340 -14.43 -29.18 -28.66
C GLY F 340 -13.18 -29.71 -29.32
N GLU F 341 -12.09 -29.74 -28.55
CA GLU F 341 -10.89 -30.28 -29.17
C GLU F 341 -10.94 -31.80 -29.23
N PRO F 342 -10.30 -32.41 -30.23
CA PRO F 342 -10.31 -33.88 -30.32
C PRO F 342 -9.50 -34.53 -29.23
N SER F 343 -9.72 -35.83 -29.01
CA SER F 343 -9.00 -36.61 -28.02
C SER F 343 -7.84 -37.35 -28.69
N VAL F 344 -7.19 -38.23 -27.92
CA VAL F 344 -6.01 -38.92 -28.42
C VAL F 344 -6.38 -39.92 -29.50
N GLU F 345 -7.47 -40.67 -29.29
CA GLU F 345 -7.91 -41.64 -30.27
C GLU F 345 -8.36 -40.96 -31.56
N ASP F 346 -9.13 -39.88 -31.43
CA ASP F 346 -9.57 -39.14 -32.60
C ASP F 346 -8.38 -38.54 -33.35
N THR F 347 -7.38 -38.05 -32.62
CA THR F 347 -6.19 -37.51 -33.25
C THR F 347 -5.42 -38.60 -33.99
N ILE F 348 -5.31 -39.79 -33.40
CA ILE F 348 -4.64 -40.89 -34.07
C ILE F 348 -5.38 -41.27 -35.35
N GLY F 349 -6.71 -41.29 -35.29
CA GLY F 349 -7.49 -41.57 -36.49
C GLY F 349 -7.28 -40.54 -37.58
N ILE F 350 -7.32 -39.25 -37.21
CA ILE F 350 -7.11 -38.18 -38.17
C ILE F 350 -5.73 -38.30 -38.80
N LEU F 351 -4.70 -38.56 -37.99
CA LEU F 351 -3.34 -38.67 -38.53
C LEU F 351 -3.20 -39.87 -39.44
N ARG F 352 -3.86 -40.98 -39.09
CA ARG F 352 -3.89 -42.13 -40.00
C ARG F 352 -4.56 -41.77 -41.32
N GLY F 353 -5.59 -40.93 -41.27
CA GLY F 353 -6.24 -40.49 -42.49
C GLY F 353 -5.42 -39.51 -43.31
N LEU F 354 -4.51 -38.79 -42.66
CA LEU F 354 -3.72 -37.75 -43.33
C LEU F 354 -2.33 -38.18 -43.73
N LYS F 355 -1.85 -39.35 -43.30
CA LYS F 355 -0.46 -39.72 -43.56
C LYS F 355 -0.27 -40.29 -44.95
N ASP F 356 -0.79 -39.60 -45.97
CA ASP F 356 -0.59 -40.01 -47.35
C ASP F 356 -0.23 -38.81 -48.21
N ARG F 357 -0.57 -37.62 -47.74
CA ARG F 357 -0.20 -36.38 -48.42
C ARG F 357 1.23 -35.97 -48.14
N TYR F 358 1.69 -36.15 -46.90
CA TYR F 358 3.08 -35.84 -46.58
C TYR F 358 4.03 -36.82 -47.26
N GLU F 359 3.58 -38.04 -47.54
CA GLU F 359 4.42 -38.99 -48.26
C GLU F 359 4.63 -38.60 -49.72
N VAL F 360 3.66 -37.94 -50.35
CA VAL F 360 3.86 -37.49 -51.72
C VAL F 360 4.49 -36.11 -51.75
N HIS F 361 4.37 -35.35 -50.66
CA HIS F 361 5.09 -34.08 -50.56
C HIS F 361 6.59 -34.33 -50.37
N HIS F 362 6.96 -34.98 -49.27
CA HIS F 362 8.31 -35.47 -49.07
C HIS F 362 8.34 -36.94 -49.46
N GLY F 363 9.13 -37.28 -50.47
CA GLY F 363 9.08 -38.61 -51.05
C GLY F 363 9.67 -39.69 -50.17
N VAL F 364 9.02 -39.96 -49.03
CA VAL F 364 9.43 -40.97 -48.07
C VAL F 364 8.18 -41.55 -47.42
N ARG F 365 8.38 -42.60 -46.63
CA ARG F 365 7.28 -43.32 -45.98
C ARG F 365 7.20 -42.92 -44.51
N ILE F 366 5.98 -42.95 -43.96
CA ILE F 366 5.73 -42.61 -42.57
C ILE F 366 5.10 -43.82 -41.89
N THR F 367 5.74 -44.28 -40.81
CA THR F 367 5.31 -45.51 -40.15
C THR F 367 4.22 -45.22 -39.13
N ASP F 368 3.32 -46.19 -38.95
CA ASP F 368 2.20 -46.02 -38.02
C ASP F 368 2.68 -45.86 -36.58
N SER F 369 3.78 -46.52 -36.21
CA SER F 369 4.31 -46.35 -34.87
C SER F 369 4.82 -44.94 -34.65
N ALA F 370 5.57 -44.41 -35.63
CA ALA F 370 5.99 -43.01 -35.59
C ALA F 370 4.83 -42.04 -35.63
N LEU F 371 3.69 -42.45 -36.19
CA LEU F 371 2.51 -41.62 -36.19
C LEU F 371 1.83 -41.58 -34.83
N VAL F 372 1.59 -42.75 -34.22
CA VAL F 372 1.00 -42.80 -32.88
C VAL F 372 1.93 -42.17 -31.84
N ALA F 373 3.25 -42.22 -32.05
CA ALA F 373 4.17 -41.64 -31.08
C ALA F 373 3.95 -40.14 -30.94
N ALA F 374 3.73 -39.43 -32.05
CA ALA F 374 3.51 -37.99 -31.98
C ALA F 374 2.29 -37.65 -31.13
N ALA F 375 1.18 -38.36 -31.37
CA ALA F 375 -0.04 -38.08 -30.63
C ALA F 375 0.11 -38.44 -29.15
N THR F 376 0.66 -39.61 -28.85
CA THR F 376 0.77 -40.03 -27.45
C THR F 376 1.89 -39.31 -26.71
N LEU F 377 2.77 -38.61 -27.42
CA LEU F 377 3.94 -37.99 -26.83
C LEU F 377 3.91 -36.47 -26.84
N SER F 378 3.00 -35.86 -27.59
CA SER F 378 2.86 -34.41 -27.59
C SER F 378 1.81 -33.91 -26.61
N ASP F 379 1.50 -34.71 -25.58
CA ASP F 379 0.56 -34.32 -24.54
C ASP F 379 1.19 -34.24 -23.16
N ARG F 380 1.99 -35.24 -22.78
CA ARG F 380 2.83 -35.09 -21.60
C ARG F 380 3.81 -33.93 -21.76
N TYR F 381 4.40 -33.82 -22.94
CA TYR F 381 5.19 -32.68 -23.36
C TYR F 381 4.25 -31.56 -23.79
N ILE F 382 4.75 -30.66 -24.64
CA ILE F 382 4.27 -29.28 -24.79
C ILE F 382 2.77 -29.14 -24.60
N THR F 383 2.37 -28.21 -23.73
CA THR F 383 0.96 -27.89 -23.49
C THR F 383 0.82 -26.37 -23.59
N ALA F 384 0.77 -25.89 -24.83
CA ALA F 384 0.33 -24.53 -25.13
C ALA F 384 -0.59 -24.47 -26.33
N ARG F 385 -0.66 -25.53 -27.13
CA ARG F 385 -1.54 -25.61 -28.28
C ARG F 385 -2.43 -26.83 -28.13
N PHE F 386 -3.34 -27.02 -29.07
CA PHE F 386 -4.33 -28.07 -28.99
C PHE F 386 -4.06 -29.12 -30.06
N LEU F 387 -4.81 -30.22 -30.02
CA LEU F 387 -4.29 -31.42 -30.65
C LEU F 387 -5.10 -31.92 -31.85
N PRO F 388 -5.36 -31.10 -32.88
CA PRO F 388 -5.57 -31.68 -34.21
C PRO F 388 -4.31 -31.57 -35.08
N ASP F 389 -3.33 -30.80 -34.59
CA ASP F 389 -2.10 -30.53 -35.33
C ASP F 389 -0.83 -30.69 -34.52
N LYS F 390 -0.88 -30.53 -33.19
CA LYS F 390 0.30 -30.64 -32.34
C LYS F 390 1.05 -31.95 -32.54
N ALA F 391 0.41 -32.94 -33.16
CA ALA F 391 1.09 -34.14 -33.62
C ALA F 391 1.47 -34.07 -35.09
N ILE F 392 0.80 -33.23 -35.88
CA ILE F 392 1.13 -33.06 -37.29
C ILE F 392 2.49 -32.38 -37.44
N ASP F 393 2.76 -31.38 -36.60
CA ASP F 393 4.03 -30.66 -36.69
C ASP F 393 5.24 -31.59 -36.56
N LEU F 394 5.15 -32.58 -35.67
CA LEU F 394 6.29 -33.44 -35.40
C LEU F 394 6.60 -34.34 -36.60
N VAL F 395 5.57 -34.96 -37.17
CA VAL F 395 5.78 -35.81 -38.35
C VAL F 395 6.25 -34.97 -39.53
N ASP F 396 5.72 -33.74 -39.65
CA ASP F 396 6.17 -32.84 -40.70
C ASP F 396 7.68 -32.58 -40.59
N GLU F 397 8.14 -32.12 -39.44
CA GLU F 397 9.55 -31.82 -39.28
C GLU F 397 10.42 -33.07 -39.34
N ALA F 398 9.89 -34.22 -38.94
CA ALA F 398 10.66 -35.46 -39.05
C ALA F 398 10.89 -35.83 -40.50
N ALA F 399 9.83 -35.77 -41.32
CA ALA F 399 9.98 -36.02 -42.75
C ALA F 399 10.93 -35.01 -43.38
N SER F 400 10.84 -33.74 -42.97
CA SER F 400 11.72 -32.72 -43.51
C SER F 400 13.18 -33.03 -43.18
N ARG F 401 13.47 -33.40 -41.94
CA ARG F 401 14.85 -33.68 -41.55
C ARG F 401 15.36 -34.95 -42.24
N LEU F 402 14.50 -35.95 -42.40
CA LEU F 402 14.92 -37.16 -43.11
C LEU F 402 15.27 -36.83 -44.56
N ARG F 403 14.43 -36.04 -45.23
CA ARG F 403 14.73 -35.62 -46.59
C ARG F 403 16.03 -34.83 -46.66
N MET F 404 16.25 -33.96 -45.67
CA MET F 404 17.51 -33.22 -45.61
C MET F 404 18.71 -34.15 -45.50
N GLU F 405 18.60 -35.18 -44.65
CA GLU F 405 19.72 -36.09 -44.46
C GLU F 405 20.00 -36.91 -45.71
N ILE F 406 18.95 -37.45 -46.33
CA ILE F 406 19.14 -38.34 -47.48
C ILE F 406 19.56 -37.61 -48.75
N ASP F 407 19.64 -36.28 -48.72
CA ASP F 407 19.99 -35.54 -49.93
C ASP F 407 21.49 -35.52 -50.17
N SER F 408 22.24 -34.87 -49.29
CA SER F 408 23.69 -34.76 -49.48
C SER F 408 24.45 -35.71 -48.58
N ARG F 409 24.27 -35.57 -47.26
CA ARG F 409 24.98 -36.36 -46.27
C ARG F 409 24.13 -36.49 -45.02
N PRO F 410 24.31 -37.55 -44.22
CA PRO F 410 23.55 -37.65 -42.97
C PRO F 410 24.14 -36.77 -41.88
N VAL F 411 23.59 -36.87 -40.67
CA VAL F 411 24.00 -36.05 -39.53
C VAL F 411 25.28 -36.64 -38.95
N GLU F 412 25.91 -35.92 -38.03
CA GLU F 412 27.06 -36.36 -37.22
C GLU F 412 28.25 -36.81 -38.06
N ILE F 413 28.20 -36.58 -39.37
CA ILE F 413 29.35 -36.81 -40.24
C ILE F 413 29.66 -35.51 -40.97
N ASP F 414 28.63 -34.68 -41.14
CA ASP F 414 28.80 -33.31 -41.64
C ASP F 414 29.06 -32.33 -40.52
N GLU F 415 28.72 -32.68 -39.29
CA GLU F 415 28.97 -31.82 -38.12
C GLU F 415 30.43 -31.82 -37.71
N VAL F 416 31.06 -33.00 -37.65
CA VAL F 416 32.48 -33.05 -37.33
C VAL F 416 33.30 -32.45 -38.47
N GLU F 417 32.86 -32.64 -39.72
CA GLU F 417 33.58 -32.08 -40.86
C GLU F 417 33.63 -30.56 -40.81
N ARG F 418 32.54 -29.91 -40.43
CA ARG F 418 32.52 -28.46 -40.33
C ARG F 418 33.35 -27.94 -39.16
N LEU F 419 33.53 -28.75 -38.11
CA LEU F 419 34.32 -28.35 -36.96
C LEU F 419 35.82 -28.51 -37.22
N VAL F 420 36.20 -29.56 -37.97
CA VAL F 420 37.60 -29.74 -38.33
C VAL F 420 38.04 -28.67 -39.32
N ARG F 421 37.17 -28.30 -40.26
CA ARG F 421 37.52 -27.34 -41.29
C ARG F 421 37.79 -25.97 -40.69
N ARG F 422 36.84 -25.46 -39.91
CA ARG F 422 36.97 -24.13 -39.33
C ARG F 422 38.14 -24.05 -38.35
N LEU F 423 38.32 -25.11 -37.54
CA LEU F 423 39.39 -25.12 -36.55
C LEU F 423 40.75 -25.04 -37.22
N GLU F 424 40.87 -25.58 -38.43
CA GLU F 424 42.13 -25.50 -39.17
C GLU F 424 42.54 -24.05 -39.41
N ILE F 425 41.58 -23.22 -39.82
CA ILE F 425 41.85 -21.81 -40.07
C ILE F 425 42.40 -21.11 -38.84
N GLU F 426 41.97 -21.52 -37.65
CA GLU F 426 42.48 -20.91 -36.42
C GLU F 426 43.95 -21.24 -36.20
N GLU F 427 44.42 -22.38 -36.73
CA GLU F 427 45.82 -22.73 -36.59
C GLU F 427 46.71 -21.99 -37.58
N MET F 428 46.18 -21.66 -38.75
CA MET F 428 46.95 -21.04 -39.82
C MET F 428 47.17 -19.55 -39.60
N ALA F 429 46.46 -18.97 -38.63
CA ALA F 429 46.61 -17.54 -38.34
C ALA F 429 47.26 -17.36 -36.98
N LEU F 430 47.17 -18.37 -36.12
CA LEU F 430 47.79 -18.32 -34.81
C LEU F 430 49.19 -18.94 -34.79
N SER F 431 49.56 -19.69 -35.82
CA SER F 431 50.91 -20.23 -35.90
C SER F 431 51.95 -19.13 -36.07
N LYS F 432 51.62 -18.10 -36.84
CA LYS F 432 52.53 -16.97 -37.05
C LYS F 432 52.31 -15.87 -36.01
N GLU F 433 52.34 -16.25 -34.74
CA GLU F 433 52.12 -15.32 -33.63
C GLU F 433 53.46 -15.08 -32.94
N GLU F 434 53.83 -13.81 -32.81
CA GLU F 434 55.06 -13.43 -32.14
C GLU F 434 54.84 -13.31 -30.62
N ASP F 435 54.21 -14.32 -30.04
CA ASP F 435 53.79 -14.26 -28.65
C ASP F 435 54.41 -15.39 -27.85
N GLU F 436 54.21 -15.32 -26.53
CA GLU F 436 54.65 -16.36 -25.61
C GLU F 436 53.45 -17.01 -24.96
N ALA F 437 52.40 -16.23 -24.74
CA ALA F 437 51.18 -16.76 -24.15
C ALA F 437 50.39 -17.61 -25.14
N SER F 438 50.51 -17.33 -26.43
CA SER F 438 49.84 -18.09 -27.47
C SER F 438 50.58 -19.37 -27.81
N ALA F 439 51.66 -19.69 -27.09
CA ALA F 439 52.41 -20.90 -27.36
C ALA F 439 51.72 -22.15 -26.82
N GLU F 440 51.17 -22.07 -25.61
CA GLU F 440 50.49 -23.22 -25.00
C GLU F 440 49.07 -23.38 -25.50
N ARG F 441 48.44 -22.32 -26.00
CA ARG F 441 47.15 -22.47 -26.68
C ARG F 441 47.30 -23.17 -28.02
N LEU F 442 48.47 -23.05 -28.66
CA LEU F 442 48.75 -23.74 -29.91
C LEU F 442 49.17 -25.18 -29.71
N ALA F 443 49.76 -25.52 -28.55
CA ALA F 443 50.08 -26.89 -28.23
C ALA F 443 48.86 -27.71 -27.83
N LYS F 444 47.73 -27.05 -27.60
CA LYS F 444 46.46 -27.71 -27.29
C LYS F 444 45.45 -27.58 -28.41
N LEU F 445 45.57 -26.54 -29.24
CA LEU F 445 44.68 -26.39 -30.39
C LEU F 445 45.01 -27.42 -31.46
N ARG F 446 46.30 -27.70 -31.65
CA ARG F 446 46.70 -28.75 -32.58
C ARG F 446 46.32 -30.13 -32.06
N SER F 447 46.52 -30.36 -30.77
CA SER F 447 46.22 -31.66 -30.17
C SER F 447 44.73 -32.00 -30.32
N GLU F 448 43.87 -31.02 -30.11
CA GLU F 448 42.44 -31.23 -30.31
C GLU F 448 42.15 -31.56 -31.77
N LEU F 449 42.80 -30.84 -32.69
CA LEU F 449 42.60 -31.10 -34.12
C LEU F 449 43.06 -32.50 -34.47
N ALA F 450 44.20 -32.92 -33.93
CA ALA F 450 44.71 -34.26 -34.20
C ALA F 450 43.68 -35.32 -33.82
N ASP F 451 42.99 -35.14 -32.70
CA ASP F 451 41.99 -36.11 -32.27
C ASP F 451 40.68 -35.93 -33.03
N GLN F 452 40.38 -34.69 -33.43
CA GLN F 452 39.12 -34.42 -34.12
C GLN F 452 39.10 -35.05 -35.50
N LYS F 453 40.25 -35.09 -36.19
CA LYS F 453 40.31 -35.69 -37.51
C LYS F 453 40.12 -37.20 -37.44
N GLU F 454 40.56 -37.82 -36.34
CA GLU F 454 40.39 -39.25 -36.14
C GLU F 454 38.92 -39.64 -36.18
N LYS F 455 38.08 -38.88 -35.47
CA LYS F 455 36.65 -39.17 -35.45
C LYS F 455 36.04 -39.02 -36.84
N LEU F 456 36.67 -38.19 -37.68
CA LEU F 456 36.18 -38.01 -39.04
C LEU F 456 36.47 -39.25 -39.89
N ALA F 457 37.74 -39.64 -39.96
CA ALA F 457 38.12 -40.80 -40.77
C ALA F 457 37.44 -42.07 -40.28
N GLU F 458 37.37 -42.25 -38.95
CA GLU F 458 36.75 -43.46 -38.40
C GLU F 458 35.27 -43.52 -38.74
N LEU F 459 34.55 -42.41 -38.55
CA LEU F 459 33.14 -42.38 -38.94
C LEU F 459 32.98 -42.55 -40.44
N THR F 460 33.96 -42.08 -41.22
CA THR F 460 33.93 -42.29 -42.66
C THR F 460 34.07 -43.77 -43.00
N THR F 461 34.82 -44.52 -42.19
CA THR F 461 34.97 -45.95 -42.43
C THR F 461 33.68 -46.69 -42.07
N ARG F 462 32.99 -46.25 -41.03
CA ARG F 462 31.70 -46.85 -40.68
C ARG F 462 30.66 -46.57 -41.76
N TRP F 463 30.82 -45.46 -42.49
CA TRP F 463 29.86 -45.13 -43.55
C TRP F 463 29.98 -46.10 -44.71
N GLN F 464 31.21 -46.34 -45.18
CA GLN F 464 31.42 -47.18 -46.36
C GLN F 464 30.90 -48.60 -46.13
N ASN F 465 31.00 -49.09 -44.90
CA ASN F 465 30.39 -50.38 -44.56
C ASN F 465 28.88 -50.32 -44.76
N GLU F 466 28.22 -49.34 -44.14
CA GLU F 466 26.79 -49.12 -44.35
C GLU F 466 26.47 -48.76 -45.79
N LYS F 467 27.46 -48.29 -46.56
CA LYS F 467 27.26 -47.96 -47.96
C LYS F 467 27.22 -49.20 -48.86
N ASN F 468 27.97 -50.25 -48.53
CA ASN F 468 27.97 -51.47 -49.32
C ASN F 468 26.86 -52.41 -48.86
N ALA F 469 26.89 -52.78 -47.58
CA ALA F 469 25.89 -53.69 -47.03
C ALA F 469 24.55 -52.99 -46.85
N LYS F 530 16.91 -46.74 -43.70
CA LYS F 530 16.50 -45.58 -42.90
C LYS F 530 15.72 -44.58 -43.74
N GLU F 531 15.00 -45.08 -44.74
CA GLU F 531 14.18 -44.26 -45.62
C GLU F 531 12.76 -44.08 -45.11
N GLU F 532 12.55 -44.23 -43.80
CA GLU F 532 11.23 -44.03 -43.20
C GLU F 532 11.42 -43.51 -41.78
N VAL F 533 10.42 -42.78 -41.30
CA VAL F 533 10.51 -42.10 -40.01
C VAL F 533 10.23 -43.10 -38.89
N GLY F 534 10.53 -42.70 -37.66
CA GLY F 534 10.32 -43.53 -36.50
C GLY F 534 10.00 -42.73 -35.26
N PRO F 535 9.43 -43.39 -34.25
CA PRO F 535 9.28 -42.73 -32.95
C PRO F 535 10.60 -42.22 -32.39
N ASP F 536 11.71 -42.88 -32.74
CA ASP F 536 13.03 -42.33 -32.43
C ASP F 536 13.17 -40.92 -32.99
N ASP F 537 12.82 -40.72 -34.26
CA ASP F 537 12.98 -39.40 -34.86
C ASP F 537 11.94 -38.42 -34.31
N ILE F 538 10.75 -38.91 -33.97
CA ILE F 538 9.75 -38.05 -33.33
C ILE F 538 10.28 -37.52 -31.99
N ALA F 539 10.88 -38.40 -31.19
CA ALA F 539 11.45 -37.97 -29.92
C ALA F 539 12.65 -37.05 -30.14
N ASP F 540 13.48 -37.35 -31.13
CA ASP F 540 14.60 -36.48 -31.47
C ASP F 540 14.14 -35.08 -31.87
N VAL F 541 13.00 -34.97 -32.54
CA VAL F 541 12.43 -33.67 -32.87
C VAL F 541 11.85 -32.97 -31.65
N VAL F 542 11.08 -33.67 -30.82
CA VAL F 542 10.54 -33.07 -29.60
C VAL F 542 11.63 -32.78 -28.57
N SER F 543 12.85 -33.25 -28.80
CA SER F 543 13.97 -32.96 -27.92
C SER F 543 14.64 -31.64 -28.21
N ALA F 544 14.52 -31.13 -29.44
CA ALA F 544 14.94 -29.78 -29.77
C ALA F 544 13.81 -28.77 -29.59
N TRP F 545 12.57 -29.23 -29.77
CA TRP F 545 11.42 -28.39 -29.48
C TRP F 545 11.15 -28.38 -27.98
N THR F 546 11.44 -27.25 -27.34
CA THR F 546 11.42 -26.99 -25.89
C THR F 546 12.60 -27.63 -25.17
N GLY F 547 13.52 -28.26 -25.87
CA GLY F 547 14.80 -28.68 -25.31
C GLY F 547 14.74 -29.57 -24.09
N ILE F 548 13.72 -30.42 -23.99
CA ILE F 548 13.63 -31.39 -22.91
C ILE F 548 14.37 -32.65 -23.36
N PRO F 549 15.52 -32.98 -22.77
CA PRO F 549 16.29 -34.13 -23.24
C PRO F 549 15.63 -35.46 -22.92
N ALA F 550 14.34 -35.59 -23.24
CA ALA F 550 13.62 -36.84 -23.07
C ALA F 550 13.52 -37.63 -24.37
N GLY F 551 14.67 -37.95 -24.96
CA GLY F 551 14.69 -38.73 -26.18
C GLY F 551 15.18 -40.14 -25.92
N ARG F 552 15.69 -40.80 -26.95
CA ARG F 552 16.24 -42.14 -26.78
C ARG F 552 17.62 -42.03 -26.14
N LEU F 553 18.20 -43.17 -25.79
CA LEU F 553 19.45 -43.23 -25.02
C LEU F 553 20.58 -43.63 -25.97
N LEU F 554 21.40 -42.66 -26.35
CA LEU F 554 22.60 -42.96 -27.10
C LEU F 554 23.61 -43.68 -26.21
N GLU F 555 24.64 -44.25 -26.84
CA GLU F 555 25.72 -44.88 -26.09
C GLU F 555 26.62 -43.85 -25.40
N GLY F 556 26.44 -42.56 -25.71
CA GLY F 556 27.30 -41.53 -25.17
C GLY F 556 26.96 -41.08 -23.76
N GLU F 557 25.68 -41.09 -23.40
CA GLU F 557 25.25 -40.61 -22.10
C GLU F 557 24.85 -41.72 -21.13
N THR F 558 24.66 -42.95 -21.62
CA THR F 558 24.29 -44.03 -20.71
C THR F 558 25.41 -44.33 -19.73
N ALA F 559 26.66 -44.29 -20.20
CA ALA F 559 27.80 -44.48 -19.31
C ALA F 559 27.86 -43.37 -18.26
N LYS F 560 27.54 -42.14 -18.64
CA LYS F 560 27.52 -41.04 -17.69
C LYS F 560 26.42 -41.24 -16.65
N LEU F 561 25.23 -41.67 -17.10
CA LEU F 561 24.14 -41.92 -16.18
C LEU F 561 24.48 -43.01 -15.17
N LEU F 562 25.10 -44.10 -15.64
CA LEU F 562 25.49 -45.16 -14.72
C LEU F 562 26.61 -44.72 -13.79
N ARG F 563 27.60 -44.00 -14.32
CA ARG F 563 28.72 -43.50 -13.53
C ARG F 563 28.46 -42.05 -13.15
N MET F 564 27.57 -41.88 -12.17
CA MET F 564 27.16 -40.56 -11.71
C MET F 564 27.63 -40.22 -10.30
N GLU F 565 27.55 -41.17 -9.36
CA GLU F 565 27.93 -40.87 -7.98
C GLU F 565 29.39 -40.43 -7.88
N ASP F 566 30.28 -41.06 -8.65
CA ASP F 566 31.67 -40.62 -8.69
C ASP F 566 31.87 -39.35 -9.50
N GLU F 567 31.19 -39.22 -10.65
CA GLU F 567 31.23 -37.98 -11.41
C GLU F 567 30.73 -36.80 -10.61
N LEU F 568 29.80 -37.01 -9.69
CA LEU F 568 29.31 -35.96 -8.81
C LEU F 568 30.10 -35.86 -7.51
N GLY F 569 30.90 -36.87 -7.20
CA GLY F 569 31.72 -36.84 -6.00
C GLY F 569 33.06 -36.19 -6.22
N LYS F 570 33.29 -35.65 -7.42
CA LYS F 570 34.52 -34.93 -7.70
C LYS F 570 34.51 -33.52 -7.13
N ARG F 571 33.35 -33.03 -6.69
CA ARG F 571 33.23 -31.67 -6.18
C ARG F 571 32.69 -31.70 -4.76
N VAL F 572 31.85 -32.68 -4.45
CA VAL F 572 31.23 -32.81 -3.13
C VAL F 572 31.88 -34.00 -2.44
N ILE F 573 32.76 -33.72 -1.49
CA ILE F 573 33.40 -34.75 -0.68
C ILE F 573 32.42 -35.15 0.42
N GLY F 574 32.29 -36.45 0.65
CA GLY F 574 31.34 -36.94 1.63
C GLY F 574 29.91 -36.82 1.13
N GLN F 575 28.97 -36.84 2.09
CA GLN F 575 27.55 -36.77 1.80
C GLN F 575 27.13 -37.83 0.78
N LYS F 576 27.67 -39.03 0.94
CA LYS F 576 27.35 -40.13 0.03
C LYS F 576 25.86 -40.47 0.11
N ALA F 577 25.30 -40.46 1.32
CA ALA F 577 23.89 -40.77 1.49
C ALA F 577 22.98 -39.81 0.73
N ALA F 578 23.41 -38.56 0.56
CA ALA F 578 22.63 -37.58 -0.19
C ALA F 578 22.90 -37.64 -1.69
N VAL F 579 24.16 -37.77 -2.09
CA VAL F 579 24.45 -37.84 -3.52
C VAL F 579 23.87 -39.11 -4.13
N THR F 580 23.79 -40.20 -3.36
CA THR F 580 23.19 -41.43 -3.87
C THR F 580 21.70 -41.23 -4.13
N ALA F 581 20.99 -40.60 -3.20
CA ALA F 581 19.58 -40.32 -3.41
C ALA F 581 19.36 -39.39 -4.61
N VAL F 582 20.21 -38.36 -4.74
CA VAL F 582 20.13 -37.47 -5.89
C VAL F 582 20.28 -38.26 -7.18
N SER F 583 21.33 -39.06 -7.26
CA SER F 583 21.61 -39.82 -8.49
C SER F 583 20.48 -40.79 -8.80
N ASP F 584 19.95 -41.47 -7.79
CA ASP F 584 18.87 -42.42 -8.02
C ASP F 584 17.62 -41.72 -8.52
N ALA F 585 17.26 -40.59 -7.90
CA ALA F 585 16.06 -39.87 -8.32
C ALA F 585 16.19 -39.34 -9.75
N VAL F 586 17.35 -38.79 -10.11
CA VAL F 586 17.50 -38.28 -11.46
C VAL F 586 17.62 -39.43 -12.47
N ARG F 587 18.13 -40.58 -12.03
CA ARG F 587 18.35 -41.70 -12.93
C ARG F 587 17.06 -42.44 -13.24
N ARG F 588 16.17 -42.55 -12.26
CA ARG F 588 14.94 -43.31 -12.45
C ARG F 588 14.06 -42.67 -13.50
N SER F 589 13.94 -41.34 -13.48
CA SER F 589 13.04 -40.65 -14.41
C SER F 589 13.54 -40.66 -15.85
N ARG F 590 14.87 -40.63 -16.05
CA ARG F 590 15.40 -40.66 -17.41
C ARG F 590 14.94 -41.91 -18.15
N ALA F 591 14.85 -43.04 -17.46
CA ALA F 591 14.35 -44.26 -18.07
C ALA F 591 12.83 -44.31 -18.16
N GLY F 592 12.15 -43.20 -17.87
CA GLY F 592 10.70 -43.16 -17.97
C GLY F 592 9.97 -44.06 -17.00
N VAL F 593 10.42 -44.14 -15.75
CA VAL F 593 9.81 -44.98 -14.73
C VAL F 593 9.05 -44.16 -13.71
N SER F 594 9.51 -42.95 -13.42
CA SER F 594 8.92 -42.14 -12.35
C SER F 594 7.50 -41.70 -12.71
N ASP F 595 6.80 -41.19 -11.70
CA ASP F 595 5.41 -40.75 -11.80
C ASP F 595 5.28 -39.60 -12.79
N PRO F 596 4.49 -39.77 -13.86
CA PRO F 596 4.25 -38.68 -14.82
C PRO F 596 3.13 -37.72 -14.39
N ASN F 597 3.14 -37.36 -13.11
CA ASN F 597 2.20 -36.36 -12.61
C ASN F 597 2.83 -35.39 -11.62
N ARG F 598 4.11 -35.55 -11.28
CA ARG F 598 4.80 -34.74 -10.30
C ARG F 598 6.19 -34.46 -10.80
N PRO F 599 6.87 -33.46 -10.23
CA PRO F 599 8.25 -33.19 -10.64
C PRO F 599 9.13 -34.43 -10.60
N THR F 600 10.13 -34.46 -11.48
CA THR F 600 11.06 -35.59 -11.54
C THR F 600 11.77 -35.78 -10.20
N GLY F 601 11.94 -34.69 -9.46
CA GLY F 601 12.51 -34.76 -8.13
C GLY F 601 12.21 -33.53 -7.31
N ALA F 602 11.97 -33.72 -6.01
CA ALA F 602 11.69 -32.63 -5.08
C ALA F 602 12.00 -33.11 -3.68
N PHE F 603 13.08 -32.57 -3.10
CA PHE F 603 13.53 -33.01 -1.78
C PHE F 603 14.32 -31.89 -1.13
N MET F 604 14.27 -31.83 0.19
CA MET F 604 14.94 -30.81 0.98
C MET F 604 16.02 -31.46 1.82
N PHE F 605 17.22 -30.87 1.81
CA PHE F 605 18.31 -31.32 2.66
C PHE F 605 18.81 -30.17 3.50
N LEU F 606 19.24 -30.49 4.73
CA LEU F 606 19.62 -29.49 5.70
C LEU F 606 20.62 -30.08 6.68
N GLY F 607 21.07 -29.26 7.62
CA GLY F 607 22.01 -29.67 8.63
C GLY F 607 22.83 -28.53 9.19
N PRO F 608 24.10 -28.80 9.50
CA PRO F 608 24.98 -27.74 10.02
C PRO F 608 25.42 -26.76 8.95
N THR F 609 26.30 -25.82 9.32
CA THR F 609 26.73 -24.77 8.40
C THR F 609 28.03 -25.16 7.70
N GLY F 610 28.14 -24.76 6.44
CA GLY F 610 29.36 -24.97 5.67
C GLY F 610 29.75 -26.41 5.46
N VAL F 611 28.80 -27.28 5.12
CA VAL F 611 29.09 -28.71 5.01
C VAL F 611 28.79 -29.21 3.60
N GLY F 612 28.20 -28.37 2.76
CA GLY F 612 28.05 -28.71 1.36
C GLY F 612 26.62 -28.82 0.86
N LYS F 613 25.68 -28.18 1.56
CA LYS F 613 24.30 -28.19 1.08
C LYS F 613 24.17 -27.43 -0.23
N THR F 614 24.67 -26.20 -0.27
CA THR F 614 24.51 -25.36 -1.46
C THR F 614 25.33 -25.88 -2.63
N GLU F 615 26.56 -26.34 -2.36
CA GLU F 615 27.44 -26.75 -3.46
C GLU F 615 26.99 -28.05 -4.10
N LEU F 616 25.97 -28.72 -3.55
CA LEU F 616 25.46 -29.92 -4.20
C LEU F 616 24.44 -29.57 -5.28
N ALA F 617 23.54 -28.64 -4.98
CA ALA F 617 22.62 -28.12 -5.98
C ALA F 617 23.35 -27.37 -7.10
N LYS F 618 24.52 -26.81 -6.82
CA LYS F 618 25.35 -26.18 -7.83
C LYS F 618 26.21 -27.18 -8.59
N ALA F 619 26.42 -28.37 -8.04
CA ALA F 619 27.20 -29.41 -8.71
C ALA F 619 26.34 -30.33 -9.56
N LEU F 620 25.05 -30.47 -9.24
CA LEU F 620 24.16 -31.26 -10.07
C LEU F 620 23.91 -30.58 -11.40
N ALA F 621 23.53 -29.30 -11.37
CA ALA F 621 23.38 -28.54 -12.60
C ALA F 621 24.69 -28.41 -13.35
N ASP F 622 25.81 -28.34 -12.63
CA ASP F 622 27.12 -28.19 -13.25
C ASP F 622 27.42 -29.29 -14.26
N PHE F 623 26.85 -30.48 -14.08
CA PHE F 623 27.07 -31.56 -15.03
C PHE F 623 25.81 -31.98 -15.79
N LEU F 624 24.62 -31.57 -15.34
CA LEU F 624 23.44 -31.80 -16.17
C LEU F 624 23.30 -30.73 -17.24
N PHE F 625 24.02 -29.62 -17.11
CA PHE F 625 23.91 -28.52 -18.07
C PHE F 625 25.26 -27.96 -18.51
N ASP F 626 26.37 -28.43 -17.95
CA ASP F 626 27.72 -27.96 -18.27
C ASP F 626 27.92 -26.47 -17.95
N ASP F 627 27.11 -25.92 -17.04
CA ASP F 627 27.29 -24.55 -16.57
C ASP F 627 26.53 -24.38 -15.28
N GLU F 628 27.23 -23.93 -14.23
CA GLU F 628 26.62 -23.70 -12.92
C GLU F 628 25.59 -22.57 -12.92
N ARG F 629 25.40 -21.88 -14.05
CA ARG F 629 24.50 -20.74 -14.12
C ARG F 629 23.22 -21.07 -14.88
N ALA F 630 22.92 -22.37 -15.01
CA ALA F 630 21.72 -22.81 -15.71
C ALA F 630 20.58 -23.16 -14.76
N MET F 631 20.65 -22.73 -13.52
CA MET F 631 19.60 -23.00 -12.54
C MET F 631 18.93 -21.70 -12.12
N VAL F 632 17.66 -21.80 -11.75
CA VAL F 632 16.91 -20.64 -11.31
C VAL F 632 17.09 -20.49 -9.81
N ARG F 633 18.18 -19.83 -9.41
CA ARG F 633 18.51 -19.63 -8.01
C ARG F 633 17.82 -18.37 -7.50
N ILE F 634 16.73 -18.56 -6.76
CA ILE F 634 16.06 -17.47 -6.06
C ILE F 634 16.41 -17.58 -4.58
N ASP F 635 16.62 -16.43 -3.95
CA ASP F 635 17.04 -16.38 -2.56
C ASP F 635 15.83 -16.08 -1.69
N MET F 636 15.35 -17.11 -0.99
CA MET F 636 14.12 -17.01 -0.22
C MET F 636 14.30 -16.26 1.11
N SER F 637 15.44 -15.60 1.30
CA SER F 637 15.66 -14.81 2.51
C SER F 637 15.12 -13.40 2.41
N GLU F 638 14.61 -12.99 1.25
CA GLU F 638 14.05 -11.67 1.05
C GLU F 638 12.53 -11.68 1.04
N TYR F 639 11.90 -12.85 1.02
CA TYR F 639 10.44 -12.97 0.98
C TYR F 639 9.89 -13.08 2.40
N GLY F 640 10.26 -12.11 3.23
CA GLY F 640 9.87 -12.13 4.63
C GLY F 640 8.61 -11.34 4.92
N GLU F 641 7.92 -10.89 3.88
CA GLU F 641 6.67 -10.16 4.03
C GLU F 641 5.59 -10.86 3.23
N LYS F 642 4.34 -10.66 3.66
CA LYS F 642 3.20 -11.36 3.07
C LYS F 642 2.98 -11.00 1.60
N HIS F 643 3.03 -9.72 1.26
CA HIS F 643 2.76 -9.29 -0.10
C HIS F 643 3.91 -9.55 -1.06
N THR F 644 5.03 -10.09 -0.58
CA THR F 644 6.18 -10.39 -1.42
C THR F 644 5.96 -11.61 -2.31
N VAL F 645 4.76 -12.20 -2.29
CA VAL F 645 4.43 -13.28 -3.20
C VAL F 645 4.25 -12.78 -4.63
N ALA F 646 3.94 -11.49 -4.80
CA ALA F 646 3.64 -10.91 -6.11
C ALA F 646 4.82 -10.91 -7.07
N ARG F 647 6.06 -11.03 -6.59
CA ARG F 647 7.19 -10.92 -7.51
C ARG F 647 7.56 -12.25 -8.16
N LEU F 648 7.53 -13.36 -7.41
CA LEU F 648 7.83 -14.66 -8.00
C LEU F 648 6.63 -15.26 -8.71
N ILE F 649 5.47 -14.60 -8.64
CA ILE F 649 4.29 -15.04 -9.37
C ILE F 649 3.84 -14.05 -10.44
N GLY F 650 4.04 -12.76 -10.26
CA GLY F 650 3.62 -11.76 -11.21
C GLY F 650 2.44 -10.94 -10.70
N ALA F 651 2.35 -9.74 -11.22
CA ALA F 651 1.25 -8.88 -10.82
C ALA F 651 -0.02 -9.24 -11.58
N PRO F 652 -1.18 -8.92 -11.02
CA PRO F 652 -2.44 -9.14 -11.75
C PRO F 652 -2.47 -8.30 -13.02
N PRO F 653 -3.42 -8.54 -13.92
CA PRO F 653 -3.40 -7.82 -15.21
C PRO F 653 -3.61 -6.33 -15.06
N GLY F 654 -2.54 -5.57 -15.27
CA GLY F 654 -2.59 -4.13 -15.39
C GLY F 654 -2.71 -3.34 -14.10
N TYR F 655 -1.71 -3.42 -13.21
CA TYR F 655 -1.66 -2.51 -12.06
C TYR F 655 -0.45 -1.58 -12.14
N VAL F 656 0.77 -2.10 -11.99
CA VAL F 656 1.96 -1.26 -12.13
C VAL F 656 3.02 -1.98 -12.95
N GLY F 657 2.95 -3.31 -12.98
CA GLY F 657 4.03 -4.10 -13.53
C GLY F 657 3.57 -5.33 -14.26
N TYR F 658 2.37 -5.27 -14.83
CA TYR F 658 1.79 -6.40 -15.54
C TYR F 658 2.73 -6.92 -16.62
N GLU F 659 3.36 -6.03 -17.38
CA GLU F 659 4.18 -6.45 -18.50
C GLU F 659 5.40 -7.25 -18.07
N ALA F 660 5.87 -7.06 -16.83
CA ALA F 660 7.07 -7.75 -16.38
C ALA F 660 6.81 -9.25 -16.20
N GLY F 661 5.62 -9.61 -15.76
CA GLY F 661 5.31 -11.00 -15.49
C GLY F 661 6.03 -11.51 -14.25
N GLY F 662 5.77 -12.78 -13.94
CA GLY F 662 6.38 -13.41 -12.79
C GLY F 662 7.88 -13.54 -12.93
N GLN F 663 8.53 -13.77 -11.79
CA GLN F 663 9.96 -14.00 -11.73
C GLN F 663 10.33 -15.47 -11.72
N LEU F 664 9.58 -16.30 -11.01
CA LEU F 664 9.80 -17.75 -11.01
C LEU F 664 9.06 -18.44 -12.15
N THR F 665 7.80 -18.09 -12.38
CA THR F 665 6.98 -18.80 -13.36
C THR F 665 7.50 -18.59 -14.78
N GLU F 666 8.05 -17.41 -15.07
CA GLU F 666 8.52 -17.10 -16.41
C GLU F 666 9.78 -17.84 -16.80
N ALA F 667 10.75 -17.97 -15.89
CA ALA F 667 11.99 -18.67 -16.18
C ALA F 667 11.80 -20.16 -16.43
N VAL F 668 10.63 -20.71 -16.10
CA VAL F 668 10.35 -22.12 -16.37
C VAL F 668 9.27 -22.30 -17.44
N ARG F 669 8.43 -21.29 -17.68
CA ARG F 669 7.49 -21.38 -18.79
C ARG F 669 8.22 -21.34 -20.13
N ARG F 670 9.35 -20.65 -20.19
CA ARG F 670 10.11 -20.50 -21.42
C ARG F 670 11.05 -21.66 -21.69
N ARG F 671 11.69 -22.20 -20.65
CA ARG F 671 12.64 -23.30 -20.75
C ARG F 671 12.37 -24.28 -19.63
N PRO F 672 11.45 -25.23 -19.81
CA PRO F 672 10.99 -26.08 -18.69
C PRO F 672 11.83 -27.33 -18.46
N TYR F 673 13.13 -27.14 -18.23
CA TYR F 673 13.99 -28.25 -17.80
C TYR F 673 14.99 -27.81 -16.74
N THR F 674 14.79 -26.65 -16.11
CA THR F 674 15.81 -26.10 -15.22
C THR F 674 15.64 -26.64 -13.81
N VAL F 675 16.77 -26.85 -13.12
CA VAL F 675 16.72 -27.17 -11.70
C VAL F 675 16.54 -25.89 -10.91
N VAL F 676 15.61 -25.91 -9.95
CA VAL F 676 15.20 -24.71 -9.23
C VAL F 676 15.64 -24.86 -7.78
N LEU F 677 16.35 -23.86 -7.27
CA LEU F 677 16.90 -23.87 -5.93
C LEU F 677 16.21 -22.84 -5.06
N PHE F 678 16.00 -23.19 -3.78
CA PHE F 678 15.38 -22.32 -2.79
C PHE F 678 16.32 -22.23 -1.58
N ASP F 679 17.13 -21.18 -1.53
CA ASP F 679 18.03 -20.96 -0.41
C ASP F 679 17.29 -20.43 0.80
N GLU F 680 17.55 -21.01 1.96
CA GLU F 680 16.99 -20.59 3.24
C GLU F 680 15.47 -20.54 3.19
N ILE F 681 14.88 -21.72 2.92
CA ILE F 681 13.43 -21.83 2.90
C ILE F 681 12.81 -21.61 4.27
N GLU F 682 13.58 -21.77 5.34
CA GLU F 682 13.07 -21.56 6.69
C GLU F 682 12.68 -20.10 6.90
N LYS F 683 13.41 -19.18 6.27
CA LYS F 683 13.23 -17.76 6.51
C LYS F 683 12.12 -17.14 5.67
N ALA F 684 11.42 -17.92 4.87
CA ALA F 684 10.32 -17.38 4.07
C ALA F 684 9.10 -17.11 4.95
N HIS F 685 8.04 -16.65 4.31
CA HIS F 685 6.80 -16.36 5.03
C HIS F 685 5.84 -17.54 4.88
N PRO F 686 4.99 -17.81 5.89
CA PRO F 686 4.09 -18.98 5.77
C PRO F 686 2.93 -18.74 4.84
N ASP F 687 3.21 -18.16 3.67
CA ASP F 687 2.27 -18.09 2.58
C ASP F 687 2.86 -18.57 1.26
N VAL F 688 4.15 -18.35 1.02
CA VAL F 688 4.79 -18.88 -0.18
C VAL F 688 4.83 -20.40 -0.14
N PHE F 689 4.80 -20.99 1.06
CA PHE F 689 4.65 -22.44 1.15
C PHE F 689 3.29 -22.88 0.63
N ASP F 690 2.23 -22.15 0.97
CA ASP F 690 0.91 -22.44 0.47
C ASP F 690 0.80 -22.25 -1.04
N VAL F 691 1.72 -21.51 -1.64
CA VAL F 691 1.75 -21.36 -3.09
C VAL F 691 2.54 -22.49 -3.75
N LEU F 692 3.76 -22.73 -3.25
CA LEU F 692 4.59 -23.82 -3.73
C LEU F 692 3.94 -25.19 -3.50
N LEU F 693 2.92 -25.26 -2.64
CA LEU F 693 2.24 -26.53 -2.39
C LEU F 693 1.65 -27.12 -3.65
N GLN F 694 0.94 -26.30 -4.44
CA GLN F 694 0.27 -26.83 -5.61
C GLN F 694 1.24 -27.23 -6.72
N VAL F 695 2.53 -26.99 -6.53
CA VAL F 695 3.53 -27.53 -7.45
C VAL F 695 3.67 -29.03 -7.25
N LEU F 696 3.35 -29.51 -6.05
CA LEU F 696 3.50 -30.91 -5.72
C LEU F 696 2.15 -31.62 -5.75
N ASP F 697 2.17 -32.87 -6.22
CA ASP F 697 0.99 -33.72 -6.38
C ASP F 697 0.00 -33.14 -7.39
N GLU F 698 0.36 -32.02 -8.01
CA GLU F 698 -0.39 -31.48 -9.14
C GLU F 698 0.47 -31.37 -10.38
N GLY F 699 1.65 -30.76 -10.28
CA GLY F 699 2.58 -30.63 -11.37
C GLY F 699 2.61 -29.26 -12.01
N ARG F 700 1.60 -28.44 -11.77
CA ARG F 700 1.45 -27.16 -12.44
C ARG F 700 1.32 -26.03 -11.41
N LEU F 701 1.52 -24.81 -11.91
CA LEU F 701 1.44 -23.61 -11.08
C LEU F 701 0.84 -22.48 -11.91
N THR F 702 -0.21 -21.86 -11.38
CA THR F 702 -0.86 -20.73 -12.01
C THR F 702 -0.36 -19.42 -11.41
N ASP F 703 -0.25 -18.40 -12.26
CA ASP F 703 0.30 -17.13 -11.86
C ASP F 703 -0.76 -16.04 -12.00
N GLY F 704 -0.43 -14.85 -11.47
CA GLY F 704 -1.35 -13.73 -11.50
C GLY F 704 -1.80 -13.31 -12.88
N HIS F 705 -1.03 -13.65 -13.92
CA HIS F 705 -1.46 -13.36 -15.28
C HIS F 705 -2.71 -14.14 -15.65
N GLY F 706 -2.80 -15.39 -15.18
CA GLY F 706 -3.99 -16.20 -15.42
C GLY F 706 -3.71 -17.45 -16.22
N ARG F 707 -2.44 -17.76 -16.44
CA ARG F 707 -2.04 -18.92 -17.23
C ARG F 707 -1.73 -20.06 -16.28
N THR F 708 -1.18 -21.14 -16.84
CA THR F 708 -0.76 -22.30 -16.06
C THR F 708 0.57 -22.81 -16.59
N VAL F 709 1.52 -23.00 -15.68
CA VAL F 709 2.86 -23.46 -16.01
C VAL F 709 3.14 -24.75 -15.25
N ASP F 710 3.75 -25.71 -15.94
CA ASP F 710 3.91 -27.07 -15.42
C ASP F 710 5.34 -27.29 -14.97
N PHE F 711 5.51 -27.65 -13.70
CA PHE F 711 6.80 -28.08 -13.18
C PHE F 711 6.95 -29.59 -13.21
N ARG F 712 6.69 -30.20 -14.37
CA ARG F 712 6.69 -31.66 -14.47
C ARG F 712 8.02 -32.24 -14.92
N ASN F 713 9.00 -31.39 -15.25
CA ASN F 713 10.32 -31.88 -15.63
C ASN F 713 11.44 -31.18 -14.87
N THR F 714 11.12 -30.47 -13.80
CA THR F 714 12.10 -29.74 -13.03
C THR F 714 12.60 -30.58 -11.87
N ILE F 715 13.61 -30.08 -11.15
CA ILE F 715 14.15 -30.75 -9.96
C ILE F 715 14.15 -29.73 -8.84
N LEU F 716 13.09 -29.70 -8.04
CA LEU F 716 12.99 -28.78 -6.93
C LEU F 716 13.99 -29.16 -5.85
N ILE F 717 14.63 -28.16 -5.26
CA ILE F 717 15.61 -28.35 -4.20
C ILE F 717 15.46 -27.24 -3.18
N LEU F 718 15.26 -27.62 -1.93
CA LEU F 718 15.13 -26.67 -0.83
C LEU F 718 16.39 -26.72 0.02
N THR F 719 16.48 -25.78 0.96
CA THR F 719 17.66 -25.66 1.80
C THR F 719 17.28 -24.86 3.05
N SER F 720 17.81 -25.28 4.18
CA SER F 720 17.54 -24.59 5.45
C SER F 720 18.64 -24.95 6.44
N ASN F 721 18.60 -24.29 7.59
CA ASN F 721 19.55 -24.49 8.68
C ASN F 721 18.82 -24.57 10.01
N LEU F 722 17.72 -25.33 10.02
CA LEU F 722 16.87 -25.42 11.20
C LEU F 722 17.58 -26.16 12.33
N GLY F 723 17.51 -25.58 13.53
CA GLY F 723 18.02 -26.25 14.71
C GLY F 723 19.52 -26.25 14.82
N SER F 724 20.17 -27.07 13.97
CA SER F 724 21.64 -27.21 13.96
C SER F 724 22.17 -27.58 15.35
N GLY F 725 21.38 -28.27 16.15
CA GLY F 725 21.80 -28.65 17.48
C GLY F 725 21.66 -30.12 17.81
N GLY F 726 20.82 -30.83 17.04
CA GLY F 726 20.58 -32.23 17.31
C GLY F 726 21.03 -33.09 16.14
N SER F 727 21.24 -34.37 16.44
CA SER F 727 21.62 -35.32 15.39
C SER F 727 20.51 -35.44 14.35
N ALA F 728 19.39 -36.06 14.73
CA ALA F 728 18.21 -36.06 13.87
C ALA F 728 16.91 -35.75 14.60
N GLU F 729 16.82 -36.00 15.91
CA GLU F 729 15.54 -35.87 16.59
C GLU F 729 15.12 -34.41 16.73
N GLN F 730 15.99 -33.57 17.30
CA GLN F 730 15.64 -32.16 17.47
C GLN F 730 15.45 -31.47 16.13
N VAL F 731 16.32 -31.76 15.17
CA VAL F 731 16.26 -31.06 13.88
C VAL F 731 15.02 -31.48 13.10
N LEU F 732 14.65 -32.76 13.17
CA LEU F 732 13.47 -33.19 12.42
C LEU F 732 12.19 -32.79 13.15
N ALA F 733 12.24 -32.67 14.47
CA ALA F 733 11.12 -32.08 15.20
C ALA F 733 10.93 -30.62 14.80
N ALA F 734 12.02 -29.86 14.72
CA ALA F 734 11.94 -28.48 14.25
C ALA F 734 11.36 -28.41 12.85
N VAL F 735 11.79 -29.31 11.96
CA VAL F 735 11.23 -29.36 10.62
C VAL F 735 9.73 -29.62 10.67
N ARG F 736 9.30 -30.55 11.53
CA ARG F 736 7.88 -30.86 11.63
C ARG F 736 7.10 -29.76 12.32
N ALA F 737 7.81 -28.82 12.97
CA ALA F 737 7.15 -27.77 13.74
C ALA F 737 6.79 -26.54 12.92
N THR F 738 7.63 -26.16 11.95
CA THR F 738 7.40 -24.93 11.19
C THR F 738 6.72 -25.15 9.85
N PHE F 739 6.89 -26.31 9.22
CA PHE F 739 6.23 -26.62 7.97
C PHE F 739 4.91 -27.32 8.24
N LYS F 740 4.27 -27.80 7.18
CA LYS F 740 3.05 -28.56 7.34
C LYS F 740 3.29 -30.03 7.02
N PRO F 741 2.67 -30.95 7.78
CA PRO F 741 2.90 -32.38 7.54
C PRO F 741 2.36 -32.87 6.20
N GLU F 742 1.32 -32.25 5.65
CA GLU F 742 0.86 -32.57 4.32
C GLU F 742 1.75 -32.01 3.21
N PHE F 743 2.58 -31.03 3.53
CA PHE F 743 3.59 -30.56 2.59
C PHE F 743 4.87 -31.38 2.67
N ILE F 744 5.05 -32.14 3.76
CA ILE F 744 6.30 -32.88 3.95
C ILE F 744 6.15 -34.30 3.40
N ASN F 745 4.96 -34.88 3.50
CA ASN F 745 4.77 -36.23 2.96
C ASN F 745 4.71 -36.25 1.44
N ARG F 746 4.83 -35.09 0.79
CA ARG F 746 4.90 -35.03 -0.67
C ARG F 746 6.33 -35.03 -1.18
N LEU F 747 7.27 -34.52 -0.39
CA LEU F 747 8.67 -34.47 -0.79
C LEU F 747 9.27 -35.87 -0.83
N ASP F 748 10.46 -35.96 -1.39
CA ASP F 748 11.31 -37.13 -1.26
C ASP F 748 12.03 -37.08 0.09
N ASP F 749 13.06 -37.90 0.24
CA ASP F 749 13.80 -37.97 1.49
C ASP F 749 14.24 -36.60 1.96
N VAL F 750 14.03 -36.32 3.25
CA VAL F 750 14.49 -35.09 3.88
C VAL F 750 15.88 -35.36 4.42
N LEU F 751 16.89 -35.11 3.60
CA LEU F 751 18.26 -35.51 3.91
C LEU F 751 18.84 -34.67 5.03
N ILE F 752 19.73 -35.27 5.80
CA ILE F 752 20.50 -34.59 6.83
C ILE F 752 21.97 -34.67 6.45
N PHE F 753 22.66 -33.55 6.49
CA PHE F 753 24.07 -33.49 6.13
C PHE F 753 24.94 -33.65 7.36
N GLU F 754 26.09 -34.30 7.17
CA GLU F 754 26.97 -34.63 8.28
C GLU F 754 28.14 -33.64 8.33
N GLY F 755 28.76 -33.54 9.50
CA GLY F 755 29.94 -32.71 9.69
C GLY F 755 31.15 -33.28 8.99
N LEU F 756 32.22 -32.50 9.00
CA LEU F 756 33.47 -32.87 8.36
C LEU F 756 34.41 -33.51 9.39
N ASN F 757 35.25 -34.41 8.90
CA ASN F 757 36.23 -35.13 9.71
C ASN F 757 37.62 -34.86 9.18
N PRO F 758 38.66 -34.94 10.02
CA PRO F 758 40.02 -34.59 9.56
C PRO F 758 40.48 -35.38 8.34
N GLU F 759 39.98 -36.60 8.14
CA GLU F 759 40.34 -37.40 6.98
C GLU F 759 39.66 -36.89 5.71
N GLU F 760 38.42 -36.44 5.81
CA GLU F 760 37.71 -35.87 4.67
C GLU F 760 38.09 -34.43 4.37
N LEU F 761 39.13 -33.91 5.01
CA LEU F 761 39.53 -32.52 4.83
C LEU F 761 40.74 -32.36 3.91
N VAL F 762 41.60 -33.38 3.81
CA VAL F 762 42.78 -33.26 2.95
C VAL F 762 42.36 -33.19 1.48
N ARG F 763 41.30 -33.91 1.12
CA ARG F 763 40.79 -33.82 -0.25
C ARG F 763 40.22 -32.43 -0.53
N ILE F 764 39.58 -31.81 0.46
CA ILE F 764 39.11 -30.45 0.29
C ILE F 764 40.28 -29.48 0.16
N VAL F 765 41.37 -29.71 0.90
CA VAL F 765 42.57 -28.91 0.70
C VAL F 765 43.11 -29.07 -0.72
N ASP F 766 43.11 -30.29 -1.22
CA ASP F 766 43.53 -30.53 -2.61
C ASP F 766 42.66 -29.76 -3.59
N ILE F 767 41.34 -29.77 -3.37
CA ILE F 767 40.42 -29.06 -4.25
C ILE F 767 40.68 -27.56 -4.22
N GLN F 768 40.85 -27.00 -3.01
CA GLN F 768 41.11 -25.57 -2.89
C GLN F 768 42.43 -25.18 -3.53
N LEU F 769 43.45 -26.03 -3.40
CA LEU F 769 44.73 -25.74 -4.03
C LEU F 769 44.62 -25.80 -5.55
N ALA F 770 43.84 -26.76 -6.06
CA ALA F 770 43.60 -26.81 -7.50
C ALA F 770 42.88 -25.55 -7.98
N GLN F 771 41.90 -25.08 -7.20
CA GLN F 771 41.21 -23.84 -7.56
C GLN F 771 42.18 -22.66 -7.60
N LEU F 772 43.02 -22.54 -6.57
CA LEU F 772 44.00 -21.45 -6.54
C LEU F 772 44.96 -21.53 -7.71
N GLY F 773 45.42 -22.74 -8.04
CA GLY F 773 46.31 -22.90 -9.18
C GLY F 773 45.66 -22.55 -10.50
N LYS F 774 44.41 -22.95 -10.70
CA LYS F 774 43.69 -22.57 -11.90
C LYS F 774 43.47 -21.06 -11.96
N ARG F 775 43.28 -20.41 -10.80
CA ARG F 775 43.12 -18.97 -10.78
C ARG F 775 44.42 -18.24 -11.11
N LEU F 776 45.56 -18.79 -10.68
CA LEU F 776 46.85 -18.19 -10.98
C LEU F 776 47.38 -18.57 -12.35
N ALA F 777 46.56 -19.17 -13.21
CA ALA F 777 46.98 -19.50 -14.57
C ALA F 777 46.92 -18.31 -15.51
N GLN F 778 46.13 -17.29 -15.20
CA GLN F 778 46.07 -16.09 -16.01
C GLN F 778 47.40 -15.40 -16.14
N ARG F 779 48.11 -15.18 -15.03
CA ARG F 779 49.46 -14.64 -15.06
C ARG F 779 50.51 -15.73 -15.23
N ARG F 780 50.08 -16.98 -15.44
CA ARG F 780 50.98 -18.10 -15.72
C ARG F 780 51.90 -18.40 -14.54
N LEU F 781 51.32 -18.54 -13.36
CA LEU F 781 52.02 -19.01 -12.18
C LEU F 781 51.46 -20.34 -11.72
N GLN F 782 52.29 -21.10 -11.04
CA GLN F 782 51.86 -22.37 -10.44
C GLN F 782 52.68 -22.60 -9.18
N LEU F 783 52.09 -23.35 -8.25
CA LEU F 783 52.67 -23.54 -6.94
C LEU F 783 53.16 -24.97 -6.77
N GLN F 784 54.15 -25.13 -5.89
CA GLN F 784 54.67 -26.45 -5.50
C GLN F 784 54.36 -26.61 -4.01
N VAL F 785 53.37 -27.44 -3.70
CA VAL F 785 52.94 -27.63 -2.33
C VAL F 785 53.55 -28.90 -1.78
N SER F 786 54.47 -28.76 -0.83
CA SER F 786 55.05 -29.90 -0.16
C SER F 786 54.02 -30.57 0.73
N LEU F 787 54.09 -31.90 0.81
CA LEU F 787 53.14 -32.65 1.63
C LEU F 787 53.10 -32.19 3.09
N PRO F 788 54.22 -31.80 3.73
CA PRO F 788 54.09 -31.18 5.05
C PRO F 788 53.14 -30.00 5.09
N ALA F 789 53.24 -29.08 4.12
CA ALA F 789 52.32 -27.95 4.09
C ALA F 789 50.91 -28.39 3.76
N LYS F 790 50.76 -29.33 2.82
CA LYS F 790 49.45 -29.81 2.43
C LYS F 790 48.72 -30.50 3.58
N ARG F 791 49.44 -31.07 4.54
CA ARG F 791 48.80 -31.65 5.70
C ARG F 791 48.73 -30.69 6.88
N TRP F 792 49.61 -29.70 6.95
CA TRP F 792 49.49 -28.67 7.98
C TRP F 792 48.24 -27.81 7.76
N LEU F 793 47.97 -27.46 6.50
CA LEU F 793 46.79 -26.66 6.18
C LEU F 793 45.51 -27.36 6.55
N ALA F 794 45.51 -28.70 6.63
CA ALA F 794 44.36 -29.45 7.10
C ALA F 794 44.40 -29.72 8.59
N GLN F 795 45.60 -29.81 9.17
CA GLN F 795 45.71 -29.95 10.62
C GLN F 795 45.16 -28.74 11.34
N ARG F 796 45.53 -27.54 10.89
CA ARG F 796 44.93 -26.34 11.46
C ARG F 796 43.68 -25.94 10.68
N GLY F 797 42.78 -25.27 11.37
CA GLY F 797 41.51 -24.88 10.78
C GLY F 797 40.51 -26.02 10.75
N PHE F 798 40.29 -26.67 11.89
CA PHE F 798 39.32 -27.75 12.02
C PHE F 798 38.48 -27.56 13.27
N ASP F 799 37.92 -26.38 13.46
CA ASP F 799 36.88 -26.24 14.47
C ASP F 799 35.61 -26.87 13.93
N PRO F 800 35.07 -27.91 14.57
CA PRO F 800 33.91 -28.59 13.98
C PRO F 800 32.60 -27.88 14.30
N VAL F 801 32.60 -26.56 14.15
CA VAL F 801 31.39 -25.77 14.33
C VAL F 801 31.13 -24.82 13.17
N TYR F 802 32.13 -24.53 12.33
CA TYR F 802 31.96 -23.61 11.21
C TYR F 802 32.20 -24.27 9.86
N GLY F 803 32.14 -25.60 9.78
CA GLY F 803 32.23 -26.26 8.50
C GLY F 803 33.59 -26.09 7.83
N ALA F 804 33.58 -25.94 6.51
CA ALA F 804 34.78 -25.86 5.71
C ALA F 804 35.19 -24.44 5.38
N ARG F 805 34.41 -23.44 5.77
CA ARG F 805 34.77 -22.05 5.51
C ARG F 805 36.14 -21.67 6.05
N PRO F 806 36.47 -21.89 7.32
CA PRO F 806 37.77 -21.43 7.85
C PRO F 806 38.98 -21.87 7.05
N LEU F 807 38.88 -22.98 6.30
CA LEU F 807 39.98 -23.38 5.42
C LEU F 807 40.25 -22.36 4.33
N ARG F 808 39.20 -21.82 3.71
CA ARG F 808 39.35 -20.73 2.75
C ARG F 808 40.10 -19.55 3.32
N ARG F 809 39.71 -19.06 4.49
CA ARG F 809 40.38 -17.94 5.14
C ARG F 809 41.82 -18.26 5.52
N LEU F 810 42.08 -19.48 6.02
CA LEU F 810 43.45 -19.86 6.32
C LEU F 810 44.31 -19.85 5.08
N VAL F 811 43.76 -20.32 3.94
CA VAL F 811 44.52 -20.29 2.70
C VAL F 811 44.92 -18.87 2.33
N GLN F 812 43.95 -17.95 2.32
CA GLN F 812 44.24 -16.57 1.95
C GLN F 812 45.20 -15.89 2.93
N GLN F 813 45.08 -16.19 4.22
CA GLN F 813 45.96 -15.58 5.19
C GLN F 813 47.39 -16.13 5.09
N ALA F 814 47.56 -17.43 4.85
CA ALA F 814 48.89 -18.03 4.81
C ALA F 814 49.58 -17.85 3.47
N ILE F 815 48.97 -18.33 2.39
CA ILE F 815 49.62 -18.33 1.08
C ILE F 815 49.32 -17.03 0.34
N GLY F 816 48.03 -16.69 0.25
CA GLY F 816 47.61 -15.59 -0.60
C GLY F 816 48.23 -14.25 -0.23
N ASP F 817 48.27 -13.95 1.07
CA ASP F 817 48.76 -12.63 1.50
C ASP F 817 50.24 -12.48 1.22
N GLN F 818 51.04 -13.48 1.62
CA GLN F 818 52.46 -13.46 1.32
C GLN F 818 52.70 -13.38 -0.18
N LEU F 819 51.93 -14.14 -0.96
CA LEU F 819 52.13 -14.15 -2.40
C LEU F 819 51.81 -12.79 -3.02
N ALA F 820 50.74 -12.16 -2.55
CA ALA F 820 50.35 -10.85 -3.09
C ALA F 820 51.26 -9.73 -2.62
N LYS F 821 51.94 -9.92 -1.48
CA LYS F 821 52.90 -8.90 -1.05
C LYS F 821 54.23 -9.08 -1.77
N MET F 822 54.55 -10.31 -2.16
CA MET F 822 55.77 -10.53 -2.94
C MET F 822 55.57 -10.15 -4.39
N LEU F 823 54.39 -10.41 -4.94
CA LEU F 823 54.15 -10.26 -6.37
C LEU F 823 54.36 -8.83 -6.87
N LEU F 824 53.83 -7.84 -6.16
CA LEU F 824 53.91 -6.46 -6.60
C LEU F 824 55.16 -5.75 -6.08
N ALA F 825 56.00 -6.45 -5.31
CA ALA F 825 57.30 -5.93 -4.92
C ALA F 825 58.40 -6.48 -5.82
N GLY F 826 58.07 -6.76 -7.08
CA GLY F 826 59.00 -7.39 -7.97
C GLY F 826 59.33 -8.80 -7.54
N GLN F 827 60.45 -9.31 -8.07
CA GLN F 827 61.16 -10.51 -7.60
C GLN F 827 60.34 -11.79 -7.72
N VAL F 828 59.06 -11.67 -8.08
CA VAL F 828 58.20 -12.83 -8.29
C VAL F 828 57.48 -12.65 -9.63
N HIS F 829 58.13 -11.96 -10.57
CA HIS F 829 57.54 -11.67 -11.87
C HIS F 829 56.97 -12.93 -12.52
N ASP F 830 55.96 -12.74 -13.38
CA ASP F 830 55.14 -13.85 -13.84
C ASP F 830 55.97 -14.90 -14.59
N GLY F 831 55.32 -16.04 -14.85
CA GLY F 831 55.96 -17.14 -15.52
C GLY F 831 56.50 -18.23 -14.61
N ASP F 832 57.42 -17.88 -13.73
CA ASP F 832 58.12 -18.88 -12.93
C ASP F 832 57.18 -19.54 -11.93
N THR F 833 57.62 -20.66 -11.36
CA THR F 833 56.87 -21.34 -10.33
C THR F 833 57.44 -21.02 -8.95
N VAL F 834 56.64 -21.29 -7.91
CA VAL F 834 57.02 -20.99 -6.54
C VAL F 834 56.71 -22.20 -5.66
N PRO F 835 57.64 -22.62 -4.80
CA PRO F 835 57.33 -23.67 -3.84
C PRO F 835 56.90 -23.09 -2.49
N VAL F 836 56.13 -23.87 -1.75
CA VAL F 836 55.74 -23.52 -0.39
C VAL F 836 56.20 -24.62 0.55
N ASN F 837 56.84 -24.21 1.65
CA ASN F 837 57.34 -25.15 2.64
C ASN F 837 56.91 -24.66 4.02
N VAL F 838 57.30 -25.40 5.05
CA VAL F 838 56.80 -25.18 6.40
C VAL F 838 57.94 -24.66 7.27
N SER F 839 57.57 -23.82 8.24
CA SER F 839 58.47 -23.35 9.29
C SER F 839 57.86 -23.79 10.61
N PRO F 840 58.52 -23.55 11.77
CA PRO F 840 57.90 -23.89 13.06
C PRO F 840 56.41 -23.56 13.14
N ASP F 841 56.03 -22.36 12.73
CA ASP F 841 54.61 -21.99 12.69
C ASP F 841 54.12 -21.70 11.27
N ALA F 842 54.75 -20.77 10.56
CA ALA F 842 54.18 -20.24 9.32
C ALA F 842 54.66 -21.06 8.12
N ASP F 843 54.26 -20.62 6.93
CA ASP F 843 54.64 -21.25 5.67
C ASP F 843 55.50 -20.27 4.87
N SER F 844 56.81 -20.50 4.86
CA SER F 844 57.71 -19.67 4.07
C SER F 844 57.65 -20.10 2.61
N LEU F 845 57.78 -19.12 1.71
CA LEU F 845 57.74 -19.40 0.27
C LEU F 845 59.12 -19.21 -0.35
N UNK G 1 -10.32 11.00 -51.12
CA UNK G 1 -10.81 12.29 -50.66
C UNK G 1 -11.23 12.22 -49.20
N UNK G 2 -11.03 11.05 -48.58
CA UNK G 2 -11.37 10.81 -47.19
C UNK G 2 -10.12 10.45 -46.41
N UNK G 3 -9.73 11.31 -45.48
CA UNK G 3 -8.53 11.10 -44.67
C UNK G 3 -8.83 10.16 -43.52
N UNK G 4 -7.79 9.88 -42.72
CA UNK G 4 -7.90 8.97 -41.59
C UNK G 4 -7.84 9.67 -40.23
N UNK G 5 -6.91 10.60 -40.06
CA UNK G 5 -6.83 11.44 -38.85
C UNK G 5 -6.69 10.59 -37.59
N UNK G 6 -5.56 9.88 -37.50
CA UNK G 6 -5.26 9.08 -36.32
C UNK G 6 -5.35 9.93 -35.05
N UNK G 7 -5.83 9.32 -33.99
CA UNK G 7 -6.10 10.01 -32.74
C UNK G 7 -5.23 9.46 -31.62
N UNK G 8 -5.27 10.12 -30.47
CA UNK G 8 -4.48 9.79 -29.30
C UNK G 8 -5.38 9.49 -28.11
N UNK G 9 -4.77 9.07 -27.01
CA UNK G 9 -5.49 8.73 -25.79
C UNK G 9 -4.55 8.88 -24.61
N UNK G 10 -5.05 8.53 -23.42
CA UNK G 10 -4.27 8.58 -22.18
C UNK G 10 -4.85 7.58 -21.21
N UNK G 11 -4.00 6.81 -20.54
CA UNK G 11 -4.41 5.72 -19.68
C UNK G 11 -3.85 5.90 -18.27
N UNK G 12 -4.52 5.29 -17.30
CA UNK G 12 -4.12 5.32 -15.90
C UNK G 12 -3.84 3.90 -15.42
N UNK G 13 -3.27 3.80 -14.22
CA UNK G 13 -2.90 2.51 -13.67
C UNK G 13 -2.93 2.59 -12.14
N UNK G 14 -3.68 1.68 -11.52
CA UNK G 14 -3.85 1.66 -10.08
C UNK G 14 -2.57 1.19 -9.39
N UNK G 15 -2.50 1.38 -8.08
CA UNK G 15 -1.32 1.00 -7.30
C UNK G 15 -1.74 0.79 -5.85
N UNK G 16 -1.67 -0.46 -5.39
CA UNK G 16 -2.10 -0.81 -4.05
C UNK G 16 -1.09 -0.32 -3.00
N UNK G 17 -1.40 -0.60 -1.73
CA UNK G 17 -0.56 -0.18 -0.62
C UNK G 17 -0.88 -1.04 0.59
N UNK G 18 0.12 -1.79 1.06
CA UNK G 18 -0.09 -2.75 2.13
C UNK G 18 -0.13 -2.06 3.50
N UNK G 19 -0.16 -2.87 4.55
CA UNK G 19 -0.22 -2.39 5.92
C UNK G 19 0.41 -3.43 6.84
N UNK G 20 1.23 -2.98 7.79
CA UNK G 20 2.11 -3.86 8.52
C UNK G 20 1.42 -4.69 9.60
N UNK G 21 0.51 -4.10 10.39
CA UNK G 21 -0.24 -4.83 11.41
C UNK G 21 0.68 -5.49 12.44
N UNK G 22 1.38 -4.64 13.19
CA UNK G 22 2.30 -5.11 14.22
C UNK G 22 1.55 -5.89 15.30
N UNK G 23 2.32 -6.52 16.19
CA UNK G 23 1.80 -7.43 17.20
C UNK G 23 2.40 -7.09 18.56
N UNK G 24 1.57 -7.14 19.60
CA UNK G 24 2.01 -6.72 20.94
C UNK G 24 3.08 -7.65 21.50
N UNK G 25 3.06 -8.93 21.11
CA UNK G 25 4.08 -9.91 21.48
C UNK G 25 4.23 -10.05 22.99
N UNK G 26 3.16 -10.55 23.62
CA UNK G 26 3.18 -10.80 25.06
C UNK G 26 2.18 -11.88 25.44
#